data_6NE0
#
_entry.id   6NE0
#
loop_
_entity.id
_entity.type
_entity.pdbx_description
1 polymer 'CRISPR-associated protein Csy1'
2 polymer 'CRISPR-associated protein Csy2'
3 polymer 'CRISPR-associated protein Csy3'
4 polymer 'CRISPR-associated endonuclease Cas6/Csy4'
5 polymer 'CRISPR RNA (60-MER)'
6 polymer 'CRISPR target DNA (44-MER)'
7 polymer 'Non-complementary R-loop DNA strand'
#
loop_
_entity_poly.entity_id
_entity_poly.type
_entity_poly.pdbx_seq_one_letter_code
_entity_poly.pdbx_strand_id
1 'polypeptide(L)'
;MTSPLPTPTWQELRQFIESFIQERLQGKLDKLQPDEDDKRQTLLATHRREAWLADAARRVGQLQLVTHTLKPIHPDARGS
NLHSLPQAPGQPGLAGSHELGDRLVSDVVGNAAALDVFKFLSLQYQGKNLLNWLTEDSAEALQALSDNAEQAREWRQAFI
GITTVKGAPASHSLAKQLYFPLPGSGYHLLAPLFPTSLVHHVHALLREARFGDAAKAAREARSRQESWPHGFSEYPNLAI
QKFGGTKPQNISQLNNERRGENWLLPSLPPNWQRQNVNAPMRHSSVFEHDFGRTPEVSRLTRTLQRFLAKTVHNNLAIRQ
RRAQLVAQICDEALQYAARLRELEPGWSATPGCQLHDAEQLWLDPLRAQTDETFLQRRLRGDWPAEVGNRFANWLNRAVS
SDSQILGSPEAAQWSQELSKELTMFKEILEDERD
;
A
2 'polypeptide(L)'
;MSVTDPEALLLLPRLSIQNANAISSPLTWGFPSPGAFTGFVHALQRRVGISLDIELDGVGIVCHRFEAQISQPAGKRTKV
FNLTRNPLNRDGSTAAIVEEGRAHLEVSLLLGVHGDGLDDHPAQEIARQVQEQAGAMRLAGGSILPWCNERFPAPNAELL
MLGGSDEQRRKNQRRLTRRLLPGFALVSREALLQQHLETLRTTLPEATTLDALLDLCRINFEPPATSSEEEASPPDAAWQ
VRDKPGWLVPIPAGYNALSPLYLPGEVRNARDRETPLRFVENLFGLGEWLSPHRVAALSDLLWYHHAEPDKGLYRWSTPR
FVEHAIA
;
B
3 'polypeptide(L)'
;MSKPILSTASVLAFERKLDPSDALMSAGAWAQRDASQEWPAVTVREKSVRGTISNRLKTKDRDPAKLDASIQSPNLQTVD
VANLPSDADTLKVRFTLRVLGGAGTPSACNDAAYRDKLLQTVATYVNDQGFAELARRYAHNLANARFLWRNRVGAEAVEV
RINHIRQGEVARAWRFDALAIGLRDFKADAELDALAELIASGLSGSGHVLLEVVAFARIGDGQEVFPSQELILDKGDKKG
QKSKTLYSVRDAAAIHSQKIGNALRTIDTWYPDEDGLGPIAVEPYGSVTSQGKAYRQPKQKLDFYTLLDNWVLRDEAPAV
EQQHYVIANLIRGGVFGEAEEK
;
C,D,E,F,G,H
4 'polypeptide(L)'
;FTMDHYLDIRLRPDPEFPPAQLMSVLFGKLHQALVAQGGDRIGVSFPDLDESRSRLGERLRIHASADDLRALLARPWLEG
LRDHLQFGEPAVVPHPTPYRQVSRVQAKSNPERLRRRLMRRHDLSEEEARKRIPDTVARALDLPFVTLRSQSTGQHFRLF
IRHGPLQVTAEEGGFTCYGLSKGGFVPWF
;
L
5 'polyribonucleotide' CUAAGAAAUUCACGGCGGGCUUGAUGUCCGCGUCUACCUGGUUCACUGCCGUGUAGGCAG M
6 'polydeoxyribonucleotide'
;(DC)(DA)(DG)(DG)(DT)(DA)(DG)(DA)(DC)(DG)(DC)(DG)(DG)(DA)(DC)(DA)(DT)(DC)(DA)(DA)
(DG)(DC)(DC)(DC)(DG)(DC)(DC)(DG)(DT)(DG)(DA)(DA)(DG)(DG)(DT)(DG)(DC)(DA)(DG)(DC)
(DT)(DT)(DC)(DT)
;
N
7 'polydeoxyribonucleotide'
;(DA)(DG)(DA)(DA)(DG)(DC)(DT)(DG)(DC)(DA)(DC)(DC)(DT)(DT)(DC)(DA)(DC)(DG)(DG)(DC)
(DG)(DG)(DG)(DC)(DT)(DT)(DG)(DA)(DT)(DG)(DT)(DC)(DC)(DG)
;
O
#
# COMPACT_ATOMS: atom_id res chain seq x y z
N GLN A 11 -38.08 55.71 -56.06
CA GLN A 11 -39.49 55.63 -56.42
C GLN A 11 -40.14 54.40 -55.81
N GLU A 12 -39.81 53.22 -56.36
CA GLU A 12 -40.23 51.95 -55.79
C GLU A 12 -39.36 51.55 -54.60
N LEU A 13 -38.15 52.10 -54.49
CA LEU A 13 -37.24 51.82 -53.40
C LEU A 13 -37.01 53.05 -52.53
N ARG A 14 -37.68 54.16 -52.82
CA ARG A 14 -37.52 55.38 -52.03
C ARG A 14 -38.04 55.19 -50.61
N GLN A 15 -39.17 54.51 -50.48
CA GLN A 15 -39.75 54.29 -49.16
C GLN A 15 -38.91 53.34 -48.31
N PHE A 16 -38.13 52.46 -48.95
CA PHE A 16 -37.25 51.58 -48.21
C PHE A 16 -36.11 52.35 -47.53
N ILE A 17 -35.47 53.26 -48.27
CA ILE A 17 -34.40 54.04 -47.69
C ILE A 17 -34.94 55.13 -46.76
N GLU A 18 -36.18 55.59 -46.99
CA GLU A 18 -36.79 56.53 -46.05
C GLU A 18 -37.14 55.83 -44.74
N SER A 19 -37.55 54.56 -44.83
CA SER A 19 -37.81 53.78 -43.63
C SER A 19 -36.53 53.51 -42.87
N PHE A 20 -35.42 53.26 -43.58
CA PHE A 20 -34.15 53.05 -42.88
C PHE A 20 -33.65 54.34 -42.24
N ILE A 21 -33.84 55.48 -42.93
CA ILE A 21 -33.42 56.77 -42.37
C ILE A 21 -34.26 57.12 -41.15
N GLN A 22 -35.57 56.87 -41.21
CA GLN A 22 -36.44 57.09 -40.06
C GLN A 22 -36.14 56.11 -38.93
N GLU A 23 -35.71 54.89 -39.25
CA GLU A 23 -35.32 53.93 -38.23
C GLU A 23 -34.07 54.39 -37.50
N ARG A 24 -33.08 54.90 -38.24
CA ARG A 24 -31.88 55.46 -37.61
C ARG A 24 -32.22 56.71 -36.80
N LEU A 25 -33.15 57.51 -37.30
CA LEU A 25 -33.57 58.73 -36.58
C LEU A 25 -34.26 58.39 -35.27
N GLN A 26 -35.13 57.39 -35.28
CA GLN A 26 -35.80 56.98 -34.05
C GLN A 26 -34.84 56.30 -33.08
N GLY A 27 -33.87 55.54 -33.60
CA GLY A 27 -32.85 54.97 -32.74
C GLY A 27 -31.94 56.02 -32.11
N LYS A 28 -31.72 57.13 -32.81
CA LYS A 28 -30.95 58.22 -32.22
C LYS A 28 -31.77 59.01 -31.21
N LEU A 29 -33.05 59.23 -31.49
CA LEU A 29 -33.90 60.01 -30.59
C LEU A 29 -34.35 59.24 -29.37
N ASP A 30 -34.34 57.90 -29.41
CA ASP A 30 -34.79 57.12 -28.27
C ASP A 30 -33.78 57.18 -27.12
N LYS A 31 -32.53 56.83 -27.40
CA LYS A 31 -31.48 56.82 -26.38
C LYS A 31 -30.76 58.16 -26.31
N LEU A 32 -31.52 59.24 -26.15
CA LEU A 32 -30.94 60.56 -25.96
C LEU A 32 -30.92 60.97 -24.50
N GLN A 33 -31.88 60.47 -23.70
CA GLN A 33 -32.19 60.84 -22.32
C GLN A 33 -32.36 62.35 -22.24
N PRO A 34 -33.07 62.95 -23.17
CA PRO A 34 -33.12 64.42 -23.26
C PRO A 34 -34.32 65.02 -22.54
N ASP A 35 -34.09 66.19 -22.00
CA ASP A 35 -35.14 67.07 -21.52
C ASP A 35 -35.02 68.49 -22.06
N GLU A 36 -33.79 68.99 -22.25
CA GLU A 36 -33.55 70.35 -22.70
C GLU A 36 -32.43 70.35 -23.73
N ASP A 37 -32.02 71.57 -24.11
CA ASP A 37 -31.02 72.01 -25.08
C ASP A 37 -31.49 71.86 -26.53
N ASP A 38 -32.62 71.20 -26.80
CA ASP A 38 -33.28 71.10 -28.11
C ASP A 38 -32.35 70.56 -29.20
N LYS A 39 -31.79 69.38 -28.95
CA LYS A 39 -30.94 68.75 -29.95
C LYS A 39 -31.72 68.03 -31.03
N ARG A 40 -33.03 67.83 -30.84
CA ARG A 40 -33.84 67.10 -31.81
C ARG A 40 -34.06 67.88 -33.09
N GLN A 41 -33.95 69.21 -33.04
CA GLN A 41 -34.08 70.01 -34.25
C GLN A 41 -32.94 69.75 -35.22
N THR A 42 -31.70 69.71 -34.71
CA THR A 42 -30.57 69.38 -35.56
C THR A 42 -30.57 67.91 -35.94
N LEU A 43 -31.04 67.03 -35.03
CA LEU A 43 -31.08 65.60 -35.33
C LEU A 43 -32.17 65.25 -36.34
N LEU A 44 -33.18 66.11 -36.49
CA LEU A 44 -34.16 65.96 -37.55
C LEU A 44 -33.84 66.80 -38.78
N ALA A 45 -32.89 67.73 -38.67
CA ALA A 45 -32.44 68.45 -39.85
C ALA A 45 -31.42 67.64 -40.63
N THR A 46 -30.47 67.02 -39.93
CA THR A 46 -29.43 66.25 -40.60
C THR A 46 -29.91 64.84 -40.95
N HIS A 47 -30.26 64.06 -39.92
CA HIS A 47 -30.46 62.63 -40.06
C HIS A 47 -31.83 62.24 -40.60
N ARG A 48 -32.59 63.17 -41.18
CA ARG A 48 -33.90 62.85 -41.73
C ARG A 48 -33.99 63.14 -43.23
N ARG A 49 -33.56 64.30 -43.67
CA ARG A 49 -33.67 64.65 -45.07
C ARG A 49 -32.55 63.99 -45.87
N GLU A 50 -32.48 64.30 -47.16
CA GLU A 50 -31.50 63.68 -48.06
C GLU A 50 -30.13 64.36 -48.00
N ALA A 51 -29.89 65.19 -47.00
CA ALA A 51 -28.52 65.56 -46.66
C ALA A 51 -27.80 64.42 -45.94
N TRP A 52 -28.56 63.44 -45.42
CA TRP A 52 -27.94 62.26 -44.84
C TRP A 52 -27.19 61.45 -45.88
N LEU A 53 -27.72 61.39 -47.11
CA LEU A 53 -27.01 60.69 -48.18
C LEU A 53 -25.78 61.46 -48.62
N ALA A 54 -25.83 62.80 -48.57
CA ALA A 54 -24.65 63.60 -48.88
C ALA A 54 -23.56 63.37 -47.84
N ASP A 55 -23.94 63.28 -46.57
CA ASP A 55 -22.94 63.01 -45.55
C ASP A 55 -22.48 61.55 -45.60
N ALA A 56 -23.34 60.64 -46.06
CA ALA A 56 -22.93 59.24 -46.20
C ALA A 56 -21.93 59.06 -47.33
N ALA A 57 -22.14 59.74 -48.45
CA ALA A 57 -21.13 59.77 -49.50
C ALA A 57 -19.90 60.56 -49.08
N ARG A 58 -20.04 61.48 -48.14
CA ARG A 58 -18.87 62.13 -47.55
C ARG A 58 -18.12 61.18 -46.61
N ARG A 59 -18.83 60.26 -45.98
CA ARG A 59 -18.22 59.35 -45.02
C ARG A 59 -17.54 58.20 -45.76
N VAL A 60 -16.21 58.13 -45.65
CA VAL A 60 -15.40 57.15 -46.36
C VAL A 60 -14.61 56.38 -45.32
N GLY A 61 -14.03 55.25 -45.75
CA GLY A 61 -13.28 54.38 -44.88
C GLY A 61 -13.44 52.93 -45.29
N GLN A 62 -14.47 52.63 -46.07
CA GLN A 62 -14.79 51.25 -46.42
C GLN A 62 -13.83 50.73 -47.48
N LEU A 63 -13.65 49.41 -47.50
CA LEU A 63 -12.81 48.79 -48.52
C LEU A 63 -13.40 47.51 -49.11
N GLN A 64 -14.29 46.80 -48.40
CA GLN A 64 -14.94 45.55 -48.83
C GLN A 64 -13.93 44.46 -49.14
N LEU A 65 -13.29 43.98 -48.07
CA LEU A 65 -12.24 42.98 -48.08
C LEU A 65 -12.79 41.60 -48.45
N VAL A 66 -11.87 40.65 -48.68
CA VAL A 66 -12.23 39.24 -48.75
C VAL A 66 -11.38 38.40 -47.81
N THR A 67 -10.06 38.62 -47.80
CA THR A 67 -9.16 37.72 -47.07
C THR A 67 -8.03 38.47 -46.37
N HIS A 68 -8.20 39.76 -46.12
CA HIS A 68 -7.08 40.56 -45.66
C HIS A 68 -7.61 41.64 -44.73
N THR A 69 -7.52 41.36 -43.43
CA THR A 69 -7.91 42.34 -42.42
C THR A 69 -6.70 42.55 -41.52
N LEU A 70 -6.07 43.71 -41.63
CA LEU A 70 -4.88 43.98 -40.83
C LEU A 70 -5.21 44.32 -39.39
N LYS A 71 -6.47 44.63 -39.10
CA LYS A 71 -6.93 45.07 -37.78
C LYS A 71 -6.92 44.03 -36.66
N PRO A 72 -7.07 42.71 -36.88
CA PRO A 72 -6.79 41.77 -35.79
C PRO A 72 -5.35 41.79 -35.28
N ILE A 73 -4.39 42.20 -36.11
CA ILE A 73 -3.01 42.28 -35.69
C ILE A 73 -2.75 43.65 -35.08
N HIS A 74 -2.90 43.76 -33.75
CA HIS A 74 -2.66 44.97 -32.95
C HIS A 74 -3.42 46.17 -33.49
N PRO A 75 -4.74 46.27 -33.19
CA PRO A 75 -5.68 47.15 -33.94
C PRO A 75 -5.29 48.60 -34.20
N ASP A 76 -4.40 49.17 -33.41
CA ASP A 76 -3.89 50.52 -33.69
C ASP A 76 -2.76 50.41 -34.71
N ALA A 77 -3.15 50.12 -35.95
CA ALA A 77 -2.19 49.86 -37.02
C ALA A 77 -2.85 50.27 -38.34
N ARG A 78 -2.42 51.41 -38.88
CA ARG A 78 -3.02 51.97 -40.09
C ARG A 78 -2.25 51.45 -41.32
N GLY A 79 -2.44 50.17 -41.58
CA GLY A 79 -1.76 49.53 -42.71
C GLY A 79 -2.63 49.39 -43.93
N SER A 80 -2.31 48.44 -44.79
CA SER A 80 -3.08 48.18 -46.00
C SER A 80 -3.90 46.92 -45.86
N ASN A 81 -5.11 46.97 -46.41
CA ASN A 81 -6.02 45.84 -46.43
C ASN A 81 -6.37 45.53 -47.87
N LEU A 82 -6.48 44.25 -48.20
CA LEU A 82 -6.65 43.82 -49.58
C LEU A 82 -7.99 43.13 -49.77
N HIS A 83 -8.50 43.21 -50.99
CA HIS A 83 -9.60 42.39 -51.47
C HIS A 83 -9.07 41.66 -52.70
N SER A 84 -8.41 40.53 -52.46
CA SER A 84 -7.92 39.68 -53.55
C SER A 84 -7.86 38.26 -53.00
N LEU A 85 -8.83 37.44 -53.38
CA LEU A 85 -8.79 36.03 -53.01
C LEU A 85 -7.70 35.32 -53.81
N PRO A 86 -6.94 34.43 -53.18
CA PRO A 86 -5.72 33.90 -53.80
C PRO A 86 -6.01 32.84 -54.85
N GLN A 87 -4.96 32.51 -55.60
CA GLN A 87 -5.06 31.48 -56.63
C GLN A 87 -5.11 30.09 -56.01
N ALA A 88 -5.69 29.15 -56.75
CA ALA A 88 -5.82 27.79 -56.26
C ALA A 88 -4.47 27.11 -56.27
N PRO A 89 -4.08 26.43 -55.19
CA PRO A 89 -2.76 25.80 -55.14
C PRO A 89 -2.69 24.58 -56.05
N GLY A 90 -1.64 24.53 -56.87
CA GLY A 90 -1.49 23.41 -57.80
C GLY A 90 -1.01 22.14 -57.15
N GLN A 91 -0.45 22.23 -55.96
CA GLN A 91 0.04 21.03 -55.27
C GLN A 91 -1.13 20.26 -54.68
N PRO A 92 -1.24 18.96 -54.94
CA PRO A 92 -2.32 18.18 -54.34
C PRO A 92 -2.09 17.97 -52.85
N GLY A 93 -3.19 17.90 -52.11
CA GLY A 93 -3.10 17.83 -50.67
C GLY A 93 -3.82 18.96 -49.97
N LEU A 94 -3.04 19.86 -49.39
CA LEU A 94 -3.53 20.93 -48.53
C LEU A 94 -4.40 21.92 -49.31
N ALA A 95 -5.24 22.64 -48.55
CA ALA A 95 -6.17 23.60 -49.12
C ALA A 95 -6.59 24.59 -48.05
N GLY A 96 -6.93 25.81 -48.48
CA GLY A 96 -7.40 26.83 -47.57
C GLY A 96 -8.34 27.81 -48.24
N SER A 97 -8.47 29.01 -47.65
CA SER A 97 -9.13 30.19 -48.23
C SER A 97 -10.62 30.08 -48.52
N HIS A 98 -11.25 28.93 -48.20
CA HIS A 98 -12.70 28.69 -48.39
C HIS A 98 -13.12 28.93 -49.85
N GLU A 99 -12.29 28.47 -50.79
CA GLU A 99 -12.29 29.01 -52.14
C GLU A 99 -12.80 28.07 -53.21
N LEU A 100 -12.97 26.78 -52.93
CA LEU A 100 -13.42 25.82 -53.93
C LEU A 100 -14.90 25.44 -53.77
N GLY A 101 -15.71 26.39 -53.33
CA GLY A 101 -17.13 26.14 -53.14
C GLY A 101 -17.63 26.83 -51.89
N ASP A 102 -18.97 26.89 -51.79
CA ASP A 102 -19.70 27.44 -50.64
C ASP A 102 -19.32 28.91 -50.40
N ARG A 103 -19.78 29.74 -51.34
CA ARG A 103 -19.37 31.14 -51.47
C ARG A 103 -19.50 31.94 -50.18
N LEU A 104 -18.59 32.88 -50.00
CA LEU A 104 -18.34 33.50 -48.71
C LEU A 104 -18.70 34.98 -48.75
N VAL A 105 -19.04 35.50 -47.57
CA VAL A 105 -19.37 36.91 -47.44
C VAL A 105 -18.09 37.75 -47.41
N SER A 106 -18.25 39.04 -47.69
CA SER A 106 -17.13 39.96 -47.77
C SER A 106 -17.12 40.84 -46.52
N ASP A 107 -15.99 40.83 -45.82
CA ASP A 107 -15.78 41.76 -44.73
C ASP A 107 -15.62 43.17 -45.28
N VAL A 108 -15.79 44.16 -44.40
CA VAL A 108 -15.47 45.54 -44.73
C VAL A 108 -14.85 46.20 -43.50
N VAL A 109 -13.76 46.94 -43.73
CA VAL A 109 -12.95 47.52 -42.67
C VAL A 109 -13.04 49.04 -42.81
N GLY A 110 -12.64 49.73 -41.75
CA GLY A 110 -12.49 51.17 -41.82
C GLY A 110 -12.82 51.79 -40.47
N ASN A 111 -13.16 53.07 -40.53
CA ASN A 111 -13.69 53.74 -39.34
C ASN A 111 -15.04 53.15 -39.00
N ALA A 112 -15.27 52.94 -37.70
CA ALA A 112 -16.51 52.32 -37.27
C ALA A 112 -17.70 53.26 -37.44
N ALA A 113 -17.46 54.57 -37.40
CA ALA A 113 -18.53 55.54 -37.51
C ALA A 113 -19.16 55.57 -38.89
N ALA A 114 -18.43 55.11 -39.91
CA ALA A 114 -18.99 54.98 -41.24
C ALA A 114 -19.67 53.63 -41.45
N LEU A 115 -19.68 52.77 -40.43
CA LEU A 115 -20.27 51.44 -40.55
C LEU A 115 -21.78 51.50 -40.77
N ASP A 116 -22.41 52.59 -40.30
CA ASP A 116 -23.80 52.94 -40.59
C ASP A 116 -24.09 52.85 -42.09
N VAL A 117 -23.18 53.37 -42.91
CA VAL A 117 -23.36 53.36 -44.35
C VAL A 117 -23.37 51.93 -44.88
N PHE A 118 -22.58 51.03 -44.27
CA PHE A 118 -22.64 49.64 -44.67
C PHE A 118 -23.96 49.01 -44.28
N LYS A 119 -24.53 49.42 -43.14
CA LYS A 119 -25.88 48.99 -42.80
C LYS A 119 -26.92 49.59 -43.74
N PHE A 120 -26.58 50.69 -44.42
CA PHE A 120 -27.43 51.16 -45.49
C PHE A 120 -27.21 50.35 -46.77
N LEU A 121 -26.00 49.87 -46.98
CA LEU A 121 -25.69 49.21 -48.24
C LEU A 121 -26.01 47.72 -48.22
N SER A 122 -26.19 47.13 -47.05
CA SER A 122 -26.55 45.72 -46.93
C SER A 122 -28.06 45.54 -46.76
N LEU A 123 -28.85 46.52 -47.15
CA LEU A 123 -30.30 46.43 -47.07
C LEU A 123 -30.79 45.50 -48.17
N GLN A 124 -31.23 44.31 -47.79
CA GLN A 124 -31.65 43.29 -48.75
C GLN A 124 -33.07 43.59 -49.21
N TYR A 125 -33.19 44.61 -50.05
CA TYR A 125 -34.46 44.96 -50.69
C TYR A 125 -34.58 44.26 -52.04
N GLN A 126 -34.60 42.93 -51.98
CA GLN A 126 -34.43 42.03 -53.12
C GLN A 126 -33.11 42.32 -53.84
N GLY A 127 -32.01 42.09 -53.13
CA GLY A 127 -30.69 42.25 -53.70
C GLY A 127 -29.83 43.31 -53.03
N LYS A 128 -28.81 42.88 -52.29
CA LYS A 128 -27.84 43.78 -51.69
C LYS A 128 -26.48 43.71 -52.37
N ASN A 129 -26.28 42.75 -53.28
CA ASN A 129 -25.05 42.71 -54.07
C ASN A 129 -25.08 43.73 -55.19
N LEU A 130 -26.25 43.93 -55.80
CA LEU A 130 -26.48 45.00 -56.76
C LEU A 130 -26.91 46.30 -56.07
N LEU A 131 -26.64 46.42 -54.78
CA LEU A 131 -26.86 47.63 -54.01
C LEU A 131 -25.57 48.19 -53.42
N ASN A 132 -24.70 47.31 -52.89
CA ASN A 132 -23.40 47.76 -52.41
C ASN A 132 -22.54 48.22 -53.57
N TRP A 133 -22.26 47.33 -54.52
CA TRP A 133 -21.66 47.71 -55.79
C TRP A 133 -22.77 47.81 -56.84
N LEU A 134 -23.63 48.81 -56.63
CA LEU A 134 -24.85 49.01 -57.42
C LEU A 134 -24.47 49.49 -58.82
N THR A 135 -24.09 48.53 -59.66
CA THR A 135 -23.72 48.78 -61.04
C THR A 135 -24.80 48.36 -62.02
N GLU A 136 -25.47 47.24 -61.75
CA GLU A 136 -26.49 46.70 -62.64
C GLU A 136 -27.88 47.29 -62.41
N ASP A 137 -27.98 48.47 -61.82
CA ASP A 137 -29.24 49.09 -61.50
C ASP A 137 -29.45 50.36 -62.34
N SER A 138 -30.70 50.62 -62.67
CA SER A 138 -31.05 51.84 -63.40
C SER A 138 -32.16 52.58 -62.65
N ALA A 139 -33.07 51.82 -62.04
CA ALA A 139 -34.15 52.42 -61.26
C ALA A 139 -33.67 52.84 -59.87
N GLU A 140 -32.66 52.17 -59.33
CA GLU A 140 -32.16 52.50 -57.99
C GLU A 140 -31.40 53.81 -57.96
N ALA A 141 -30.83 54.23 -59.09
CA ALA A 141 -30.16 55.53 -59.16
C ALA A 141 -31.17 56.66 -59.01
N LEU A 142 -32.30 56.57 -59.71
CA LEU A 142 -33.37 57.54 -59.54
C LEU A 142 -34.11 57.34 -58.22
N GLN A 143 -34.02 56.16 -57.62
CA GLN A 143 -34.67 55.91 -56.34
C GLN A 143 -33.85 56.43 -55.17
N ALA A 144 -32.54 56.57 -55.34
CA ALA A 144 -31.71 57.11 -54.27
C ALA A 144 -31.99 58.60 -54.05
N LEU A 145 -32.32 59.32 -55.11
CA LEU A 145 -32.76 60.71 -55.01
C LEU A 145 -33.62 61.01 -56.23
N SER A 146 -34.93 61.13 -56.03
CA SER A 146 -35.86 61.35 -57.14
C SER A 146 -36.06 62.84 -57.41
N ASP A 147 -34.95 63.56 -57.58
CA ASP A 147 -34.98 64.98 -57.91
C ASP A 147 -34.27 65.29 -59.22
N ASN A 148 -33.05 64.81 -59.39
CA ASN A 148 -32.26 65.08 -60.59
C ASN A 148 -31.25 63.95 -60.76
N ALA A 149 -30.43 64.07 -61.80
CA ALA A 149 -29.48 63.03 -62.17
C ALA A 149 -28.04 63.36 -61.80
N GLU A 150 -27.75 64.59 -61.36
CA GLU A 150 -26.38 64.93 -61.01
C GLU A 150 -26.00 64.34 -59.66
N GLN A 151 -26.78 64.65 -58.62
CA GLN A 151 -26.49 64.14 -57.28
C GLN A 151 -26.73 62.64 -57.21
N ALA A 152 -27.65 62.11 -58.02
CA ALA A 152 -27.91 60.68 -58.02
C ALA A 152 -26.74 59.90 -58.61
N ARG A 153 -26.21 60.36 -59.75
CA ARG A 153 -25.03 59.72 -60.35
C ARG A 153 -23.80 59.89 -59.47
N GLU A 154 -23.66 61.06 -58.83
CA GLU A 154 -22.49 61.31 -57.98
C GLU A 154 -22.54 60.45 -56.73
N TRP A 155 -23.71 60.32 -56.11
CA TRP A 155 -23.85 59.45 -54.94
C TRP A 155 -23.70 57.98 -55.33
N ARG A 156 -24.20 57.59 -56.50
CA ARG A 156 -24.04 56.22 -56.98
C ARG A 156 -22.59 55.87 -57.19
N GLN A 157 -21.82 56.76 -57.82
CA GLN A 157 -20.41 56.47 -58.05
C GLN A 157 -19.61 56.57 -56.75
N ALA A 158 -20.04 57.41 -55.81
CA ALA A 158 -19.39 57.44 -54.50
C ALA A 158 -19.75 56.23 -53.65
N PHE A 159 -20.83 55.52 -53.97
CA PHE A 159 -21.14 54.30 -53.24
C PHE A 159 -20.51 53.07 -53.88
N ILE A 160 -20.49 53.00 -55.21
CA ILE A 160 -19.83 51.87 -55.86
C ILE A 160 -18.32 52.03 -55.89
N GLY A 161 -17.80 53.23 -55.69
CA GLY A 161 -16.38 53.46 -55.82
C GLY A 161 -15.61 53.24 -54.53
N ILE A 162 -16.13 53.73 -53.41
CA ILE A 162 -15.38 53.64 -52.16
C ILE A 162 -15.44 52.26 -51.53
N THR A 163 -16.21 51.34 -52.10
CA THR A 163 -16.16 49.95 -51.69
C THR A 163 -15.40 49.06 -52.65
N THR A 164 -14.93 49.60 -53.79
CA THR A 164 -13.90 48.95 -54.60
C THR A 164 -12.80 50.00 -54.79
N VAL A 165 -11.93 50.14 -53.80
CA VAL A 165 -10.84 51.10 -53.83
C VAL A 165 -9.80 50.63 -52.81
N LYS A 166 -8.54 50.97 -53.06
CA LYS A 166 -7.47 50.42 -52.25
C LYS A 166 -6.63 51.48 -51.54
N GLY A 167 -6.04 52.42 -52.27
CA GLY A 167 -5.10 53.34 -51.67
C GLY A 167 -3.65 53.01 -51.99
N ALA A 168 -2.89 52.55 -51.00
CA ALA A 168 -1.46 52.31 -51.15
C ALA A 168 -1.08 51.06 -50.37
N PRO A 169 -0.12 50.28 -50.88
CA PRO A 169 0.34 49.10 -50.14
C PRO A 169 1.28 49.49 -49.00
N ALA A 170 0.99 48.97 -47.80
CA ALA A 170 1.78 49.28 -46.61
C ALA A 170 1.56 48.17 -45.60
N SER A 171 2.34 48.23 -44.51
CA SER A 171 2.18 47.30 -43.39
C SER A 171 2.70 48.01 -42.13
N HIS A 172 1.76 48.61 -41.38
CA HIS A 172 2.09 49.65 -40.41
C HIS A 172 2.74 49.08 -39.16
N SER A 173 3.98 48.60 -39.31
CA SER A 173 4.98 48.46 -38.23
C SER A 173 4.61 47.53 -37.09
N LEU A 174 3.42 46.94 -37.13
CA LEU A 174 2.94 46.00 -36.14
C LEU A 174 2.26 44.81 -36.78
N ALA A 175 1.93 44.87 -38.06
CA ALA A 175 1.51 43.69 -38.78
C ALA A 175 2.70 42.77 -38.95
N LYS A 176 2.46 41.48 -38.90
CA LYS A 176 3.55 40.53 -39.01
C LYS A 176 4.05 40.48 -40.44
N GLN A 177 5.33 40.13 -40.60
CA GLN A 177 5.99 39.98 -41.90
C GLN A 177 7.29 39.21 -41.67
N LEU A 178 7.47 38.12 -42.41
CA LEU A 178 8.41 37.07 -42.02
C LEU A 178 9.23 36.61 -43.21
N TYR A 179 10.55 36.55 -43.03
CA TYR A 179 11.45 36.09 -44.08
C TYR A 179 11.19 34.63 -44.42
N PHE A 180 11.16 34.32 -45.71
CA PHE A 180 11.05 32.95 -46.18
C PHE A 180 12.26 32.63 -47.04
N PRO A 181 13.02 31.59 -46.73
CA PRO A 181 14.21 31.28 -47.51
C PRO A 181 13.92 30.74 -48.90
N LEU A 182 14.33 31.52 -49.90
CA LEU A 182 14.32 31.09 -51.28
C LEU A 182 15.27 29.91 -51.47
N PRO A 183 15.05 29.03 -52.51
CA PRO A 183 15.85 27.81 -52.65
C PRO A 183 17.35 28.00 -52.84
N GLY A 184 17.76 28.78 -53.84
CA GLY A 184 19.16 29.04 -54.03
C GLY A 184 19.71 29.95 -52.95
N SER A 185 19.30 31.22 -52.99
CA SER A 185 19.59 32.17 -51.94
C SER A 185 18.56 33.29 -52.04
N GLY A 186 18.58 34.19 -51.07
CA GLY A 186 17.63 35.28 -51.04
C GLY A 186 16.41 34.97 -50.22
N TYR A 187 15.56 35.99 -50.07
CA TYR A 187 14.39 35.89 -49.21
C TYR A 187 13.25 36.67 -49.83
N HIS A 188 12.05 36.45 -49.30
CA HIS A 188 10.89 37.28 -49.51
C HIS A 188 10.37 37.71 -48.14
N LEU A 189 9.67 38.85 -48.08
CA LEU A 189 9.25 39.36 -46.78
C LEU A 189 7.93 38.80 -46.27
N LEU A 190 6.99 38.45 -47.16
CA LEU A 190 5.82 37.61 -46.88
C LEU A 190 4.99 38.09 -45.70
N ALA A 191 4.32 39.22 -45.88
CA ALA A 191 3.46 39.74 -44.83
C ALA A 191 2.14 38.97 -44.81
N PRO A 192 1.82 38.25 -43.73
CA PRO A 192 0.53 37.57 -43.67
C PRO A 192 -0.59 38.52 -43.26
N LEU A 193 -1.77 38.25 -43.81
CA LEU A 193 -2.97 39.01 -43.50
C LEU A 193 -4.04 38.06 -42.97
N PHE A 194 -4.86 38.58 -42.08
CA PHE A 194 -5.90 37.76 -41.45
C PHE A 194 -7.01 37.48 -42.46
N PRO A 195 -7.38 36.23 -42.69
CA PRO A 195 -8.44 35.91 -43.65
C PRO A 195 -9.81 35.97 -43.01
N THR A 196 -10.82 36.12 -43.88
CA THR A 196 -12.21 36.07 -43.47
C THR A 196 -12.88 34.79 -43.97
N SER A 197 -12.14 33.68 -43.92
CA SER A 197 -12.75 32.37 -44.04
C SER A 197 -13.70 32.15 -42.88
N LEU A 198 -14.97 31.90 -43.19
CA LEU A 198 -15.98 31.67 -42.17
C LEU A 198 -16.19 30.16 -42.03
N VAL A 199 -15.30 29.54 -41.28
CA VAL A 199 -15.60 28.27 -40.61
C VAL A 199 -16.43 28.50 -39.36
N HIS A 200 -16.57 29.75 -38.93
CA HIS A 200 -17.38 30.10 -37.78
C HIS A 200 -18.84 29.81 -38.01
N HIS A 201 -19.32 29.96 -39.25
CA HIS A 201 -20.69 29.60 -39.57
C HIS A 201 -20.86 28.08 -39.56
N VAL A 202 -19.88 27.36 -40.08
CA VAL A 202 -19.93 25.90 -40.09
C VAL A 202 -19.73 25.35 -38.68
N HIS A 203 -18.98 26.07 -37.83
CA HIS A 203 -18.83 25.66 -36.44
C HIS A 203 -20.10 25.90 -35.64
N ALA A 204 -20.72 27.07 -35.82
CA ALA A 204 -21.91 27.38 -35.05
C ALA A 204 -23.12 26.58 -35.50
N LEU A 205 -23.23 26.29 -36.80
CA LEU A 205 -24.38 25.53 -37.28
C LEU A 205 -24.24 24.04 -36.99
N LEU A 206 -23.03 23.55 -36.75
CA LEU A 206 -22.82 22.17 -36.34
C LEU A 206 -22.66 22.03 -34.84
N ARG A 207 -22.95 23.08 -34.07
CA ARG A 207 -22.94 23.03 -32.62
C ARG A 207 -24.23 23.52 -31.98
N GLU A 208 -25.08 24.21 -32.71
CA GLU A 208 -26.31 24.67 -32.07
C GLU A 208 -27.58 24.33 -32.86
N ALA A 209 -27.53 24.39 -34.18
CA ALA A 209 -28.72 24.22 -35.02
C ALA A 209 -29.33 22.82 -34.93
N ARG A 210 -28.63 21.82 -35.44
CA ARG A 210 -29.11 20.45 -35.43
C ARG A 210 -28.17 19.51 -34.67
N PHE A 211 -27.22 20.07 -33.92
CA PHE A 211 -26.55 19.31 -32.88
C PHE A 211 -27.55 18.94 -31.79
N GLY A 212 -28.54 19.78 -31.54
CA GLY A 212 -29.52 19.47 -30.51
C GLY A 212 -30.42 18.30 -30.88
N ASP A 213 -30.82 18.22 -32.15
CA ASP A 213 -31.71 17.16 -32.59
C ASP A 213 -30.98 15.82 -32.69
N ALA A 214 -29.79 15.83 -33.30
CA ALA A 214 -28.97 14.62 -33.35
C ALA A 214 -28.51 14.20 -31.96
N ALA A 215 -28.24 15.16 -31.08
CA ALA A 215 -27.83 14.84 -29.72
C ALA A 215 -28.97 14.26 -28.90
N LYS A 216 -30.20 14.75 -29.09
CA LYS A 216 -31.30 14.15 -28.35
C LYS A 216 -31.67 12.78 -28.91
N ALA A 217 -31.50 12.58 -30.23
CA ALA A 217 -31.67 11.24 -30.77
C ALA A 217 -30.60 10.29 -30.27
N ALA A 218 -29.39 10.80 -30.04
CA ALA A 218 -28.33 9.97 -29.48
C ALA A 218 -28.50 9.72 -27.99
N ARG A 219 -29.20 10.59 -27.29
CA ARG A 219 -29.21 10.54 -25.83
C ARG A 219 -30.51 10.06 -25.23
N GLU A 220 -31.57 9.85 -26.02
CA GLU A 220 -32.71 9.11 -25.51
C GLU A 220 -33.17 7.96 -26.40
N ALA A 221 -32.46 7.68 -27.50
CA ALA A 221 -32.78 6.55 -28.38
C ALA A 221 -31.50 5.73 -28.60
N ARG A 222 -31.23 4.83 -27.67
CA ARG A 222 -30.20 3.81 -27.83
C ARG A 222 -30.72 2.41 -27.52
N SER A 223 -31.69 2.27 -26.60
CA SER A 223 -32.48 1.05 -26.54
C SER A 223 -33.26 0.84 -27.82
N ARG A 224 -33.86 1.92 -28.34
CA ARG A 224 -34.30 1.95 -29.73
C ARG A 224 -33.05 1.99 -30.61
N GLN A 225 -32.78 0.88 -31.31
CA GLN A 225 -31.63 0.84 -32.19
C GLN A 225 -31.81 1.76 -33.39
N GLU A 226 -33.04 1.97 -33.82
CA GLU A 226 -33.36 2.84 -34.94
C GLU A 226 -33.48 4.27 -34.45
N SER A 227 -32.43 5.06 -34.68
CA SER A 227 -32.42 6.48 -34.37
C SER A 227 -32.47 7.29 -35.68
N TRP A 228 -32.38 8.61 -35.55
CA TRP A 228 -32.55 9.50 -36.68
C TRP A 228 -31.33 9.48 -37.60
N PRO A 229 -31.53 9.52 -38.95
CA PRO A 229 -30.45 9.29 -39.91
C PRO A 229 -29.57 10.51 -40.19
N HIS A 230 -29.03 11.10 -39.13
CA HIS A 230 -28.08 12.19 -39.26
C HIS A 230 -27.17 12.16 -38.04
N GLY A 231 -25.90 12.51 -38.26
CA GLY A 231 -24.92 12.49 -37.20
C GLY A 231 -24.55 13.88 -36.73
N PHE A 232 -23.54 13.92 -35.86
CA PHE A 232 -23.08 15.19 -35.32
C PHE A 232 -21.64 15.02 -34.84
N SER A 233 -20.99 16.15 -34.60
CA SER A 233 -19.64 16.22 -34.08
C SER A 233 -19.67 16.86 -32.70
N GLU A 234 -18.49 17.06 -32.12
CA GLU A 234 -18.45 17.64 -30.78
C GLU A 234 -17.54 18.86 -30.73
N TYR A 235 -16.43 18.82 -31.49
CA TYR A 235 -15.35 19.80 -31.52
C TYR A 235 -14.81 20.11 -30.12
N PRO A 236 -14.06 19.20 -29.49
CA PRO A 236 -13.55 19.49 -28.15
C PRO A 236 -12.35 20.42 -28.21
N ASN A 237 -12.07 21.03 -27.05
CA ASN A 237 -10.91 21.89 -26.80
C ASN A 237 -10.84 23.08 -27.74
N LEU A 238 -11.98 23.68 -28.06
CA LEU A 238 -12.00 24.93 -28.83
C LEU A 238 -11.42 26.07 -28.01
N ALA A 239 -10.96 27.10 -28.70
CA ALA A 239 -10.40 28.27 -28.03
C ALA A 239 -11.03 29.53 -28.59
N ILE A 240 -11.42 30.43 -27.69
CA ILE A 240 -12.06 31.69 -28.06
C ILE A 240 -11.00 32.76 -28.13
N GLN A 241 -10.97 33.48 -29.25
CA GLN A 241 -10.08 34.62 -29.42
C GLN A 241 -10.91 35.82 -29.88
N LYS A 242 -10.95 36.86 -29.05
CA LYS A 242 -11.74 38.05 -29.32
C LYS A 242 -10.80 39.23 -29.58
N PHE A 243 -10.96 39.87 -30.74
CA PHE A 243 -10.03 40.91 -31.16
C PHE A 243 -10.33 42.26 -30.52
N GLY A 244 -11.50 42.83 -30.82
CA GLY A 244 -11.94 44.01 -30.10
C GLY A 244 -12.37 43.61 -28.71
N GLY A 245 -11.84 44.31 -27.70
CA GLY A 245 -12.06 43.93 -26.31
C GLY A 245 -13.50 44.07 -25.84
N THR A 246 -13.94 45.31 -25.64
CA THR A 246 -15.34 45.57 -25.33
C THR A 246 -16.13 46.05 -26.54
N LYS A 247 -15.50 46.79 -27.44
CA LYS A 247 -16.16 47.30 -28.64
C LYS A 247 -15.44 46.73 -29.85
N PRO A 248 -15.93 45.62 -30.40
CA PRO A 248 -15.27 44.96 -31.53
C PRO A 248 -15.54 45.60 -32.88
N GLN A 249 -16.17 46.76 -32.92
CA GLN A 249 -16.50 47.40 -34.19
C GLN A 249 -15.27 48.05 -34.82
N ASN A 250 -14.29 48.39 -33.98
CA ASN A 250 -13.07 49.03 -34.46
C ASN A 250 -12.24 48.10 -35.33
N ILE A 251 -12.38 46.78 -35.14
CA ILE A 251 -11.67 45.83 -35.98
C ILE A 251 -12.24 45.85 -37.39
N SER A 252 -13.49 45.41 -37.54
CA SER A 252 -14.13 45.27 -38.84
C SER A 252 -15.62 45.07 -38.62
N GLN A 253 -16.35 44.84 -39.72
CA GLN A 253 -17.79 44.60 -39.65
C GLN A 253 -18.10 43.16 -39.29
N LEU A 254 -17.45 42.20 -39.96
CA LEU A 254 -17.66 40.79 -39.63
C LEU A 254 -17.07 40.39 -38.30
N ASN A 255 -16.25 41.24 -37.68
CA ASN A 255 -15.86 41.07 -36.29
C ASN A 255 -16.87 41.65 -35.32
N ASN A 256 -18.03 42.10 -35.82
CA ASN A 256 -19.13 42.51 -34.97
C ASN A 256 -20.32 41.56 -35.05
N GLU A 257 -20.45 40.79 -36.14
CA GLU A 257 -21.44 39.73 -36.19
C GLU A 257 -21.14 38.67 -35.14
N ARG A 258 -20.00 38.01 -35.27
CA ARG A 258 -19.42 37.34 -34.12
C ARG A 258 -18.81 38.40 -33.20
N ARG A 259 -19.05 38.26 -31.90
CA ARG A 259 -18.62 39.29 -30.95
C ARG A 259 -17.16 39.04 -30.55
N GLY A 260 -16.28 39.24 -31.52
CA GLY A 260 -14.92 38.71 -31.40
C GLY A 260 -14.96 37.24 -31.76
N GLU A 261 -14.43 36.40 -30.86
CA GLU A 261 -14.70 34.96 -30.79
C GLU A 261 -14.28 34.23 -32.08
N ASN A 262 -12.97 34.20 -32.29
CA ASN A 262 -12.42 33.63 -33.52
C ASN A 262 -12.60 32.12 -33.63
N TRP A 263 -12.78 31.41 -32.51
CA TRP A 263 -13.14 29.99 -32.45
C TRP A 263 -12.07 29.11 -33.11
N LEU A 264 -10.91 29.05 -32.45
CA LEU A 264 -9.77 28.32 -32.96
C LEU A 264 -9.87 26.83 -32.66
N LEU A 265 -9.63 26.01 -33.69
CA LEU A 265 -9.54 24.57 -33.51
C LEU A 265 -8.21 24.19 -32.85
N PRO A 266 -8.17 23.13 -32.04
CA PRO A 266 -6.93 22.78 -31.34
C PRO A 266 -5.99 21.91 -32.17
N SER A 267 -4.72 21.91 -31.76
CA SER A 267 -3.73 20.96 -32.27
C SER A 267 -3.22 20.03 -31.16
N LEU A 268 -2.57 20.57 -30.12
CA LEU A 268 -2.33 19.93 -28.82
C LEU A 268 -1.68 18.55 -28.86
N PRO A 269 -0.36 18.47 -28.99
CA PRO A 269 0.35 17.17 -29.01
C PRO A 269 0.12 16.39 -27.72
N PRO A 270 0.01 15.06 -27.81
CA PRO A 270 -0.41 14.26 -26.66
C PRO A 270 0.70 14.11 -25.63
N ASN A 271 0.40 13.35 -24.59
CA ASN A 271 1.31 13.05 -23.49
C ASN A 271 1.27 11.56 -23.17
N TRP A 272 1.46 10.75 -24.23
CA TRP A 272 1.52 9.28 -24.22
C TRP A 272 0.19 8.63 -23.90
N GLN A 273 -0.91 9.29 -24.26
CA GLN A 273 -2.25 8.72 -24.15
C GLN A 273 -3.14 9.33 -25.21
N ARG A 274 -3.89 8.48 -25.90
CA ARG A 274 -4.82 8.95 -26.93
C ARG A 274 -5.90 7.90 -27.13
N GLN A 275 -7.04 8.37 -27.65
CA GLN A 275 -8.13 7.47 -28.02
C GLN A 275 -8.10 7.11 -29.50
N ASN A 276 -7.62 8.04 -30.35
CA ASN A 276 -7.45 7.75 -31.77
C ASN A 276 -6.39 6.68 -32.00
N VAL A 277 -5.12 7.03 -31.77
CA VAL A 277 -3.98 6.12 -31.70
C VAL A 277 -2.78 6.89 -31.15
N ASN A 278 -1.96 6.23 -30.35
CA ASN A 278 -0.66 6.75 -29.93
C ASN A 278 0.21 5.58 -29.52
N ALA A 279 1.33 5.87 -28.88
CA ALA A 279 2.20 4.85 -28.35
C ALA A 279 3.01 5.38 -27.17
N PRO A 295 13.84 -1.87 -14.01
CA PRO A 295 15.02 -2.55 -14.53
C PRO A 295 15.83 -3.26 -13.45
N GLU A 296 15.14 -3.68 -12.38
CA GLU A 296 15.85 -4.39 -11.30
C GLU A 296 16.21 -5.81 -11.71
N VAL A 297 15.57 -6.35 -12.75
CA VAL A 297 15.94 -7.66 -13.28
C VAL A 297 17.34 -7.62 -13.86
N SER A 298 17.68 -6.53 -14.55
CA SER A 298 19.01 -6.37 -15.09
C SER A 298 20.03 -6.19 -13.98
N ARG A 299 19.63 -5.55 -12.87
CA ARG A 299 20.52 -5.44 -11.71
C ARG A 299 20.80 -6.80 -11.08
N LEU A 300 19.76 -7.65 -10.99
CA LEU A 300 19.94 -9.00 -10.48
C LEU A 300 20.84 -9.83 -11.38
N THR A 301 20.64 -9.74 -12.70
CA THR A 301 21.47 -10.49 -13.65
C THR A 301 22.91 -10.00 -13.63
N ARG A 302 23.12 -8.68 -13.52
CA ARG A 302 24.46 -8.12 -13.48
C ARG A 302 25.20 -8.51 -12.21
N THR A 303 24.51 -8.47 -11.06
CA THR A 303 25.19 -8.88 -9.85
C THR A 303 25.37 -10.39 -9.76
N LEU A 304 24.54 -11.17 -10.46
CA LEU A 304 24.77 -12.61 -10.51
C LEU A 304 25.99 -12.92 -11.36
N GLN A 305 26.14 -12.24 -12.50
CA GLN A 305 27.30 -12.45 -13.37
C GLN A 305 28.59 -11.97 -12.70
N ARG A 306 28.55 -10.79 -12.07
CA ARG A 306 29.70 -10.29 -11.33
C ARG A 306 29.97 -11.10 -10.06
N PHE A 307 28.98 -11.85 -9.57
CA PHE A 307 29.21 -12.72 -8.43
C PHE A 307 29.86 -14.03 -8.83
N LEU A 308 29.40 -14.65 -9.91
CA LEU A 308 30.04 -15.88 -10.37
C LEU A 308 31.25 -15.63 -11.26
N ALA A 309 31.63 -14.36 -11.46
CA ALA A 309 32.91 -14.06 -12.07
C ALA A 309 34.07 -14.33 -11.12
N LYS A 310 33.95 -13.85 -9.87
CA LYS A 310 34.98 -14.00 -8.87
C LYS A 310 34.61 -15.08 -7.86
N THR A 311 35.62 -15.65 -7.21
CA THR A 311 35.44 -16.73 -6.24
C THR A 311 36.30 -16.44 -5.02
N VAL A 312 35.70 -16.54 -3.83
CA VAL A 312 36.43 -16.44 -2.57
C VAL A 312 36.19 -17.75 -1.80
N HIS A 313 37.13 -18.70 -1.99
CA HIS A 313 37.28 -19.97 -1.29
C HIS A 313 36.18 -21.00 -1.57
N ASN A 314 35.11 -20.60 -2.28
CA ASN A 314 34.06 -21.48 -2.82
C ASN A 314 33.39 -22.31 -1.72
N ASN A 315 32.67 -21.60 -0.85
CA ASN A 315 32.06 -22.18 0.34
C ASN A 315 30.54 -22.05 0.29
N LEU A 316 29.90 -22.32 1.43
CA LEU A 316 28.44 -22.38 1.53
C LEU A 316 27.79 -21.04 1.24
N ALA A 317 28.43 -19.94 1.66
CA ALA A 317 27.83 -18.62 1.49
C ALA A 317 27.73 -18.22 0.01
N ILE A 318 28.62 -18.73 -0.83
CA ILE A 318 28.56 -18.46 -2.27
C ILE A 318 27.32 -19.13 -2.87
N ARG A 319 27.08 -20.39 -2.51
CA ARG A 319 25.87 -21.07 -2.98
C ARG A 319 24.61 -20.48 -2.35
N GLN A 320 24.72 -19.95 -1.13
CA GLN A 320 23.60 -19.24 -0.51
C GLN A 320 23.24 -17.98 -1.28
N ARG A 321 24.25 -17.20 -1.67
CA ARG A 321 23.99 -15.99 -2.45
C ARG A 321 23.53 -16.31 -3.86
N ARG A 322 23.99 -17.42 -4.43
CA ARG A 322 23.51 -17.83 -5.75
C ARG A 322 22.05 -18.27 -5.69
N ALA A 323 21.68 -19.03 -4.67
CA ALA A 323 20.28 -19.39 -4.47
C ALA A 323 19.43 -18.17 -4.16
N GLN A 324 20.00 -17.20 -3.45
CA GLN A 324 19.33 -15.94 -3.15
C GLN A 324 19.03 -15.16 -4.42
N LEU A 325 20.01 -15.07 -5.32
CA LEU A 325 19.83 -14.27 -6.53
C LEU A 325 18.91 -14.98 -7.53
N VAL A 326 19.03 -16.30 -7.65
CA VAL A 326 18.11 -17.01 -8.54
C VAL A 326 16.71 -17.05 -7.95
N ALA A 327 16.60 -16.97 -6.61
CA ALA A 327 15.29 -16.88 -5.96
C ALA A 327 14.64 -15.55 -6.25
N GLN A 328 15.41 -14.46 -6.17
CA GLN A 328 14.90 -13.15 -6.51
C GLN A 328 14.53 -13.05 -7.98
N ILE A 329 15.29 -13.73 -8.85
CA ILE A 329 14.96 -13.71 -10.28
C ILE A 329 13.66 -14.46 -10.56
N CYS A 330 13.48 -15.63 -9.93
CA CYS A 330 12.25 -16.38 -10.23
C CYS A 330 11.02 -15.77 -9.54
N ASP A 331 11.17 -15.15 -8.36
CA ASP A 331 10.01 -14.45 -7.83
C ASP A 331 9.74 -13.15 -8.56
N GLU A 332 10.74 -12.56 -9.23
CA GLU A 332 10.47 -11.47 -10.15
C GLU A 332 9.71 -11.96 -11.37
N ALA A 333 10.01 -13.17 -11.85
CA ALA A 333 9.23 -13.75 -12.92
C ALA A 333 7.79 -14.04 -12.47
N LEU A 334 7.61 -14.46 -11.22
CA LEU A 334 6.28 -14.67 -10.67
C LEU A 334 5.52 -13.35 -10.54
N GLN A 335 6.22 -12.29 -10.14
CA GLN A 335 5.61 -10.96 -10.07
C GLN A 335 5.26 -10.44 -11.46
N TYR A 336 6.06 -10.81 -12.46
CA TYR A 336 5.75 -10.42 -13.83
C TYR A 336 4.53 -11.19 -14.35
N ALA A 337 4.38 -12.45 -13.90
CA ALA A 337 3.19 -13.21 -14.29
C ALA A 337 1.95 -12.70 -13.57
N ALA A 338 2.13 -12.18 -12.35
CA ALA A 338 0.98 -11.68 -11.60
C ALA A 338 0.57 -10.29 -12.07
N ARG A 339 1.53 -9.43 -12.36
CA ARG A 339 1.20 -8.06 -12.75
C ARG A 339 0.72 -7.99 -14.20
N LEU A 340 0.98 -9.02 -15.00
CA LEU A 340 0.39 -9.12 -16.32
C LEU A 340 -0.86 -9.98 -16.33
N ARG A 341 -1.31 -10.44 -15.16
CA ARG A 341 -2.66 -10.96 -15.02
C ARG A 341 -3.69 -9.86 -14.89
N GLU A 342 -3.23 -8.61 -14.79
CA GLU A 342 -4.10 -7.44 -14.68
C GLU A 342 -4.42 -6.80 -16.03
N LEU A 343 -4.04 -7.42 -17.14
CA LEU A 343 -4.27 -6.79 -18.44
C LEU A 343 -5.70 -7.04 -18.91
N GLU A 344 -6.01 -8.29 -19.26
CA GLU A 344 -7.30 -8.79 -19.78
C GLU A 344 -7.32 -10.30 -19.61
N PRO A 345 -8.50 -10.91 -19.50
CA PRO A 345 -8.57 -12.38 -19.52
C PRO A 345 -8.18 -12.95 -20.89
N GLY A 346 -8.86 -12.49 -21.94
CA GLY A 346 -8.74 -13.10 -23.24
C GLY A 346 -7.75 -12.47 -24.19
N TRP A 347 -6.63 -13.14 -24.43
CA TRP A 347 -5.76 -12.82 -25.54
C TRP A 347 -6.26 -13.57 -26.77
N SER A 348 -5.45 -13.63 -27.82
CA SER A 348 -5.83 -14.32 -29.04
C SER A 348 -4.57 -14.90 -29.67
N ALA A 349 -4.66 -15.24 -30.97
CA ALA A 349 -3.49 -15.60 -31.76
C ALA A 349 -2.86 -14.36 -32.40
N THR A 350 -2.52 -13.41 -31.53
CA THR A 350 -1.78 -12.23 -31.94
C THR A 350 -0.36 -12.65 -32.29
N PRO A 351 0.27 -12.02 -33.30
CA PRO A 351 1.47 -12.61 -33.91
C PRO A 351 2.68 -12.58 -33.00
N GLY A 352 3.75 -13.19 -33.50
CA GLY A 352 4.93 -13.42 -32.70
C GLY A 352 4.80 -14.66 -31.84
N CYS A 353 4.63 -15.82 -32.48
CA CYS A 353 4.50 -17.10 -31.80
C CYS A 353 5.74 -17.97 -31.96
N GLN A 354 6.91 -17.36 -32.17
CA GLN A 354 8.16 -18.10 -32.26
C GLN A 354 8.71 -18.48 -30.89
N LEU A 355 8.32 -17.77 -29.84
CA LEU A 355 8.72 -18.04 -28.47
C LEU A 355 7.51 -18.11 -27.54
N HIS A 356 6.31 -18.16 -28.11
CA HIS A 356 5.09 -17.80 -27.42
C HIS A 356 4.09 -18.97 -27.47
N ASP A 357 4.54 -20.17 -27.12
CA ASP A 357 3.64 -21.31 -27.07
C ASP A 357 3.73 -21.99 -25.71
N ALA A 358 4.92 -22.01 -25.11
CA ALA A 358 5.08 -22.51 -23.76
C ALA A 358 4.79 -21.43 -22.72
N GLU A 359 5.37 -20.24 -22.90
CA GLU A 359 5.04 -19.08 -22.06
C GLU A 359 3.72 -18.42 -22.44
N GLN A 360 3.02 -18.94 -23.45
CA GLN A 360 1.68 -18.47 -23.76
C GLN A 360 0.72 -18.76 -22.62
N LEU A 361 0.85 -19.92 -22.00
CA LEU A 361 -0.10 -20.38 -21.00
C LEU A 361 0.42 -20.24 -19.57
N TRP A 362 1.68 -19.87 -19.38
CA TRP A 362 2.15 -19.55 -18.04
C TRP A 362 1.53 -18.26 -17.54
N LEU A 363 1.34 -17.29 -18.43
CA LEU A 363 0.51 -16.11 -18.14
C LEU A 363 -0.94 -16.56 -18.29
N ASP A 364 -1.60 -16.79 -17.16
CA ASP A 364 -2.80 -17.60 -17.08
C ASP A 364 -3.98 -16.92 -17.79
N PRO A 365 -4.94 -17.72 -18.32
CA PRO A 365 -6.07 -17.12 -19.05
C PRO A 365 -7.24 -16.74 -18.16
N LEU A 366 -6.98 -16.60 -16.85
CA LEU A 366 -7.86 -16.04 -15.83
C LEU A 366 -9.08 -16.91 -15.49
N ARG A 367 -9.25 -18.03 -16.21
CA ARG A 367 -10.29 -19.04 -16.00
C ARG A 367 -11.72 -18.46 -16.05
N ALA A 368 -11.91 -17.35 -16.75
CA ALA A 368 -13.22 -16.71 -16.80
C ALA A 368 -13.63 -16.44 -18.24
N GLN A 369 -12.64 -16.19 -19.10
CA GLN A 369 -12.93 -16.05 -20.53
C GLN A 369 -13.13 -17.40 -21.20
N THR A 370 -12.66 -18.49 -20.59
CA THR A 370 -12.80 -19.82 -21.13
C THR A 370 -14.27 -20.24 -21.19
N ASP A 371 -14.88 -20.46 -20.03
CA ASP A 371 -16.32 -20.62 -19.80
C ASP A 371 -16.96 -21.86 -20.41
N GLU A 372 -16.26 -22.60 -21.27
CA GLU A 372 -16.73 -23.89 -21.73
C GLU A 372 -15.59 -24.89 -21.95
N THR A 373 -14.39 -24.60 -21.45
CA THR A 373 -13.16 -25.37 -21.64
C THR A 373 -12.86 -25.55 -23.14
N PHE A 374 -12.57 -24.41 -23.76
CA PHE A 374 -12.16 -24.37 -25.16
C PHE A 374 -10.69 -24.72 -25.36
N LEU A 375 -9.92 -24.87 -24.28
CA LEU A 375 -8.50 -25.16 -24.36
C LEU A 375 -8.22 -26.44 -23.60
N GLN A 376 -7.51 -27.38 -24.24
CA GLN A 376 -7.26 -28.70 -23.68
C GLN A 376 -5.88 -28.85 -23.06
N ARG A 377 -4.93 -27.98 -23.42
CA ARG A 377 -3.57 -28.05 -22.92
C ARG A 377 -3.33 -27.10 -21.77
N ARG A 378 -4.39 -26.51 -21.22
CA ARG A 378 -4.24 -25.63 -20.07
C ARG A 378 -3.84 -26.42 -18.83
N LEU A 379 -4.24 -27.69 -18.74
CA LEU A 379 -3.92 -28.52 -17.59
C LEU A 379 -3.25 -29.84 -17.99
N ARG A 380 -2.72 -29.92 -19.22
CA ARG A 380 -2.05 -31.13 -19.68
C ARG A 380 -0.69 -31.31 -19.01
N GLY A 381 -0.07 -30.25 -18.54
CA GLY A 381 1.29 -30.28 -18.05
C GLY A 381 2.35 -29.89 -19.05
N ASP A 382 1.96 -29.31 -20.19
CA ASP A 382 2.91 -28.95 -21.23
C ASP A 382 3.72 -27.71 -20.87
N TRP A 383 3.12 -26.79 -20.11
CA TRP A 383 3.77 -25.50 -19.87
C TRP A 383 4.92 -25.45 -18.85
N PRO A 384 4.89 -26.10 -17.67
CA PRO A 384 5.86 -25.68 -16.63
C PRO A 384 7.29 -26.10 -16.89
N ALA A 385 7.50 -27.33 -17.34
CA ALA A 385 8.87 -27.78 -17.64
C ALA A 385 9.45 -27.02 -18.83
N GLU A 386 8.61 -26.71 -19.82
CA GLU A 386 9.09 -25.97 -20.98
C GLU A 386 9.37 -24.51 -20.64
N VAL A 387 8.56 -23.91 -19.75
CA VAL A 387 8.80 -22.54 -19.33
C VAL A 387 10.06 -22.46 -18.47
N GLY A 388 10.26 -23.45 -17.59
CA GLY A 388 11.50 -23.50 -16.83
C GLY A 388 12.73 -23.75 -17.71
N ASN A 389 12.57 -24.59 -18.75
CA ASN A 389 13.66 -24.84 -19.69
C ASN A 389 14.04 -23.59 -20.46
N ARG A 390 13.04 -22.88 -20.99
CA ARG A 390 13.36 -21.72 -21.82
C ARG A 390 13.78 -20.54 -20.95
N PHE A 391 13.29 -20.46 -19.71
CA PHE A 391 13.78 -19.47 -18.76
C PHE A 391 15.24 -19.72 -18.40
N ALA A 392 15.59 -20.99 -18.16
CA ALA A 392 16.98 -21.29 -17.85
C ALA A 392 17.88 -21.16 -19.07
N ASN A 393 17.34 -21.32 -20.28
CA ASN A 393 18.13 -21.01 -21.47
C ASN A 393 18.36 -19.52 -21.62
N TRP A 394 17.35 -18.71 -21.29
CA TRP A 394 17.53 -17.26 -21.25
C TRP A 394 18.56 -16.86 -20.20
N LEU A 395 18.52 -17.48 -19.03
CA LEU A 395 19.50 -17.19 -18.00
C LEU A 395 20.87 -17.76 -18.33
N ASN A 396 20.93 -18.79 -19.18
CA ASN A 396 22.21 -19.31 -19.65
C ASN A 396 22.86 -18.30 -20.60
N ARG A 397 22.12 -17.85 -21.62
CA ARG A 397 22.68 -16.93 -22.58
C ARG A 397 22.86 -15.52 -22.01
N ALA A 398 22.17 -15.19 -20.91
CA ALA A 398 22.31 -13.88 -20.30
C ALA A 398 23.46 -13.80 -19.30
N VAL A 399 23.68 -14.85 -18.52
CA VAL A 399 24.73 -14.90 -17.52
C VAL A 399 25.80 -15.83 -18.04
N SER A 400 26.87 -15.28 -18.61
CA SER A 400 28.02 -16.07 -19.04
C SER A 400 29.26 -15.20 -18.90
N SER A 401 29.95 -15.37 -17.78
CA SER A 401 31.12 -14.59 -17.41
C SER A 401 32.37 -15.09 -18.12
N ASP A 402 33.55 -14.71 -17.60
CA ASP A 402 34.81 -15.25 -18.11
C ASP A 402 34.91 -16.76 -17.95
N SER A 403 34.22 -17.33 -16.96
CA SER A 403 33.85 -18.74 -17.03
C SER A 403 32.76 -18.85 -18.07
N GLN A 404 33.15 -19.17 -19.31
CA GLN A 404 32.34 -18.84 -20.48
C GLN A 404 31.09 -19.70 -20.59
N ILE A 405 31.27 -21.01 -20.70
CA ILE A 405 30.12 -21.89 -20.80
C ILE A 405 29.45 -22.02 -19.43
N LEU A 406 28.12 -22.06 -19.43
CA LEU A 406 27.37 -22.31 -18.21
C LEU A 406 26.88 -23.76 -18.18
N GLY A 407 26.15 -24.18 -19.20
CA GLY A 407 25.91 -25.59 -19.44
C GLY A 407 24.45 -25.98 -19.27
N SER A 408 24.19 -27.23 -19.64
CA SER A 408 22.89 -27.90 -19.54
C SER A 408 22.48 -28.45 -18.17
N PRO A 409 23.36 -28.98 -17.29
CA PRO A 409 22.86 -29.40 -15.97
C PRO A 409 22.40 -28.25 -15.09
N GLU A 410 23.09 -27.10 -15.16
CA GLU A 410 22.62 -25.90 -14.49
C GLU A 410 21.31 -25.43 -15.07
N ALA A 411 21.13 -25.60 -16.39
CA ALA A 411 19.86 -25.30 -17.03
C ALA A 411 18.75 -26.19 -16.51
N ALA A 412 19.04 -27.49 -16.32
CA ALA A 412 18.02 -28.38 -15.77
C ALA A 412 17.72 -28.08 -14.31
N GLN A 413 18.73 -27.64 -13.55
CA GLN A 413 18.51 -27.28 -12.15
C GLN A 413 17.62 -26.06 -12.00
N TRP A 414 17.91 -24.99 -12.76
CA TRP A 414 17.07 -23.79 -12.67
C TRP A 414 15.72 -24.03 -13.33
N SER A 415 15.66 -24.92 -14.33
CA SER A 415 14.40 -25.30 -14.95
C SER A 415 13.49 -26.00 -13.97
N GLN A 416 14.01 -26.99 -13.24
CA GLN A 416 13.18 -27.67 -12.25
C GLN A 416 12.86 -26.79 -11.06
N GLU A 417 13.72 -25.81 -10.74
CA GLU A 417 13.40 -24.85 -9.68
C GLU A 417 12.17 -24.01 -10.03
N LEU A 418 12.20 -23.37 -11.21
CA LEU A 418 11.02 -22.62 -11.66
C LEU A 418 9.83 -23.54 -11.93
N SER A 419 10.07 -24.79 -12.31
CA SER A 419 8.97 -25.72 -12.55
C SER A 419 8.25 -26.10 -11.27
N LYS A 420 9.00 -26.33 -10.18
CA LYS A 420 8.35 -26.54 -8.87
C LYS A 420 7.60 -25.30 -8.44
N GLU A 421 8.18 -24.12 -8.61
CA GLU A 421 7.48 -22.91 -8.20
C GLU A 421 6.33 -22.52 -9.13
N LEU A 422 6.20 -23.15 -10.29
CA LEU A 422 5.04 -22.92 -11.13
C LEU A 422 3.96 -23.97 -10.97
N THR A 423 4.32 -25.23 -10.70
CA THR A 423 3.32 -26.22 -10.33
C THR A 423 2.86 -26.09 -8.88
N MET A 424 3.50 -25.23 -8.08
CA MET A 424 3.00 -24.92 -6.75
C MET A 424 1.67 -24.15 -6.77
N PHE A 425 1.27 -23.59 -7.93
CA PHE A 425 0.02 -22.86 -8.02
C PHE A 425 -1.21 -23.75 -7.89
N LYS A 426 -1.09 -25.05 -8.11
CA LYS A 426 -2.23 -25.95 -8.02
C LYS A 426 -1.82 -27.31 -7.48
N VAL B 3 17.50 16.27 -53.59
CA VAL B 3 18.94 16.46 -53.52
C VAL B 3 19.27 16.98 -52.12
N THR B 4 18.24 17.43 -51.40
CA THR B 4 18.41 17.83 -50.01
C THR B 4 18.46 16.61 -49.11
N ASP B 5 19.62 15.94 -49.03
CA ASP B 5 19.78 14.73 -48.25
C ASP B 5 20.87 14.96 -47.21
N PRO B 6 20.61 14.71 -45.94
CA PRO B 6 21.63 14.94 -44.92
C PRO B 6 22.63 13.80 -44.87
N GLU B 7 23.86 14.16 -44.48
CA GLU B 7 24.88 13.17 -44.18
C GLU B 7 25.09 13.02 -42.68
N ALA B 8 24.47 13.86 -41.87
CA ALA B 8 24.54 13.77 -40.42
C ALA B 8 23.19 14.19 -39.85
N LEU B 9 23.06 14.05 -38.54
CA LEU B 9 21.83 14.43 -37.84
C LEU B 9 22.23 14.96 -36.47
N LEU B 10 22.39 16.28 -36.38
CA LEU B 10 22.69 16.91 -35.11
C LEU B 10 21.43 16.87 -34.24
N LEU B 11 21.51 16.15 -33.14
CA LEU B 11 20.42 16.08 -32.17
C LEU B 11 20.66 17.12 -31.09
N LEU B 12 19.78 18.12 -31.05
CA LEU B 12 19.67 19.07 -29.94
C LEU B 12 18.70 18.50 -28.92
N PRO B 13 19.12 18.41 -27.65
CA PRO B 13 18.34 17.70 -26.64
C PRO B 13 17.09 18.44 -26.19
N ARG B 14 16.48 17.95 -25.11
CA ARG B 14 15.15 18.39 -24.71
C ARG B 14 15.14 19.84 -24.23
N LEU B 15 14.90 20.74 -25.17
CA LEU B 15 14.83 22.17 -24.87
C LEU B 15 13.53 22.52 -24.18
N SER B 16 13.60 23.41 -23.21
CA SER B 16 12.42 23.92 -22.53
C SER B 16 12.20 25.37 -22.94
N ILE B 17 10.94 25.71 -23.23
CA ILE B 17 10.55 26.96 -23.86
C ILE B 17 9.45 27.55 -22.99
N GLN B 18 9.65 28.76 -22.49
CA GLN B 18 8.79 29.22 -21.40
C GLN B 18 7.58 30.03 -21.86
N ASN B 19 7.66 30.85 -22.92
CA ASN B 19 6.46 31.53 -23.40
C ASN B 19 6.42 31.45 -24.92
N ALA B 20 5.92 30.34 -25.45
CA ALA B 20 5.90 30.13 -26.88
C ALA B 20 4.72 30.88 -27.49
N ASN B 21 4.40 30.57 -28.74
CA ASN B 21 3.20 31.10 -29.38
C ASN B 21 2.18 29.98 -29.46
N ALA B 22 1.29 29.92 -28.46
CA ALA B 22 0.23 28.93 -28.47
C ALA B 22 -0.79 29.20 -29.57
N ILE B 23 -0.93 30.46 -29.98
CA ILE B 23 -1.62 30.77 -31.22
C ILE B 23 -0.74 30.32 -32.37
N SER B 24 -1.28 29.47 -33.24
CA SER B 24 -0.52 29.01 -34.38
C SER B 24 -0.98 29.63 -35.68
N SER B 25 -2.27 29.90 -35.82
CA SER B 25 -2.85 30.29 -37.09
C SER B 25 -4.23 30.89 -36.81
N PRO B 26 -4.83 31.62 -37.76
CA PRO B 26 -6.22 32.10 -37.57
C PRO B 26 -7.29 31.00 -37.44
N LEU B 27 -6.98 29.74 -37.71
CA LEU B 27 -7.93 28.67 -37.42
C LEU B 27 -7.44 27.68 -36.38
N THR B 28 -6.13 27.56 -36.16
CA THR B 28 -5.58 26.55 -35.28
C THR B 28 -4.81 27.19 -34.14
N TRP B 29 -4.96 26.63 -32.94
CA TRP B 29 -4.14 26.99 -31.79
C TRP B 29 -3.51 25.73 -31.22
N GLY B 30 -2.63 25.93 -30.26
CA GLY B 30 -1.99 24.81 -29.58
C GLY B 30 -0.48 24.78 -29.75
N PHE B 31 0.00 23.81 -30.49
CA PHE B 31 1.43 23.74 -30.77
C PHE B 31 1.81 24.78 -31.80
N PRO B 32 3.01 25.36 -31.71
CA PRO B 32 3.45 26.36 -32.70
C PRO B 32 3.62 25.76 -34.08
N SER B 33 3.88 26.64 -35.02
CA SER B 33 3.97 26.24 -36.40
C SER B 33 5.29 25.52 -36.65
N PRO B 34 5.31 24.54 -37.55
CA PRO B 34 6.60 24.01 -38.04
C PRO B 34 7.40 25.03 -38.82
N GLY B 35 6.74 26.07 -39.35
CA GLY B 35 7.46 27.20 -39.93
C GLY B 35 8.38 27.89 -38.94
N ALA B 36 8.00 27.90 -37.66
CA ALA B 36 8.88 28.43 -36.62
C ALA B 36 10.14 27.60 -36.47
N PHE B 37 10.02 26.28 -36.58
CA PHE B 37 11.18 25.42 -36.40
C PHE B 37 12.08 25.46 -37.63
N THR B 38 11.50 25.54 -38.82
CA THR B 38 12.31 25.73 -40.02
C THR B 38 12.99 27.10 -40.03
N GLY B 39 12.32 28.14 -39.52
CA GLY B 39 12.96 29.43 -39.43
C GLY B 39 14.01 29.51 -38.34
N PHE B 40 13.84 28.73 -37.27
CA PHE B 40 14.86 28.66 -36.23
C PHE B 40 16.12 27.96 -36.73
N VAL B 41 15.95 26.87 -37.49
CA VAL B 41 17.10 26.19 -38.06
C VAL B 41 17.75 27.02 -39.16
N HIS B 42 16.97 27.78 -39.92
CA HIS B 42 17.58 28.67 -40.91
C HIS B 42 18.30 29.85 -40.26
N ALA B 43 17.82 30.33 -39.11
CA ALA B 43 18.56 31.33 -38.37
C ALA B 43 19.83 30.76 -37.75
N LEU B 44 19.78 29.50 -37.31
CA LEU B 44 20.98 28.84 -36.81
C LEU B 44 22.01 28.65 -37.92
N GLN B 45 21.55 28.33 -39.12
CA GLN B 45 22.47 28.22 -40.25
C GLN B 45 23.01 29.58 -40.67
N ARG B 46 22.22 30.64 -40.48
CA ARG B 46 22.71 31.99 -40.75
C ARG B 46 23.74 32.42 -39.72
N ARG B 47 23.62 31.95 -38.48
CA ARG B 47 24.51 32.43 -37.42
C ARG B 47 25.67 31.50 -37.12
N VAL B 48 25.56 30.21 -37.44
CA VAL B 48 26.59 29.22 -37.13
C VAL B 48 27.10 28.56 -38.41
N GLY B 49 26.19 28.12 -39.28
CA GLY B 49 26.52 27.19 -40.35
C GLY B 49 27.40 27.73 -41.44
N ILE B 50 27.43 29.05 -41.64
CA ILE B 50 28.30 29.60 -42.67
C ILE B 50 29.75 29.63 -42.19
N SER B 51 29.98 29.69 -40.87
CA SER B 51 31.33 29.66 -40.36
C SER B 51 31.95 28.27 -40.44
N LEU B 52 31.12 27.22 -40.46
CA LEU B 52 31.59 25.85 -40.57
C LEU B 52 31.46 25.28 -41.98
N ASP B 53 30.97 26.08 -42.93
CA ASP B 53 30.70 25.67 -44.32
C ASP B 53 29.78 24.46 -44.40
N ILE B 54 28.79 24.42 -43.53
CA ILE B 54 27.80 23.35 -43.50
C ILE B 54 26.42 23.94 -43.68
N GLU B 55 25.52 23.16 -44.26
CA GLU B 55 24.13 23.55 -44.42
C GLU B 55 23.27 22.81 -43.40
N LEU B 56 22.21 23.48 -42.95
CA LEU B 56 21.30 22.95 -41.93
C LEU B 56 19.89 23.01 -42.51
N ASP B 57 19.42 21.88 -43.04
CA ASP B 57 18.11 21.80 -43.67
C ASP B 57 17.36 20.62 -43.08
N GLY B 58 16.11 20.86 -42.69
CA GLY B 58 15.30 19.82 -42.10
C GLY B 58 15.44 19.78 -40.60
N VAL B 59 14.35 19.51 -39.89
CA VAL B 59 14.34 19.49 -38.43
C VAL B 59 13.15 18.66 -37.98
N GLY B 60 13.34 17.88 -36.91
CA GLY B 60 12.26 17.13 -36.30
C GLY B 60 11.68 17.87 -35.10
N ILE B 61 10.56 17.33 -34.61
CA ILE B 61 9.87 17.84 -33.43
C ILE B 61 9.44 16.64 -32.62
N VAL B 62 9.66 16.63 -31.30
CA VAL B 62 9.22 15.53 -30.46
C VAL B 62 8.21 15.97 -29.40
N CYS B 63 8.36 17.16 -28.80
CA CYS B 63 7.46 17.71 -27.78
C CYS B 63 7.31 16.76 -26.59
N HIS B 64 8.39 16.68 -25.80
CA HIS B 64 8.38 15.84 -24.60
C HIS B 64 7.30 16.25 -23.60
N ARG B 65 6.97 17.55 -23.51
CA ARG B 65 5.76 17.93 -22.78
C ARG B 65 5.23 19.27 -23.28
N PHE B 66 3.95 19.52 -23.02
CA PHE B 66 3.22 20.69 -23.45
C PHE B 66 2.32 21.14 -22.31
N GLU B 67 2.34 22.44 -22.01
CA GLU B 67 1.45 23.01 -21.00
C GLU B 67 1.04 24.40 -21.48
N ALA B 68 -0.17 24.51 -22.03
CA ALA B 68 -0.65 25.80 -22.47
C ALA B 68 -1.12 26.63 -21.28
N GLN B 69 -1.10 27.95 -21.47
CA GLN B 69 -1.59 28.88 -20.45
C GLN B 69 -3.01 29.29 -20.87
N ILE B 70 -3.97 28.45 -20.54
CA ILE B 70 -5.37 28.66 -20.86
C ILE B 70 -6.19 28.46 -19.59
N SER B 71 -7.49 28.70 -19.69
CA SER B 71 -8.41 28.45 -18.60
C SER B 71 -9.78 28.17 -19.19
N GLN B 72 -10.58 27.39 -18.46
CA GLN B 72 -11.93 27.09 -18.88
C GLN B 72 -12.88 28.11 -18.27
N PRO B 73 -13.66 28.84 -19.08
CA PRO B 73 -14.71 29.68 -18.52
C PRO B 73 -15.77 28.83 -17.84
N ALA B 74 -16.08 29.18 -16.59
CA ALA B 74 -16.81 28.29 -15.68
C ALA B 74 -18.28 28.23 -16.10
N GLY B 75 -18.55 27.33 -17.05
CA GLY B 75 -19.90 27.14 -17.54
C GLY B 75 -19.94 26.84 -19.03
N LYS B 76 -18.81 26.99 -19.71
CA LYS B 76 -18.73 26.78 -21.14
C LYS B 76 -17.86 25.58 -21.48
N ARG B 77 -17.96 25.14 -22.73
CA ARG B 77 -17.24 23.98 -23.23
C ARG B 77 -15.96 24.36 -23.96
N THR B 78 -15.68 25.63 -24.12
CA THR B 78 -14.48 26.12 -24.77
C THR B 78 -13.49 26.59 -23.72
N LYS B 79 -12.37 27.15 -24.16
CA LYS B 79 -11.32 27.61 -23.27
C LYS B 79 -10.80 28.96 -23.75
N VAL B 80 -10.42 29.81 -22.80
CA VAL B 80 -9.92 31.14 -23.13
C VAL B 80 -8.46 31.22 -22.73
N PHE B 81 -7.77 32.23 -23.26
CA PHE B 81 -6.33 32.37 -23.13
C PHE B 81 -5.98 33.30 -21.97
N ASN B 82 -5.04 32.87 -21.13
CA ASN B 82 -4.52 33.73 -20.08
C ASN B 82 -3.61 34.78 -20.69
N LEU B 83 -4.03 36.04 -20.63
CA LEU B 83 -3.31 37.11 -21.32
C LEU B 83 -2.19 37.63 -20.45
N THR B 84 -1.52 38.67 -20.93
CA THR B 84 -0.55 39.44 -20.17
C THR B 84 -1.04 40.87 -20.04
N ARG B 85 -0.45 41.63 -19.14
CA ARG B 85 -0.87 42.99 -18.87
C ARG B 85 0.13 43.97 -19.46
N ASN B 86 -0.35 44.80 -20.38
CA ASN B 86 0.47 45.83 -20.99
C ASN B 86 0.38 47.12 -20.18
N PRO B 87 1.41 47.96 -20.21
CA PRO B 87 1.36 49.22 -19.46
C PRO B 87 0.46 50.24 -20.14
N LEU B 88 0.26 51.37 -19.44
CA LEU B 88 -0.66 52.40 -19.86
C LEU B 88 -0.13 53.14 -21.09
N ASN B 89 -1.02 53.86 -21.77
CA ASN B 89 -0.68 54.33 -23.11
C ASN B 89 0.18 55.60 -23.13
N ARG B 90 -0.42 56.73 -22.81
CA ARG B 90 0.32 57.99 -22.70
C ARG B 90 -0.15 58.88 -21.56
N ASP B 91 -1.40 58.76 -21.12
CA ASP B 91 -2.01 59.69 -20.18
C ASP B 91 -2.41 59.02 -18.87
N GLY B 92 -2.35 57.70 -18.82
CA GLY B 92 -2.77 56.93 -17.67
C GLY B 92 -4.16 56.40 -17.94
N SER B 93 -4.22 55.19 -18.48
CA SER B 93 -5.43 54.53 -18.93
C SER B 93 -5.04 53.12 -19.34
N THR B 94 -5.91 52.17 -19.03
CA THR B 94 -5.61 50.78 -19.34
C THR B 94 -5.72 50.57 -20.85
N ALA B 95 -4.62 50.12 -21.46
CA ALA B 95 -4.54 50.01 -22.90
C ALA B 95 -5.43 48.88 -23.42
N ALA B 96 -5.74 48.94 -24.71
CA ALA B 96 -6.52 47.89 -25.34
C ALA B 96 -5.70 46.61 -25.42
N ILE B 97 -6.27 45.51 -24.98
CA ILE B 97 -5.55 44.25 -24.87
C ILE B 97 -5.60 43.51 -26.20
N VAL B 98 -4.46 43.02 -26.63
CA VAL B 98 -4.37 42.04 -27.70
C VAL B 98 -4.19 40.68 -27.05
N GLU B 99 -4.78 39.65 -27.64
CA GLU B 99 -4.74 38.32 -27.06
C GLU B 99 -3.59 37.53 -27.67
N GLU B 100 -2.55 37.30 -26.86
CA GLU B 100 -1.40 36.50 -27.23
C GLU B 100 -1.49 35.18 -26.48
N GLY B 101 -1.45 34.08 -27.22
CA GLY B 101 -1.44 32.76 -26.61
C GLY B 101 -0.02 32.30 -26.35
N ARG B 102 0.27 31.98 -25.09
CA ARG B 102 1.59 31.54 -24.69
C ARG B 102 1.52 30.16 -24.08
N ALA B 103 2.56 29.36 -24.30
CA ALA B 103 2.57 27.98 -23.86
C ALA B 103 3.99 27.56 -23.50
N HIS B 104 4.11 26.71 -22.49
CA HIS B 104 5.38 26.12 -22.12
C HIS B 104 5.58 24.82 -22.87
N LEU B 105 6.64 24.75 -23.65
CA LEU B 105 6.98 23.58 -24.45
C LEU B 105 8.22 22.92 -23.88
N GLU B 106 8.36 21.62 -24.16
CA GLU B 106 9.60 20.91 -23.91
C GLU B 106 9.78 19.94 -25.08
N VAL B 107 10.65 20.31 -26.01
CA VAL B 107 10.82 19.64 -27.28
C VAL B 107 12.31 19.51 -27.59
N SER B 108 12.73 18.32 -28.00
CA SER B 108 14.04 18.07 -28.56
C SER B 108 13.92 18.01 -30.08
N LEU B 109 14.98 18.36 -30.79
CA LEU B 109 14.90 18.41 -32.24
C LEU B 109 16.18 17.92 -32.88
N LEU B 110 16.04 17.08 -33.90
CA LEU B 110 17.18 16.61 -34.67
C LEU B 110 17.14 17.27 -36.05
N LEU B 111 18.28 17.79 -36.48
CA LEU B 111 18.37 18.59 -37.69
C LEU B 111 19.48 18.07 -38.59
N GLY B 112 19.24 18.11 -39.89
CA GLY B 112 20.12 17.44 -40.84
C GLY B 112 21.28 18.26 -41.35
N VAL B 113 22.48 17.95 -40.86
CA VAL B 113 23.69 18.60 -41.35
C VAL B 113 24.02 18.07 -42.74
N HIS B 114 24.55 18.94 -43.59
CA HIS B 114 24.62 18.68 -45.02
C HIS B 114 25.99 18.91 -45.65
N GLY B 115 26.87 19.70 -45.03
CA GLY B 115 27.97 20.31 -45.73
C GLY B 115 29.27 19.52 -45.67
N ASP B 116 30.32 20.13 -46.22
CA ASP B 116 31.66 19.58 -46.30
C ASP B 116 32.53 19.97 -45.12
N GLY B 117 31.96 20.59 -44.09
CA GLY B 117 32.73 21.03 -42.95
C GLY B 117 32.84 19.98 -41.87
N LEU B 118 32.90 18.71 -42.27
CA LEU B 118 33.10 17.59 -41.35
C LEU B 118 33.68 16.43 -42.15
N ASP B 119 34.92 16.06 -41.88
CA ASP B 119 35.48 14.82 -42.40
C ASP B 119 35.78 13.83 -41.29
N ASP B 120 36.67 14.18 -40.34
CA ASP B 120 36.66 13.58 -39.02
C ASP B 120 37.07 14.55 -37.91
N HIS B 121 37.33 15.82 -38.23
CA HIS B 121 37.85 16.75 -37.23
C HIS B 121 36.77 17.28 -36.28
N PRO B 122 35.63 17.85 -36.73
CA PRO B 122 34.68 18.28 -35.69
C PRO B 122 33.78 17.12 -35.28
N ALA B 123 34.24 16.31 -34.33
CA ALA B 123 33.45 15.16 -33.91
C ALA B 123 32.24 15.59 -33.08
N GLN B 124 32.49 16.18 -31.91
CA GLN B 124 31.40 16.65 -31.04
C GLN B 124 31.64 18.08 -30.58
N GLU B 125 32.49 18.83 -31.28
CA GLU B 125 32.59 20.27 -31.04
C GLU B 125 31.73 21.06 -32.00
N ILE B 126 31.35 20.48 -33.14
CA ILE B 126 30.38 21.13 -34.02
C ILE B 126 29.01 21.16 -33.37
N ALA B 127 28.63 20.08 -32.68
CA ALA B 127 27.36 20.04 -31.99
C ALA B 127 27.39 20.90 -30.73
N ARG B 128 28.54 20.95 -30.04
CA ARG B 128 28.70 21.84 -28.90
C ARG B 128 28.62 23.29 -29.33
N GLN B 129 29.17 23.62 -30.49
CA GLN B 129 29.10 24.99 -31.01
C GLN B 129 27.67 25.36 -31.36
N VAL B 130 26.94 24.45 -32.02
CA VAL B 130 25.56 24.73 -32.39
C VAL B 130 24.66 24.86 -31.16
N GLN B 131 24.89 24.02 -30.15
CA GLN B 131 24.08 24.11 -28.93
C GLN B 131 24.40 25.35 -28.12
N GLU B 132 25.68 25.67 -27.93
CA GLU B 132 26.04 26.84 -27.13
C GLU B 132 25.76 28.14 -27.86
N GLN B 133 25.51 28.11 -29.17
CA GLN B 133 25.01 29.31 -29.82
C GLN B 133 23.49 29.36 -29.86
N ALA B 134 22.82 28.22 -29.97
CA ALA B 134 21.36 28.21 -29.96
C ALA B 134 20.77 28.38 -28.57
N GLY B 135 21.60 28.32 -27.53
CA GLY B 135 21.11 28.65 -26.20
C GLY B 135 20.69 30.10 -26.05
N ALA B 136 21.31 31.00 -26.81
CA ALA B 136 20.97 32.42 -26.80
C ALA B 136 20.00 32.77 -27.93
N MET B 137 18.88 32.05 -28.01
CA MET B 137 17.94 32.24 -29.11
C MET B 137 16.56 31.80 -28.66
N ARG B 138 15.55 32.27 -29.38
CA ARG B 138 14.17 31.91 -29.12
C ARG B 138 13.62 31.03 -30.24
N LEU B 139 12.62 30.22 -29.91
CA LEU B 139 12.14 29.15 -30.78
C LEU B 139 10.80 29.44 -31.45
N ALA B 140 9.82 29.98 -30.74
CA ALA B 140 8.58 30.37 -31.39
C ALA B 140 8.06 31.66 -30.80
N GLY B 141 8.96 32.54 -30.36
CA GLY B 141 8.61 33.59 -29.44
C GLY B 141 8.91 33.26 -28.01
N GLY B 142 9.51 32.10 -27.74
CA GLY B 142 9.76 31.64 -26.39
C GLY B 142 11.24 31.49 -26.12
N SER B 143 11.68 32.05 -25.01
CA SER B 143 13.07 32.01 -24.62
C SER B 143 13.46 30.60 -24.20
N ILE B 144 14.45 30.03 -24.88
CA ILE B 144 14.91 28.67 -24.60
C ILE B 144 15.72 28.70 -23.30
N LEU B 145 15.16 28.11 -22.26
CA LEU B 145 15.79 28.09 -20.94
C LEU B 145 16.97 27.13 -20.98
N PRO B 146 18.21 27.61 -20.87
CA PRO B 146 19.38 26.80 -21.22
C PRO B 146 19.96 25.98 -20.06
N TRP B 147 19.10 25.16 -19.44
CA TRP B 147 19.50 24.09 -18.52
C TRP B 147 20.33 24.54 -17.33
N CYS B 148 19.70 25.18 -16.35
CA CYS B 148 20.36 25.66 -15.14
C CYS B 148 20.99 24.55 -14.30
N ASN B 149 21.68 24.95 -13.22
CA ASN B 149 22.36 24.03 -12.33
C ASN B 149 21.38 23.06 -11.68
N GLU B 150 21.53 21.78 -11.99
CA GLU B 150 20.56 20.77 -11.62
C GLU B 150 21.32 19.49 -11.26
N ARG B 151 20.60 18.38 -11.19
CA ARG B 151 21.21 17.11 -10.82
C ARG B 151 21.96 16.48 -12.00
N PHE B 152 21.56 16.79 -13.23
CA PHE B 152 22.12 16.16 -14.42
C PHE B 152 22.33 17.21 -15.50
N PRO B 153 23.26 16.98 -16.41
CA PRO B 153 23.30 17.77 -17.65
C PRO B 153 22.49 17.11 -18.76
N ALA B 154 22.48 17.72 -19.95
CA ALA B 154 21.86 17.09 -21.12
C ALA B 154 22.67 17.41 -22.37
N PRO B 155 23.44 16.46 -22.89
CA PRO B 155 24.36 16.75 -23.99
C PRO B 155 23.67 16.70 -25.34
N ASN B 156 24.43 17.03 -26.38
CA ASN B 156 23.99 17.00 -27.76
C ASN B 156 24.63 15.81 -28.47
N ALA B 157 24.18 15.55 -29.70
CA ALA B 157 24.74 14.40 -30.41
C ALA B 157 24.92 14.74 -31.88
N GLU B 158 25.87 14.05 -32.52
CA GLU B 158 26.09 14.18 -33.95
C GLU B 158 26.33 12.78 -34.50
N LEU B 159 25.38 12.28 -35.30
CA LEU B 159 25.46 10.96 -35.89
C LEU B 159 25.56 11.08 -37.39
N LEU B 160 26.48 10.34 -38.00
CA LEU B 160 26.65 10.35 -39.45
C LEU B 160 26.08 9.07 -40.04
N MET B 161 25.44 9.21 -41.22
CA MET B 161 24.87 8.05 -41.90
C MET B 161 25.94 7.23 -42.59
N LEU B 162 26.95 7.89 -43.16
CA LEU B 162 28.10 7.18 -43.73
C LEU B 162 29.09 6.76 -42.65
N GLY B 163 29.04 7.36 -41.46
CA GLY B 163 29.93 6.98 -40.38
C GLY B 163 29.45 5.72 -39.68
N GLY B 164 29.58 4.59 -40.35
CA GLY B 164 29.17 3.31 -39.82
C GLY B 164 28.56 2.40 -40.88
N SER B 165 28.70 1.10 -40.66
CA SER B 165 28.13 0.09 -41.55
C SER B 165 26.66 -0.12 -41.19
N ASP B 166 26.05 -1.15 -41.79
CA ASP B 166 24.60 -1.31 -41.76
C ASP B 166 24.10 -1.68 -40.37
N GLU B 167 24.76 -2.65 -39.73
CA GLU B 167 24.39 -3.00 -38.35
C GLU B 167 24.68 -1.84 -37.41
N GLN B 168 25.76 -1.09 -37.67
CA GLN B 168 26.02 0.11 -36.90
C GLN B 168 25.08 1.24 -37.28
N ARG B 169 24.58 1.26 -38.52
CA ARG B 169 23.58 2.26 -38.90
C ARG B 169 22.29 2.07 -38.13
N ARG B 170 21.78 0.84 -38.07
CA ARG B 170 20.56 0.61 -37.31
C ARG B 170 20.81 0.68 -35.81
N LYS B 171 22.03 0.35 -35.35
CA LYS B 171 22.35 0.50 -33.94
C LYS B 171 22.40 1.96 -33.52
N ASN B 172 22.94 2.82 -34.39
CA ASN B 172 22.97 4.24 -34.09
C ASN B 172 21.60 4.88 -34.22
N GLN B 173 20.76 4.36 -35.12
CA GLN B 173 19.37 4.81 -35.18
C GLN B 173 18.61 4.44 -33.91
N ARG B 174 18.87 3.24 -33.37
CA ARG B 174 18.21 2.81 -32.14
C ARG B 174 18.70 3.60 -30.93
N ARG B 175 20.01 3.85 -30.84
CA ARG B 175 20.53 4.64 -29.73
C ARG B 175 20.21 6.12 -29.89
N LEU B 176 19.83 6.55 -31.09
CA LEU B 176 19.34 7.91 -31.25
C LEU B 176 17.89 8.02 -30.83
N THR B 177 17.06 7.05 -31.22
CA THR B 177 15.65 7.12 -30.88
C THR B 177 15.35 6.70 -29.45
N ARG B 178 16.34 6.19 -28.70
CA ARG B 178 16.11 6.04 -27.27
C ARG B 178 16.16 7.36 -26.53
N ARG B 179 16.81 8.38 -27.10
CA ARG B 179 16.96 9.65 -26.43
C ARG B 179 15.76 10.57 -26.60
N LEU B 180 14.80 10.20 -27.44
CA LEU B 180 13.63 11.02 -27.70
C LEU B 180 12.38 10.17 -27.79
N LEU B 181 12.35 9.07 -27.07
CA LEU B 181 11.24 8.13 -27.13
C LEU B 181 9.96 8.54 -26.40
N PRO B 182 9.96 9.23 -25.24
CA PRO B 182 8.69 9.76 -24.73
C PRO B 182 8.06 10.85 -25.58
N GLY B 183 8.78 11.49 -26.48
CA GLY B 183 8.22 12.51 -27.33
C GLY B 183 7.33 11.93 -28.43
N PHE B 184 6.82 12.84 -29.27
CA PHE B 184 5.91 12.49 -30.34
C PHE B 184 6.31 13.24 -31.60
N ALA B 185 6.64 12.50 -32.65
CA ALA B 185 7.13 13.10 -33.88
C ALA B 185 6.00 13.74 -34.68
N LEU B 186 6.21 14.97 -35.13
CA LEU B 186 5.22 15.65 -35.95
C LEU B 186 5.53 15.44 -37.42
N VAL B 187 4.52 15.04 -38.18
CA VAL B 187 4.65 14.67 -39.58
C VAL B 187 3.61 15.42 -40.39
N SER B 188 4.02 16.00 -41.51
CA SER B 188 3.05 16.51 -42.47
C SER B 188 2.41 15.36 -43.24
N ARG B 189 1.08 15.32 -43.24
CA ARG B 189 0.31 14.28 -43.93
C ARG B 189 -0.61 14.96 -44.92
N GLU B 190 -0.19 15.05 -46.18
CA GLU B 190 -1.00 15.65 -47.22
C GLU B 190 -1.64 14.62 -48.13
N ALA B 191 -0.98 13.48 -48.35
CA ALA B 191 -1.58 12.40 -49.12
C ALA B 191 -2.79 11.82 -48.39
N LEU B 192 -2.72 11.75 -47.05
CA LEU B 192 -3.87 11.32 -46.28
C LEU B 192 -5.02 12.31 -46.36
N LEU B 193 -4.72 13.62 -46.41
CA LEU B 193 -5.78 14.62 -46.53
C LEU B 193 -6.45 14.55 -47.90
N GLN B 194 -5.64 14.40 -48.96
CA GLN B 194 -6.23 14.26 -50.29
C GLN B 194 -6.98 12.95 -50.45
N GLN B 195 -6.53 11.89 -49.77
CA GLN B 195 -7.23 10.61 -49.81
C GLN B 195 -8.57 10.69 -49.11
N HIS B 196 -8.60 11.29 -47.91
CA HIS B 196 -9.85 11.47 -47.18
C HIS B 196 -10.78 12.44 -47.90
N LEU B 197 -10.22 13.39 -48.64
CA LEU B 197 -11.04 14.27 -49.47
C LEU B 197 -11.71 13.48 -50.60
N GLU B 198 -10.94 12.72 -51.36
CA GLU B 198 -11.53 12.03 -52.51
C GLU B 198 -12.35 10.81 -52.13
N THR B 199 -12.28 10.32 -50.88
CA THR B 199 -13.33 9.44 -50.39
C THR B 199 -14.52 10.22 -49.89
N LEU B 200 -14.31 11.42 -49.34
CA LEU B 200 -15.41 12.28 -48.95
C LEU B 200 -16.15 12.82 -50.16
N ARG B 201 -15.41 13.25 -51.18
CA ARG B 201 -15.98 13.88 -52.37
C ARG B 201 -16.63 12.80 -53.23
N THR B 202 -17.86 12.45 -52.87
CA THR B 202 -18.69 11.54 -53.66
C THR B 202 -19.91 12.35 -54.12
N THR B 203 -19.74 13.04 -55.26
CA THR B 203 -20.70 13.95 -55.89
C THR B 203 -21.11 15.12 -54.99
N LEU B 204 -20.25 15.54 -54.05
CA LEU B 204 -20.50 16.74 -53.28
C LEU B 204 -19.19 17.52 -53.14
N PRO B 205 -19.24 18.85 -53.21
CA PRO B 205 -18.01 19.64 -53.15
C PRO B 205 -17.50 19.89 -51.74
N GLU B 206 -16.47 20.73 -51.61
CA GLU B 206 -15.91 21.08 -50.32
C GLU B 206 -15.37 22.51 -50.38
N ALA B 207 -15.23 23.12 -49.21
CA ALA B 207 -14.49 24.37 -49.08
C ALA B 207 -13.26 24.21 -48.19
N THR B 208 -13.45 23.83 -46.92
CA THR B 208 -12.33 23.44 -46.07
C THR B 208 -12.68 22.28 -45.15
N THR B 209 -13.79 21.58 -45.40
CA THR B 209 -14.29 20.55 -44.49
C THR B 209 -13.49 19.26 -44.53
N LEU B 210 -12.62 19.09 -45.53
CA LEU B 210 -11.77 17.91 -45.63
C LEU B 210 -10.83 17.78 -44.44
N ASP B 211 -10.40 18.89 -43.85
CA ASP B 211 -9.50 18.91 -42.71
C ASP B 211 -10.24 19.10 -41.40
N ALA B 212 -11.31 19.89 -41.42
CA ALA B 212 -12.12 20.08 -40.22
C ALA B 212 -12.84 18.80 -39.84
N LEU B 213 -13.18 17.94 -40.80
CA LEU B 213 -13.84 16.69 -40.50
C LEU B 213 -12.87 15.67 -39.90
N LEU B 214 -11.59 15.78 -40.19
CA LEU B 214 -10.59 14.93 -39.54
C LEU B 214 -10.13 15.48 -38.21
N ASP B 215 -10.28 16.79 -37.97
CA ASP B 215 -9.91 17.33 -36.67
C ASP B 215 -10.92 16.96 -35.59
N LEU B 216 -12.20 16.92 -35.93
CA LEU B 216 -13.27 16.82 -34.95
C LEU B 216 -13.36 15.41 -34.36
N CYS B 217 -14.41 15.21 -33.56
CA CYS B 217 -14.72 13.91 -32.95
C CYS B 217 -16.20 13.63 -33.22
N ARG B 218 -16.50 13.04 -34.37
CA ARG B 218 -17.88 12.75 -34.71
C ARG B 218 -18.30 11.42 -34.09
N ILE B 219 -19.47 11.42 -33.48
CA ILE B 219 -20.00 10.32 -32.69
C ILE B 219 -21.34 9.97 -33.36
N ASN B 220 -21.33 10.04 -34.69
CA ASN B 220 -22.50 9.80 -35.53
C ASN B 220 -22.99 8.36 -35.43
N PHE B 221 -24.15 8.10 -36.03
CA PHE B 221 -24.74 6.78 -36.06
C PHE B 221 -24.83 6.26 -37.48
N GLU B 222 -24.48 4.98 -37.64
CA GLU B 222 -24.71 4.21 -38.85
C GLU B 222 -25.40 2.91 -38.47
N PRO B 223 -26.55 2.57 -39.09
CA PRO B 223 -27.31 1.39 -38.68
C PRO B 223 -26.65 0.08 -39.07
N TRP B 239 -24.71 5.23 -29.30
CA TRP B 239 -24.36 5.53 -30.68
C TRP B 239 -22.91 5.16 -30.95
N GLN B 240 -22.56 5.00 -32.23
CA GLN B 240 -21.20 4.68 -32.61
C GLN B 240 -20.34 5.94 -32.61
N VAL B 241 -19.05 5.75 -32.88
CA VAL B 241 -18.11 6.85 -33.01
C VAL B 241 -17.02 6.42 -34.00
N ARG B 242 -16.70 7.29 -34.95
CA ARG B 242 -15.72 6.96 -35.97
C ARG B 242 -14.31 7.27 -35.49
N ASP B 243 -13.37 6.41 -35.86
CA ASP B 243 -12.01 6.50 -35.39
C ASP B 243 -11.08 7.02 -36.47
N LYS B 244 -10.03 7.71 -36.05
CA LYS B 244 -9.00 8.25 -36.91
C LYS B 244 -7.64 7.65 -36.54
N PRO B 245 -6.76 7.42 -37.52
CA PRO B 245 -5.43 6.89 -37.21
C PRO B 245 -4.50 7.97 -36.68
N GLY B 246 -4.16 7.88 -35.40
CA GLY B 246 -3.26 8.83 -34.78
C GLY B 246 -3.94 10.15 -34.51
N TRP B 247 -3.18 11.05 -33.88
CA TRP B 247 -3.72 12.40 -33.67
C TRP B 247 -3.54 13.17 -34.97
N LEU B 248 -4.58 13.13 -35.81
CA LEU B 248 -4.61 13.91 -37.04
C LEU B 248 -5.08 15.30 -36.69
N VAL B 249 -4.14 16.24 -36.62
CA VAL B 249 -4.42 17.61 -36.19
C VAL B 249 -4.35 18.54 -37.39
N PRO B 250 -4.99 19.70 -37.36
CA PRO B 250 -4.74 20.71 -38.39
C PRO B 250 -3.50 21.53 -38.06
N ILE B 251 -2.68 21.77 -39.08
CA ILE B 251 -1.46 22.56 -38.90
C ILE B 251 -1.37 23.60 -40.01
N PRO B 252 -0.77 24.76 -39.75
CA PRO B 252 -0.56 25.75 -40.83
C PRO B 252 0.65 25.37 -41.67
N ALA B 253 0.38 24.87 -42.87
CA ALA B 253 1.44 24.40 -43.77
C ALA B 253 1.77 25.43 -44.85
N GLY B 254 2.27 26.58 -44.45
CA GLY B 254 2.79 27.55 -45.40
C GLY B 254 1.85 28.70 -45.69
N TYR B 255 2.13 29.37 -46.81
CA TYR B 255 1.43 30.58 -47.20
C TYR B 255 1.07 30.51 -48.68
N ASN B 256 0.20 31.43 -49.08
CA ASN B 256 -0.29 31.53 -50.45
C ASN B 256 -0.38 33.00 -50.83
N ALA B 257 -0.27 33.29 -52.12
CA ALA B 257 -0.05 34.66 -52.60
C ALA B 257 -1.38 35.38 -52.82
N LEU B 258 -1.63 36.43 -52.03
CA LEU B 258 -2.68 37.39 -52.37
C LEU B 258 -2.22 38.32 -53.48
N SER B 259 -1.03 38.87 -53.35
CA SER B 259 -0.48 39.97 -54.11
C SER B 259 0.62 39.50 -55.05
N PRO B 260 0.80 40.17 -56.19
CA PRO B 260 2.07 40.04 -56.91
C PRO B 260 3.17 40.68 -56.08
N LEU B 261 4.37 40.08 -56.13
CA LEU B 261 5.44 40.53 -55.26
C LEU B 261 5.98 41.87 -55.73
N TYR B 262 6.36 42.71 -54.76
CA TYR B 262 6.75 44.07 -55.04
C TYR B 262 8.25 44.22 -54.87
N LEU B 263 8.78 45.28 -55.51
CA LEU B 263 10.18 45.62 -55.40
C LEU B 263 10.50 46.10 -53.98
N PRO B 264 11.78 46.07 -53.58
CA PRO B 264 12.13 46.53 -52.23
C PRO B 264 11.82 47.99 -51.95
N GLY B 265 11.91 48.87 -52.94
CA GLY B 265 11.56 50.26 -52.74
C GLY B 265 10.14 50.58 -53.15
N GLU B 266 9.20 49.69 -52.83
CA GLU B 266 7.82 49.88 -53.24
C GLU B 266 6.83 49.91 -52.10
N VAL B 267 6.97 49.03 -51.12
CA VAL B 267 6.01 48.91 -50.02
C VAL B 267 6.46 49.77 -48.86
N ARG B 268 5.59 50.67 -48.42
CA ARG B 268 5.86 51.48 -47.24
C ARG B 268 5.80 50.61 -45.99
N ASN B 269 6.71 50.86 -45.05
CA ASN B 269 6.80 50.19 -43.75
C ASN B 269 7.00 48.68 -43.89
N ALA B 270 8.13 48.31 -44.49
CA ALA B 270 8.55 46.92 -44.51
C ALA B 270 9.55 46.69 -43.39
N ARG B 271 10.03 45.45 -43.26
CA ARG B 271 11.09 45.19 -42.28
C ARG B 271 12.42 45.72 -42.76
N ASP B 272 12.69 45.62 -44.06
CA ASP B 272 13.86 46.21 -44.65
C ASP B 272 13.55 46.56 -46.09
N ARG B 273 14.33 47.47 -46.66
CA ARG B 273 14.11 47.96 -48.01
C ARG B 273 15.08 47.36 -49.02
N GLU B 274 15.48 46.10 -48.81
CA GLU B 274 16.28 45.38 -49.79
C GLU B 274 15.72 44.02 -50.18
N THR B 275 14.65 43.55 -49.53
CA THR B 275 13.96 42.29 -49.79
C THR B 275 12.62 42.54 -50.47
N PRO B 276 12.24 41.75 -51.48
CA PRO B 276 10.89 41.86 -52.02
C PRO B 276 9.84 41.41 -51.01
N LEU B 277 8.71 42.10 -51.01
CA LEU B 277 7.62 41.82 -50.09
C LEU B 277 6.41 41.28 -50.85
N ARG B 278 5.65 40.44 -50.17
CA ARG B 278 4.42 39.88 -50.72
C ARG B 278 3.38 39.80 -49.60
N PHE B 279 2.12 39.94 -49.99
CA PHE B 279 1.00 39.78 -49.08
C PHE B 279 0.45 38.37 -49.21
N VAL B 280 0.42 37.64 -48.09
CA VAL B 280 0.13 36.21 -48.14
C VAL B 280 -0.98 35.86 -47.16
N GLU B 281 -1.60 34.72 -47.43
CA GLU B 281 -2.59 34.08 -46.59
C GLU B 281 -1.99 32.79 -46.04
N ASN B 282 -2.52 32.32 -44.93
CA ASN B 282 -2.10 31.02 -44.41
C ASN B 282 -2.63 29.90 -45.29
N LEU B 283 -1.92 28.79 -45.27
CA LEU B 283 -2.37 27.55 -45.89
C LEU B 283 -2.51 26.50 -44.79
N PHE B 284 -3.38 25.51 -45.03
CA PHE B 284 -3.80 24.62 -43.96
C PHE B 284 -3.69 23.17 -44.40
N GLY B 285 -3.00 22.36 -43.60
CA GLY B 285 -2.86 20.95 -43.90
C GLY B 285 -3.03 20.08 -42.67
N LEU B 286 -2.76 18.79 -42.81
CA LEU B 286 -3.01 17.81 -41.76
C LEU B 286 -1.69 17.25 -41.27
N GLY B 287 -1.49 17.24 -39.96
CA GLY B 287 -0.28 16.68 -39.38
C GLY B 287 -0.60 15.54 -38.42
N GLU B 288 0.39 14.70 -38.12
CA GLU B 288 0.22 13.59 -37.21
C GLU B 288 1.30 13.62 -36.15
N TRP B 289 0.97 13.14 -34.97
CA TRP B 289 1.91 13.03 -33.85
C TRP B 289 2.16 11.54 -33.62
N LEU B 290 3.11 11.01 -34.37
CA LEU B 290 3.50 9.61 -34.26
C LEU B 290 4.37 9.40 -33.02
N SER B 291 4.62 8.13 -32.72
CA SER B 291 5.76 7.98 -31.83
C SER B 291 7.00 7.71 -32.67
N PRO B 292 8.19 8.15 -32.26
CA PRO B 292 9.37 7.99 -33.11
C PRO B 292 9.99 6.60 -33.14
N HIS B 293 9.32 5.57 -32.64
CA HIS B 293 9.81 4.21 -32.79
C HIS B 293 9.11 3.45 -33.91
N ARG B 294 8.33 4.13 -34.73
CA ARG B 294 7.69 3.54 -35.90
C ARG B 294 7.85 4.45 -37.10
N VAL B 295 9.07 4.94 -37.30
CA VAL B 295 9.36 5.92 -38.33
C VAL B 295 9.97 5.24 -39.55
N ALA B 296 10.65 4.10 -39.32
CA ALA B 296 11.22 3.16 -40.29
C ALA B 296 12.43 3.70 -41.04
N ALA B 297 12.71 5.00 -40.91
CA ALA B 297 13.92 5.67 -41.36
C ALA B 297 13.96 7.02 -40.67
N LEU B 298 14.99 7.28 -39.88
CA LEU B 298 15.04 8.57 -39.19
C LEU B 298 15.62 9.66 -40.07
N SER B 299 16.13 9.28 -41.26
CA SER B 299 16.48 10.23 -42.31
C SER B 299 15.25 10.89 -42.94
N ASP B 300 14.06 10.36 -42.68
CA ASP B 300 12.80 11.08 -42.89
C ASP B 300 12.56 12.01 -41.71
N LEU B 301 11.31 12.46 -41.54
CA LEU B 301 10.84 13.17 -40.35
C LEU B 301 11.49 14.54 -40.21
N LEU B 302 11.77 15.21 -41.33
CA LEU B 302 12.48 16.47 -41.32
C LEU B 302 11.71 17.48 -42.17
N TRP B 303 11.64 18.71 -41.69
CA TRP B 303 10.78 19.74 -42.25
C TRP B 303 11.58 20.65 -43.18
N TYR B 304 11.27 20.62 -44.47
CA TYR B 304 11.95 21.40 -45.48
C TYR B 304 10.99 22.42 -46.10
N HIS B 305 11.58 23.46 -46.69
CA HIS B 305 10.85 24.50 -47.40
C HIS B 305 10.59 24.09 -48.85
N HIS B 306 9.65 24.79 -49.47
CA HIS B 306 9.30 24.63 -50.88
C HIS B 306 8.78 25.98 -51.32
N ALA B 307 9.55 26.73 -52.09
CA ALA B 307 9.13 28.10 -52.41
C ALA B 307 8.15 28.11 -53.58
N GLU B 308 8.62 27.76 -54.78
CA GLU B 308 7.97 28.05 -56.06
C GLU B 308 7.49 29.51 -56.08
N PRO B 309 8.40 30.48 -56.05
CA PRO B 309 8.04 31.81 -55.53
C PRO B 309 7.28 32.69 -56.50
N ASP B 310 7.35 32.47 -57.80
CA ASP B 310 6.53 33.24 -58.73
C ASP B 310 5.12 32.72 -58.87
N LYS B 311 4.75 31.69 -58.10
CA LYS B 311 3.41 31.18 -58.01
C LYS B 311 2.73 31.51 -56.69
N GLY B 312 3.53 31.67 -55.63
CA GLY B 312 3.03 31.66 -54.26
C GLY B 312 3.62 30.49 -53.50
N LEU B 313 2.76 29.80 -52.74
CA LEU B 313 2.99 28.43 -52.27
C LEU B 313 4.25 28.28 -51.40
N TYR B 314 4.41 29.20 -50.45
CA TYR B 314 5.61 29.23 -49.63
C TYR B 314 5.50 28.17 -48.52
N ARG B 315 5.59 26.92 -48.93
CA ARG B 315 5.19 25.78 -48.11
C ARG B 315 6.36 25.21 -47.32
N TRP B 316 6.04 24.53 -46.23
CA TRP B 316 6.99 23.69 -45.52
C TRP B 316 6.33 22.33 -45.29
N SER B 317 7.13 21.28 -45.30
CA SER B 317 6.57 19.93 -45.31
C SER B 317 7.58 18.96 -44.72
N THR B 318 7.17 17.69 -44.64
CA THR B 318 8.08 16.57 -44.40
C THR B 318 7.93 15.64 -45.59
N PRO B 319 8.73 15.79 -46.63
CA PRO B 319 8.65 14.89 -47.79
C PRO B 319 9.28 13.55 -47.47
N ARG B 320 9.40 12.72 -48.52
CA ARG B 320 10.07 11.40 -48.54
C ARG B 320 9.61 10.47 -47.41
N PHE B 321 8.37 10.61 -46.96
CA PHE B 321 7.89 9.92 -45.77
C PHE B 321 7.26 8.57 -46.10
N VAL B 322 6.23 8.55 -46.94
CA VAL B 322 5.62 7.29 -47.37
C VAL B 322 5.47 7.26 -48.88
N LEU C 6 15.71 -50.42 -15.63
CA LEU C 6 16.00 -49.46 -16.71
C LEU C 6 16.74 -48.25 -16.18
N SER C 7 16.31 -47.75 -15.03
CA SER C 7 16.87 -46.53 -14.46
C SER C 7 16.95 -46.71 -12.95
N THR C 8 17.51 -45.70 -12.28
CA THR C 8 17.51 -45.65 -10.83
C THR C 8 16.29 -44.90 -10.35
N ALA C 9 15.86 -45.22 -9.13
CA ALA C 9 14.73 -44.53 -8.54
C ALA C 9 15.12 -43.11 -8.16
N SER C 10 14.12 -42.23 -8.05
CA SER C 10 14.39 -40.85 -7.68
C SER C 10 14.78 -40.74 -6.22
N VAL C 11 14.14 -41.52 -5.35
CA VAL C 11 14.50 -41.62 -3.94
C VAL C 11 14.92 -43.06 -3.65
N LEU C 12 16.00 -43.21 -2.89
CA LEU C 12 16.43 -44.53 -2.46
C LEU C 12 17.07 -44.38 -1.10
N ALA C 13 16.57 -45.13 -0.12
CA ALA C 13 17.01 -44.97 1.25
C ALA C 13 17.39 -46.33 1.81
N PHE C 14 18.63 -46.46 2.27
CA PHE C 14 19.10 -47.68 2.89
C PHE C 14 19.26 -47.43 4.39
N GLU C 15 18.55 -48.21 5.20
CA GLU C 15 18.62 -48.04 6.64
C GLU C 15 19.92 -48.62 7.18
N ARG C 16 20.27 -48.19 8.39
CA ARG C 16 21.57 -48.52 8.96
C ARG C 16 21.58 -49.96 9.46
N LYS C 17 22.59 -50.72 9.05
CA LYS C 17 22.93 -51.97 9.69
C LYS C 17 24.14 -51.76 10.59
N LEU C 18 24.42 -52.76 11.42
CA LEU C 18 25.43 -52.70 12.49
C LEU C 18 25.19 -51.49 13.39
N ASP C 19 24.02 -51.46 14.02
CA ASP C 19 23.54 -50.31 14.78
C ASP C 19 24.27 -50.17 16.10
N PRO C 20 25.08 -49.12 16.29
CA PRO C 20 25.79 -48.96 17.55
C PRO C 20 25.03 -48.09 18.55
N SER C 21 25.62 -47.90 19.72
CA SER C 21 25.11 -46.99 20.73
C SER C 21 26.19 -45.98 21.06
N ASP C 22 25.81 -45.00 21.88
CA ASP C 22 26.80 -44.04 22.39
C ASP C 22 27.68 -44.74 23.41
N ALA C 23 28.99 -44.77 23.14
CA ALA C 23 29.91 -45.52 23.98
C ALA C 23 30.11 -44.80 25.31
N LEU C 24 29.48 -45.31 26.36
CA LEU C 24 29.64 -44.73 27.68
C LEU C 24 31.02 -45.07 28.23
N MET C 25 31.68 -44.06 28.78
CA MET C 25 33.05 -44.20 29.27
C MET C 25 33.06 -44.15 30.79
N SER C 26 33.96 -44.93 31.38
CA SER C 26 34.09 -45.00 32.82
C SER C 26 35.51 -45.38 33.19
N ALA C 27 36.05 -44.72 34.20
CA ALA C 27 37.41 -45.00 34.62
C ALA C 27 37.47 -46.23 35.52
N GLY C 28 38.67 -46.72 35.74
CA GLY C 28 38.86 -47.85 36.62
C GLY C 28 40.32 -48.26 36.65
N ALA C 29 40.58 -49.35 37.34
CA ALA C 29 41.93 -49.89 37.46
C ALA C 29 42.06 -51.14 36.61
N TRP C 30 43.28 -51.38 36.14
CA TRP C 30 43.59 -52.63 35.46
C TRP C 30 43.57 -53.78 36.46
N ALA C 31 43.36 -54.99 35.94
CA ALA C 31 43.12 -56.24 36.66
C ALA C 31 41.87 -56.20 37.53
N GLN C 32 40.95 -55.28 37.26
CA GLN C 32 39.62 -55.27 37.86
C GLN C 32 38.55 -55.23 36.78
N ARG C 33 38.87 -55.77 35.60
CA ARG C 33 37.95 -55.77 34.48
C ARG C 33 36.81 -56.75 34.66
N ASP C 34 36.98 -57.75 35.55
CA ASP C 34 35.96 -58.76 35.74
C ASP C 34 34.74 -58.18 36.47
N ALA C 35 34.97 -57.60 37.65
CA ALA C 35 33.91 -56.95 38.41
C ALA C 35 33.82 -55.46 38.07
N SER C 36 33.74 -55.15 36.78
CA SER C 36 33.68 -53.78 36.31
C SER C 36 32.25 -53.39 35.95
N GLN C 37 31.43 -53.29 36.99
CA GLN C 37 30.04 -52.85 36.82
C GLN C 37 29.71 -51.58 37.58
N GLU C 38 30.33 -51.36 38.74
CA GLU C 38 30.12 -50.17 39.55
C GLU C 38 31.13 -49.06 39.24
N TRP C 39 31.78 -49.13 38.09
CA TRP C 39 32.87 -48.21 37.77
C TRP C 39 32.33 -46.80 37.50
N PRO C 40 32.93 -45.77 38.08
CA PRO C 40 32.37 -44.42 37.97
C PRO C 40 32.66 -43.81 36.60
N ALA C 41 31.62 -43.24 35.99
CA ALA C 41 31.76 -42.65 34.67
C ALA C 41 32.54 -41.35 34.73
N VAL C 42 33.41 -41.14 33.75
CA VAL C 42 34.18 -39.91 33.68
C VAL C 42 33.29 -38.76 33.21
N THR C 43 33.50 -37.60 33.80
CA THR C 43 32.71 -36.40 33.50
C THR C 43 33.60 -35.34 32.87
N VAL C 44 32.97 -34.34 32.28
CA VAL C 44 33.68 -33.26 31.59
C VAL C 44 33.77 -32.07 32.54
N ARG C 45 34.97 -31.53 32.67
CA ARG C 45 35.18 -30.32 33.45
C ARG C 45 35.60 -29.19 32.50
N GLU C 46 35.63 -27.97 33.02
CA GLU C 46 36.02 -26.82 32.22
C GLU C 46 37.23 -26.15 32.85
N LYS C 47 38.08 -25.54 32.00
CA LYS C 47 39.24 -24.83 32.50
C LYS C 47 39.62 -23.75 31.50
N SER C 48 40.58 -22.91 31.88
CA SER C 48 41.04 -21.81 31.05
C SER C 48 42.03 -22.27 29.98
N GLN C 77 37.30 -18.88 24.84
CA GLN C 77 38.42 -18.61 25.74
C GLN C 77 38.68 -19.82 26.62
N THR C 78 37.66 -20.24 27.36
CA THR C 78 37.73 -21.41 28.22
C THR C 78 37.28 -22.63 27.44
N VAL C 79 37.88 -23.79 27.75
CA VAL C 79 37.63 -25.03 27.04
C VAL C 79 37.19 -26.09 28.03
N ASP C 80 36.81 -27.24 27.47
CA ASP C 80 36.43 -28.43 28.23
C ASP C 80 37.53 -29.47 28.15
N VAL C 81 37.60 -30.30 29.18
CA VAL C 81 38.60 -31.37 29.25
C VAL C 81 38.02 -32.50 30.10
N ALA C 82 38.23 -33.73 29.66
CA ALA C 82 37.77 -34.92 30.36
C ALA C 82 38.98 -35.80 30.65
N ASN C 83 39.39 -35.84 31.90
CA ASN C 83 40.47 -36.71 32.34
C ASN C 83 39.90 -37.92 33.08
N LEU C 84 40.77 -38.73 33.66
CA LEU C 84 40.37 -39.76 34.58
C LEU C 84 40.52 -39.28 36.01
N PRO C 85 39.85 -39.92 36.96
CA PRO C 85 40.25 -39.77 38.36
C PRO C 85 41.68 -40.25 38.59
N SER C 86 42.32 -39.65 39.59
CA SER C 86 43.75 -39.86 39.82
C SER C 86 44.07 -41.27 40.31
N ASP C 87 43.10 -42.00 40.85
CA ASP C 87 43.30 -43.37 41.28
C ASP C 87 42.81 -44.38 40.25
N ALA C 88 42.89 -44.04 38.97
CA ALA C 88 42.42 -44.90 37.90
C ALA C 88 43.38 -44.80 36.73
N ASP C 89 43.94 -45.94 36.32
CA ASP C 89 44.90 -45.99 35.21
C ASP C 89 44.31 -46.59 33.95
N THR C 90 43.01 -46.89 33.93
CA THR C 90 42.40 -47.64 32.85
C THR C 90 41.09 -46.98 32.46
N LEU C 91 40.90 -46.76 31.16
CA LEU C 91 39.61 -46.36 30.62
C LEU C 91 38.83 -47.60 30.24
N LYS C 92 37.51 -47.52 30.34
CA LYS C 92 36.63 -48.58 29.88
C LYS C 92 35.49 -47.93 29.12
N VAL C 93 35.38 -48.23 27.85
CA VAL C 93 34.22 -47.79 27.10
C VAL C 93 33.29 -48.98 26.94
N ARG C 94 32.01 -48.70 26.74
CA ARG C 94 31.03 -49.76 26.62
C ARG C 94 29.91 -49.30 25.71
N PHE C 95 29.55 -50.13 24.74
CA PHE C 95 28.44 -49.83 23.86
C PHE C 95 27.82 -51.14 23.39
N THR C 96 26.54 -51.07 23.09
CA THR C 96 25.82 -52.23 22.59
C THR C 96 25.59 -52.09 21.10
N LEU C 97 25.98 -53.12 20.36
CA LEU C 97 25.90 -53.14 18.91
C LEU C 97 24.88 -54.18 18.50
N ARG C 98 23.77 -53.72 17.93
CA ARG C 98 22.83 -54.59 17.24
C ARG C 98 23.32 -54.76 15.82
N VAL C 99 23.20 -55.97 15.27
CA VAL C 99 23.31 -56.15 13.82
C VAL C 99 21.94 -56.61 13.33
N LEU C 100 21.58 -56.16 12.13
CA LEU C 100 20.20 -56.28 11.68
C LEU C 100 19.99 -57.42 10.69
N GLY C 101 20.70 -57.39 9.57
CA GLY C 101 20.47 -58.41 8.58
C GLY C 101 19.47 -57.98 7.52
N GLY C 102 19.60 -58.56 6.33
CA GLY C 102 18.78 -58.14 5.21
C GLY C 102 19.22 -56.80 4.69
N ALA C 103 20.53 -56.64 4.47
CA ALA C 103 21.11 -55.35 4.14
C ALA C 103 20.79 -54.91 2.72
N GLY C 104 20.46 -55.83 1.83
CA GLY C 104 20.14 -55.49 0.47
C GLY C 104 18.71 -55.06 0.22
N THR C 105 17.91 -54.91 1.28
CA THR C 105 16.52 -54.51 1.13
C THR C 105 16.39 -53.03 1.45
N PRO C 106 16.15 -52.18 0.48
CA PRO C 106 16.03 -50.75 0.77
C PRO C 106 14.71 -50.41 1.44
N SER C 107 14.73 -49.36 2.26
CA SER C 107 13.54 -48.92 2.97
C SER C 107 12.66 -47.99 2.17
N ALA C 108 13.16 -47.44 1.06
CA ALA C 108 12.37 -46.53 0.23
C ALA C 108 12.87 -46.61 -1.20
N CYS C 109 11.93 -46.58 -2.15
CA CYS C 109 12.26 -46.57 -3.58
C CYS C 109 11.25 -45.66 -4.28
N ASN C 110 11.22 -45.73 -5.61
CA ASN C 110 10.11 -45.18 -6.40
C ASN C 110 9.61 -46.11 -7.48
N ASP C 111 10.38 -47.08 -7.96
CA ASP C 111 9.92 -48.07 -8.91
C ASP C 111 10.22 -49.46 -8.38
N ALA C 112 9.35 -50.40 -8.71
CA ALA C 112 9.53 -51.77 -8.22
C ALA C 112 10.63 -52.51 -8.98
N ALA C 113 10.87 -52.12 -10.24
CA ALA C 113 11.84 -52.84 -11.07
C ALA C 113 13.26 -52.63 -10.57
N TYR C 114 13.57 -51.42 -10.09
CA TYR C 114 14.91 -51.16 -9.58
C TYR C 114 15.14 -51.88 -8.26
N ARG C 115 14.10 -51.97 -7.42
CA ARG C 115 14.23 -52.73 -6.18
C ARG C 115 14.39 -54.22 -6.46
N ASP C 116 13.69 -54.73 -7.47
CA ASP C 116 13.83 -56.14 -7.85
C ASP C 116 15.23 -56.42 -8.40
N LYS C 117 15.77 -55.49 -9.20
CA LYS C 117 17.10 -55.69 -9.76
C LYS C 117 18.18 -55.57 -8.67
N LEU C 118 17.99 -54.66 -7.72
CA LEU C 118 18.94 -54.53 -6.61
C LEU C 118 18.90 -55.75 -5.70
N LEU C 119 17.70 -56.27 -5.42
CA LEU C 119 17.57 -57.48 -4.62
C LEU C 119 18.18 -58.68 -5.34
N GLN C 120 18.04 -58.74 -6.67
CA GLN C 120 18.66 -59.81 -7.44
C GLN C 120 20.18 -59.71 -7.42
N THR C 121 20.73 -58.50 -7.47
CA THR C 121 22.18 -58.36 -7.47
C THR C 121 22.78 -58.69 -6.10
N VAL C 122 22.15 -58.25 -5.01
CA VAL C 122 22.65 -58.63 -3.69
C VAL C 122 22.42 -60.11 -3.40
N ALA C 123 21.33 -60.68 -3.95
CA ALA C 123 21.07 -62.10 -3.77
C ALA C 123 22.08 -62.96 -4.53
N THR C 124 22.43 -62.58 -5.76
CA THR C 124 23.48 -63.32 -6.45
C THR C 124 24.86 -63.01 -5.89
N TYR C 125 25.03 -61.88 -5.20
CA TYR C 125 26.26 -61.63 -4.46
C TYR C 125 26.42 -62.65 -3.35
N VAL C 126 25.40 -62.79 -2.49
CA VAL C 126 25.51 -63.71 -1.37
C VAL C 126 25.40 -65.16 -1.81
N ASN C 127 24.86 -65.43 -2.99
CA ASN C 127 24.85 -66.78 -3.52
C ASN C 127 26.16 -67.15 -4.18
N ASP C 128 26.91 -66.17 -4.70
CA ASP C 128 28.28 -66.45 -5.12
C ASP C 128 29.20 -66.63 -3.91
N GLN C 129 29.19 -65.66 -2.99
CA GLN C 129 29.86 -65.82 -1.70
C GLN C 129 29.15 -64.99 -0.65
N GLY C 130 28.84 -65.61 0.47
CA GLY C 130 28.13 -64.92 1.53
C GLY C 130 29.03 -63.92 2.27
N PHE C 131 28.50 -63.44 3.39
CA PHE C 131 29.22 -62.48 4.22
C PHE C 131 30.32 -63.21 4.97
N ALA C 132 31.41 -63.47 4.26
CA ALA C 132 32.58 -64.13 4.83
C ALA C 132 33.79 -63.23 4.88
N GLU C 133 33.97 -62.34 3.92
CA GLU C 133 35.06 -61.38 3.97
C GLU C 133 34.67 -60.15 4.78
N LEU C 134 33.46 -59.64 4.53
CA LEU C 134 32.99 -58.45 5.24
C LEU C 134 32.77 -58.73 6.72
N ALA C 135 32.22 -59.90 7.05
CA ALA C 135 32.03 -60.25 8.45
C ALA C 135 33.36 -60.48 9.15
N ARG C 136 34.36 -60.99 8.41
CA ARG C 136 35.69 -61.16 8.99
C ARG C 136 36.35 -59.81 9.25
N ARG C 137 36.16 -58.85 8.35
CA ARG C 137 36.74 -57.54 8.57
C ARG C 137 36.00 -56.74 9.64
N TYR C 138 34.69 -56.95 9.78
CA TYR C 138 33.96 -56.33 10.89
C TYR C 138 34.37 -56.96 12.22
N ALA C 139 34.60 -58.28 12.24
CA ALA C 139 35.13 -58.92 13.44
C ALA C 139 36.55 -58.47 13.74
N HIS C 140 37.31 -58.10 12.71
CA HIS C 140 38.63 -57.51 12.94
C HIS C 140 38.50 -56.13 13.57
N ASN C 141 37.64 -55.28 13.00
CA ASN C 141 37.47 -53.92 13.51
C ASN C 141 36.80 -53.89 14.88
N LEU C 142 36.11 -54.95 15.26
CA LEU C 142 35.70 -55.12 16.65
C LEU C 142 36.77 -55.78 17.51
N ALA C 143 37.70 -56.51 16.90
CA ALA C 143 38.75 -57.17 17.65
C ALA C 143 39.82 -56.17 18.08
N ASN C 144 40.46 -55.51 17.12
CA ASN C 144 41.28 -54.36 17.45
C ASN C 144 40.37 -53.18 17.74
N ALA C 145 40.62 -52.51 18.85
CA ALA C 145 39.72 -51.46 19.34
C ALA C 145 39.95 -50.18 18.54
N ARG C 146 39.44 -50.18 17.32
CA ARG C 146 39.50 -48.97 16.51
C ARG C 146 38.40 -47.99 16.87
N PHE C 147 37.33 -48.44 17.54
CA PHE C 147 36.34 -47.53 18.09
C PHE C 147 36.90 -46.66 19.21
N LEU C 148 37.98 -47.10 19.84
CA LEU C 148 38.87 -46.18 20.54
C LEU C 148 39.57 -45.35 19.47
N TRP C 149 39.10 -44.13 19.24
CA TRP C 149 39.62 -43.36 18.12
C TRP C 149 41.00 -42.79 18.42
N ARG C 150 41.07 -41.90 19.41
CA ARG C 150 42.33 -41.29 19.82
C ARG C 150 42.90 -41.94 21.07
N ASN C 151 42.06 -42.64 21.84
CA ASN C 151 42.52 -43.29 23.06
C ASN C 151 43.33 -44.54 22.79
N ARG C 152 43.24 -45.10 21.57
CA ARG C 152 43.97 -46.32 21.24
C ARG C 152 45.44 -46.06 20.97
N VAL C 153 45.77 -44.91 20.38
CA VAL C 153 47.10 -44.68 19.83
C VAL C 153 48.16 -44.47 20.90
N GLY C 154 47.77 -44.26 22.15
CA GLY C 154 48.74 -44.11 23.22
C GLY C 154 48.49 -45.08 24.36
N ALA C 155 47.96 -46.24 24.03
CA ALA C 155 47.53 -47.22 25.02
C ALA C 155 48.58 -48.31 25.17
N GLU C 156 48.86 -48.70 26.41
CA GLU C 156 49.85 -49.74 26.66
C GLU C 156 49.30 -51.12 26.33
N ALA C 157 48.05 -51.38 26.70
CA ALA C 157 47.41 -52.66 26.44
C ALA C 157 45.91 -52.46 26.40
N VAL C 158 45.28 -52.98 25.34
CA VAL C 158 43.83 -52.90 25.17
C VAL C 158 43.27 -54.32 25.13
N GLU C 159 42.18 -54.54 25.85
CA GLU C 159 41.44 -55.80 25.80
C GLU C 159 39.98 -55.50 25.48
N VAL C 160 39.45 -56.17 24.47
CA VAL C 160 38.06 -56.01 24.08
C VAL C 160 37.29 -57.24 24.53
N ARG C 161 36.15 -57.04 25.18
CA ARG C 161 35.27 -58.11 25.59
C ARG C 161 33.95 -57.93 24.86
N ILE C 162 33.53 -58.96 24.13
CA ILE C 162 32.29 -58.95 23.38
C ILE C 162 31.42 -60.06 23.90
N ASN C 163 30.27 -59.71 24.45
CA ASN C 163 29.30 -60.67 24.96
C ASN C 163 28.09 -60.69 24.06
N HIS C 164 27.76 -61.87 23.52
CA HIS C 164 26.56 -62.02 22.70
C HIS C 164 25.38 -62.26 23.62
N ILE C 165 24.51 -61.27 23.75
CA ILE C 165 23.41 -61.33 24.71
C ILE C 165 22.25 -62.08 24.07
N ARG C 166 22.02 -63.31 24.52
CA ARG C 166 21.04 -64.17 23.87
C ARG C 166 19.61 -63.82 24.25
N GLN C 167 19.31 -63.85 25.55
CA GLN C 167 18.02 -63.37 26.04
C GLN C 167 18.18 -62.16 26.94
N GLY C 168 18.93 -62.29 28.04
CA GLY C 168 19.36 -61.15 28.82
C GLY C 168 20.70 -61.45 29.45
N GLU C 169 21.27 -62.60 29.11
CA GLU C 169 22.47 -63.11 29.73
C GLU C 169 23.54 -63.36 28.68
N VAL C 170 24.72 -63.75 29.15
CA VAL C 170 25.86 -64.00 28.27
C VAL C 170 25.74 -65.39 27.68
N ALA C 171 25.71 -65.47 26.35
CA ALA C 171 25.73 -66.75 25.65
C ALA C 171 27.15 -67.14 25.23
N ARG C 172 27.82 -66.26 24.49
CA ARG C 172 29.20 -66.48 24.08
C ARG C 172 30.00 -65.22 24.37
N ALA C 173 31.12 -65.38 25.06
CA ALA C 173 31.96 -64.25 25.47
C ALA C 173 33.32 -64.39 24.82
N TRP C 174 33.84 -63.29 24.30
CA TRP C 174 35.17 -63.24 23.72
C TRP C 174 36.09 -62.36 24.54
N ARG C 175 37.39 -62.52 24.30
CA ARG C 175 38.41 -61.75 25.01
C ARG C 175 39.56 -61.54 24.02
N PHE C 176 39.56 -60.39 23.36
CA PHE C 176 40.46 -60.12 22.25
C PHE C 176 41.58 -59.18 22.68
N ASP C 177 42.81 -59.57 22.35
CA ASP C 177 43.96 -58.68 22.40
C ASP C 177 43.85 -57.72 21.23
N ALA C 178 43.56 -56.46 21.53
CA ALA C 178 43.30 -55.49 20.47
C ALA C 178 44.60 -54.97 19.84
N LEU C 179 45.69 -54.98 20.59
CA LEU C 179 46.95 -54.48 20.05
C LEU C 179 47.71 -55.55 19.27
N ALA C 180 47.53 -56.82 19.64
CA ALA C 180 48.19 -57.90 18.90
C ALA C 180 47.56 -58.08 17.53
N ILE C 181 46.27 -57.84 17.40
CA ILE C 181 45.61 -57.85 16.11
C ILE C 181 45.78 -56.49 15.45
N GLY C 182 46.35 -56.48 14.25
CA GLY C 182 46.77 -55.23 13.63
C GLY C 182 45.62 -54.38 13.14
N LEU C 183 45.97 -53.17 12.73
CA LEU C 183 45.01 -52.23 12.18
C LEU C 183 44.98 -52.26 10.66
N ARG C 184 46.06 -52.68 10.01
CA ARG C 184 46.15 -52.70 8.57
C ARG C 184 46.35 -54.10 7.98
N ASP C 185 46.55 -55.11 8.81
CA ASP C 185 46.63 -56.50 8.36
C ASP C 185 45.53 -57.30 9.04
N PHE C 186 44.92 -58.22 8.30
CA PHE C 186 43.81 -59.03 8.80
C PHE C 186 44.31 -60.45 9.00
N LYS C 187 44.38 -60.87 10.26
CA LYS C 187 44.94 -62.15 10.66
C LYS C 187 43.97 -63.29 10.38
N ALA C 188 44.32 -64.48 10.85
CA ALA C 188 43.41 -65.62 10.92
C ALA C 188 43.50 -66.22 12.31
N ASP C 189 42.33 -66.50 12.90
CA ASP C 189 42.26 -66.98 14.27
C ASP C 189 40.99 -67.79 14.41
N ALA C 190 40.95 -68.63 15.46
CA ALA C 190 39.75 -69.44 15.70
C ALA C 190 38.64 -68.61 16.32
N GLU C 191 38.94 -67.87 17.39
CA GLU C 191 37.95 -67.05 18.08
C GLU C 191 37.48 -65.89 17.21
N LEU C 192 38.39 -65.31 16.43
CA LEU C 192 38.00 -64.21 15.56
C LEU C 192 37.14 -64.70 14.40
N ASP C 193 37.41 -65.89 13.88
CA ASP C 193 36.54 -66.43 12.84
C ASP C 193 35.22 -66.89 13.44
N ALA C 194 35.19 -67.26 14.72
CA ALA C 194 33.92 -67.55 15.38
C ALA C 194 33.07 -66.30 15.52
N LEU C 195 33.70 -65.18 15.91
CA LEU C 195 33.00 -63.90 15.95
C LEU C 195 32.57 -63.46 14.56
N ALA C 196 33.39 -63.75 13.55
CA ALA C 196 33.03 -63.46 12.17
C ALA C 196 31.83 -64.28 11.73
N GLU C 197 31.78 -65.55 12.15
CA GLU C 197 30.63 -66.40 11.82
C GLU C 197 29.37 -65.95 12.54
N LEU C 198 29.51 -65.43 13.76
CA LEU C 198 28.33 -64.95 14.48
C LEU C 198 27.81 -63.66 13.88
N ILE C 199 28.71 -62.74 13.48
CA ILE C 199 28.28 -61.53 12.80
C ILE C 199 27.74 -61.86 11.40
N ALA C 200 28.27 -62.91 10.77
CA ALA C 200 27.74 -63.35 9.48
C ALA C 200 26.34 -63.93 9.62
N SER C 201 26.10 -64.70 10.68
CA SER C 201 24.78 -65.26 10.93
C SER C 201 23.77 -64.16 11.25
N GLY C 202 24.22 -63.12 11.94
CA GLY C 202 23.35 -61.98 12.18
C GLY C 202 23.11 -61.14 10.94
N LEU C 203 24.09 -61.07 10.05
CA LEU C 203 23.96 -60.25 8.84
C LEU C 203 23.17 -60.94 7.75
N SER C 204 23.16 -62.28 7.74
CA SER C 204 22.34 -62.98 6.77
C SER C 204 20.88 -63.00 7.18
N GLY C 205 20.61 -62.91 8.48
CA GLY C 205 19.26 -62.95 9.01
C GLY C 205 18.90 -64.22 9.74
N SER C 206 19.85 -65.13 9.95
CA SER C 206 19.57 -66.41 10.60
C SER C 206 19.49 -66.31 12.12
N GLY C 207 19.79 -65.15 12.69
CA GLY C 207 19.70 -65.00 14.13
C GLY C 207 19.78 -63.54 14.52
N HIS C 208 19.19 -63.23 15.67
CA HIS C 208 19.29 -61.90 16.25
C HIS C 208 20.61 -61.80 16.99
N VAL C 209 21.40 -60.78 16.66
CA VAL C 209 22.71 -60.59 17.25
C VAL C 209 22.77 -59.21 17.91
N LEU C 210 22.93 -59.20 19.23
CA LEU C 210 23.23 -58.01 19.99
C LEU C 210 24.45 -58.30 20.83
N LEU C 211 25.43 -57.40 20.77
CA LEU C 211 26.73 -57.59 21.38
C LEU C 211 27.03 -56.44 22.33
N GLU C 212 27.26 -56.76 23.59
CA GLU C 212 27.82 -55.80 24.53
C GLU C 212 29.34 -55.79 24.31
N VAL C 213 29.85 -54.67 23.81
CA VAL C 213 31.26 -54.51 23.50
C VAL C 213 31.85 -53.55 24.53
N VAL C 214 32.78 -54.04 25.33
CA VAL C 214 33.39 -53.26 26.40
C VAL C 214 34.91 -53.35 26.27
N ALA C 215 35.56 -52.20 26.15
CA ALA C 215 36.99 -52.13 25.86
C ALA C 215 37.71 -51.50 27.04
N PHE C 216 38.72 -52.20 27.54
CA PHE C 216 39.57 -51.72 28.63
C PHE C 216 40.91 -51.32 28.03
N ALA C 217 41.24 -50.03 28.14
CA ALA C 217 42.47 -49.48 27.59
C ALA C 217 43.32 -48.92 28.73
N ARG C 218 44.54 -49.45 28.86
CA ARG C 218 45.49 -48.90 29.82
C ARG C 218 46.07 -47.60 29.25
N ILE C 219 45.64 -46.46 29.80
CA ILE C 219 46.14 -45.17 29.36
C ILE C 219 47.04 -44.54 30.41
N GLY C 220 46.67 -44.61 31.68
CA GLY C 220 47.53 -44.09 32.73
C GLY C 220 46.78 -43.34 33.81
N ASP C 221 47.47 -43.04 34.91
CA ASP C 221 46.86 -42.36 36.04
C ASP C 221 46.61 -40.90 35.70
N GLY C 222 45.34 -40.51 35.66
CA GLY C 222 45.01 -39.12 35.39
C GLY C 222 45.25 -38.67 33.98
N GLN C 223 45.28 -39.59 33.02
CA GLN C 223 45.49 -39.22 31.63
C GLN C 223 44.21 -38.65 31.04
N GLU C 224 44.29 -38.20 29.79
CA GLU C 224 43.18 -37.54 29.13
C GLU C 224 42.51 -38.49 28.15
N VAL C 225 41.20 -38.56 28.19
CA VAL C 225 40.43 -39.30 27.22
C VAL C 225 39.95 -38.34 26.14
N PHE C 226 39.51 -38.88 25.01
CA PHE C 226 39.11 -38.07 23.87
C PHE C 226 37.71 -38.50 23.44
N PRO C 227 36.67 -37.97 24.08
CA PRO C 227 35.31 -38.20 23.60
C PRO C 227 35.03 -37.35 22.37
N SER C 228 33.87 -37.60 21.77
CA SER C 228 33.48 -36.86 20.58
C SER C 228 33.13 -35.43 20.96
N GLN C 229 33.66 -34.48 20.20
CA GLN C 229 33.42 -33.06 20.47
C GLN C 229 32.17 -32.61 19.75
N GLU C 230 31.38 -31.76 20.41
CA GLU C 230 30.12 -31.28 19.86
C GLU C 230 30.39 -30.07 18.97
N LEU C 231 29.33 -29.36 18.60
CA LEU C 231 29.43 -28.10 17.87
C LEU C 231 30.10 -27.01 18.71
N LYS C 244 35.06 -25.31 22.54
CA LYS C 244 35.24 -26.76 22.61
C LYS C 244 34.39 -27.36 23.72
N THR C 245 33.32 -28.04 23.35
CA THR C 245 32.41 -28.68 24.30
C THR C 245 32.32 -30.16 23.98
N LEU C 246 32.75 -31.00 24.91
CA LEU C 246 32.68 -32.43 24.72
C LEU C 246 31.27 -32.94 24.96
N TYR C 247 30.96 -34.07 24.34
CA TYR C 247 29.61 -34.62 24.36
C TYR C 247 29.39 -35.47 25.61
N SER C 248 28.23 -35.30 26.23
CA SER C 248 27.88 -36.06 27.43
C SER C 248 26.39 -36.37 27.38
N VAL C 249 25.99 -37.38 28.16
CA VAL C 249 24.59 -37.81 28.23
C VAL C 249 23.94 -37.46 29.58
N ARG C 250 24.41 -38.09 30.67
CA ARG C 250 23.93 -37.79 32.03
C ARG C 250 25.16 -37.73 32.93
N ASP C 251 25.79 -36.56 32.99
CA ASP C 251 27.04 -36.31 33.74
C ASP C 251 28.11 -37.35 33.43
N ALA C 252 28.23 -37.75 32.16
CA ALA C 252 29.11 -38.83 31.75
C ALA C 252 29.60 -38.58 30.33
N ALA C 253 30.91 -38.44 30.17
CA ALA C 253 31.48 -38.21 28.85
C ALA C 253 31.36 -39.47 28.00
N ALA C 254 31.02 -39.28 26.72
CA ALA C 254 30.77 -40.42 25.85
C ALA C 254 31.19 -40.07 24.44
N ILE C 255 31.40 -41.11 23.64
CA ILE C 255 31.67 -41.00 22.22
C ILE C 255 30.34 -41.11 21.49
N HIS C 256 30.20 -40.39 20.38
CA HIS C 256 28.98 -40.43 19.58
C HIS C 256 28.78 -41.82 18.98
N SER C 257 27.53 -42.10 18.61
CA SER C 257 27.23 -43.38 17.97
C SER C 257 27.78 -43.42 16.56
N GLN C 258 27.75 -42.30 15.86
CA GLN C 258 28.24 -42.27 14.49
C GLN C 258 29.76 -42.34 14.41
N LYS C 259 30.48 -41.96 15.47
CA LYS C 259 31.93 -42.11 15.46
C LYS C 259 32.33 -43.58 15.64
N ILE C 260 31.61 -44.29 16.50
CA ILE C 260 31.83 -45.73 16.64
C ILE C 260 31.41 -46.46 15.39
N GLY C 261 30.32 -46.02 14.75
CA GLY C 261 29.92 -46.61 13.49
C GLY C 261 30.86 -46.30 12.34
N ASN C 262 31.56 -45.17 12.42
CA ASN C 262 32.59 -44.86 11.44
C ASN C 262 33.85 -45.66 11.68
N ALA C 263 34.13 -46.02 12.93
CA ALA C 263 35.40 -46.67 13.23
C ALA C 263 35.40 -48.15 12.90
N LEU C 264 34.29 -48.86 13.14
CA LEU C 264 34.23 -50.27 12.78
C LEU C 264 33.89 -50.49 11.32
N ARG C 265 33.79 -49.42 10.53
CA ARG C 265 33.47 -49.50 9.11
C ARG C 265 34.69 -49.33 8.23
N THR C 266 35.87 -49.07 8.81
CA THR C 266 37.10 -48.89 8.05
C THR C 266 37.58 -50.25 7.57
N ILE C 267 37.07 -50.68 6.42
CA ILE C 267 37.40 -52.00 5.90
C ILE C 267 37.81 -51.90 4.43
N ASP C 268 37.71 -50.70 3.85
CA ASP C 268 37.93 -50.52 2.42
C ASP C 268 39.43 -50.58 2.12
N THR C 269 39.86 -51.67 1.49
CA THR C 269 41.25 -51.82 1.06
C THR C 269 41.37 -52.04 -0.44
N TRP C 270 40.32 -51.80 -1.21
CA TRP C 270 40.30 -52.07 -2.64
C TRP C 270 40.02 -50.77 -3.38
N TYR C 271 41.07 -49.99 -3.61
CA TYR C 271 40.93 -48.65 -4.17
C TYR C 271 42.29 -48.26 -4.75
N PRO C 272 42.35 -47.34 -5.75
CA PRO C 272 43.57 -47.23 -6.56
C PRO C 272 44.72 -46.46 -5.94
N ASP C 273 44.71 -46.29 -4.62
CA ASP C 273 45.78 -45.61 -3.90
C ASP C 273 47.10 -46.36 -4.01
N GLU C 274 48.19 -45.64 -3.78
CA GLU C 274 49.47 -46.28 -3.54
C GLU C 274 49.44 -47.04 -2.22
N ASP C 275 50.17 -48.14 -2.16
CA ASP C 275 50.14 -49.00 -0.98
C ASP C 275 50.85 -48.32 0.18
N GLY C 276 50.15 -48.16 1.30
CA GLY C 276 50.67 -47.44 2.44
C GLY C 276 49.61 -46.67 3.19
N LEU C 277 48.47 -46.39 2.54
CA LEU C 277 47.34 -45.79 3.24
C LEU C 277 46.71 -46.79 4.20
N GLY C 278 46.21 -47.89 3.66
CA GLY C 278 45.54 -48.89 4.45
C GLY C 278 44.04 -48.81 4.34
N PRO C 279 43.32 -49.36 5.32
CA PRO C 279 41.86 -49.37 5.24
C PRO C 279 41.26 -48.02 5.59
N ILE C 280 40.29 -47.61 4.78
CA ILE C 280 39.50 -46.41 5.04
C ILE C 280 38.05 -46.83 5.22
N ALA C 281 37.24 -45.90 5.71
CA ALA C 281 35.82 -46.17 5.90
C ALA C 281 35.10 -46.10 4.56
N VAL C 282 34.01 -46.87 4.45
CA VAL C 282 33.30 -47.02 3.18
C VAL C 282 32.27 -45.90 3.07
N GLU C 283 32.72 -44.75 2.58
CA GLU C 283 31.76 -43.76 2.15
C GLU C 283 31.68 -43.76 0.64
N PRO C 284 30.53 -43.43 0.06
CA PRO C 284 30.49 -43.15 -1.38
C PRO C 284 31.30 -41.91 -1.66
N TYR C 285 32.08 -41.95 -2.74
CA TYR C 285 33.18 -41.02 -3.02
C TYR C 285 34.12 -40.96 -1.82
N GLY C 286 34.85 -42.08 -1.63
CA GLY C 286 35.49 -42.40 -0.36
C GLY C 286 36.45 -41.37 0.17
N SER C 287 35.98 -40.61 1.15
CA SER C 287 36.56 -39.33 1.49
C SER C 287 37.29 -39.39 2.82
N VAL C 288 38.32 -38.55 2.93
CA VAL C 288 38.92 -38.21 4.22
C VAL C 288 38.93 -36.69 4.30
N THR C 289 37.88 -36.14 4.91
CA THR C 289 37.69 -34.69 4.93
C THR C 289 38.66 -33.99 5.88
N SER C 290 39.18 -34.72 6.88
CA SER C 290 40.22 -34.15 7.71
C SER C 290 41.53 -34.03 6.94
N GLN C 291 41.78 -34.97 6.02
CA GLN C 291 42.96 -34.89 5.17
C GLN C 291 42.71 -34.08 3.91
N GLY C 292 41.46 -33.74 3.62
CA GLY C 292 41.16 -32.95 2.44
C GLY C 292 41.28 -33.69 1.13
N LYS C 293 41.36 -35.01 1.15
CA LYS C 293 41.46 -35.81 -0.05
C LYS C 293 40.21 -36.67 -0.21
N ALA C 294 39.97 -37.10 -1.45
CA ALA C 294 38.78 -37.88 -1.78
C ALA C 294 39.19 -39.00 -2.73
N TYR C 295 39.48 -40.17 -2.16
CA TYR C 295 39.73 -41.34 -2.97
C TYR C 295 38.42 -41.82 -3.59
N ARG C 296 38.56 -42.56 -4.71
CA ARG C 296 37.46 -42.95 -5.59
C ARG C 296 36.62 -41.74 -6.00
N GLN C 297 37.30 -40.69 -6.43
CA GLN C 297 36.61 -39.55 -7.00
C GLN C 297 36.03 -39.95 -8.36
N PRO C 298 34.89 -39.40 -8.76
CA PRO C 298 34.13 -39.97 -9.88
C PRO C 298 34.76 -39.85 -11.26
N LYS C 299 35.90 -39.18 -11.41
CA LYS C 299 36.60 -39.25 -12.68
C LYS C 299 37.27 -40.62 -12.86
N GLN C 300 37.81 -41.19 -11.78
CA GLN C 300 38.13 -42.61 -11.77
C GLN C 300 36.86 -43.40 -11.57
N LYS C 301 36.75 -44.53 -12.25
CA LYS C 301 35.51 -45.33 -12.21
C LYS C 301 35.57 -46.38 -11.12
N LEU C 302 35.74 -45.91 -9.88
CA LEU C 302 35.77 -46.82 -8.74
C LEU C 302 34.99 -46.26 -7.54
N ASP C 303 34.10 -45.30 -7.77
CA ASP C 303 33.26 -44.80 -6.69
C ASP C 303 32.10 -45.77 -6.44
N PHE C 304 31.27 -45.44 -5.45
CA PHE C 304 30.15 -46.30 -5.12
C PHE C 304 29.05 -46.22 -6.17
N TYR C 305 28.82 -45.02 -6.72
CA TYR C 305 27.67 -44.85 -7.60
C TYR C 305 27.91 -45.44 -8.99
N THR C 306 29.11 -45.27 -9.55
CA THR C 306 29.39 -45.87 -10.85
C THR C 306 29.48 -47.39 -10.76
N LEU C 307 30.08 -47.90 -9.67
CA LEU C 307 30.11 -49.35 -9.46
C LEU C 307 28.73 -49.92 -9.19
N LEU C 308 27.85 -49.14 -8.57
CA LEU C 308 26.49 -49.63 -8.34
C LEU C 308 25.68 -49.62 -9.62
N ASP C 309 25.72 -48.52 -10.38
CA ASP C 309 24.98 -48.44 -11.63
C ASP C 309 25.61 -49.24 -12.77
N ASN C 310 26.80 -49.78 -12.58
CA ASN C 310 27.31 -50.80 -13.49
C ASN C 310 27.04 -52.21 -13.00
N TRP C 311 27.09 -52.45 -11.69
CA TRP C 311 26.89 -53.75 -11.09
C TRP C 311 25.42 -54.15 -10.99
N VAL C 312 24.51 -53.21 -11.22
CA VAL C 312 23.07 -53.46 -11.17
C VAL C 312 22.40 -53.25 -12.53
N LEU C 313 22.59 -52.06 -13.11
CA LEU C 313 21.85 -51.71 -14.32
C LEU C 313 22.41 -52.38 -15.57
N ARG C 314 23.69 -52.75 -15.57
CA ARG C 314 24.25 -53.41 -16.75
C ARG C 314 25.20 -54.55 -16.38
N ASP C 315 25.18 -55.00 -15.13
CA ASP C 315 25.87 -56.21 -14.64
C ASP C 315 27.39 -56.14 -14.85
N GLU C 316 28.03 -55.19 -14.17
CA GLU C 316 29.46 -54.96 -14.37
C GLU C 316 30.11 -54.61 -13.05
N ALA C 317 30.88 -55.56 -12.50
CA ALA C 317 31.79 -55.34 -11.39
C ALA C 317 32.79 -56.49 -11.38
N PRO C 318 34.00 -56.27 -10.82
CA PRO C 318 34.96 -57.39 -10.73
C PRO C 318 34.58 -58.47 -9.73
N ALA C 319 35.48 -59.42 -9.50
CA ALA C 319 35.12 -60.69 -8.87
C ALA C 319 34.80 -60.54 -7.39
N VAL C 320 35.73 -60.01 -6.61
CA VAL C 320 35.66 -60.05 -5.16
C VAL C 320 35.69 -58.66 -4.54
N GLU C 321 36.54 -57.77 -5.06
CA GLU C 321 36.92 -56.56 -4.34
C GLU C 321 35.81 -55.50 -4.35
N GLN C 322 35.44 -55.01 -5.52
CA GLN C 322 34.49 -53.91 -5.58
C GLN C 322 33.08 -54.34 -5.24
N GLN C 323 32.76 -55.63 -5.38
CA GLN C 323 31.49 -56.14 -4.86
C GLN C 323 31.44 -56.04 -3.35
N HIS C 324 32.55 -56.38 -2.67
CA HIS C 324 32.60 -56.23 -1.22
C HIS C 324 32.52 -54.77 -0.81
N TYR C 325 33.13 -53.87 -1.61
CA TYR C 325 33.04 -52.44 -1.31
C TYR C 325 31.60 -51.92 -1.43
N VAL C 326 30.91 -52.27 -2.52
CA VAL C 326 29.55 -51.75 -2.71
C VAL C 326 28.57 -52.39 -1.74
N ILE C 327 28.79 -53.64 -1.34
CA ILE C 327 27.92 -54.27 -0.35
C ILE C 327 28.15 -53.69 1.04
N ALA C 328 29.40 -53.41 1.40
CA ALA C 328 29.65 -52.73 2.67
C ALA C 328 29.12 -51.31 2.68
N ASN C 329 29.12 -50.65 1.52
CA ASN C 329 28.58 -49.29 1.47
C ASN C 329 27.07 -49.29 1.63
N LEU C 330 26.37 -50.28 1.06
CA LEU C 330 24.94 -50.36 1.35
C LEU C 330 24.63 -50.97 2.71
N ILE C 331 25.61 -51.65 3.34
CA ILE C 331 25.48 -52.03 4.74
C ILE C 331 25.50 -50.77 5.62
N ARG C 332 26.35 -49.80 5.26
CA ARG C 332 26.36 -48.51 5.96
C ARG C 332 25.03 -47.78 5.81
N GLY C 333 24.49 -47.74 4.60
CA GLY C 333 23.24 -47.06 4.33
C GLY C 333 23.45 -45.64 3.86
N GLY C 334 22.41 -45.07 3.28
CA GLY C 334 22.49 -43.71 2.80
C GLY C 334 21.30 -43.32 1.96
N VAL C 335 21.45 -42.16 1.32
CA VAL C 335 20.43 -41.52 0.49
C VAL C 335 20.97 -41.44 -0.93
N PHE C 336 20.34 -42.15 -1.84
CA PHE C 336 20.76 -42.18 -3.23
C PHE C 336 19.57 -41.86 -4.12
N GLY C 337 19.83 -41.58 -5.40
CA GLY C 337 18.70 -41.34 -6.27
C GLY C 337 19.11 -40.60 -7.54
N GLU C 338 18.21 -39.73 -7.99
CA GLU C 338 18.39 -38.97 -9.21
C GLU C 338 19.47 -37.91 -9.06
N LEU D 6 -30.01 -42.27 -10.44
CA LEU D 6 -29.30 -42.16 -9.18
C LEU D 6 -27.85 -41.77 -9.42
N SER D 7 -27.35 -40.84 -8.60
CA SER D 7 -25.97 -40.37 -8.69
C SER D 7 -25.33 -40.47 -7.31
N THR D 8 -24.07 -40.06 -7.23
CA THR D 8 -23.37 -40.00 -5.97
C THR D 8 -23.44 -38.58 -5.39
N ALA D 9 -23.21 -38.49 -4.08
CA ALA D 9 -23.31 -37.23 -3.37
C ALA D 9 -22.07 -36.39 -3.60
N SER D 10 -22.26 -35.07 -3.73
CA SER D 10 -21.16 -34.16 -3.96
C SER D 10 -20.28 -34.06 -2.72
N VAL D 11 -20.84 -33.54 -1.63
CA VAL D 11 -20.15 -33.50 -0.34
C VAL D 11 -20.49 -34.78 0.40
N LEU D 12 -19.47 -35.61 0.64
CA LEU D 12 -19.67 -36.86 1.38
C LEU D 12 -18.46 -37.09 2.25
N ALA D 13 -18.68 -37.16 3.56
CA ALA D 13 -17.61 -37.25 4.52
C ALA D 13 -17.79 -38.49 5.39
N PHE D 14 -16.68 -38.95 5.97
CA PHE D 14 -16.70 -40.12 6.85
C PHE D 14 -15.71 -39.89 7.98
N GLU D 15 -16.23 -39.81 9.20
CA GLU D 15 -15.37 -39.57 10.35
C GLU D 15 -14.62 -40.84 10.73
N ARG D 16 -13.47 -40.64 11.35
CA ARG D 16 -12.54 -41.73 11.63
C ARG D 16 -13.04 -42.59 12.78
N LYS D 17 -13.15 -43.89 12.54
CA LYS D 17 -13.30 -44.87 13.60
C LYS D 17 -11.92 -45.43 13.93
N LEU D 18 -11.84 -46.13 15.06
CA LEU D 18 -10.58 -46.60 15.67
C LEU D 18 -9.62 -45.43 15.87
N ASP D 19 -10.00 -44.51 16.73
CA ASP D 19 -9.20 -43.32 16.99
C ASP D 19 -8.04 -43.65 17.92
N PRO D 20 -6.79 -43.51 17.48
CA PRO D 20 -5.67 -43.72 18.39
C PRO D 20 -5.20 -42.41 19.03
N SER D 21 -4.63 -42.55 20.21
CA SER D 21 -3.93 -41.42 20.79
C SER D 21 -2.51 -41.35 20.24
N ASP D 22 -1.80 -40.30 20.60
CA ASP D 22 -0.37 -40.30 20.37
C ASP D 22 0.27 -41.32 21.30
N ALA D 23 1.28 -42.02 20.79
CA ALA D 23 2.04 -42.92 21.63
C ALA D 23 2.89 -42.13 22.61
N LEU D 24 3.29 -42.77 23.69
CA LEU D 24 4.29 -42.24 24.59
C LEU D 24 5.35 -43.31 24.80
N MET D 25 6.61 -42.91 24.71
CA MET D 25 7.72 -43.85 24.76
C MET D 25 8.50 -43.65 26.04
N SER D 26 8.57 -44.70 26.85
CA SER D 26 9.37 -44.73 28.05
C SER D 26 10.38 -45.86 27.93
N ALA D 27 11.32 -45.92 28.86
CA ALA D 27 12.36 -46.92 28.85
C ALA D 27 12.49 -47.56 30.21
N GLY D 28 12.55 -48.88 30.24
CA GLY D 28 12.76 -49.59 31.48
C GLY D 28 13.63 -50.80 31.30
N ALA D 29 13.64 -51.69 32.30
CA ALA D 29 14.33 -52.97 32.20
C ALA D 29 13.30 -54.07 32.00
N TRP D 30 13.69 -55.10 31.26
CA TRP D 30 12.81 -56.23 31.05
C TRP D 30 12.68 -57.03 32.36
N ALA D 31 11.57 -57.78 32.46
CA ALA D 31 11.10 -58.41 33.70
C ALA D 31 10.91 -57.38 34.82
N GLN D 32 10.56 -56.16 34.44
CA GLN D 32 10.04 -55.14 35.33
C GLN D 32 8.87 -54.43 34.68
N ARG D 33 8.23 -55.07 33.70
CA ARG D 33 7.14 -54.48 32.94
C ARG D 33 5.82 -54.46 33.71
N ASP D 34 5.76 -55.13 34.87
CA ASP D 34 4.55 -55.06 35.68
C ASP D 34 4.44 -53.72 36.39
N ALA D 35 5.55 -53.22 36.93
CA ALA D 35 5.58 -51.89 37.53
C ALA D 35 6.05 -50.84 36.54
N SER D 36 5.38 -50.79 35.38
CA SER D 36 5.75 -49.84 34.32
C SER D 36 4.89 -48.59 34.40
N GLN D 37 4.97 -47.92 35.56
CA GLN D 37 4.31 -46.65 35.79
C GLN D 37 5.29 -45.50 35.97
N GLU D 38 6.32 -45.71 36.78
CA GLU D 38 7.37 -44.72 36.98
C GLU D 38 8.51 -44.86 35.99
N TRP D 39 8.27 -45.47 34.83
CA TRP D 39 9.29 -45.62 33.81
C TRP D 39 9.57 -44.27 33.18
N PRO D 40 10.81 -43.79 33.21
CA PRO D 40 11.09 -42.45 32.70
C PRO D 40 10.99 -42.39 31.19
N ALA D 41 10.36 -41.33 30.69
CA ALA D 41 10.15 -41.19 29.26
C ALA D 41 11.44 -40.79 28.57
N VAL D 42 11.66 -41.33 27.38
CA VAL D 42 12.81 -40.97 26.56
C VAL D 42 12.56 -39.60 25.97
N THR D 43 13.63 -38.84 25.78
CA THR D 43 13.53 -37.45 25.37
C THR D 43 14.20 -37.24 24.01
N VAL D 44 13.53 -36.47 23.15
CA VAL D 44 14.12 -36.09 21.88
C VAL D 44 15.22 -35.07 22.17
N ARG D 45 16.47 -35.47 21.99
CA ARG D 45 17.59 -34.56 22.17
C ARG D 45 18.17 -34.18 20.82
N GLU D 46 19.05 -33.19 20.82
CA GLU D 46 19.65 -32.68 19.60
C GLU D 46 21.16 -32.86 19.67
N LYS D 47 21.73 -33.47 18.65
CA LYS D 47 23.18 -33.59 18.53
C LYS D 47 23.62 -33.01 17.20
N SER D 48 24.92 -32.74 17.10
CA SER D 48 25.53 -32.26 15.87
C SER D 48 26.41 -33.34 15.28
N VAL D 49 26.36 -33.48 13.96
CA VAL D 49 27.13 -34.48 13.24
C VAL D 49 27.93 -33.79 12.14
N ARG D 50 29.09 -34.35 11.85
CA ARG D 50 29.94 -33.89 10.75
C ARG D 50 30.04 -35.06 9.78
N GLY D 51 29.28 -34.98 8.69
CA GLY D 51 29.26 -36.05 7.70
C GLY D 51 30.24 -35.80 6.58
N THR D 52 30.08 -36.56 5.51
CA THR D 52 30.77 -36.33 4.26
C THR D 52 29.73 -36.05 3.18
N ILE D 53 30.20 -35.46 2.08
CA ILE D 53 29.31 -35.23 0.93
C ILE D 53 29.16 -36.56 0.21
N SER D 54 28.10 -37.30 0.54
CA SER D 54 27.84 -38.60 -0.04
C SER D 54 26.44 -38.57 -0.64
N ASN D 55 26.37 -38.08 -1.87
CA ASN D 55 25.13 -37.95 -2.62
C ASN D 55 25.49 -37.80 -4.10
N ARG D 56 24.46 -37.75 -4.94
CA ARG D 56 24.68 -37.54 -6.36
C ARG D 56 25.13 -36.10 -6.61
N LEU D 57 26.14 -35.95 -7.46
CA LEU D 57 26.66 -34.65 -7.83
C LEU D 57 25.86 -34.14 -9.03
N LYS D 58 25.42 -32.88 -8.95
CA LYS D 58 24.47 -32.35 -9.92
C LYS D 58 25.08 -32.04 -11.27
N THR D 59 26.41 -32.03 -11.37
CA THR D 59 27.08 -31.72 -12.63
C THR D 59 28.47 -32.34 -12.63
N LYS D 60 29.17 -32.18 -13.75
CA LYS D 60 30.50 -32.75 -13.94
C LYS D 60 31.58 -31.87 -13.34
N ASP D 61 32.83 -32.10 -13.74
CA ASP D 61 33.97 -31.39 -13.15
C ASP D 61 33.95 -29.90 -13.45
N ARG D 62 33.46 -29.50 -14.62
CA ARG D 62 33.34 -28.09 -14.96
C ARG D 62 32.05 -27.53 -14.37
N ASP D 63 32.18 -26.58 -13.44
CA ASP D 63 31.02 -26.00 -12.77
C ASP D 63 31.29 -24.52 -12.56
N PRO D 64 30.76 -23.66 -13.43
CA PRO D 64 30.90 -22.21 -13.22
C PRO D 64 30.13 -21.67 -12.03
N ALA D 65 28.83 -21.94 -11.95
CA ALA D 65 27.98 -21.47 -10.87
C ALA D 65 27.76 -22.62 -9.89
N LYS D 66 28.20 -22.44 -8.65
CA LYS D 66 28.34 -23.53 -7.68
C LYS D 66 26.99 -24.12 -7.32
N LEU D 67 26.72 -25.33 -7.81
CA LEU D 67 25.51 -26.07 -7.51
C LEU D 67 25.71 -27.09 -6.39
N ASP D 68 26.69 -27.98 -6.56
CA ASP D 68 26.96 -29.04 -5.60
C ASP D 68 28.23 -28.72 -4.82
N ALA D 69 28.31 -29.24 -3.60
CA ALA D 69 29.48 -29.04 -2.77
C ALA D 69 30.64 -29.89 -3.27
N SER D 70 31.84 -29.53 -2.82
CA SER D 70 33.03 -30.27 -3.19
C SER D 70 33.18 -31.49 -2.30
N ILE D 71 33.69 -32.57 -2.88
CA ILE D 71 33.83 -33.83 -2.13
C ILE D 71 34.93 -33.72 -1.09
N GLN D 72 35.96 -32.93 -1.37
CA GLN D 72 37.04 -32.73 -0.41
C GLN D 72 36.69 -31.65 0.62
N SER D 73 35.52 -31.78 1.25
CA SER D 73 34.96 -30.81 2.18
C SER D 73 33.83 -31.47 2.96
N PRO D 74 33.75 -31.25 4.26
CA PRO D 74 32.72 -31.90 5.08
C PRO D 74 31.37 -31.19 4.95
N ASN D 75 30.41 -31.67 5.72
CA ASN D 75 29.15 -30.96 5.89
C ASN D 75 28.65 -31.15 7.31
N LEU D 76 28.23 -30.05 7.92
CA LEU D 76 27.78 -30.03 9.31
C LEU D 76 26.26 -30.06 9.35
N GLN D 77 25.70 -30.92 10.20
CA GLN D 77 24.26 -30.96 10.39
C GLN D 77 23.94 -31.08 11.87
N THR D 78 22.71 -30.74 12.22
CA THR D 78 22.18 -30.94 13.56
C THR D 78 20.92 -31.76 13.45
N VAL D 79 20.90 -32.92 14.14
CA VAL D 79 19.80 -33.86 14.05
C VAL D 79 19.21 -34.09 15.42
N ASP D 80 17.96 -34.56 15.42
CA ASP D 80 17.29 -35.03 16.63
C ASP D 80 17.41 -36.54 16.76
N VAL D 81 17.76 -36.98 17.95
CA VAL D 81 17.98 -38.40 18.22
C VAL D 81 17.33 -38.73 19.56
N ALA D 82 16.85 -39.97 19.69
CA ALA D 82 16.24 -40.45 20.91
C ALA D 82 16.79 -41.83 21.20
N ASN D 83 17.38 -42.01 22.39
CA ASN D 83 17.92 -43.29 22.80
C ASN D 83 17.36 -43.68 24.16
N LEU D 84 17.46 -44.96 24.48
CA LEU D 84 17.20 -45.40 25.83
C LEU D 84 18.37 -45.03 26.72
N PRO D 85 18.16 -44.93 28.03
CA PRO D 85 19.29 -44.84 28.96
C PRO D 85 20.14 -46.10 28.94
N SER D 86 21.37 -45.96 29.44
CA SER D 86 22.33 -47.04 29.42
C SER D 86 21.99 -48.18 30.37
N ASP D 87 21.09 -47.96 31.32
CA ASP D 87 20.66 -49.01 32.24
C ASP D 87 19.27 -49.56 31.94
N ALA D 88 18.60 -49.04 30.90
CA ALA D 88 17.25 -49.46 30.56
C ALA D 88 17.28 -50.05 29.16
N ASP D 89 16.87 -51.32 29.03
CA ASP D 89 17.05 -52.07 27.80
C ASP D 89 15.74 -52.48 27.15
N THR D 90 14.62 -51.90 27.54
CA THR D 90 13.38 -52.17 26.82
C THR D 90 12.58 -50.88 26.67
N LEU D 91 11.90 -50.78 25.54
CA LEU D 91 11.08 -49.63 25.20
C LEU D 91 9.62 -49.95 25.45
N LYS D 92 8.91 -49.00 26.05
CA LYS D 92 7.48 -49.12 26.32
C LYS D 92 6.76 -48.03 25.53
N VAL D 93 5.85 -48.47 24.65
CA VAL D 93 5.03 -47.57 23.85
C VAL D 93 3.61 -47.71 24.34
N ARG D 94 3.02 -46.60 24.79
CA ARG D 94 1.70 -46.63 25.42
C ARG D 94 0.76 -45.68 24.68
N PHE D 95 -0.38 -46.20 24.24
CA PHE D 95 -1.38 -45.34 23.62
C PHE D 95 -2.77 -45.92 23.87
N THR D 96 -3.77 -45.06 23.79
CA THR D 96 -5.16 -45.48 23.93
C THR D 96 -5.84 -45.52 22.56
N LEU D 97 -6.86 -46.36 22.46
CA LEU D 97 -7.54 -46.62 21.20
C LEU D 97 -9.02 -46.74 21.48
N ARG D 98 -9.81 -45.81 20.92
CA ARG D 98 -11.24 -45.74 21.18
C ARG D 98 -11.98 -46.25 19.96
N VAL D 99 -12.55 -47.45 20.07
CA VAL D 99 -13.27 -48.08 18.97
C VAL D 99 -14.70 -47.54 18.98
N LEU D 100 -15.02 -46.67 18.03
CA LEU D 100 -16.27 -45.92 18.09
C LEU D 100 -17.46 -46.76 17.65
N GLY D 101 -17.48 -47.19 16.40
CA GLY D 101 -18.61 -47.93 15.87
C GLY D 101 -19.64 -47.02 15.22
N GLY D 102 -20.48 -47.64 14.39
CA GLY D 102 -21.42 -46.89 13.58
C GLY D 102 -20.77 -46.48 12.27
N ALA D 103 -20.30 -47.46 11.51
CA ALA D 103 -19.33 -47.21 10.45
C ALA D 103 -19.95 -46.52 9.25
N GLY D 104 -21.04 -47.08 8.73
CA GLY D 104 -21.62 -46.60 7.49
C GLY D 104 -22.34 -45.28 7.53
N THR D 105 -22.58 -44.72 8.71
CA THR D 105 -23.26 -43.43 8.79
C THR D 105 -22.30 -42.31 8.45
N PRO D 106 -22.54 -41.55 7.38
CA PRO D 106 -21.64 -40.45 7.04
C PRO D 106 -21.86 -39.26 7.94
N SER D 107 -20.87 -38.37 7.96
CA SER D 107 -20.98 -37.11 8.68
C SER D 107 -21.61 -36.01 7.84
N ALA D 108 -21.67 -36.19 6.51
CA ALA D 108 -22.24 -35.19 5.62
C ALA D 108 -22.65 -35.89 4.33
N CYS D 109 -23.77 -35.44 3.76
CA CYS D 109 -24.26 -36.00 2.51
C CYS D 109 -25.14 -34.98 1.82
N ASN D 110 -24.87 -34.71 0.55
CA ASN D 110 -25.67 -33.75 -0.18
C ASN D 110 -26.93 -34.38 -0.78
N ASP D 111 -26.92 -35.68 -1.02
CA ASP D 111 -28.07 -36.38 -1.55
C ASP D 111 -28.85 -37.05 -0.44
N ALA D 112 -30.13 -37.28 -0.69
CA ALA D 112 -30.98 -38.02 0.24
C ALA D 112 -31.13 -39.47 -0.15
N ALA D 113 -31.10 -39.78 -1.45
CA ALA D 113 -31.17 -41.16 -1.89
C ALA D 113 -29.84 -41.89 -1.75
N TYR D 114 -28.72 -41.17 -1.98
CA TYR D 114 -27.42 -41.80 -1.81
C TYR D 114 -27.15 -42.15 -0.36
N ARG D 115 -27.64 -41.34 0.59
CA ARG D 115 -27.36 -41.58 2.00
C ARG D 115 -28.04 -42.85 2.49
N ASP D 116 -29.34 -43.00 2.24
CA ASP D 116 -30.01 -44.22 2.69
C ASP D 116 -29.69 -45.43 1.82
N LYS D 117 -29.29 -45.22 0.55
CA LYS D 117 -28.79 -46.34 -0.25
C LYS D 117 -27.47 -46.86 0.31
N LEU D 118 -26.58 -45.94 0.69
CA LEU D 118 -25.30 -46.32 1.30
C LEU D 118 -25.51 -46.98 2.65
N LEU D 119 -26.46 -46.46 3.44
CA LEU D 119 -26.75 -47.03 4.74
C LEU D 119 -27.34 -48.43 4.63
N GLN D 120 -28.20 -48.65 3.62
CA GLN D 120 -28.75 -49.99 3.45
C GLN D 120 -27.72 -50.96 2.88
N THR D 121 -26.73 -50.48 2.11
CA THR D 121 -25.71 -51.40 1.62
C THR D 121 -24.72 -51.76 2.72
N VAL D 122 -24.39 -50.81 3.61
CA VAL D 122 -23.54 -51.13 4.75
C VAL D 122 -24.27 -52.05 5.73
N ALA D 123 -25.57 -51.79 5.95
CA ALA D 123 -26.34 -52.65 6.85
C ALA D 123 -26.54 -54.04 6.28
N THR D 124 -26.67 -54.17 4.95
CA THR D 124 -26.76 -55.52 4.40
C THR D 124 -25.40 -56.20 4.29
N TYR D 125 -24.30 -55.44 4.32
CA TYR D 125 -23.00 -56.06 4.55
C TYR D 125 -22.94 -56.64 5.95
N VAL D 126 -23.38 -55.86 6.95
CA VAL D 126 -23.26 -56.27 8.35
C VAL D 126 -24.17 -57.47 8.64
N ASN D 127 -25.39 -57.45 8.14
CA ASN D 127 -26.25 -58.61 8.30
C ASN D 127 -25.88 -59.75 7.37
N ASP D 128 -25.13 -59.47 6.29
CA ASP D 128 -24.54 -60.55 5.50
C ASP D 128 -23.44 -61.24 6.29
N GLN D 129 -22.55 -60.46 6.90
CA GLN D 129 -21.45 -60.98 7.70
C GLN D 129 -21.02 -59.89 8.67
N GLY D 130 -20.76 -60.27 9.91
CA GLY D 130 -20.45 -59.29 10.93
C GLY D 130 -19.07 -58.69 10.75
N PHE D 131 -18.65 -57.94 11.77
CA PHE D 131 -17.30 -57.38 11.77
C PHE D 131 -16.30 -58.37 12.35
N ALA D 132 -16.33 -59.62 11.90
CA ALA D 132 -15.47 -60.64 12.48
C ALA D 132 -14.10 -60.66 11.81
N GLU D 133 -14.09 -60.65 10.48
CA GLU D 133 -12.83 -60.71 9.74
C GLU D 133 -12.02 -59.42 9.91
N LEU D 134 -12.69 -58.27 9.81
CA LEU D 134 -12.01 -56.99 9.93
C LEU D 134 -11.44 -56.79 11.33
N ALA D 135 -12.23 -57.08 12.36
CA ALA D 135 -11.71 -56.95 13.73
C ALA D 135 -10.70 -58.02 14.06
N ARG D 136 -10.75 -59.18 13.39
CA ARG D 136 -9.70 -60.16 13.54
C ARG D 136 -8.38 -59.65 12.99
N ARG D 137 -8.44 -58.96 11.84
CA ARG D 137 -7.25 -58.35 11.27
C ARG D 137 -6.73 -57.21 12.13
N TYR D 138 -7.64 -56.41 12.68
CA TYR D 138 -7.25 -55.32 13.57
C TYR D 138 -6.64 -55.83 14.86
N ALA D 139 -7.19 -56.93 15.39
CA ALA D 139 -6.62 -57.55 16.58
C ALA D 139 -5.27 -58.19 16.29
N HIS D 140 -5.06 -58.65 15.05
CA HIS D 140 -3.74 -59.15 14.68
C HIS D 140 -2.73 -58.00 14.61
N ASN D 141 -3.14 -56.88 14.02
CA ASN D 141 -2.26 -55.70 13.96
C ASN D 141 -2.05 -55.07 15.33
N LEU D 142 -2.94 -55.33 16.28
CA LEU D 142 -2.68 -54.93 17.66
C LEU D 142 -1.79 -55.94 18.37
N ALA D 143 -1.86 -57.21 17.98
CA ALA D 143 -1.10 -58.25 18.66
C ALA D 143 0.38 -58.15 18.30
N ASN D 144 0.71 -58.31 17.02
CA ASN D 144 2.06 -57.98 16.58
C ASN D 144 2.23 -56.48 16.63
N ALA D 145 3.37 -56.03 17.16
CA ALA D 145 3.58 -54.62 17.43
C ALA D 145 3.99 -53.90 16.13
N ARG D 146 3.03 -53.81 15.21
CA ARG D 146 3.32 -53.15 13.95
C ARG D 146 3.31 -51.63 14.09
N PHE D 147 2.78 -51.10 15.19
CA PHE D 147 2.87 -49.67 15.43
C PHE D 147 4.28 -49.28 15.86
N LEU D 148 5.03 -50.23 16.42
CA LEU D 148 6.47 -50.08 16.53
C LEU D 148 7.07 -50.26 15.15
N TRP D 149 7.30 -49.16 14.43
CA TRP D 149 7.64 -49.26 13.02
C TRP D 149 9.08 -49.70 12.82
N ARG D 150 10.03 -48.92 13.34
CA ARG D 150 11.43 -49.30 13.29
C ARG D 150 11.96 -49.78 14.64
N ASN D 151 11.11 -49.83 15.66
CA ASN D 151 11.47 -50.41 16.94
C ASN D 151 11.16 -51.90 17.00
N ARG D 152 10.98 -52.54 15.84
CA ARG D 152 10.61 -53.94 15.74
C ARG D 152 11.53 -54.72 14.81
N VAL D 153 12.48 -54.06 14.16
CA VAL D 153 13.30 -54.74 13.16
C VAL D 153 14.35 -55.64 13.81
N GLY D 154 14.89 -55.24 14.95
CA GLY D 154 15.92 -56.04 15.59
C GLY D 154 15.64 -56.27 17.07
N ALA D 155 14.36 -56.22 17.43
CA ALA D 155 13.98 -56.37 18.83
C ALA D 155 14.15 -57.81 19.28
N GLU D 156 14.60 -57.97 20.52
CA GLU D 156 14.91 -59.29 21.05
C GLU D 156 13.65 -60.08 21.33
N ALA D 157 12.69 -59.46 22.03
CA ALA D 157 11.39 -60.08 22.32
C ALA D 157 10.40 -58.97 22.58
N VAL D 158 9.26 -59.02 21.90
CA VAL D 158 8.23 -57.98 22.01
C VAL D 158 7.00 -58.58 22.68
N GLU D 159 6.50 -57.90 23.71
CA GLU D 159 5.29 -58.30 24.42
C GLU D 159 4.30 -57.14 24.42
N VAL D 160 3.10 -57.40 23.92
CA VAL D 160 2.06 -56.38 23.78
C VAL D 160 0.93 -56.71 24.74
N ARG D 161 0.63 -55.79 25.65
CA ARG D 161 -0.45 -55.93 26.61
C ARG D 161 -1.53 -54.91 26.30
N ILE D 162 -2.74 -55.40 26.04
CA ILE D 162 -3.90 -54.55 25.82
C ILE D 162 -4.83 -54.72 27.02
N ASN D 163 -5.43 -53.62 27.46
CA ASN D 163 -6.36 -53.63 28.59
C ASN D 163 -7.64 -52.94 28.16
N HIS D 164 -8.77 -53.63 28.28
CA HIS D 164 -10.05 -53.01 28.01
C HIS D 164 -10.49 -52.23 29.24
N ILE D 165 -10.48 -50.91 29.13
CA ILE D 165 -10.82 -50.04 30.25
C ILE D 165 -12.34 -49.88 30.29
N ARG D 166 -12.95 -50.33 31.39
CA ARG D 166 -14.41 -50.28 31.50
C ARG D 166 -14.87 -48.89 31.92
N GLN D 167 -14.51 -48.47 33.14
CA GLN D 167 -14.68 -47.09 33.55
C GLN D 167 -13.33 -46.42 33.82
N GLY D 168 -12.58 -46.93 34.79
CA GLY D 168 -11.25 -46.45 35.06
C GLY D 168 -10.40 -47.60 35.52
N GLU D 169 -10.98 -48.79 35.44
CA GLU D 169 -10.34 -50.02 35.87
C GLU D 169 -10.20 -50.94 34.67
N VAL D 170 -9.39 -51.98 34.84
CA VAL D 170 -9.26 -52.98 33.79
C VAL D 170 -10.46 -53.91 33.82
N ALA D 171 -11.04 -54.16 32.66
CA ALA D 171 -12.13 -55.13 32.57
C ALA D 171 -11.66 -56.45 32.01
N ARG D 172 -10.71 -56.42 31.09
CA ARG D 172 -10.17 -57.63 30.48
C ARG D 172 -8.77 -57.33 30.00
N ALA D 173 -7.79 -58.12 30.44
CA ALA D 173 -6.40 -57.91 30.09
C ALA D 173 -5.92 -59.03 29.17
N TRP D 174 -5.16 -58.63 28.15
CA TRP D 174 -4.54 -59.56 27.21
C TRP D 174 -3.02 -59.47 27.36
N ARG D 175 -2.35 -60.48 26.79
CA ARG D 175 -0.88 -60.55 26.84
C ARG D 175 -0.41 -61.39 25.68
N PHE D 176 0.26 -60.78 24.73
CA PHE D 176 0.69 -61.45 23.51
C PHE D 176 2.20 -61.48 23.42
N ASP D 177 2.70 -62.31 22.51
CA ASP D 177 4.10 -62.33 22.11
C ASP D 177 4.13 -61.91 20.65
N ALA D 178 4.59 -60.69 20.38
CA ALA D 178 4.47 -60.09 19.06
C ALA D 178 5.43 -60.68 18.03
N LEU D 179 6.32 -61.58 18.43
CA LEU D 179 7.17 -62.27 17.47
C LEU D 179 6.62 -63.63 17.05
N ALA D 180 5.77 -64.24 17.88
CA ALA D 180 5.10 -65.47 17.46
C ALA D 180 4.06 -65.18 16.39
N ILE D 181 3.24 -64.16 16.60
CA ILE D 181 2.32 -63.69 15.57
C ILE D 181 3.11 -62.78 14.63
N GLY D 182 3.35 -63.24 13.42
CA GLY D 182 4.18 -62.50 12.50
C GLY D 182 3.46 -61.31 11.91
N LEU D 183 4.15 -60.65 10.98
CA LEU D 183 3.61 -59.49 10.30
C LEU D 183 2.76 -59.86 9.09
N ARG D 184 2.62 -61.14 8.78
CA ARG D 184 1.78 -61.58 7.67
C ARG D 184 0.87 -62.75 8.01
N ASP D 185 1.17 -63.54 9.03
CA ASP D 185 0.39 -64.72 9.36
C ASP D 185 -0.82 -64.32 10.19
N PHE D 186 -2.01 -64.54 9.66
CA PHE D 186 -3.26 -64.29 10.37
C PHE D 186 -3.78 -65.63 10.89
N LYS D 187 -3.22 -66.05 12.02
CA LYS D 187 -3.48 -67.36 12.59
C LYS D 187 -4.69 -67.30 13.53
N ALA D 188 -4.90 -68.36 14.30
CA ALA D 188 -6.00 -68.45 15.25
C ALA D 188 -5.46 -68.56 16.67
N ASP D 189 -6.12 -67.87 17.59
CA ASP D 189 -5.76 -67.91 19.00
C ASP D 189 -7.01 -67.52 19.77
N ALA D 190 -7.26 -68.22 20.89
CA ALA D 190 -8.47 -67.99 21.67
C ALA D 190 -8.48 -66.61 22.31
N GLU D 191 -7.32 -66.14 22.77
CA GLU D 191 -7.23 -64.77 23.26
C GLU D 191 -7.39 -63.76 22.13
N LEU D 192 -6.82 -64.07 20.96
CA LEU D 192 -7.09 -63.26 19.77
C LEU D 192 -8.55 -63.36 19.34
N ASP D 193 -9.19 -64.51 19.54
CA ASP D 193 -10.60 -64.65 19.22
C ASP D 193 -11.46 -63.74 20.10
N ALA D 194 -11.16 -63.70 21.40
CA ALA D 194 -11.93 -62.88 22.31
C ALA D 194 -11.65 -61.39 22.11
N LEU D 195 -10.39 -61.04 21.82
CA LEU D 195 -10.09 -59.64 21.50
C LEU D 195 -10.74 -59.21 20.19
N ALA D 196 -10.80 -60.11 19.21
CA ALA D 196 -11.44 -59.81 17.94
C ALA D 196 -12.93 -59.62 18.11
N GLU D 197 -13.59 -60.45 18.93
CA GLU D 197 -15.03 -60.25 19.10
C GLU D 197 -15.32 -59.05 19.98
N LEU D 198 -14.39 -58.66 20.86
CA LEU D 198 -14.57 -57.41 21.60
C LEU D 198 -14.49 -56.19 20.68
N ILE D 199 -13.49 -56.17 19.78
CA ILE D 199 -13.40 -55.09 18.80
C ILE D 199 -14.56 -55.14 17.81
N ALA D 200 -15.10 -56.34 17.54
CA ALA D 200 -16.27 -56.45 16.68
C ALA D 200 -17.52 -55.89 17.35
N SER D 201 -17.66 -56.13 18.65
CA SER D 201 -18.80 -55.56 19.38
C SER D 201 -18.66 -54.06 19.51
N GLY D 202 -17.43 -53.55 19.58
CA GLY D 202 -17.23 -52.11 19.53
C GLY D 202 -17.50 -51.51 18.18
N LEU D 203 -17.17 -52.22 17.10
CA LEU D 203 -17.33 -51.68 15.76
C LEU D 203 -18.78 -51.71 15.29
N SER D 204 -19.57 -52.64 15.80
CA SER D 204 -20.95 -52.79 15.36
C SER D 204 -21.92 -51.95 16.19
N GLY D 205 -21.42 -51.10 17.08
CA GLY D 205 -22.26 -50.25 17.88
C GLY D 205 -22.94 -50.92 19.06
N SER D 206 -22.67 -52.19 19.30
CA SER D 206 -23.30 -52.92 20.40
C SER D 206 -22.64 -52.64 21.75
N GLY D 207 -21.56 -51.88 21.79
CA GLY D 207 -20.91 -51.57 23.05
C GLY D 207 -19.90 -50.47 22.86
N HIS D 208 -19.36 -50.01 23.98
CA HIS D 208 -18.34 -48.97 24.01
C HIS D 208 -17.00 -49.60 24.35
N VAL D 209 -16.01 -49.40 23.49
CA VAL D 209 -14.72 -50.06 23.62
C VAL D 209 -13.63 -49.01 23.68
N LEU D 210 -12.90 -48.99 24.78
CA LEU D 210 -11.69 -48.19 24.95
C LEU D 210 -10.59 -49.13 25.40
N LEU D 211 -9.51 -49.19 24.62
CA LEU D 211 -8.38 -50.06 24.92
C LEU D 211 -7.16 -49.23 25.25
N GLU D 212 -6.33 -49.75 26.14
CA GLU D 212 -5.02 -49.18 26.43
C GLU D 212 -3.97 -50.20 26.01
N VAL D 213 -3.17 -49.84 25.01
CA VAL D 213 -2.19 -50.74 24.41
C VAL D 213 -0.81 -50.29 24.86
N VAL D 214 -0.07 -51.21 25.46
CA VAL D 214 1.29 -50.97 25.94
C VAL D 214 2.18 -52.06 25.40
N ALA D 215 3.19 -51.68 24.62
CA ALA D 215 4.11 -52.63 24.01
C ALA D 215 5.51 -52.46 24.58
N PHE D 216 6.10 -53.57 25.02
CA PHE D 216 7.48 -53.60 25.51
C PHE D 216 8.33 -54.34 24.49
N ALA D 217 9.49 -53.78 24.16
CA ALA D 217 10.40 -54.38 23.19
C ALA D 217 11.83 -54.25 23.69
N ARG D 218 12.50 -55.38 23.88
CA ARG D 218 13.93 -55.36 24.22
C ARG D 218 14.72 -55.10 22.95
N ILE D 219 15.26 -53.90 22.81
CA ILE D 219 16.14 -53.59 21.70
C ILE D 219 17.57 -53.34 22.15
N GLY D 220 17.84 -53.35 23.44
CA GLY D 220 19.20 -53.17 23.92
C GLY D 220 19.35 -51.82 24.58
N ASP D 221 20.08 -51.79 25.70
CA ASP D 221 20.25 -50.55 26.45
C ASP D 221 21.21 -49.62 25.73
N GLY D 222 20.84 -48.34 25.65
CA GLY D 222 21.62 -47.38 24.92
C GLY D 222 21.30 -47.28 23.44
N GLN D 223 20.50 -48.20 22.91
CA GLN D 223 20.20 -48.23 21.49
C GLN D 223 19.27 -47.09 21.11
N GLU D 224 19.16 -46.88 19.81
CA GLU D 224 18.34 -45.79 19.31
C GLU D 224 16.90 -46.24 19.13
N VAL D 225 15.98 -45.54 19.76
CA VAL D 225 14.56 -45.71 19.51
C VAL D 225 14.17 -44.69 18.45
N PHE D 226 13.09 -44.99 17.73
CA PHE D 226 12.71 -44.22 16.55
C PHE D 226 11.30 -43.69 16.71
N PRO D 227 11.14 -42.48 17.25
CA PRO D 227 9.84 -41.81 17.19
C PRO D 227 9.60 -41.26 15.79
N SER D 228 8.39 -40.78 15.58
CA SER D 228 8.02 -40.26 14.27
C SER D 228 8.72 -38.94 14.00
N GLN D 229 9.24 -38.80 12.79
CA GLN D 229 9.95 -37.59 12.39
C GLN D 229 8.96 -36.49 12.05
N GLU D 230 9.11 -35.33 12.67
CA GLU D 230 8.22 -34.21 12.43
C GLU D 230 8.46 -33.62 11.05
N LEU D 231 7.36 -33.25 10.39
CA LEU D 231 7.37 -32.83 8.99
C LEU D 231 7.53 -31.31 8.92
N ILE D 232 8.74 -30.85 8.64
CA ILE D 232 9.02 -29.46 8.26
C ILE D 232 9.92 -29.49 7.04
N LEU D 233 9.94 -28.39 6.29
CA LEU D 233 10.72 -28.27 5.07
C LEU D 233 11.70 -27.10 5.21
N ASP D 234 12.88 -27.27 4.63
CA ASP D 234 13.93 -26.25 4.70
C ASP D 234 13.66 -25.14 3.70
N LYS D 235 13.94 -23.90 4.11
CA LYS D 235 13.81 -22.73 3.25
C LYS D 235 15.14 -22.01 3.03
N GLY D 236 15.82 -21.64 4.10
CA GLY D 236 17.04 -20.85 3.98
C GLY D 236 18.29 -21.49 4.52
N ASP D 237 18.78 -20.98 5.66
CA ASP D 237 20.05 -21.39 6.21
C ASP D 237 19.92 -22.72 6.94
N LYS D 238 21.04 -23.45 7.01
CA LYS D 238 21.09 -24.76 7.64
C LYS D 238 21.11 -24.69 9.16
N LYS D 239 21.54 -23.58 9.74
CA LYS D 239 21.56 -23.44 11.19
C LYS D 239 20.15 -23.21 11.71
N GLY D 240 19.73 -24.03 12.67
CA GLY D 240 18.37 -23.96 13.17
C GLY D 240 17.61 -25.27 13.10
N GLN D 241 18.34 -26.39 13.13
CA GLN D 241 17.80 -27.76 13.18
C GLN D 241 16.94 -28.07 11.96
N LYS D 242 17.58 -28.03 10.79
CA LYS D 242 16.88 -28.20 9.53
C LYS D 242 16.87 -29.63 9.02
N SER D 243 17.78 -30.47 9.49
CA SER D 243 17.92 -31.80 8.91
C SER D 243 16.86 -32.78 9.41
N LYS D 244 16.85 -33.05 10.71
CA LYS D 244 15.96 -34.08 11.26
C LYS D 244 15.30 -33.54 12.52
N THR D 245 13.97 -33.47 12.50
CA THR D 245 13.17 -33.02 13.63
C THR D 245 12.22 -34.13 14.03
N LEU D 246 12.27 -34.53 15.30
CA LEU D 246 11.46 -35.63 15.81
C LEU D 246 10.27 -35.10 16.61
N TYR D 247 9.19 -35.87 16.62
CA TYR D 247 7.98 -35.49 17.32
C TYR D 247 8.10 -35.83 18.81
N SER D 248 7.60 -34.94 19.65
CA SER D 248 7.61 -35.13 21.09
C SER D 248 6.54 -34.26 21.71
N VAL D 249 5.83 -34.79 22.69
CA VAL D 249 4.82 -34.05 23.42
C VAL D 249 5.21 -34.01 24.89
N ARG D 250 5.32 -32.79 25.43
CA ARG D 250 5.59 -32.51 26.86
C ARG D 250 6.90 -33.14 27.33
N ASP D 251 7.98 -32.87 26.58
CA ASP D 251 9.35 -33.32 26.88
C ASP D 251 9.41 -34.85 26.96
N ALA D 252 8.71 -35.51 26.04
CA ALA D 252 8.64 -36.97 26.00
C ALA D 252 8.49 -37.39 24.55
N ALA D 253 9.39 -38.25 24.08
CA ALA D 253 9.38 -38.67 22.69
C ALA D 253 8.14 -39.49 22.38
N ALA D 254 7.53 -39.20 21.25
CA ALA D 254 6.21 -39.71 20.93
C ALA D 254 6.14 -40.09 19.46
N ILE D 255 5.31 -41.08 19.17
CA ILE D 255 4.99 -41.46 17.81
C ILE D 255 3.68 -40.78 17.45
N HIS D 256 3.52 -40.43 16.18
CA HIS D 256 2.32 -39.76 15.70
C HIS D 256 1.10 -40.67 15.80
N SER D 257 -0.06 -40.05 15.93
CA SER D 257 -1.30 -40.81 15.98
C SER D 257 -1.66 -41.37 14.61
N GLN D 258 -1.35 -40.63 13.54
CA GLN D 258 -1.65 -41.12 12.20
C GLN D 258 -0.73 -42.27 11.80
N LYS D 259 0.47 -42.35 12.38
CA LYS D 259 1.36 -43.46 12.10
C LYS D 259 0.83 -44.75 12.72
N ILE D 260 0.33 -44.69 13.95
CA ILE D 260 -0.29 -45.83 14.57
C ILE D 260 -1.61 -46.18 13.88
N GLY D 261 -2.34 -45.16 13.43
CA GLY D 261 -3.56 -45.40 12.69
C GLY D 261 -3.31 -46.04 11.34
N ASN D 262 -2.13 -45.79 10.75
CA ASN D 262 -1.75 -46.49 9.54
C ASN D 262 -1.29 -47.92 9.82
N ALA D 263 -0.57 -48.12 10.93
CA ALA D 263 -0.07 -49.45 11.24
C ALA D 263 -1.18 -50.39 11.66
N LEU D 264 -2.24 -49.85 12.26
CA LEU D 264 -3.43 -50.65 12.52
C LEU D 264 -4.17 -51.00 11.25
N ARG D 265 -3.99 -50.20 10.20
CA ARG D 265 -4.84 -50.25 9.02
C ARG D 265 -4.26 -51.14 7.94
N THR D 266 -3.15 -51.83 8.21
CA THR D 266 -2.55 -52.77 7.26
C THR D 266 -3.41 -54.03 7.27
N ILE D 267 -4.46 -54.01 6.45
CA ILE D 267 -5.47 -55.07 6.42
C ILE D 267 -5.49 -55.65 5.00
N ASP D 268 -5.12 -54.82 4.02
CA ASP D 268 -5.33 -55.15 2.62
C ASP D 268 -4.36 -56.20 2.12
N THR D 269 -4.70 -57.47 2.32
CA THR D 269 -4.00 -58.57 1.69
C THR D 269 -4.65 -59.01 0.39
N TRP D 270 -5.63 -58.26 -0.11
CA TRP D 270 -6.28 -58.57 -1.39
C TRP D 270 -6.06 -57.38 -2.31
N TYR D 271 -4.92 -57.36 -2.98
CA TYR D 271 -4.73 -56.48 -4.10
C TYR D 271 -4.45 -57.34 -5.33
N PRO D 272 -4.73 -56.85 -6.55
CA PRO D 272 -4.61 -57.73 -7.74
C PRO D 272 -3.20 -58.19 -8.06
N ASP D 273 -2.17 -57.65 -7.42
CA ASP D 273 -0.82 -58.15 -7.59
C ASP D 273 -0.60 -59.32 -6.65
N GLU D 274 0.65 -59.76 -6.50
CA GLU D 274 0.97 -60.94 -5.71
C GLU D 274 0.92 -60.60 -4.23
N ASP D 275 0.10 -61.36 -3.48
CA ASP D 275 -0.17 -61.05 -2.08
C ASP D 275 0.83 -61.65 -1.12
N GLY D 276 1.79 -62.44 -1.61
CA GLY D 276 2.80 -63.01 -0.74
C GLY D 276 3.83 -62.03 -0.23
N LEU D 277 3.88 -60.81 -0.78
CA LEU D 277 4.79 -59.79 -0.28
C LEU D 277 4.34 -59.26 1.07
N GLY D 278 3.04 -59.37 1.38
CA GLY D 278 2.54 -58.97 2.67
C GLY D 278 1.29 -58.13 2.58
N PRO D 279 0.83 -57.60 3.71
CA PRO D 279 -0.31 -56.69 3.69
C PRO D 279 0.10 -55.24 3.58
N ILE D 280 -0.72 -54.48 2.86
CA ILE D 280 -0.56 -53.04 2.77
C ILE D 280 -1.72 -52.38 3.50
N ALA D 281 -1.55 -51.10 3.81
CA ALA D 281 -2.61 -50.34 4.46
C ALA D 281 -3.74 -50.08 3.46
N VAL D 282 -4.98 -50.26 3.92
CA VAL D 282 -6.11 -50.02 3.05
C VAL D 282 -6.28 -48.52 2.85
N GLU D 283 -6.06 -48.07 1.63
CA GLU D 283 -6.17 -46.70 1.18
C GLU D 283 -6.96 -46.71 -0.12
N PRO D 284 -7.69 -45.64 -0.43
CA PRO D 284 -8.20 -45.49 -1.79
C PRO D 284 -7.02 -45.23 -2.71
N TYR D 285 -6.95 -46.02 -3.79
CA TYR D 285 -5.76 -46.18 -4.63
C TYR D 285 -4.56 -46.54 -3.75
N GLY D 286 -4.65 -47.75 -3.18
CA GLY D 286 -3.79 -48.15 -2.07
C GLY D 286 -2.31 -48.12 -2.35
N SER D 287 -1.64 -47.11 -1.81
CA SER D 287 -0.31 -46.74 -2.24
C SER D 287 0.64 -46.75 -1.05
N VAL D 288 1.59 -47.67 -1.08
CA VAL D 288 2.78 -47.55 -0.24
C VAL D 288 3.69 -46.57 -0.97
N THR D 289 3.63 -45.29 -0.58
CA THR D 289 4.42 -44.27 -1.26
C THR D 289 5.89 -44.37 -0.93
N SER D 290 6.25 -45.05 0.15
CA SER D 290 7.66 -45.28 0.46
C SER D 290 8.26 -46.26 -0.55
N GLN D 291 7.57 -47.36 -0.83
CA GLN D 291 8.01 -48.26 -1.88
C GLN D 291 7.72 -47.74 -3.27
N GLY D 292 6.92 -46.68 -3.40
CA GLY D 292 6.69 -46.06 -4.68
C GLY D 292 5.77 -46.81 -5.60
N LYS D 293 4.92 -47.68 -5.08
CA LYS D 293 3.99 -48.46 -5.89
C LYS D 293 2.57 -48.24 -5.41
N ALA D 294 1.64 -48.21 -6.37
CA ALA D 294 0.22 -48.00 -6.09
C ALA D 294 -0.54 -49.26 -6.50
N TYR D 295 -0.76 -50.15 -5.55
CA TYR D 295 -1.67 -51.26 -5.77
C TYR D 295 -3.09 -50.74 -5.81
N ARG D 296 -3.95 -51.46 -6.53
CA ARG D 296 -5.31 -51.02 -6.91
C ARG D 296 -5.26 -49.65 -7.59
N GLN D 297 -4.63 -49.65 -8.75
CA GLN D 297 -4.65 -48.48 -9.62
C GLN D 297 -6.06 -48.25 -10.15
N PRO D 298 -6.39 -47.02 -10.56
CA PRO D 298 -7.70 -46.79 -11.18
C PRO D 298 -7.90 -47.45 -12.54
N LYS D 299 -6.84 -47.98 -13.17
CA LYS D 299 -6.99 -48.71 -14.42
C LYS D 299 -7.63 -50.07 -14.19
N GLN D 300 -6.96 -50.93 -13.42
CA GLN D 300 -7.52 -52.21 -13.00
C GLN D 300 -8.61 -51.96 -11.95
N LYS D 301 -9.85 -52.31 -12.28
CA LYS D 301 -10.99 -51.82 -11.51
C LYS D 301 -11.13 -52.50 -10.15
N LEU D 302 -10.19 -52.21 -9.24
CA LEU D 302 -10.25 -52.74 -7.89
C LEU D 302 -9.86 -51.69 -6.85
N ASP D 303 -10.04 -50.40 -7.15
CA ASP D 303 -9.81 -49.35 -6.17
C ASP D 303 -11.03 -49.21 -5.27
N PHE D 304 -10.97 -48.25 -4.33
CA PHE D 304 -12.08 -48.05 -3.42
C PHE D 304 -13.27 -47.42 -4.12
N TYR D 305 -13.01 -46.47 -5.02
CA TYR D 305 -14.08 -45.67 -5.59
C TYR D 305 -14.90 -46.46 -6.60
N THR D 306 -14.25 -47.28 -7.41
CA THR D 306 -14.97 -48.08 -8.41
C THR D 306 -15.80 -49.18 -7.74
N LEU D 307 -15.23 -49.85 -6.74
CA LEU D 307 -15.98 -50.87 -6.01
C LEU D 307 -17.13 -50.26 -5.21
N LEU D 308 -16.92 -49.09 -4.63
CA LEU D 308 -17.98 -48.43 -3.87
C LEU D 308 -19.11 -47.97 -4.78
N ASP D 309 -18.78 -47.40 -5.95
CA ASP D 309 -19.82 -46.95 -6.86
C ASP D 309 -20.51 -48.11 -7.58
N ASN D 310 -19.85 -49.26 -7.68
CA ASN D 310 -20.55 -50.44 -8.18
C ASN D 310 -21.42 -51.07 -7.10
N TRP D 311 -21.03 -50.95 -5.84
CA TRP D 311 -21.81 -51.51 -4.75
C TRP D 311 -23.06 -50.68 -4.48
N VAL D 312 -22.93 -49.37 -4.52
CA VAL D 312 -24.03 -48.49 -4.13
C VAL D 312 -24.93 -48.20 -5.32
N LEU D 313 -24.35 -47.61 -6.37
CA LEU D 313 -25.17 -47.10 -7.48
C LEU D 313 -25.66 -48.22 -8.38
N ARG D 314 -24.74 -48.94 -9.02
CA ARG D 314 -25.13 -49.99 -9.97
C ARG D 314 -25.58 -51.28 -9.29
N ASP D 315 -25.41 -51.38 -7.97
CA ASP D 315 -25.89 -52.49 -7.16
C ASP D 315 -25.31 -53.84 -7.59
N GLU D 316 -24.03 -53.84 -7.93
CA GLU D 316 -23.29 -55.07 -8.17
C GLU D 316 -22.22 -55.19 -7.08
N ALA D 317 -22.50 -56.02 -6.08
CA ALA D 317 -21.59 -56.18 -4.96
C ALA D 317 -20.43 -57.07 -5.38
N PRO D 318 -19.20 -56.69 -5.04
CA PRO D 318 -18.06 -57.54 -5.40
C PRO D 318 -17.91 -58.74 -4.47
N ALA D 319 -16.81 -59.48 -4.61
CA ALA D 319 -16.52 -60.58 -3.72
C ALA D 319 -16.23 -60.06 -2.31
N VAL D 320 -16.34 -60.97 -1.33
CA VAL D 320 -16.33 -60.57 0.08
C VAL D 320 -14.99 -60.05 0.54
N GLU D 321 -13.91 -60.37 -0.17
CA GLU D 321 -12.61 -59.80 0.15
C GLU D 321 -12.57 -58.31 -0.18
N GLN D 322 -13.05 -57.94 -1.38
CA GLN D 322 -13.19 -56.54 -1.73
C GLN D 322 -14.26 -55.85 -0.91
N GLN D 323 -15.26 -56.59 -0.41
CA GLN D 323 -16.23 -56.01 0.51
C GLN D 323 -15.59 -55.63 1.82
N HIS D 324 -14.73 -56.50 2.36
CA HIS D 324 -13.96 -56.16 3.57
C HIS D 324 -13.05 -54.98 3.32
N TYR D 325 -12.48 -54.91 2.10
CA TYR D 325 -11.64 -53.78 1.73
C TYR D 325 -12.42 -52.46 1.73
N VAL D 326 -13.62 -52.47 1.15
CA VAL D 326 -14.43 -51.25 1.06
C VAL D 326 -14.92 -50.81 2.44
N ILE D 327 -15.33 -51.77 3.28
CA ILE D 327 -15.81 -51.43 4.60
C ILE D 327 -14.67 -50.94 5.49
N ALA D 328 -13.48 -51.55 5.36
CA ALA D 328 -12.32 -51.03 6.09
C ALA D 328 -11.90 -49.66 5.57
N ASN D 329 -12.13 -49.39 4.29
CA ASN D 329 -11.77 -48.10 3.73
C ASN D 329 -12.69 -47.00 4.24
N LEU D 330 -13.99 -47.24 4.27
CA LEU D 330 -14.86 -46.22 4.82
C LEU D 330 -14.91 -46.23 6.35
N ILE D 331 -14.35 -47.25 7.00
CA ILE D 331 -14.19 -47.17 8.44
C ILE D 331 -12.90 -46.45 8.80
N ARG D 332 -11.97 -46.31 7.84
CA ARG D 332 -10.87 -45.37 8.00
C ARG D 332 -11.36 -43.93 7.99
N GLY D 333 -12.32 -43.61 7.12
CA GLY D 333 -12.83 -42.26 6.97
C GLY D 333 -12.37 -41.65 5.66
N GLY D 334 -12.79 -40.41 5.45
CA GLY D 334 -12.26 -39.64 4.35
C GLY D 334 -13.30 -38.73 3.73
N VAL D 335 -12.93 -38.23 2.55
CA VAL D 335 -13.75 -37.32 1.76
C VAL D 335 -13.97 -37.97 0.41
N PHE D 336 -15.20 -38.38 0.13
CA PHE D 336 -15.52 -39.06 -1.11
C PHE D 336 -16.58 -38.28 -1.86
N GLY D 337 -16.83 -38.70 -3.10
CA GLY D 337 -17.82 -38.05 -3.95
C GLY D 337 -17.16 -37.32 -5.11
N GLU D 338 -18.00 -36.62 -5.86
CA GLU D 338 -17.56 -35.84 -7.03
C GLU D 338 -16.59 -34.74 -6.65
N ILE E 5 -56.35 -3.15 3.75
CA ILE E 5 -56.01 -4.55 4.00
C ILE E 5 -54.75 -4.57 4.87
N LEU E 6 -54.60 -5.62 5.67
CA LEU E 6 -53.44 -5.79 6.53
C LEU E 6 -52.45 -6.73 5.85
N SER E 7 -51.28 -6.22 5.52
CA SER E 7 -50.20 -7.02 4.95
C SER E 7 -49.01 -7.00 5.89
N THR E 8 -48.10 -7.95 5.68
CA THR E 8 -46.96 -8.08 6.57
C THR E 8 -45.98 -6.93 6.37
N ALA E 9 -45.22 -6.63 7.42
CA ALA E 9 -44.29 -5.51 7.39
C ALA E 9 -43.09 -5.83 6.50
N SER E 10 -42.49 -4.78 5.97
CA SER E 10 -41.34 -4.94 5.10
C SER E 10 -40.04 -5.13 5.87
N VAL E 11 -39.96 -4.62 7.10
CA VAL E 11 -38.80 -4.82 7.95
C VAL E 11 -39.29 -5.49 9.23
N LEU E 12 -38.75 -6.67 9.52
CA LEU E 12 -39.11 -7.40 10.74
C LEU E 12 -37.82 -7.96 11.33
N ALA E 13 -37.49 -7.53 12.54
CA ALA E 13 -36.24 -7.89 13.18
C ALA E 13 -36.54 -8.48 14.54
N PHE E 14 -36.48 -9.79 14.65
CA PHE E 14 -36.70 -10.47 15.91
C PHE E 14 -35.37 -10.79 16.57
N GLU E 15 -35.20 -10.30 17.79
CA GLU E 15 -33.97 -10.51 18.53
C GLU E 15 -33.88 -11.96 19.01
N ARG E 16 -32.67 -12.35 19.38
CA ARG E 16 -32.38 -13.73 19.74
C ARG E 16 -32.64 -13.93 21.22
N LYS E 17 -33.62 -14.77 21.53
CA LYS E 17 -33.77 -15.30 22.87
C LYS E 17 -32.96 -16.58 22.95
N LEU E 18 -32.66 -17.01 24.18
CA LEU E 18 -31.74 -18.12 24.49
C LEU E 18 -30.36 -17.85 23.88
N ASP E 19 -29.70 -16.83 24.43
CA ASP E 19 -28.36 -16.37 24.09
C ASP E 19 -27.27 -17.24 24.72
N PRO E 20 -26.55 -18.05 23.95
CA PRO E 20 -25.43 -18.80 24.51
C PRO E 20 -24.11 -18.04 24.36
N SER E 21 -23.09 -18.57 24.99
CA SER E 21 -21.74 -18.02 24.93
C SER E 21 -20.82 -19.00 24.22
N ASP E 22 -19.58 -18.56 24.00
CA ASP E 22 -18.55 -19.45 23.46
C ASP E 22 -18.20 -20.48 24.52
N ALA E 23 -18.36 -21.75 24.19
CA ALA E 23 -18.17 -22.84 25.14
C ALA E 23 -16.70 -23.23 25.16
N LEU E 24 -16.00 -22.86 26.22
CA LEU E 24 -14.58 -23.16 26.34
C LEU E 24 -14.36 -24.55 26.91
N MET E 25 -13.25 -25.16 26.49
CA MET E 25 -12.94 -26.55 26.81
C MET E 25 -11.68 -26.63 27.65
N SER E 26 -11.68 -27.57 28.59
CA SER E 26 -10.51 -27.89 29.39
C SER E 26 -10.49 -29.39 29.61
N ALA E 27 -9.43 -29.89 30.24
CA ALA E 27 -9.25 -31.32 30.39
C ALA E 27 -8.85 -31.65 31.82
N GLY E 28 -9.29 -32.81 32.27
CA GLY E 28 -8.95 -33.27 33.61
C GLY E 28 -9.38 -34.70 33.81
N ALA E 29 -9.21 -35.17 35.04
CA ALA E 29 -9.54 -36.54 35.39
C ALA E 29 -10.96 -36.64 35.93
N TRP E 30 -11.65 -37.72 35.58
CA TRP E 30 -12.96 -37.99 36.14
C TRP E 30 -12.85 -38.30 37.61
N ALA E 31 -13.95 -38.05 38.33
CA ALA E 31 -14.13 -38.00 39.79
C ALA E 31 -13.41 -36.82 40.43
N GLN E 32 -12.67 -36.02 39.67
CA GLN E 32 -12.21 -34.70 40.08
C GLN E 32 -13.04 -33.60 39.44
N ARG E 33 -14.29 -33.91 39.08
CA ARG E 33 -15.18 -32.94 38.48
C ARG E 33 -15.65 -31.89 39.48
N ASP E 34 -15.58 -32.18 40.77
CA ASP E 34 -16.06 -31.22 41.77
C ASP E 34 -15.11 -30.04 41.91
N ALA E 35 -13.81 -30.30 41.95
CA ALA E 35 -12.81 -29.24 41.92
C ALA E 35 -12.33 -28.97 40.51
N SER E 36 -13.26 -28.79 39.58
CA SER E 36 -12.91 -28.47 38.20
C SER E 36 -13.00 -26.98 37.92
N GLN E 37 -12.35 -26.17 38.75
CA GLN E 37 -12.27 -24.73 38.54
C GLN E 37 -10.88 -24.29 38.12
N GLU E 38 -9.92 -25.21 38.07
CA GLU E 38 -8.56 -24.87 37.70
C GLU E 38 -7.98 -25.87 36.70
N TRP E 39 -8.85 -26.55 35.96
CA TRP E 39 -8.40 -27.50 34.96
C TRP E 39 -7.70 -26.77 33.81
N PRO E 40 -6.59 -27.30 33.30
CA PRO E 40 -5.90 -26.63 32.21
C PRO E 40 -6.68 -26.74 30.91
N ALA E 41 -6.72 -25.64 30.18
CA ALA E 41 -7.51 -25.58 28.96
C ALA E 41 -6.86 -26.38 27.84
N VAL E 42 -7.68 -26.90 26.95
CA VAL E 42 -7.21 -27.64 25.79
C VAL E 42 -6.70 -26.66 24.76
N THR E 43 -5.43 -26.80 24.37
CA THR E 43 -4.81 -25.91 23.41
C THR E 43 -4.80 -26.53 22.03
N VAL E 44 -4.88 -25.68 21.01
CA VAL E 44 -4.90 -26.13 19.62
C VAL E 44 -3.46 -26.17 19.13
N ARG E 45 -2.99 -27.37 18.79
CA ARG E 45 -1.68 -27.58 18.22
C ARG E 45 -1.82 -27.67 16.70
N GLU E 46 -0.75 -27.30 16.00
CA GLU E 46 -0.70 -27.43 14.54
C GLU E 46 0.31 -28.50 14.18
N LYS E 47 -0.13 -29.52 13.45
CA LYS E 47 0.74 -30.61 13.08
C LYS E 47 0.71 -30.81 11.57
N SER E 48 1.84 -31.26 11.03
CA SER E 48 1.96 -31.55 9.61
C SER E 48 1.93 -33.06 9.41
N VAL E 49 1.09 -33.50 8.48
CA VAL E 49 0.89 -34.90 8.18
C VAL E 49 1.32 -35.17 6.75
N ARG E 50 1.73 -36.40 6.49
CA ARG E 50 2.03 -36.87 5.15
C ARG E 50 1.05 -37.99 4.83
N GLY E 51 0.35 -37.87 3.71
CA GLY E 51 -0.65 -38.87 3.36
C GLY E 51 -0.63 -39.25 1.91
N THR E 52 -1.60 -40.05 1.51
CA THR E 52 -1.76 -40.45 0.12
C THR E 52 -2.70 -39.49 -0.59
N ILE E 53 -2.72 -39.58 -1.92
CA ILE E 53 -3.70 -38.85 -2.72
C ILE E 53 -4.99 -39.65 -2.64
N SER E 54 -5.88 -39.25 -1.74
CA SER E 54 -7.13 -39.98 -1.49
C SER E 54 -8.30 -39.08 -1.85
N ASN E 55 -8.63 -39.05 -3.14
CA ASN E 55 -9.78 -38.33 -3.67
C ASN E 55 -10.04 -38.85 -5.07
N ARG E 56 -11.24 -38.58 -5.58
CA ARG E 56 -11.58 -38.96 -6.94
C ARG E 56 -10.82 -38.07 -7.90
N LEU E 57 -9.90 -38.66 -8.65
CA LEU E 57 -9.03 -37.90 -9.54
C LEU E 57 -9.81 -37.41 -10.75
N LYS E 58 -9.52 -36.17 -11.16
CA LYS E 58 -10.06 -35.65 -12.41
C LYS E 58 -9.33 -36.27 -13.58
N THR E 59 -10.09 -36.82 -14.53
CA THR E 59 -9.52 -37.51 -15.68
C THR E 59 -10.08 -36.97 -16.98
N LYS E 60 -10.35 -35.66 -17.02
CA LYS E 60 -11.01 -35.08 -18.20
C LYS E 60 -10.02 -34.82 -19.32
N ASP E 61 -9.02 -33.96 -19.07
CA ASP E 61 -8.07 -33.59 -20.11
C ASP E 61 -6.63 -33.69 -19.64
N ARG E 62 -6.37 -34.36 -18.52
CA ARG E 62 -5.00 -34.56 -18.05
C ARG E 62 -4.37 -35.73 -18.80
N ASP E 63 -3.19 -36.14 -18.37
CA ASP E 63 -2.55 -37.30 -18.94
C ASP E 63 -3.29 -38.57 -18.49
N PRO E 64 -3.30 -39.62 -19.33
CA PRO E 64 -4.02 -40.86 -18.96
C PRO E 64 -3.42 -41.57 -17.76
N ALA E 65 -2.10 -41.77 -17.75
CA ALA E 65 -1.47 -42.46 -16.63
C ALA E 65 -0.13 -41.87 -16.24
N LYS E 66 0.31 -40.78 -16.89
CA LYS E 66 1.62 -40.20 -16.59
C LYS E 66 1.54 -39.10 -15.55
N LEU E 67 0.76 -38.05 -15.81
CA LEU E 67 0.57 -36.98 -14.84
C LEU E 67 -0.58 -37.24 -13.90
N ASP E 68 -1.40 -38.26 -14.17
CA ASP E 68 -2.39 -38.75 -13.22
C ASP E 68 -1.80 -39.78 -12.27
N ALA E 69 -0.51 -40.05 -12.36
CA ALA E 69 0.21 -40.82 -11.36
C ALA E 69 0.82 -39.91 -10.30
N SER E 70 -0.03 -39.04 -9.75
CA SER E 70 0.28 -38.33 -8.51
C SER E 70 0.21 -39.27 -7.32
N ILE E 71 -0.44 -40.42 -7.49
CA ILE E 71 -0.25 -41.56 -6.61
C ILE E 71 1.18 -42.07 -6.76
N GLN E 72 1.62 -42.90 -5.80
CA GLN E 72 3.00 -43.31 -5.51
C GLN E 72 3.87 -42.13 -5.09
N SER E 73 3.27 -41.02 -4.67
CA SER E 73 3.97 -39.85 -4.24
C SER E 73 3.02 -39.20 -3.24
N PRO E 74 3.47 -38.90 -2.03
CA PRO E 74 2.58 -38.44 -0.99
C PRO E 74 2.17 -36.98 -1.20
N ASN E 75 1.19 -36.55 -0.41
CA ASN E 75 0.88 -35.13 -0.29
C ASN E 75 1.03 -34.72 1.16
N LEU E 76 1.50 -33.49 1.36
CA LEU E 76 1.97 -33.02 2.66
C LEU E 76 1.03 -31.91 3.12
N GLN E 77 0.26 -32.18 4.16
CA GLN E 77 -0.72 -31.23 4.65
C GLN E 77 -0.33 -30.72 6.03
N THR E 78 -0.93 -29.60 6.42
CA THR E 78 -0.62 -28.96 7.68
C THR E 78 -1.95 -28.56 8.33
N VAL E 79 -2.42 -29.36 9.28
CA VAL E 79 -3.74 -29.18 9.86
C VAL E 79 -3.59 -28.86 11.34
N ASP E 80 -4.72 -28.59 11.98
CA ASP E 80 -4.79 -28.35 13.41
C ASP E 80 -5.44 -29.53 14.11
N VAL E 81 -5.15 -29.65 15.41
CA VAL E 81 -5.62 -30.76 16.21
C VAL E 81 -5.65 -30.30 17.66
N ALA E 82 -6.69 -30.71 18.39
CA ALA E 82 -6.79 -30.46 19.82
C ALA E 82 -6.82 -31.80 20.52
N ASN E 83 -5.93 -31.99 21.49
CA ASN E 83 -5.80 -33.25 22.20
C ASN E 83 -5.86 -33.02 23.70
N LEU E 84 -6.19 -34.08 24.41
CA LEU E 84 -6.06 -34.08 25.86
C LEU E 84 -4.62 -34.33 26.27
N PRO E 85 -4.26 -34.03 27.50
CA PRO E 85 -3.01 -34.57 28.06
C PRO E 85 -3.11 -36.07 28.21
N SER E 86 -1.94 -36.70 28.37
CA SER E 86 -1.89 -38.14 28.52
C SER E 86 -2.39 -38.60 29.89
N ASP E 87 -2.47 -37.71 30.86
CA ASP E 87 -2.96 -38.03 32.20
C ASP E 87 -4.29 -37.34 32.46
N ALA E 88 -5.14 -37.29 31.44
CA ALA E 88 -6.47 -36.71 31.56
C ALA E 88 -7.41 -37.48 30.64
N ASP E 89 -8.61 -37.79 31.14
CA ASP E 89 -9.56 -38.58 30.38
C ASP E 89 -10.96 -37.96 30.42
N THR E 90 -11.04 -36.65 30.62
CA THR E 90 -12.33 -36.00 30.81
C THR E 90 -12.28 -34.62 30.18
N LEU E 91 -13.18 -34.38 29.23
CA LEU E 91 -13.35 -33.07 28.63
C LEU E 91 -14.43 -32.30 29.38
N LYS E 92 -14.11 -31.08 29.78
CA LYS E 92 -15.04 -30.19 30.46
C LYS E 92 -15.35 -29.03 29.52
N VAL E 93 -16.63 -28.84 29.23
CA VAL E 93 -17.10 -27.81 28.30
C VAL E 93 -18.01 -26.88 29.07
N ARG E 94 -17.67 -25.60 29.12
CA ARG E 94 -18.40 -24.64 29.94
C ARG E 94 -18.86 -23.46 29.10
N PHE E 95 -20.10 -23.04 29.34
CA PHE E 95 -20.64 -21.83 28.72
C PHE E 95 -21.74 -21.28 29.61
N THR E 96 -22.29 -20.13 29.21
CA THR E 96 -23.40 -19.50 29.90
C THR E 96 -24.57 -19.33 28.93
N LEU E 97 -25.75 -19.10 29.49
CA LEU E 97 -26.96 -19.01 28.69
C LEU E 97 -27.93 -18.06 29.36
N ARG E 98 -28.28 -16.97 28.66
CA ARG E 98 -29.30 -16.06 29.13
C ARG E 98 -30.63 -16.41 28.49
N VAL E 99 -31.70 -16.32 29.27
CA VAL E 99 -33.06 -16.48 28.76
C VAL E 99 -33.76 -15.14 28.97
N LEU E 100 -34.12 -14.47 27.89
CA LEU E 100 -34.47 -13.06 27.96
C LEU E 100 -35.96 -12.83 28.24
N GLY E 101 -36.82 -13.29 27.35
CA GLY E 101 -38.23 -13.02 27.55
C GLY E 101 -38.73 -11.94 26.61
N GLY E 102 -40.04 -11.98 26.35
CA GLY E 102 -40.63 -11.09 25.38
C GLY E 102 -40.36 -11.59 23.97
N ALA E 103 -40.93 -12.76 23.64
CA ALA E 103 -40.52 -13.47 22.43
C ALA E 103 -41.08 -12.79 21.18
N GLY E 104 -42.37 -12.53 21.14
CA GLY E 104 -43.00 -12.03 19.94
C GLY E 104 -42.98 -10.54 19.77
N THR E 105 -42.13 -9.84 20.53
CA THR E 105 -42.00 -8.40 20.41
C THR E 105 -40.79 -8.08 19.55
N PRO E 106 -40.97 -7.62 18.32
CA PRO E 106 -39.81 -7.35 17.47
C PRO E 106 -39.12 -6.04 17.83
N SER E 107 -37.83 -5.98 17.52
CA SER E 107 -37.07 -4.75 17.72
C SER E 107 -37.25 -3.76 16.59
N ALA E 108 -37.83 -4.18 15.46
CA ALA E 108 -38.09 -3.29 14.35
C ALA E 108 -39.30 -3.80 13.60
N CYS E 109 -40.17 -2.87 13.21
CA CYS E 109 -41.37 -3.21 12.46
C CYS E 109 -41.83 -1.97 11.71
N ASN E 110 -42.02 -2.09 10.40
CA ASN E 110 -42.52 -0.96 9.63
C ASN E 110 -44.03 -0.77 9.83
N ASP E 111 -44.82 -1.77 9.48
CA ASP E 111 -46.27 -1.68 9.64
C ASP E 111 -46.64 -1.80 11.11
N ALA E 112 -47.18 -0.71 11.68
CA ALA E 112 -47.53 -0.72 13.10
C ALA E 112 -48.79 -1.52 13.37
N ALA E 113 -49.72 -1.55 12.41
CA ALA E 113 -50.92 -2.37 12.55
C ALA E 113 -50.57 -3.85 12.54
N TYR E 114 -49.59 -4.23 11.71
CA TYR E 114 -49.08 -5.60 11.72
C TYR E 114 -48.39 -5.91 13.03
N ARG E 115 -47.68 -4.94 13.61
CA ARG E 115 -47.03 -5.15 14.89
C ARG E 115 -48.06 -5.36 16.00
N ASP E 116 -49.16 -4.60 15.97
CA ASP E 116 -50.21 -4.77 16.97
C ASP E 116 -50.92 -6.12 16.81
N LYS E 117 -51.19 -6.52 15.56
CA LYS E 117 -51.83 -7.82 15.33
C LYS E 117 -50.92 -8.97 15.71
N LEU E 118 -49.63 -8.85 15.42
CA LEU E 118 -48.66 -9.88 15.77
C LEU E 118 -48.49 -10.00 17.28
N LEU E 119 -48.45 -8.87 17.99
CA LEU E 119 -48.36 -8.90 19.43
C LEU E 119 -49.62 -9.47 20.06
N GLN E 120 -50.79 -9.18 19.47
CA GLN E 120 -52.03 -9.78 19.94
C GLN E 120 -52.04 -11.29 19.75
N THR E 121 -51.54 -11.76 18.60
CA THR E 121 -51.49 -13.20 18.33
C THR E 121 -50.51 -13.92 19.25
N VAL E 122 -49.34 -13.31 19.49
CA VAL E 122 -48.35 -13.93 20.37
C VAL E 122 -48.83 -13.93 21.81
N ALA E 123 -49.46 -12.84 22.28
CA ALA E 123 -49.98 -12.82 23.64
C ALA E 123 -51.15 -13.76 23.81
N THR E 124 -51.95 -13.96 22.75
CA THR E 124 -53.00 -14.97 22.76
C THR E 124 -52.41 -16.36 22.94
N TYR E 125 -51.32 -16.66 22.22
CA TYR E 125 -50.66 -17.95 22.38
C TYR E 125 -50.12 -18.15 23.78
N VAL E 126 -49.44 -17.14 24.33
CA VAL E 126 -48.81 -17.27 25.65
C VAL E 126 -49.86 -17.30 26.77
N ASN E 127 -51.04 -16.74 26.56
CA ASN E 127 -52.05 -16.79 27.62
C ASN E 127 -53.02 -17.95 27.48
N ASP E 128 -53.13 -18.60 26.30
CA ASP E 128 -53.88 -19.86 26.33
C ASP E 128 -53.01 -21.03 26.72
N GLN E 129 -51.72 -20.98 26.43
CA GLN E 129 -50.79 -22.05 26.75
C GLN E 129 -49.49 -21.40 27.19
N GLY E 130 -48.87 -21.94 28.22
CA GLY E 130 -47.64 -21.34 28.70
C GLY E 130 -46.48 -21.63 27.77
N PHE E 131 -45.29 -21.28 28.25
CA PHE E 131 -44.05 -21.69 27.57
C PHE E 131 -43.61 -23.04 28.14
N ALA E 132 -44.53 -24.00 28.11
CA ALA E 132 -44.34 -25.28 28.77
C ALA E 132 -43.86 -26.39 27.85
N GLU E 133 -44.18 -26.32 26.56
CA GLU E 133 -43.71 -27.32 25.62
C GLU E 133 -42.41 -26.92 24.97
N LEU E 134 -42.15 -25.61 24.83
CA LEU E 134 -40.89 -25.19 24.27
C LEU E 134 -39.76 -25.28 25.29
N ALA E 135 -40.01 -24.83 26.52
CA ALA E 135 -38.97 -24.84 27.53
C ALA E 135 -38.67 -26.25 28.02
N ARG E 136 -39.62 -27.18 27.89
CA ARG E 136 -39.35 -28.57 28.24
C ARG E 136 -38.36 -29.19 27.26
N ARG E 137 -38.54 -28.93 25.96
CA ARG E 137 -37.61 -29.45 24.98
C ARG E 137 -36.28 -28.71 25.02
N TYR E 138 -36.29 -27.43 25.39
CA TYR E 138 -35.04 -26.71 25.59
C TYR E 138 -34.27 -27.25 26.78
N ALA E 139 -34.96 -27.56 27.88
CA ALA E 139 -34.31 -28.14 29.04
C ALA E 139 -33.84 -29.56 28.76
N HIS E 140 -34.53 -30.28 27.88
CA HIS E 140 -34.06 -31.59 27.46
C HIS E 140 -32.78 -31.49 26.64
N ASN E 141 -32.73 -30.56 25.69
CA ASN E 141 -31.51 -30.36 24.90
C ASN E 141 -30.37 -29.77 25.73
N LEU E 142 -30.69 -29.11 26.85
CA LEU E 142 -29.65 -28.77 27.81
C LEU E 142 -29.23 -29.98 28.64
N ALA E 143 -30.16 -30.92 28.87
CA ALA E 143 -29.90 -32.05 29.74
C ALA E 143 -28.98 -33.07 29.08
N ASN E 144 -29.35 -33.58 27.91
CA ASN E 144 -28.40 -34.36 27.14
C ASN E 144 -27.43 -33.39 26.49
N ALA E 145 -26.13 -33.71 26.54
CA ALA E 145 -25.12 -32.75 26.13
C ALA E 145 -24.97 -32.78 24.61
N ARG E 146 -26.00 -32.28 23.92
CA ARG E 146 -25.94 -32.22 22.47
C ARG E 146 -25.04 -31.10 21.99
N PHE E 147 -24.71 -30.14 22.86
CA PHE E 147 -23.73 -29.11 22.51
C PHE E 147 -22.32 -29.66 22.44
N LEU E 148 -22.06 -30.84 23.01
CA LEU E 148 -20.91 -31.64 22.64
C LEU E 148 -21.28 -32.39 21.38
N TRP E 149 -20.77 -31.93 20.23
CA TRP E 149 -21.28 -32.46 18.97
C TRP E 149 -20.62 -33.78 18.62
N ARG E 150 -19.32 -33.78 18.36
CA ARG E 150 -18.57 -34.99 18.10
C ARG E 150 -17.85 -35.49 19.34
N ASN E 151 -17.96 -34.76 20.46
CA ASN E 151 -17.39 -35.18 21.73
C ASN E 151 -18.37 -36.03 22.52
N ARG E 152 -19.50 -36.41 21.93
CA ARG E 152 -20.53 -37.19 22.58
C ARG E 152 -20.69 -38.57 21.97
N VAL E 153 -20.11 -38.82 20.80
CA VAL E 153 -20.42 -40.03 20.06
C VAL E 153 -19.72 -41.25 20.65
N GLY E 154 -18.59 -41.06 21.32
CA GLY E 154 -17.84 -42.21 21.79
C GLY E 154 -17.50 -42.17 23.26
N ALA E 155 -18.29 -41.43 24.04
CA ALA E 155 -18.03 -41.29 25.46
C ALA E 155 -18.82 -42.33 26.26
N GLU E 156 -18.28 -42.68 27.42
CA GLU E 156 -18.93 -43.65 28.30
C GLU E 156 -19.68 -43.00 29.45
N ALA E 157 -19.42 -41.74 29.74
CA ALA E 157 -20.09 -41.06 30.84
C ALA E 157 -20.11 -39.57 30.53
N VAL E 158 -21.30 -39.04 30.25
CA VAL E 158 -21.49 -37.62 30.02
C VAL E 158 -22.39 -37.08 31.12
N GLU E 159 -21.90 -36.12 31.88
CA GLU E 159 -22.64 -35.55 33.00
C GLU E 159 -22.69 -34.03 32.86
N VAL E 160 -23.89 -33.47 32.95
CA VAL E 160 -24.12 -32.04 32.79
C VAL E 160 -24.50 -31.43 34.12
N ARG E 161 -23.88 -30.31 34.46
CA ARG E 161 -24.17 -29.55 35.67
C ARG E 161 -24.64 -28.17 35.26
N ILE E 162 -25.82 -27.78 35.72
CA ILE E 162 -26.45 -26.53 35.32
C ILE E 162 -26.76 -25.73 36.58
N ASN E 163 -26.13 -24.56 36.71
CA ASN E 163 -26.34 -23.69 37.86
C ASN E 163 -27.16 -22.49 37.44
N HIS E 164 -28.18 -22.16 38.23
CA HIS E 164 -28.97 -20.95 37.99
C HIS E 164 -28.33 -19.83 38.80
N ILE E 165 -27.56 -18.97 38.14
CA ILE E 165 -26.79 -17.94 38.82
C ILE E 165 -27.73 -16.79 39.19
N ARG E 166 -27.85 -16.51 40.49
CA ARG E 166 -28.85 -15.56 40.96
C ARG E 166 -28.28 -14.15 41.06
N GLN E 167 -27.30 -13.94 41.94
CA GLN E 167 -26.60 -12.67 42.01
C GLN E 167 -25.13 -12.80 41.63
N GLY E 168 -24.38 -13.59 42.39
CA GLY E 168 -23.02 -13.95 42.03
C GLY E 168 -22.81 -15.36 42.53
N GLU E 169 -23.90 -15.95 43.01
CA GLU E 169 -23.95 -17.23 43.68
C GLU E 169 -24.63 -18.22 42.75
N VAL E 170 -24.90 -19.41 43.28
CA VAL E 170 -25.85 -20.31 42.64
C VAL E 170 -27.11 -20.32 43.48
N ALA E 171 -28.25 -20.48 42.82
CA ALA E 171 -29.54 -20.56 43.49
C ALA E 171 -30.18 -21.92 43.38
N ARG E 172 -29.89 -22.65 42.29
CA ARG E 172 -30.37 -24.00 42.12
C ARG E 172 -29.42 -24.71 41.18
N ALA E 173 -28.92 -25.87 41.59
CA ALA E 173 -27.95 -26.63 40.82
C ALA E 173 -28.56 -27.96 40.41
N TRP E 174 -28.72 -28.16 39.11
CA TRP E 174 -29.16 -29.42 38.55
C TRP E 174 -27.96 -30.24 38.08
N ARG E 175 -28.10 -31.55 38.16
CA ARG E 175 -27.04 -32.47 37.74
C ARG E 175 -27.69 -33.64 37.01
N PHE E 176 -27.50 -33.70 35.69
CA PHE E 176 -28.12 -34.71 34.86
C PHE E 176 -27.09 -35.67 34.30
N ASP E 177 -27.52 -36.92 34.11
CA ASP E 177 -26.76 -37.92 33.38
C ASP E 177 -27.20 -37.86 31.93
N ALA E 178 -26.34 -37.32 31.07
CA ALA E 178 -26.72 -36.99 29.70
C ALA E 178 -26.87 -38.22 28.81
N LEU E 179 -26.40 -39.38 29.24
CA LEU E 179 -26.51 -40.58 28.41
C LEU E 179 -27.78 -41.37 28.69
N ALA E 180 -28.37 -41.22 29.87
CA ALA E 180 -29.66 -41.86 30.14
C ALA E 180 -30.78 -41.16 29.39
N ILE E 181 -30.68 -39.85 29.20
CA ILE E 181 -31.65 -39.09 28.42
C ILE E 181 -31.24 -39.15 26.96
N GLY E 182 -32.09 -39.71 26.12
CA GLY E 182 -31.76 -39.89 24.72
C GLY E 182 -31.80 -38.59 23.95
N LEU E 183 -31.22 -38.63 22.75
CA LEU E 183 -31.17 -37.46 21.90
C LEU E 183 -32.42 -37.29 21.03
N ARG E 184 -33.38 -38.21 21.10
CA ARG E 184 -34.47 -38.22 20.14
C ARG E 184 -35.87 -38.15 20.75
N ASP E 185 -36.05 -38.54 22.00
CA ASP E 185 -37.38 -38.52 22.62
C ASP E 185 -37.35 -37.72 23.92
N PHE E 186 -38.47 -37.08 24.22
CA PHE E 186 -38.59 -36.15 25.34
C PHE E 186 -39.46 -36.79 26.41
N LYS E 187 -38.83 -37.37 27.42
CA LYS E 187 -39.53 -37.99 28.52
C LYS E 187 -39.76 -36.97 29.63
N ALA E 188 -40.18 -37.44 30.80
CA ALA E 188 -40.41 -36.58 31.95
C ALA E 188 -39.51 -36.99 33.11
N ASP E 189 -39.16 -36.02 33.94
CA ASP E 189 -38.28 -36.27 35.07
C ASP E 189 -38.59 -35.25 36.15
N ALA E 190 -38.32 -35.62 37.40
CA ALA E 190 -38.61 -34.74 38.52
C ALA E 190 -37.68 -33.53 38.56
N GLU E 191 -36.47 -33.69 38.03
CA GLU E 191 -35.53 -32.57 37.97
C GLU E 191 -35.57 -31.83 36.66
N LEU E 192 -36.24 -32.39 35.64
CA LEU E 192 -36.24 -31.74 34.33
C LEU E 192 -37.38 -30.75 34.17
N ASP E 193 -38.56 -31.04 34.75
CA ASP E 193 -39.64 -30.08 34.68
C ASP E 193 -39.42 -28.88 35.59
N ALA E 194 -38.56 -28.99 36.60
CA ALA E 194 -38.19 -27.81 37.37
C ALA E 194 -37.34 -26.86 36.54
N LEU E 195 -36.39 -27.41 35.78
CA LEU E 195 -35.60 -26.59 34.85
C LEU E 195 -36.48 -26.05 33.73
N ALA E 196 -37.47 -26.83 33.30
CA ALA E 196 -38.42 -26.36 32.30
C ALA E 196 -39.27 -25.21 32.84
N GLU E 197 -39.65 -25.27 34.11
CA GLU E 197 -40.39 -24.17 34.73
C GLU E 197 -39.53 -22.93 34.86
N LEU E 198 -38.24 -23.09 35.16
CA LEU E 198 -37.35 -21.94 35.27
C LEU E 198 -37.09 -21.30 33.91
N ILE E 199 -36.90 -22.12 32.87
CA ILE E 199 -36.74 -21.58 31.52
C ILE E 199 -38.05 -20.97 31.02
N ALA E 200 -39.20 -21.51 31.46
CA ALA E 200 -40.49 -20.93 31.09
C ALA E 200 -40.70 -19.58 31.75
N SER E 201 -40.28 -19.45 33.01
CA SER E 201 -40.36 -18.16 33.70
C SER E 201 -39.41 -17.15 33.07
N GLY E 202 -38.26 -17.60 32.57
CA GLY E 202 -37.39 -16.70 31.84
C GLY E 202 -37.94 -16.29 30.49
N LEU E 203 -38.63 -17.21 29.83
CA LEU E 203 -39.15 -16.96 28.48
C LEU E 203 -40.39 -16.09 28.51
N SER E 204 -41.26 -16.25 29.52
CA SER E 204 -42.44 -15.41 29.60
C SER E 204 -42.10 -14.00 30.07
N GLY E 205 -40.98 -13.85 30.78
CA GLY E 205 -40.61 -12.58 31.35
C GLY E 205 -40.83 -12.46 32.84
N SER E 206 -41.10 -13.57 33.53
CA SER E 206 -41.38 -13.54 34.96
C SER E 206 -40.14 -13.29 35.79
N GLY E 207 -38.96 -13.52 35.25
CA GLY E 207 -37.74 -13.30 36.00
C GLY E 207 -36.52 -13.40 35.11
N HIS E 208 -35.44 -12.77 35.56
CA HIS E 208 -34.18 -12.85 34.85
C HIS E 208 -33.56 -14.22 35.07
N VAL E 209 -33.18 -14.87 33.97
CA VAL E 209 -32.67 -16.23 34.02
C VAL E 209 -31.29 -16.27 33.35
N LEU E 210 -30.27 -16.64 34.12
CA LEU E 210 -28.92 -16.83 33.63
C LEU E 210 -28.43 -18.17 34.17
N LEU E 211 -28.03 -19.06 33.26
CA LEU E 211 -27.57 -20.39 33.61
C LEU E 211 -26.11 -20.55 33.23
N GLU E 212 -25.35 -21.25 34.06
CA GLU E 212 -24.01 -21.68 33.72
C GLU E 212 -24.05 -23.19 33.52
N VAL E 213 -23.70 -23.62 32.32
CA VAL E 213 -23.75 -25.03 31.95
C VAL E 213 -22.31 -25.52 31.83
N VAL E 214 -22.03 -26.68 32.42
CA VAL E 214 -20.72 -27.30 32.34
C VAL E 214 -20.89 -28.80 32.22
N ALA E 215 -20.32 -29.38 31.17
CA ALA E 215 -20.53 -30.79 30.84
C ALA E 215 -19.19 -31.52 30.80
N PHE E 216 -19.13 -32.64 31.51
CA PHE E 216 -17.94 -33.48 31.56
C PHE E 216 -18.19 -34.76 30.77
N ALA E 217 -17.18 -35.20 30.03
CA ALA E 217 -17.28 -36.39 29.21
C ALA E 217 -16.02 -37.23 29.30
N ARG E 218 -16.17 -38.53 29.61
CA ARG E 218 -15.08 -39.49 29.58
C ARG E 218 -14.88 -39.98 28.15
N ILE E 219 -13.87 -39.44 27.47
CA ILE E 219 -13.55 -39.99 26.16
C ILE E 219 -12.35 -40.93 26.25
N GLY E 220 -11.29 -40.51 26.94
CA GLY E 220 -10.14 -41.37 27.11
C GLY E 220 -8.87 -40.55 27.31
N ASP E 221 -7.79 -41.27 27.63
CA ASP E 221 -6.51 -40.65 27.91
C ASP E 221 -5.83 -40.23 26.62
N GLY E 222 -5.53 -38.94 26.50
CA GLY E 222 -4.73 -38.44 25.39
C GLY E 222 -5.42 -38.46 24.05
N GLN E 223 -6.75 -38.54 24.03
CA GLN E 223 -7.50 -38.71 22.80
C GLN E 223 -7.66 -37.36 22.09
N GLU E 224 -8.54 -37.31 21.11
CA GLU E 224 -8.76 -36.12 20.30
C GLU E 224 -10.12 -35.53 20.60
N VAL E 225 -10.15 -34.24 20.92
CA VAL E 225 -11.38 -33.48 21.03
C VAL E 225 -11.59 -32.71 19.75
N PHE E 226 -12.86 -32.41 19.47
CA PHE E 226 -13.26 -31.76 18.23
C PHE E 226 -13.94 -30.44 18.57
N PRO E 227 -13.20 -29.36 18.65
CA PRO E 227 -13.82 -28.03 18.80
C PRO E 227 -14.32 -27.54 17.45
N SER E 228 -14.82 -26.31 17.43
CA SER E 228 -15.36 -25.75 16.20
C SER E 228 -14.24 -25.43 15.23
N GLN E 229 -14.33 -25.97 14.03
CA GLN E 229 -13.39 -25.63 12.98
C GLN E 229 -13.81 -24.30 12.38
N GLU E 230 -12.83 -23.43 12.14
CA GLU E 230 -13.15 -22.11 11.62
C GLU E 230 -13.46 -22.18 10.13
N LEU E 231 -14.19 -21.18 9.66
CA LEU E 231 -14.66 -21.13 8.28
C LEU E 231 -13.72 -20.23 7.48
N ILE E 232 -12.76 -20.85 6.79
CA ILE E 232 -11.81 -20.16 5.93
C ILE E 232 -11.97 -20.71 4.53
N LEU E 233 -12.32 -19.84 3.57
CA LEU E 233 -12.49 -20.26 2.19
C LEU E 233 -11.11 -20.29 1.51
N ASP E 234 -10.62 -21.48 1.21
CA ASP E 234 -9.38 -21.62 0.48
C ASP E 234 -9.62 -21.49 -1.01
N LYS E 235 -8.58 -21.06 -1.72
CA LYS E 235 -8.67 -20.74 -3.14
C LYS E 235 -7.95 -21.80 -3.96
N GLY E 236 -8.30 -21.87 -5.25
CA GLY E 236 -7.71 -22.86 -6.13
C GLY E 236 -6.31 -22.54 -6.58
N ASP E 237 -5.93 -21.26 -6.60
CA ASP E 237 -4.57 -20.88 -6.96
C ASP E 237 -3.71 -20.77 -5.70
N LYS E 238 -2.40 -20.97 -5.90
CA LYS E 238 -1.37 -20.96 -4.86
C LYS E 238 -1.67 -21.98 -3.78
N LYS E 239 -1.74 -23.24 -4.19
CA LYS E 239 -2.18 -24.33 -3.33
C LYS E 239 -1.07 -24.73 -2.35
N GLY E 240 -1.45 -25.56 -1.38
CA GLY E 240 -0.57 -25.92 -0.29
C GLY E 240 -0.93 -25.17 0.98
N GLN E 241 -2.22 -25.01 1.22
CA GLN E 241 -2.71 -24.18 2.30
C GLN E 241 -2.88 -25.01 3.58
N LYS E 242 -3.56 -24.45 4.57
CA LYS E 242 -3.74 -25.13 5.85
C LYS E 242 -4.92 -26.09 5.82
N SER E 243 -6.08 -25.61 5.35
CA SER E 243 -7.31 -26.36 5.10
C SER E 243 -7.96 -26.94 6.36
N LYS E 244 -7.47 -26.59 7.55
CA LYS E 244 -8.16 -26.91 8.80
C LYS E 244 -7.71 -25.94 9.87
N THR E 245 -8.63 -25.16 10.41
CA THR E 245 -8.31 -24.21 11.47
C THR E 245 -9.36 -24.32 12.56
N LEU E 246 -8.94 -24.70 13.76
CA LEU E 246 -9.86 -24.85 14.87
C LEU E 246 -9.99 -23.54 15.63
N TYR E 247 -11.22 -23.20 16.00
CA TYR E 247 -11.49 -21.94 16.68
C TYR E 247 -10.95 -21.97 18.09
N SER E 248 -10.43 -20.83 18.54
CA SER E 248 -9.87 -20.73 19.88
C SER E 248 -10.14 -19.35 20.45
N VAL E 249 -10.65 -19.33 21.68
CA VAL E 249 -10.52 -18.18 22.57
C VAL E 249 -9.10 -18.31 23.13
N ARG E 250 -8.61 -17.30 23.86
CA ARG E 250 -7.18 -17.03 23.98
C ARG E 250 -6.38 -18.17 24.60
N ASP E 251 -5.70 -18.90 23.73
CA ASP E 251 -5.01 -20.17 24.01
C ASP E 251 -5.92 -21.16 24.74
N ALA E 252 -7.08 -21.42 24.14
CA ALA E 252 -8.03 -22.41 24.64
C ALA E 252 -8.96 -22.82 23.51
N ALA E 253 -9.04 -24.11 23.23
CA ALA E 253 -9.94 -24.60 22.19
C ALA E 253 -11.39 -24.47 22.65
N ALA E 254 -12.25 -24.05 21.73
CA ALA E 254 -13.63 -23.75 22.11
C ALA E 254 -14.56 -24.04 20.95
N ILE E 255 -15.84 -24.08 21.28
CA ILE E 255 -16.92 -24.27 20.32
C ILE E 255 -17.57 -22.92 20.06
N HIS E 256 -17.99 -22.69 18.82
CA HIS E 256 -18.70 -21.46 18.46
C HIS E 256 -20.02 -21.38 19.20
N SER E 257 -20.43 -20.15 19.53
CA SER E 257 -21.68 -19.95 20.25
C SER E 257 -22.88 -20.28 19.39
N GLN E 258 -22.77 -20.11 18.08
CA GLN E 258 -23.87 -20.48 17.20
C GLN E 258 -24.04 -22.00 17.12
N LYS E 259 -22.96 -22.76 17.34
CA LYS E 259 -23.09 -24.21 17.38
C LYS E 259 -23.80 -24.67 18.64
N ILE E 260 -23.51 -24.02 19.77
CA ILE E 260 -24.23 -24.31 21.01
C ILE E 260 -25.69 -23.90 20.88
N GLY E 261 -25.95 -22.79 20.18
CA GLY E 261 -27.32 -22.38 19.93
C GLY E 261 -28.07 -23.33 19.02
N ASN E 262 -27.38 -23.90 18.03
CA ASN E 262 -28.01 -24.88 17.15
C ASN E 262 -28.31 -26.17 17.88
N ALA E 263 -27.41 -26.60 18.76
CA ALA E 263 -27.66 -27.82 19.51
C ALA E 263 -28.65 -27.63 20.63
N LEU E 264 -28.86 -26.41 21.09
CA LEU E 264 -29.94 -26.14 22.03
C LEU E 264 -31.26 -25.88 21.33
N ARG E 265 -31.21 -25.53 20.05
CA ARG E 265 -32.40 -25.10 19.32
C ARG E 265 -33.12 -26.26 18.65
N THR E 266 -32.49 -27.43 18.55
CA THR E 266 -33.05 -28.55 17.82
C THR E 266 -34.14 -29.24 18.64
N ILE E 267 -35.36 -28.73 18.51
CA ILE E 267 -36.52 -29.25 19.22
C ILE E 267 -37.64 -29.67 18.28
N ASP E 268 -37.48 -29.48 16.97
CA ASP E 268 -38.57 -29.69 16.02
C ASP E 268 -38.72 -31.17 15.73
N THR E 269 -39.71 -31.80 16.36
CA THR E 269 -40.16 -33.12 15.98
C THR E 269 -41.53 -33.09 15.33
N TRP E 270 -41.83 -32.02 14.59
CA TRP E 270 -43.09 -31.87 13.86
C TRP E 270 -42.74 -31.44 12.44
N TYR E 271 -42.48 -32.42 11.59
CA TYR E 271 -42.24 -32.16 10.18
C TYR E 271 -42.80 -33.38 9.49
N PRO E 272 -43.49 -33.21 8.35
CA PRO E 272 -44.48 -34.22 7.92
C PRO E 272 -43.91 -35.57 7.50
N ASP E 273 -42.61 -35.70 7.31
CA ASP E 273 -42.00 -36.97 6.93
C ASP E 273 -41.11 -37.54 8.03
N GLU E 274 -41.59 -37.48 9.27
CA GLU E 274 -40.89 -38.09 10.39
C GLU E 274 -41.64 -39.33 10.86
N ASP E 275 -40.88 -40.39 11.16
CA ASP E 275 -41.41 -41.55 11.87
C ASP E 275 -40.55 -41.91 13.07
N GLY E 276 -39.74 -40.97 13.56
CA GLY E 276 -38.87 -41.24 14.69
C GLY E 276 -37.42 -40.90 14.44
N LEU E 277 -37.16 -40.02 13.47
CA LEU E 277 -35.78 -39.62 13.19
C LEU E 277 -35.19 -38.79 14.32
N GLY E 278 -35.99 -37.97 14.98
CA GLY E 278 -35.50 -37.13 16.04
C GLY E 278 -35.65 -35.66 15.73
N PRO E 279 -35.27 -34.80 16.66
CA PRO E 279 -35.48 -33.37 16.48
C PRO E 279 -34.50 -32.74 15.49
N ILE E 280 -34.98 -31.68 14.86
CA ILE E 280 -34.26 -30.89 13.87
C ILE E 280 -34.22 -29.45 14.39
N ALA E 281 -33.19 -28.71 14.02
CA ALA E 281 -33.12 -27.29 14.39
C ALA E 281 -34.28 -26.52 13.78
N VAL E 282 -34.93 -25.71 14.60
CA VAL E 282 -36.05 -24.90 14.12
C VAL E 282 -35.50 -23.80 13.23
N GLU E 283 -35.69 -23.95 11.93
CA GLU E 283 -35.31 -22.96 10.95
C GLU E 283 -36.52 -22.64 10.09
N PRO E 284 -36.61 -21.43 9.57
CA PRO E 284 -37.52 -21.19 8.45
C PRO E 284 -37.01 -21.99 7.26
N TYR E 285 -37.92 -22.72 6.61
CA TYR E 285 -37.61 -23.81 5.67
C TYR E 285 -36.66 -24.79 6.34
N GLY E 286 -37.15 -25.45 7.39
CA GLY E 286 -36.32 -26.19 8.34
C GLY E 286 -35.45 -27.28 7.76
N SER E 287 -34.17 -26.98 7.63
CA SER E 287 -33.28 -27.74 6.78
C SER E 287 -32.00 -28.09 7.51
N VAL E 288 -31.47 -29.27 7.22
CA VAL E 288 -30.17 -29.70 7.70
C VAL E 288 -29.25 -29.71 6.49
N THR E 289 -28.34 -28.72 6.44
CA THR E 289 -27.44 -28.61 5.30
C THR E 289 -26.38 -29.70 5.30
N SER E 290 -26.02 -30.21 6.47
CA SER E 290 -25.08 -31.33 6.54
C SER E 290 -25.73 -32.61 6.04
N GLN E 291 -26.97 -32.86 6.44
CA GLN E 291 -27.71 -34.03 5.96
C GLN E 291 -28.24 -33.86 4.54
N GLY E 292 -28.22 -32.63 4.01
CA GLY E 292 -28.65 -32.39 2.66
C GLY E 292 -30.15 -32.25 2.46
N LYS E 293 -30.94 -32.60 3.46
CA LYS E 293 -32.39 -32.50 3.35
C LYS E 293 -32.86 -31.09 3.71
N ALA E 294 -34.07 -30.77 3.26
CA ALA E 294 -34.75 -29.54 3.66
C ALA E 294 -36.21 -29.89 3.92
N TYR E 295 -36.52 -30.19 5.18
CA TYR E 295 -37.91 -30.39 5.55
C TYR E 295 -38.64 -29.06 5.59
N ARG E 296 -39.97 -29.16 5.59
CA ARG E 296 -40.88 -28.01 5.53
C ARG E 296 -40.58 -27.13 4.32
N GLN E 297 -40.48 -27.78 3.16
CA GLN E 297 -40.37 -27.06 1.90
C GLN E 297 -41.67 -26.30 1.64
N PRO E 298 -41.61 -25.18 0.90
CA PRO E 298 -42.84 -24.41 0.62
C PRO E 298 -43.80 -25.09 -0.34
N LYS E 299 -43.46 -26.26 -0.90
CA LYS E 299 -44.45 -27.08 -1.59
C LYS E 299 -45.52 -27.55 -0.61
N GLN E 300 -45.09 -28.13 0.50
CA GLN E 300 -46.01 -28.34 1.61
C GLN E 300 -46.32 -27.00 2.26
N LYS E 301 -47.48 -26.92 2.89
CA LYS E 301 -47.83 -25.67 3.58
C LYS E 301 -47.46 -25.76 5.06
N LEU E 302 -46.21 -26.12 5.34
CA LEU E 302 -45.71 -26.24 6.70
C LEU E 302 -44.42 -25.45 6.89
N ASP E 303 -44.14 -24.52 5.99
CA ASP E 303 -43.06 -23.56 6.16
C ASP E 303 -43.39 -22.63 7.32
N PHE E 304 -42.36 -22.03 7.92
CA PHE E 304 -42.58 -21.03 8.96
C PHE E 304 -43.30 -19.81 8.40
N TYR E 305 -42.99 -19.42 7.18
CA TYR E 305 -43.54 -18.19 6.62
C TYR E 305 -45.02 -18.35 6.28
N THR E 306 -45.40 -19.49 5.71
CA THR E 306 -46.81 -19.71 5.40
C THR E 306 -47.64 -19.85 6.66
N LEU E 307 -47.09 -20.54 7.68
CA LEU E 307 -47.80 -20.70 8.94
C LEU E 307 -47.96 -19.36 9.65
N LEU E 308 -46.92 -18.53 9.64
CA LEU E 308 -46.99 -17.22 10.29
C LEU E 308 -47.95 -16.28 9.54
N ASP E 309 -47.87 -16.26 8.21
CA ASP E 309 -48.74 -15.40 7.42
C ASP E 309 -50.18 -15.85 7.43
N ASN E 310 -50.44 -17.12 7.70
CA ASN E 310 -51.82 -17.57 7.88
C ASN E 310 -52.30 -17.40 9.31
N TRP E 311 -51.40 -17.41 10.29
CA TRP E 311 -51.82 -17.20 11.67
C TRP E 311 -52.12 -15.74 11.95
N VAL E 312 -51.22 -14.84 11.54
CA VAL E 312 -51.35 -13.44 11.92
C VAL E 312 -52.34 -12.72 11.02
N LEU E 313 -52.15 -12.82 9.70
CA LEU E 313 -52.95 -12.03 8.78
C LEU E 313 -54.35 -12.60 8.60
N ARG E 314 -54.45 -13.82 8.09
CA ARG E 314 -55.74 -14.41 7.76
C ARG E 314 -56.45 -15.03 8.96
N ASP E 315 -55.82 -15.03 10.13
CA ASP E 315 -56.35 -15.62 11.38
C ASP E 315 -56.69 -17.10 11.23
N GLU E 316 -55.96 -17.82 10.38
CA GLU E 316 -56.07 -19.27 10.31
C GLU E 316 -55.05 -19.83 11.29
N ALA E 317 -55.50 -20.09 12.51
CA ALA E 317 -54.61 -20.57 13.55
C ALA E 317 -54.23 -22.03 13.26
N PRO E 318 -52.94 -22.35 13.19
CA PRO E 318 -52.53 -23.72 12.85
C PRO E 318 -52.71 -24.69 14.02
N ALA E 319 -52.23 -25.92 13.83
CA ALA E 319 -52.22 -26.89 14.92
C ALA E 319 -51.24 -26.46 16.01
N VAL E 320 -51.40 -27.07 17.19
CA VAL E 320 -50.65 -26.65 18.38
C VAL E 320 -49.17 -26.95 18.22
N GLU E 321 -48.83 -28.03 17.52
CA GLU E 321 -47.43 -28.33 17.25
C GLU E 321 -46.81 -27.31 16.29
N GLN E 322 -47.56 -26.89 15.27
CA GLN E 322 -47.06 -25.87 14.37
C GLN E 322 -47.02 -24.51 15.05
N GLN E 323 -47.90 -24.28 16.03
CA GLN E 323 -47.81 -23.07 16.86
C GLN E 323 -46.53 -23.07 17.68
N HIS E 324 -46.18 -24.24 18.25
CA HIS E 324 -44.90 -24.37 18.95
C HIS E 324 -43.72 -24.13 18.02
N TYR E 325 -43.83 -24.58 16.77
CA TYR E 325 -42.77 -24.37 15.79
C TYR E 325 -42.60 -22.90 15.44
N VAL E 326 -43.72 -22.19 15.23
CA VAL E 326 -43.66 -20.77 14.87
C VAL E 326 -43.11 -19.95 16.04
N ILE E 327 -43.54 -20.25 17.26
CA ILE E 327 -43.05 -19.50 18.41
C ILE E 327 -41.59 -19.85 18.70
N ALA E 328 -41.15 -21.08 18.38
CA ALA E 328 -39.73 -21.41 18.50
C ALA E 328 -38.89 -20.65 17.48
N ASN E 329 -39.44 -20.44 16.28
CA ASN E 329 -38.73 -19.61 15.30
C ASN E 329 -38.70 -18.15 15.71
N LEU E 330 -39.74 -17.66 16.40
CA LEU E 330 -39.70 -16.29 16.91
C LEU E 330 -38.72 -16.17 18.08
N ILE E 331 -38.56 -17.24 18.86
CA ILE E 331 -37.58 -17.25 19.94
C ILE E 331 -36.17 -17.27 19.38
N ARG E 332 -35.97 -17.96 18.25
CA ARG E 332 -34.66 -17.95 17.59
C ARG E 332 -34.31 -16.57 17.06
N GLY E 333 -35.25 -15.90 16.43
CA GLY E 333 -35.05 -14.57 15.88
C GLY E 333 -34.86 -14.63 14.39
N GLY E 334 -34.59 -13.46 13.80
CA GLY E 334 -34.28 -13.40 12.39
C GLY E 334 -34.86 -12.18 11.72
N VAL E 335 -34.78 -12.19 10.39
CA VAL E 335 -35.15 -11.07 9.54
C VAL E 335 -36.24 -11.52 8.58
N PHE E 336 -37.41 -10.89 8.67
CA PHE E 336 -38.53 -11.22 7.81
C PHE E 336 -39.02 -9.93 7.15
N GLY E 337 -39.77 -10.08 6.05
CA GLY E 337 -40.22 -8.88 5.37
C GLY E 337 -40.96 -9.03 4.05
N GLU E 338 -40.56 -8.23 3.07
CA GLU E 338 -41.20 -8.20 1.76
C GLU E 338 -40.32 -8.84 0.70
N ILE F 5 -45.92 41.95 8.91
CA ILE F 5 -46.74 40.75 8.89
C ILE F 5 -46.06 39.67 9.73
N LEU F 6 -44.72 39.75 9.81
CA LEU F 6 -43.86 38.86 10.60
C LEU F 6 -44.04 37.40 10.17
N SER F 7 -43.61 37.12 8.95
CA SER F 7 -43.46 35.73 8.54
C SER F 7 -42.23 35.12 9.19
N THR F 8 -42.13 33.80 9.11
CA THR F 8 -41.01 33.11 9.74
C THR F 8 -39.73 33.32 8.94
N ALA F 9 -38.60 33.08 9.60
CA ALA F 9 -37.30 33.29 8.97
C ALA F 9 -37.05 32.22 7.92
N SER F 10 -36.25 32.58 6.92
CA SER F 10 -35.94 31.67 5.84
C SER F 10 -34.90 30.64 6.21
N VAL F 11 -33.87 31.03 6.96
CA VAL F 11 -32.94 30.08 7.57
C VAL F 11 -33.13 30.13 9.08
N LEU F 12 -33.00 28.97 9.71
CA LEU F 12 -33.07 28.86 11.17
C LEU F 12 -32.18 27.70 11.56
N ALA F 13 -31.16 28.00 12.35
CA ALA F 13 -30.18 27.01 12.75
C ALA F 13 -30.06 27.03 14.25
N PHE F 14 -30.45 25.92 14.89
CA PHE F 14 -30.38 25.80 16.34
C PHE F 14 -29.32 24.77 16.69
N GLU F 15 -28.32 25.19 17.44
CA GLU F 15 -27.24 24.29 17.81
C GLU F 15 -27.70 23.29 18.87
N ARG F 16 -27.06 22.14 18.86
CA ARG F 16 -27.44 21.04 19.75
C ARG F 16 -27.05 21.34 21.18
N LYS F 17 -28.02 21.29 22.08
CA LYS F 17 -27.74 21.24 23.50
C LYS F 17 -27.77 19.78 23.94
N LEU F 18 -27.22 19.53 25.14
CA LEU F 18 -26.93 18.18 25.66
C LEU F 18 -26.06 17.40 24.68
N ASP F 19 -24.83 17.87 24.53
CA ASP F 19 -23.87 17.25 23.61
C ASP F 19 -23.17 16.05 24.25
N PRO F 20 -23.43 14.83 23.78
CA PRO F 20 -22.77 13.67 24.36
C PRO F 20 -21.50 13.30 23.59
N SER F 21 -20.81 12.29 24.11
CA SER F 21 -19.61 11.77 23.48
C SER F 21 -19.83 10.33 23.06
N ASP F 22 -18.84 9.79 22.35
CA ASP F 22 -18.88 8.39 21.95
C ASP F 22 -18.64 7.51 23.16
N ALA F 23 -19.60 6.64 23.45
CA ALA F 23 -19.57 5.86 24.68
C ALA F 23 -18.71 4.62 24.47
N LEU F 24 -17.57 4.56 25.16
CA LEU F 24 -16.66 3.43 25.05
C LEU F 24 -17.13 2.28 25.93
N MET F 25 -16.81 1.06 25.52
CA MET F 25 -17.18 -0.15 26.25
C MET F 25 -15.93 -0.91 26.66
N SER F 26 -15.87 -1.30 27.93
CA SER F 26 -14.85 -2.18 28.46
C SER F 26 -15.54 -3.24 29.31
N ALA F 27 -14.78 -4.20 29.81
CA ALA F 27 -15.35 -5.34 30.50
C ALA F 27 -14.64 -5.58 31.82
N GLY F 28 -15.34 -6.26 32.73
CA GLY F 28 -14.74 -6.58 34.00
C GLY F 28 -15.71 -7.37 34.85
N ALA F 29 -15.42 -7.43 36.15
CA ALA F 29 -16.24 -8.17 37.09
C ALA F 29 -17.02 -7.21 37.98
N TRP F 30 -18.21 -7.62 38.38
CA TRP F 30 -19.00 -6.90 39.36
C TRP F 30 -18.33 -7.01 40.74
N ALA F 31 -18.75 -6.12 41.64
CA ALA F 31 -18.28 -5.93 43.01
C ALA F 31 -16.82 -5.46 43.08
N GLN F 32 -16.20 -5.12 41.96
CA GLN F 32 -14.96 -4.36 41.92
C GLN F 32 -15.10 -3.23 40.91
N ARG F 33 -16.30 -2.67 40.81
CA ARG F 33 -16.58 -1.59 39.87
C ARG F 33 -15.95 -0.27 40.30
N ASP F 34 -15.49 -0.17 41.54
CA ASP F 34 -14.88 1.08 41.99
C ASP F 34 -13.51 1.29 41.34
N ALA F 35 -12.76 0.21 41.12
CA ALA F 35 -11.49 0.30 40.39
C ALA F 35 -11.67 -0.03 38.91
N SER F 36 -12.64 0.61 38.28
CA SER F 36 -12.89 0.42 36.85
C SER F 36 -12.21 1.50 36.00
N GLN F 37 -10.91 1.70 36.20
CA GLN F 37 -10.18 2.68 35.42
C GLN F 37 -9.14 2.05 34.50
N GLU F 38 -8.81 0.78 34.72
CA GLU F 38 -7.83 0.06 33.91
C GLU F 38 -8.42 -1.22 33.33
N TRP F 39 -9.75 -1.30 33.27
CA TRP F 39 -10.43 -2.46 32.73
C TRP F 39 -10.14 -2.60 31.24
N PRO F 40 -9.94 -3.83 30.75
CA PRO F 40 -9.58 -4.00 29.34
C PRO F 40 -10.78 -3.75 28.45
N ALA F 41 -10.52 -3.10 27.31
CA ALA F 41 -11.60 -2.68 26.43
C ALA F 41 -12.14 -3.87 25.65
N VAL F 42 -13.46 -3.83 25.41
CA VAL F 42 -14.12 -4.84 24.60
C VAL F 42 -13.76 -4.58 23.14
N THR F 43 -13.14 -5.58 22.50
CA THR F 43 -12.66 -5.45 21.14
C THR F 43 -13.58 -6.18 20.18
N VAL F 44 -13.85 -5.55 19.04
CA VAL F 44 -14.69 -6.13 18.01
C VAL F 44 -13.87 -7.17 17.26
N ARG F 45 -14.48 -8.31 16.94
CA ARG F 45 -13.78 -9.35 16.20
C ARG F 45 -14.66 -9.88 15.08
N GLU F 46 -14.04 -10.14 13.94
CA GLU F 46 -14.75 -10.70 12.79
C GLU F 46 -14.85 -12.21 12.93
N LYS F 47 -15.99 -12.76 12.55
CA LYS F 47 -16.16 -14.20 12.49
C LYS F 47 -16.97 -14.56 11.25
N SER F 48 -16.55 -15.61 10.58
CA SER F 48 -17.32 -16.20 9.49
C SER F 48 -18.17 -17.32 10.06
N VAL F 49 -19.47 -17.28 9.76
CA VAL F 49 -20.41 -18.26 10.25
C VAL F 49 -21.07 -18.95 9.06
N ARG F 50 -21.60 -20.13 9.33
CA ARG F 50 -22.34 -20.92 8.36
C ARG F 50 -23.76 -21.07 8.87
N GLY F 51 -24.73 -20.61 8.07
CA GLY F 51 -26.12 -20.76 8.41
C GLY F 51 -26.87 -21.40 7.26
N THR F 52 -28.19 -21.49 7.43
CA THR F 52 -29.06 -21.95 6.37
C THR F 52 -29.69 -20.74 5.68
N ILE F 53 -30.21 -20.97 4.48
CA ILE F 53 -30.97 -19.93 3.79
C ILE F 53 -32.31 -19.80 4.50
N SER F 54 -32.47 -18.72 5.25
CA SER F 54 -33.69 -18.45 6.03
C SER F 54 -34.14 -17.03 5.72
N ASN F 55 -34.88 -16.88 4.63
CA ASN F 55 -35.45 -15.61 4.21
C ASN F 55 -36.55 -15.91 3.21
N ARG F 56 -37.42 -14.92 2.99
CA ARG F 56 -38.49 -15.08 2.03
C ARG F 56 -37.91 -15.11 0.63
N LEU F 57 -38.03 -16.26 -0.04
CA LEU F 57 -37.39 -16.43 -1.33
C LEU F 57 -38.14 -15.68 -2.42
N LYS F 58 -37.40 -15.12 -3.37
CA LYS F 58 -37.98 -14.46 -4.53
C LYS F 58 -38.39 -15.55 -5.52
N THR F 59 -39.60 -16.07 -5.34
CA THR F 59 -40.13 -17.13 -6.18
C THR F 59 -40.94 -16.59 -7.35
N LYS F 60 -40.63 -15.38 -7.82
CA LYS F 60 -41.43 -14.73 -8.85
C LYS F 60 -41.02 -15.18 -10.24
N ASP F 61 -39.71 -15.17 -10.51
CA ASP F 61 -39.20 -15.50 -11.84
C ASP F 61 -38.13 -16.59 -11.82
N ARG F 62 -37.78 -17.13 -10.67
CA ARG F 62 -36.74 -18.13 -10.59
C ARG F 62 -37.31 -19.54 -10.67
N ASP F 63 -36.48 -20.47 -11.13
CA ASP F 63 -36.90 -21.86 -11.24
C ASP F 63 -36.96 -22.51 -9.86
N PRO F 64 -37.85 -23.48 -9.65
CA PRO F 64 -37.97 -24.10 -8.33
C PRO F 64 -36.79 -24.97 -7.96
N ALA F 65 -36.08 -25.53 -8.93
CA ALA F 65 -34.95 -26.42 -8.64
C ALA F 65 -33.79 -25.64 -8.01
N LYS F 66 -33.50 -24.44 -8.52
CA LYS F 66 -32.48 -23.61 -7.90
C LYS F 66 -32.91 -23.12 -6.54
N LEU F 67 -34.21 -22.91 -6.33
CA LEU F 67 -34.68 -22.44 -5.03
C LEU F 67 -34.60 -23.51 -3.95
N ASP F 68 -35.05 -24.74 -4.24
CA ASP F 68 -34.92 -25.73 -3.18
C ASP F 68 -33.50 -26.27 -3.06
N ALA F 69 -32.69 -26.20 -4.13
CA ALA F 69 -31.26 -26.45 -3.97
C ALA F 69 -30.61 -25.36 -3.13
N SER F 70 -31.13 -24.13 -3.19
CA SER F 70 -30.60 -23.06 -2.35
C SER F 70 -30.98 -23.26 -0.89
N ILE F 71 -32.23 -23.68 -0.63
CA ILE F 71 -32.61 -23.89 0.77
C ILE F 71 -32.01 -25.19 1.34
N GLN F 72 -31.56 -26.11 0.48
CA GLN F 72 -30.85 -27.28 0.99
C GLN F 72 -29.41 -26.96 1.36
N SER F 73 -28.69 -26.31 0.47
CA SER F 73 -27.28 -25.98 0.66
C SER F 73 -27.13 -24.82 1.64
N PRO F 74 -26.02 -24.75 2.38
CA PRO F 74 -25.87 -23.66 3.37
C PRO F 74 -25.51 -22.32 2.76
N ASN F 75 -25.25 -21.34 3.61
CA ASN F 75 -24.72 -20.06 3.15
C ASN F 75 -23.78 -19.50 4.21
N LEU F 76 -22.71 -18.87 3.76
CA LEU F 76 -21.59 -18.49 4.62
C LEU F 76 -21.50 -16.97 4.64
N GLN F 77 -21.54 -16.40 5.85
CA GLN F 77 -21.59 -14.95 6.01
C GLN F 77 -20.62 -14.51 7.07
N THR F 78 -19.98 -13.36 6.85
CA THR F 78 -18.99 -12.83 7.78
C THR F 78 -19.59 -11.65 8.52
N VAL F 79 -19.64 -11.73 9.86
CA VAL F 79 -20.19 -10.67 10.69
C VAL F 79 -19.23 -10.38 11.83
N ASP F 80 -19.35 -9.19 12.38
CA ASP F 80 -18.60 -8.81 13.56
C ASP F 80 -19.35 -9.18 14.83
N VAL F 81 -18.60 -9.33 15.92
CA VAL F 81 -19.17 -9.69 17.21
C VAL F 81 -18.26 -9.12 18.29
N ALA F 82 -18.86 -8.67 19.39
CA ALA F 82 -18.13 -8.21 20.57
C ALA F 82 -18.66 -8.98 21.76
N ASN F 83 -17.80 -9.83 22.34
CA ASN F 83 -18.17 -10.62 23.51
C ASN F 83 -17.37 -10.16 24.72
N LEU F 84 -17.91 -10.45 25.89
CA LEU F 84 -17.16 -10.28 27.12
C LEU F 84 -16.15 -11.42 27.26
N PRO F 85 -15.09 -11.23 28.06
CA PRO F 85 -14.21 -12.35 28.39
C PRO F 85 -14.93 -13.37 29.27
N SER F 86 -14.29 -14.54 29.40
CA SER F 86 -14.90 -15.64 30.12
C SER F 86 -14.94 -15.42 31.62
N ASP F 87 -14.06 -14.57 32.15
CA ASP F 87 -14.06 -14.25 33.57
C ASP F 87 -14.73 -12.92 33.88
N ALA F 88 -15.19 -12.20 32.87
CA ALA F 88 -15.85 -10.91 33.04
C ALA F 88 -17.35 -11.08 32.86
N ASP F 89 -18.12 -10.53 33.79
CA ASP F 89 -19.59 -10.60 33.72
C ASP F 89 -20.23 -9.23 33.77
N THR F 90 -19.47 -8.17 33.56
CA THR F 90 -19.98 -6.81 33.69
C THR F 90 -19.43 -5.95 32.58
N LEU F 91 -20.34 -5.32 31.83
CA LEU F 91 -19.98 -4.37 30.81
C LEU F 91 -20.00 -2.96 31.38
N LYS F 92 -18.88 -2.24 31.23
CA LYS F 92 -18.77 -0.86 31.68
C LYS F 92 -18.72 0.03 30.46
N VAL F 93 -19.71 0.91 30.34
CA VAL F 93 -19.82 1.81 29.20
C VAL F 93 -19.77 3.24 29.72
N ARG F 94 -18.85 4.03 29.17
CA ARG F 94 -18.53 5.35 29.70
C ARG F 94 -18.62 6.39 28.61
N PHE F 95 -19.32 7.49 28.90
CA PHE F 95 -19.33 8.65 28.00
C PHE F 95 -19.33 9.92 28.83
N THR F 96 -19.14 11.05 28.14
CA THR F 96 -19.19 12.36 28.76
C THR F 96 -20.27 13.20 28.10
N LEU F 97 -20.84 14.11 28.86
CA LEU F 97 -21.95 14.93 28.41
C LEU F 97 -21.68 16.37 28.81
N ARG F 98 -21.92 17.29 27.89
CA ARG F 98 -21.91 18.72 28.18
C ARG F 98 -23.33 19.24 28.03
N VAL F 99 -23.78 20.06 28.97
CA VAL F 99 -24.99 20.82 28.70
C VAL F 99 -24.58 22.30 28.57
N LEU F 100 -25.24 23.02 27.66
CA LEU F 100 -24.66 24.25 27.17
C LEU F 100 -25.36 25.50 27.69
N GLY F 101 -26.67 25.58 27.50
CA GLY F 101 -27.40 26.75 27.91
C GLY F 101 -27.55 27.77 26.79
N GLY F 102 -28.54 28.64 26.95
CA GLY F 102 -28.90 29.55 25.89
C GLY F 102 -29.61 28.80 24.77
N ALA F 103 -30.68 28.09 25.13
CA ALA F 103 -31.33 27.19 24.19
C ALA F 103 -32.20 27.92 23.18
N GLY F 104 -32.61 29.16 23.48
CA GLY F 104 -33.47 29.88 22.58
C GLY F 104 -32.77 30.65 21.48
N THR F 105 -31.50 30.99 21.68
CA THR F 105 -30.76 31.77 20.69
C THR F 105 -30.39 30.89 19.51
N PRO F 106 -30.85 31.20 18.31
CA PRO F 106 -30.40 30.45 17.13
C PRO F 106 -29.02 30.91 16.70
N SER F 107 -28.44 30.15 15.78
CA SER F 107 -27.15 30.49 15.22
C SER F 107 -27.24 31.11 13.83
N ALA F 108 -28.41 31.07 13.20
CA ALA F 108 -28.60 31.68 11.90
C ALA F 108 -30.04 32.14 11.74
N CYS F 109 -30.23 33.32 11.14
CA CYS F 109 -31.54 33.86 10.86
C CYS F 109 -31.46 34.71 9.60
N ASN F 110 -32.61 34.94 8.98
CA ASN F 110 -32.74 35.92 7.91
C ASN F 110 -33.62 37.10 8.26
N ASP F 111 -34.58 36.91 9.16
CA ASP F 111 -35.49 37.96 9.59
C ASP F 111 -35.11 38.29 11.02
N ALA F 112 -34.62 39.50 11.25
CA ALA F 112 -34.20 39.89 12.59
C ALA F 112 -35.39 40.12 13.51
N ALA F 113 -36.51 40.61 12.97
CA ALA F 113 -37.71 40.79 13.78
C ALA F 113 -38.25 39.45 14.26
N TYR F 114 -38.16 38.41 13.41
CA TYR F 114 -38.50 37.07 13.84
C TYR F 114 -37.55 36.57 14.92
N ARG F 115 -36.28 36.97 14.86
CA ARG F 115 -35.33 36.56 15.89
C ARG F 115 -35.67 37.18 17.23
N ASP F 116 -36.01 38.48 17.24
CA ASP F 116 -36.40 39.13 18.49
C ASP F 116 -37.72 38.59 19.02
N LYS F 117 -38.67 38.27 18.13
CA LYS F 117 -39.93 37.70 18.58
C LYS F 117 -39.76 36.31 19.15
N LEU F 118 -38.88 35.50 18.53
CA LEU F 118 -38.63 34.15 19.02
C LEU F 118 -37.88 34.17 20.35
N LEU F 119 -36.94 35.11 20.50
CA LEU F 119 -36.25 35.24 21.78
C LEU F 119 -37.19 35.74 22.88
N GLN F 120 -38.12 36.63 22.53
CA GLN F 120 -39.12 37.08 23.49
C GLN F 120 -40.05 35.94 23.90
N THR F 121 -40.42 35.07 22.95
CA THR F 121 -41.27 33.93 23.25
C THR F 121 -40.56 32.93 24.17
N VAL F 122 -39.28 32.64 23.88
CA VAL F 122 -38.51 31.72 24.71
C VAL F 122 -38.27 32.31 26.09
N ALA F 123 -38.05 33.62 26.17
CA ALA F 123 -37.84 34.26 27.47
C ALA F 123 -39.11 34.29 28.29
N THR F 124 -40.27 34.44 27.64
CA THR F 124 -41.53 34.37 28.38
C THR F 124 -41.80 32.95 28.87
N TYR F 125 -41.41 31.95 28.08
CA TYR F 125 -41.49 30.57 28.55
C TYR F 125 -40.59 30.34 29.75
N VAL F 126 -39.37 30.90 29.72
CA VAL F 126 -38.39 30.62 30.77
C VAL F 126 -38.77 31.31 32.07
N ASN F 127 -39.17 32.58 32.00
CA ASN F 127 -39.58 33.24 33.24
C ASN F 127 -40.98 32.86 33.67
N ASP F 128 -41.78 32.22 32.81
CA ASP F 128 -43.01 31.61 33.28
C ASP F 128 -42.72 30.36 34.09
N GLN F 129 -41.82 29.51 33.60
CA GLN F 129 -41.41 28.31 34.31
C GLN F 129 -40.02 27.93 33.82
N GLY F 130 -39.14 27.54 34.73
CA GLY F 130 -37.78 27.24 34.36
C GLY F 130 -37.66 25.93 33.58
N PHE F 131 -36.42 25.50 33.42
CA PHE F 131 -36.17 24.20 32.81
C PHE F 131 -36.25 23.08 33.83
N ALA F 132 -37.33 23.02 34.61
CA ALA F 132 -37.41 22.02 35.66
C ALA F 132 -37.92 20.68 35.14
N GLU F 133 -38.98 20.73 34.33
CA GLU F 133 -39.59 19.48 33.84
C GLU F 133 -38.70 18.83 32.79
N LEU F 134 -38.10 19.63 31.91
CA LEU F 134 -37.25 19.06 30.86
C LEU F 134 -35.98 18.47 31.44
N ALA F 135 -35.35 19.16 32.40
CA ALA F 135 -34.17 18.60 33.04
C ALA F 135 -34.53 17.44 33.95
N ARG F 136 -35.74 17.42 34.49
CA ARG F 136 -36.20 16.26 35.26
C ARG F 136 -36.30 15.02 34.38
N ARG F 137 -36.85 15.19 33.18
CA ARG F 137 -36.98 14.07 32.27
C ARG F 137 -35.62 13.67 31.67
N TYR F 138 -34.73 14.64 31.45
CA TYR F 138 -33.38 14.31 30.98
C TYR F 138 -32.58 13.59 32.06
N ALA F 139 -32.72 14.00 33.31
CA ALA F 139 -32.06 13.31 34.41
C ALA F 139 -32.65 11.93 34.65
N HIS F 140 -33.93 11.75 34.34
CA HIS F 140 -34.51 10.40 34.38
C HIS F 140 -33.92 9.53 33.29
N ASN F 141 -33.79 10.06 32.07
CA ASN F 141 -33.19 9.29 30.98
C ASN F 141 -31.71 9.03 31.20
N LEU F 142 -31.04 9.85 31.99
CA LEU F 142 -29.67 9.56 32.38
C LEU F 142 -29.61 8.54 33.52
N ALA F 143 -30.59 8.56 34.42
CA ALA F 143 -30.54 7.72 35.62
C ALA F 143 -30.79 6.27 35.28
N ASN F 144 -31.97 5.97 34.73
CA ASN F 144 -32.16 4.65 34.15
C ASN F 144 -31.34 4.54 32.88
N ALA F 145 -30.70 3.40 32.70
CA ALA F 145 -29.69 3.24 31.66
C ALA F 145 -30.32 2.99 30.29
N ARG F 146 -31.00 4.03 29.79
CA ARG F 146 -31.63 3.91 28.48
C ARG F 146 -30.61 3.94 27.35
N PHE F 147 -29.40 4.44 27.60
CA PHE F 147 -28.40 4.52 26.55
C PHE F 147 -27.73 3.18 26.27
N LEU F 148 -27.85 2.21 27.18
CA LEU F 148 -27.59 0.82 26.85
C LEU F 148 -28.84 0.29 26.16
N TRP F 149 -28.78 0.12 24.84
CA TRP F 149 -30.01 -0.18 24.13
C TRP F 149 -30.36 -1.66 24.21
N ARG F 150 -29.52 -2.51 23.63
CA ARG F 150 -29.69 -3.95 23.74
C ARG F 150 -28.80 -4.55 24.82
N ASN F 151 -27.98 -3.74 25.46
CA ASN F 151 -27.16 -4.17 26.59
C ASN F 151 -27.90 -4.04 27.91
N ARG F 152 -29.21 -3.86 27.88
CA ARG F 152 -30.03 -3.65 29.06
C ARG F 152 -31.15 -4.67 29.21
N VAL F 153 -31.57 -5.31 28.12
CA VAL F 153 -32.77 -6.13 28.13
C VAL F 153 -32.59 -7.45 28.85
N GLY F 154 -31.36 -7.86 29.14
CA GLY F 154 -31.15 -9.10 29.85
C GLY F 154 -30.22 -8.93 31.04
N ALA F 155 -29.93 -7.69 31.39
CA ALA F 155 -28.98 -7.42 32.46
C ALA F 155 -29.63 -7.69 33.82
N GLU F 156 -28.85 -8.28 34.72
CA GLU F 156 -29.38 -8.65 36.03
C GLU F 156 -29.49 -7.44 36.94
N ALA F 157 -28.47 -6.59 36.94
CA ALA F 157 -28.48 -5.37 37.75
C ALA F 157 -27.60 -4.33 37.07
N VAL F 158 -28.14 -3.14 36.87
CA VAL F 158 -27.42 -2.04 36.23
C VAL F 158 -27.20 -0.95 37.25
N GLU F 159 -25.97 -0.44 37.32
CA GLU F 159 -25.63 0.66 38.21
C GLU F 159 -25.04 1.78 37.38
N VAL F 160 -25.62 2.97 37.47
CA VAL F 160 -25.21 4.12 36.68
C VAL F 160 -24.64 5.17 37.61
N ARG F 161 -23.36 5.47 37.45
CA ARG F 161 -22.70 6.53 38.19
C ARG F 161 -22.57 7.76 37.30
N ILE F 162 -22.85 8.92 37.88
CA ILE F 162 -22.79 10.19 37.16
C ILE F 162 -21.95 11.16 37.98
N ASN F 163 -20.86 11.65 37.42
CA ASN F 163 -19.96 12.56 38.10
C ASN F 163 -20.07 13.94 37.49
N HIS F 164 -19.98 14.97 38.33
CA HIS F 164 -19.98 16.36 37.88
C HIS F 164 -18.55 16.86 37.91
N ILE F 165 -17.95 17.02 36.73
CA ILE F 165 -16.54 17.33 36.61
C ILE F 165 -16.36 18.84 36.74
N ARG F 166 -15.77 19.28 37.84
CA ARG F 166 -15.68 20.71 38.13
C ARG F 166 -14.43 21.35 37.55
N GLN F 167 -13.24 20.80 37.82
CA GLN F 167 -12.04 21.26 37.12
C GLN F 167 -11.45 20.16 36.25
N GLY F 168 -11.02 19.05 36.85
CA GLY F 168 -10.65 17.87 36.11
C GLY F 168 -11.02 16.65 36.92
N GLU F 169 -11.69 16.92 38.03
CA GLU F 169 -12.05 15.93 39.03
C GLU F 169 -13.51 16.12 39.40
N VAL F 170 -14.03 15.19 40.19
CA VAL F 170 -15.44 15.21 40.53
C VAL F 170 -15.70 16.27 41.60
N ALA F 171 -16.95 16.72 41.65
CA ALA F 171 -17.44 17.58 42.73
C ALA F 171 -18.77 17.11 43.29
N ARG F 172 -19.51 16.27 42.57
CA ARG F 172 -20.75 15.69 43.05
C ARG F 172 -20.98 14.41 42.26
N ALA F 173 -21.17 13.30 42.97
CA ALA F 173 -21.28 11.99 42.35
C ALA F 173 -22.62 11.37 42.74
N TRP F 174 -23.42 11.03 41.74
CA TRP F 174 -24.66 10.30 41.93
C TRP F 174 -24.46 8.85 41.53
N ARG F 175 -25.20 7.96 42.19
CA ARG F 175 -25.13 6.53 41.92
C ARG F 175 -26.55 5.99 41.95
N PHE F 176 -27.01 5.48 40.81
CA PHE F 176 -28.39 5.06 40.65
C PHE F 176 -28.47 3.58 40.32
N ASP F 177 -29.52 2.94 40.82
CA ASP F 177 -29.91 1.59 40.39
C ASP F 177 -30.82 1.76 39.18
N ALA F 178 -30.30 1.43 38.00
CA ALA F 178 -31.00 1.75 36.77
C ALA F 178 -32.17 0.83 36.46
N LEU F 179 -32.34 -0.26 37.21
CA LEU F 179 -33.46 -1.15 36.96
C LEU F 179 -34.66 -0.84 37.85
N ALA F 180 -34.43 -0.25 39.03
CA ALA F 180 -35.53 0.19 39.86
C ALA F 180 -36.21 1.42 39.26
N ILE F 181 -35.45 2.27 38.58
CA ILE F 181 -36.00 3.40 37.84
C ILE F 181 -36.48 2.89 36.49
N GLY F 182 -37.78 2.95 36.26
CA GLY F 182 -38.34 2.39 35.05
C GLY F 182 -38.04 3.22 33.82
N LEU F 183 -38.47 2.68 32.68
CA LEU F 183 -38.29 3.35 31.40
C LEU F 183 -39.47 4.23 31.03
N ARG F 184 -40.54 4.22 31.79
CA ARG F 184 -41.71 5.00 31.45
C ARG F 184 -42.20 5.90 32.58
N ASP F 185 -42.12 5.45 33.83
CA ASP F 185 -42.61 6.21 34.95
C ASP F 185 -41.59 7.28 35.34
N PHE F 186 -42.04 8.53 35.42
CA PHE F 186 -41.19 9.64 35.84
C PHE F 186 -41.48 9.91 37.30
N LYS F 187 -40.72 9.23 38.17
CA LYS F 187 -40.88 9.34 39.61
C LYS F 187 -40.14 10.55 40.17
N ALA F 188 -39.97 10.61 41.48
CA ALA F 188 -39.25 11.70 42.13
C ALA F 188 -38.38 11.15 43.25
N ASP F 189 -37.08 11.43 43.18
CA ASP F 189 -36.12 11.03 44.19
C ASP F 189 -35.22 12.23 44.48
N ALA F 190 -34.58 12.24 45.66
CA ALA F 190 -33.76 13.38 46.06
C ALA F 190 -32.51 13.52 45.19
N GLU F 191 -31.84 12.40 44.89
CA GLU F 191 -30.72 12.44 43.96
C GLU F 191 -31.20 12.76 42.55
N LEU F 192 -32.40 12.31 42.19
CA LEU F 192 -32.95 12.57 40.86
C LEU F 192 -33.24 14.04 40.64
N ASP F 193 -33.95 14.70 41.57
CA ASP F 193 -34.21 16.11 41.34
C ASP F 193 -33.02 16.99 41.71
N ALA F 194 -32.03 16.47 42.45
CA ALA F 194 -30.77 17.18 42.58
C ALA F 194 -30.02 17.22 41.24
N LEU F 195 -29.95 16.08 40.55
CA LEU F 195 -29.37 16.04 39.22
C LEU F 195 -30.20 16.86 38.23
N ALA F 196 -31.51 16.90 38.41
CA ALA F 196 -32.37 17.73 37.58
C ALA F 196 -32.11 19.20 37.81
N GLU F 197 -31.84 19.60 39.06
CA GLU F 197 -31.50 20.99 39.35
C GLU F 197 -30.16 21.36 38.73
N LEU F 198 -29.20 20.42 38.72
CA LEU F 198 -27.92 20.67 38.08
C LEU F 198 -28.07 20.84 36.57
N ILE F 199 -28.84 19.96 35.92
CA ILE F 199 -29.06 20.05 34.47
C ILE F 199 -29.88 21.29 34.14
N ALA F 200 -30.79 21.70 35.02
CA ALA F 200 -31.56 22.92 34.80
C ALA F 200 -30.69 24.17 34.92
N SER F 201 -29.75 24.17 35.88
CA SER F 201 -28.82 25.28 35.98
C SER F 201 -27.86 25.33 34.80
N GLY F 202 -27.54 24.16 34.23
CA GLY F 202 -26.70 24.15 33.05
C GLY F 202 -27.45 24.59 31.80
N LEU F 203 -28.74 24.28 31.73
CA LEU F 203 -29.55 24.67 30.57
C LEU F 203 -29.98 26.12 30.63
N SER F 204 -30.08 26.69 31.83
CA SER F 204 -30.43 28.10 31.94
C SER F 204 -29.26 29.01 31.66
N GLY F 205 -28.03 28.49 31.68
CA GLY F 205 -26.85 29.29 31.48
C GLY F 205 -26.17 29.76 32.74
N SER F 206 -26.61 29.28 33.91
CA SER F 206 -26.09 29.73 35.19
C SER F 206 -24.93 28.89 35.70
N GLY F 207 -24.18 28.26 34.81
CA GLY F 207 -23.05 27.45 35.21
C GLY F 207 -22.65 26.48 34.13
N HIS F 208 -21.38 26.08 34.18
CA HIS F 208 -20.85 25.10 33.25
C HIS F 208 -21.02 23.71 33.84
N VAL F 209 -21.82 22.87 33.18
CA VAL F 209 -22.08 21.52 33.65
C VAL F 209 -21.57 20.53 32.61
N LEU F 210 -20.53 19.81 33.00
CA LEU F 210 -20.00 18.66 32.28
C LEU F 210 -20.08 17.45 33.21
N LEU F 211 -20.66 16.38 32.70
CA LEU F 211 -20.89 15.16 33.46
C LEU F 211 -20.14 14.00 32.80
N GLU F 212 -19.77 13.03 33.63
CA GLU F 212 -19.18 11.78 33.17
C GLU F 212 -20.12 10.67 33.63
N VAL F 213 -20.71 9.95 32.67
CA VAL F 213 -21.69 8.91 32.96
C VAL F 213 -21.05 7.57 32.66
N VAL F 214 -20.93 6.74 33.69
CA VAL F 214 -20.34 5.41 33.60
C VAL F 214 -21.40 4.42 34.08
N ALA F 215 -21.79 3.49 33.22
CA ALA F 215 -22.83 2.53 33.54
C ALA F 215 -22.28 1.12 33.49
N PHE F 216 -22.48 0.37 34.57
CA PHE F 216 -22.11 -1.04 34.63
C PHE F 216 -23.36 -1.89 34.52
N ALA F 217 -23.32 -2.88 33.63
CA ALA F 217 -24.42 -3.80 33.44
C ALA F 217 -23.92 -5.23 33.67
N ARG F 218 -24.58 -5.96 34.57
CA ARG F 218 -24.24 -7.34 34.85
C ARG F 218 -24.97 -8.23 33.87
N ILE F 219 -24.25 -8.73 32.87
CA ILE F 219 -24.84 -9.54 31.81
C ILE F 219 -24.52 -11.02 31.98
N GLY F 220 -23.26 -11.35 32.28
CA GLY F 220 -22.85 -12.72 32.46
C GLY F 220 -21.50 -12.99 31.85
N ASP F 221 -20.97 -14.16 32.18
CA ASP F 221 -19.64 -14.56 31.75
C ASP F 221 -19.61 -14.84 30.25
N GLY F 222 -18.86 -14.04 29.51
CA GLY F 222 -18.64 -14.32 28.10
C GLY F 222 -19.81 -14.05 27.20
N GLN F 223 -20.76 -13.23 27.64
CA GLN F 223 -21.93 -12.97 26.84
C GLN F 223 -21.64 -11.93 25.76
N GLU F 224 -22.56 -11.80 24.82
CA GLU F 224 -22.42 -10.89 23.70
C GLU F 224 -22.95 -9.51 24.07
N VAL F 225 -22.11 -8.49 23.91
CA VAL F 225 -22.54 -7.11 24.09
C VAL F 225 -22.72 -6.49 22.72
N PHE F 226 -23.46 -5.38 22.70
CA PHE F 226 -23.96 -4.81 21.45
C PHE F 226 -23.57 -3.35 21.31
N PRO F 227 -22.50 -3.04 20.60
CA PRO F 227 -22.20 -1.66 20.23
C PRO F 227 -23.05 -1.26 19.01
N SER F 228 -22.82 -0.03 18.54
CA SER F 228 -23.56 0.45 17.38
C SER F 228 -23.06 -0.23 16.12
N GLN F 229 -23.99 -0.71 15.31
CA GLN F 229 -23.66 -1.24 14.01
C GLN F 229 -23.46 -0.08 13.05
N GLU F 230 -22.37 -0.10 12.30
CA GLU F 230 -22.03 1.01 11.44
C GLU F 230 -22.90 0.99 10.18
N LEU F 231 -23.33 2.18 9.76
CA LEU F 231 -24.07 2.35 8.52
C LEU F 231 -23.05 2.48 7.39
N ILE F 232 -22.96 1.46 6.55
CA ILE F 232 -22.07 1.48 5.39
C ILE F 232 -22.92 1.82 4.18
N LEU F 233 -22.71 3.03 3.65
CA LEU F 233 -23.59 3.59 2.63
C LEU F 233 -22.82 3.75 1.33
N ASP F 234 -23.29 3.06 0.28
CA ASP F 234 -22.78 3.16 -1.09
C ASP F 234 -21.31 2.76 -1.22
N LYS F 235 -20.81 1.91 -0.32
CA LYS F 235 -19.47 1.35 -0.46
C LYS F 235 -19.49 -0.17 -0.37
N GLY F 236 -20.48 -0.73 0.33
CA GLY F 236 -20.52 -2.16 0.54
C GLY F 236 -21.89 -2.79 0.48
N ASP F 237 -22.84 -2.10 -0.17
CA ASP F 237 -24.21 -2.60 -0.31
C ASP F 237 -24.45 -3.24 -1.67
N LYS F 238 -23.43 -3.84 -2.27
CA LYS F 238 -23.53 -4.41 -3.61
C LYS F 238 -23.55 -5.94 -3.60
N LYS F 239 -22.56 -6.57 -2.99
CA LYS F 239 -22.44 -8.03 -2.99
C LYS F 239 -22.94 -8.66 -1.70
N GLY F 240 -22.86 -7.95 -0.57
CA GLY F 240 -23.09 -8.59 0.70
C GLY F 240 -21.87 -9.30 1.24
N GLN F 241 -20.68 -8.85 0.84
CA GLN F 241 -19.42 -9.48 1.23
C GLN F 241 -19.07 -9.23 2.69
N LYS F 242 -19.76 -8.30 3.36
CA LYS F 242 -19.54 -8.03 4.77
C LYS F 242 -20.87 -7.57 5.34
N SER F 243 -21.50 -8.42 6.14
CA SER F 243 -22.90 -8.22 6.48
C SER F 243 -23.13 -7.33 7.69
N LYS F 244 -22.16 -7.21 8.60
CA LYS F 244 -22.39 -6.47 9.84
C LYS F 244 -21.05 -5.92 10.34
N THR F 245 -20.87 -4.61 10.18
CA THR F 245 -19.69 -3.92 10.69
C THR F 245 -20.08 -3.13 11.93
N LEU F 246 -19.35 -3.36 13.03
CA LEU F 246 -19.60 -2.66 14.27
C LEU F 246 -18.69 -1.46 14.40
N TYR F 247 -19.08 -0.54 15.29
CA TYR F 247 -18.38 0.74 15.43
C TYR F 247 -17.33 0.62 16.52
N SER F 248 -16.08 0.94 16.18
CA SER F 248 -14.97 0.89 17.12
C SER F 248 -14.15 2.17 16.97
N VAL F 249 -13.80 2.78 18.10
CA VAL F 249 -13.06 4.03 18.08
C VAL F 249 -11.57 3.76 17.90
N ARG F 250 -10.96 3.09 18.89
CA ARG F 250 -9.54 2.74 18.80
C ARG F 250 -9.36 1.43 19.57
N ASP F 251 -9.47 0.31 18.84
CA ASP F 251 -9.37 -1.06 19.37
C ASP F 251 -10.34 -1.31 20.52
N ALA F 252 -11.52 -0.70 20.43
CA ALA F 252 -12.49 -0.74 21.52
C ALA F 252 -13.87 -0.59 20.95
N ALA F 253 -14.77 -1.52 21.28
CA ALA F 253 -16.16 -1.42 20.85
C ALA F 253 -16.81 -0.21 21.52
N ALA F 254 -17.61 0.51 20.75
CA ALA F 254 -18.17 1.75 21.26
C ALA F 254 -19.55 1.99 20.66
N ILE F 255 -20.34 2.75 21.39
CA ILE F 255 -21.68 3.15 20.96
C ILE F 255 -21.59 4.53 20.33
N HIS F 256 -22.37 4.76 19.27
CA HIS F 256 -22.41 6.05 18.60
C HIS F 256 -22.89 7.14 19.55
N SER F 257 -22.35 8.35 19.36
CA SER F 257 -22.73 9.46 20.23
C SER F 257 -24.16 9.91 19.95
N GLN F 258 -24.60 9.85 18.70
CA GLN F 258 -25.96 10.23 18.37
C GLN F 258 -26.97 9.18 18.85
N LYS F 259 -26.54 7.94 19.09
CA LYS F 259 -27.43 6.97 19.70
C LYS F 259 -27.68 7.27 21.16
N ILE F 260 -26.63 7.70 21.87
CA ILE F 260 -26.81 8.18 23.25
C ILE F 260 -27.66 9.44 23.27
N GLY F 261 -27.49 10.30 22.26
CA GLY F 261 -28.33 11.48 22.16
C GLY F 261 -29.78 11.18 21.87
N ASN F 262 -30.05 10.11 21.10
CA ASN F 262 -31.43 9.68 20.90
C ASN F 262 -31.99 9.04 22.16
N ALA F 263 -31.14 8.40 22.95
CA ALA F 263 -31.60 7.78 24.18
C ALA F 263 -31.94 8.83 25.25
N LEU F 264 -31.16 9.90 25.34
CA LEU F 264 -31.45 10.93 26.34
C LEU F 264 -32.66 11.77 25.95
N ARG F 265 -32.96 11.85 24.66
CA ARG F 265 -34.04 12.66 24.14
C ARG F 265 -35.40 11.95 24.18
N THR F 266 -35.46 10.74 24.73
CA THR F 266 -36.70 9.96 24.79
C THR F 266 -37.50 10.40 26.01
N ILE F 267 -38.03 11.62 25.93
CA ILE F 267 -38.79 12.22 27.02
C ILE F 267 -40.20 12.63 26.61
N ASP F 268 -40.55 12.54 25.33
CA ASP F 268 -41.83 13.04 24.83
C ASP F 268 -42.94 12.09 25.25
N THR F 269 -43.57 12.38 26.39
CA THR F 269 -44.71 11.65 26.88
C THR F 269 -46.02 12.27 26.37
N TRP F 270 -45.92 13.30 25.54
CA TRP F 270 -47.08 14.04 25.06
C TRP F 270 -47.18 13.88 23.56
N TYR F 271 -48.25 13.23 23.10
CA TYR F 271 -48.58 13.11 21.69
C TYR F 271 -50.06 12.75 21.59
N PRO F 272 -50.72 13.07 20.47
CA PRO F 272 -52.19 12.92 20.42
C PRO F 272 -52.70 11.48 20.51
N ASP F 273 -51.85 10.49 20.33
CA ASP F 273 -52.25 9.10 20.52
C ASP F 273 -52.12 8.73 22.01
N GLU F 274 -52.21 7.44 22.31
CA GLU F 274 -52.22 6.97 23.68
C GLU F 274 -50.84 7.08 24.31
N ASP F 275 -50.72 7.87 25.38
CA ASP F 275 -49.45 8.12 26.06
C ASP F 275 -49.07 7.05 27.05
N GLY F 276 -49.88 6.00 27.21
CA GLY F 276 -49.55 4.94 28.14
C GLY F 276 -48.44 4.03 27.66
N LEU F 277 -48.03 4.13 26.39
CA LEU F 277 -47.01 3.26 25.84
C LEU F 277 -45.61 3.63 26.32
N GLY F 278 -45.40 4.85 26.80
CA GLY F 278 -44.10 5.30 27.21
C GLY F 278 -43.62 6.45 26.36
N PRO F 279 -42.50 7.05 26.74
CA PRO F 279 -42.01 8.22 26.01
C PRO F 279 -41.35 7.83 24.69
N ILE F 280 -41.37 8.79 23.76
CA ILE F 280 -40.67 8.68 22.48
C ILE F 280 -39.65 9.80 22.40
N ALA F 281 -38.82 9.74 21.37
CA ALA F 281 -37.78 10.74 21.20
C ALA F 281 -38.35 12.03 20.62
N VAL F 282 -37.78 13.15 21.04
CA VAL F 282 -38.27 14.48 20.66
C VAL F 282 -37.73 14.78 19.26
N GLU F 283 -38.63 14.79 18.28
CA GLU F 283 -38.31 15.21 16.92
C GLU F 283 -39.54 15.87 16.31
N PRO F 284 -39.36 16.80 15.38
CA PRO F 284 -40.50 17.34 14.64
C PRO F 284 -41.11 16.25 13.77
N TYR F 285 -42.44 16.15 13.80
CA TYR F 285 -43.20 14.99 13.33
C TYR F 285 -42.67 13.72 13.97
N GLY F 286 -42.90 13.63 15.29
CA GLY F 286 -42.20 12.70 16.16
C GLY F 286 -42.29 11.25 15.77
N SER F 287 -41.17 10.76 15.23
CA SER F 287 -41.15 9.56 14.42
C SER F 287 -40.31 8.49 15.10
N VAL F 288 -40.88 7.30 15.20
CA VAL F 288 -40.13 6.11 15.58
C VAL F 288 -40.05 5.24 14.34
N THR F 289 -38.97 5.40 13.58
CA THR F 289 -38.81 4.69 12.32
C THR F 289 -38.57 3.20 12.54
N SER F 290 -38.01 2.83 13.70
CA SER F 290 -37.91 1.42 14.03
C SER F 290 -39.28 0.83 14.33
N GLN F 291 -40.13 1.58 15.04
CA GLN F 291 -41.49 1.18 15.28
C GLN F 291 -42.42 1.51 14.13
N GLY F 292 -41.94 2.28 13.15
CA GLY F 292 -42.67 2.50 11.91
C GLY F 292 -43.92 3.34 12.01
N LYS F 293 -44.01 4.22 13.00
CA LYS F 293 -45.16 5.09 13.16
C LYS F 293 -44.69 6.51 13.41
N ALA F 294 -45.45 7.48 12.89
CA ALA F 294 -45.16 8.89 13.08
C ALA F 294 -46.25 9.52 13.95
N TYR F 295 -45.97 9.64 15.24
CA TYR F 295 -46.80 10.49 16.08
C TYR F 295 -46.54 11.95 15.72
N ARG F 296 -47.50 12.80 16.08
CA ARG F 296 -47.50 14.23 15.78
C ARG F 296 -47.35 14.49 14.28
N GLN F 297 -48.22 13.86 13.50
CA GLN F 297 -48.30 14.11 12.07
C GLN F 297 -48.82 15.53 11.82
N PRO F 298 -48.57 16.10 10.64
CA PRO F 298 -49.12 17.43 10.35
C PRO F 298 -50.64 17.49 10.18
N LYS F 299 -51.33 16.34 10.15
CA LYS F 299 -52.80 16.37 10.09
C LYS F 299 -53.39 16.88 11.38
N GLN F 300 -53.18 16.16 12.48
CA GLN F 300 -53.54 16.67 13.79
C GLN F 300 -52.56 17.76 14.18
N LYS F 301 -53.06 18.96 14.45
CA LYS F 301 -52.19 20.13 14.59
C LYS F 301 -51.39 20.10 15.90
N LEU F 302 -50.46 19.15 16.01
CA LEU F 302 -49.65 19.00 17.20
C LEU F 302 -48.20 18.66 16.88
N ASP F 303 -47.74 18.95 15.66
CA ASP F 303 -46.34 18.75 15.33
C ASP F 303 -45.54 19.94 15.85
N PHE F 304 -44.21 19.91 15.67
CA PHE F 304 -43.39 20.99 16.20
C PHE F 304 -43.55 22.27 15.40
N TYR F 305 -43.68 22.16 14.08
CA TYR F 305 -43.71 23.34 13.23
C TYR F 305 -45.03 24.09 13.37
N THR F 306 -46.14 23.37 13.47
CA THR F 306 -47.44 24.00 13.64
C THR F 306 -47.54 24.72 14.98
N LEU F 307 -47.06 24.08 16.05
CA LEU F 307 -47.08 24.71 17.36
C LEU F 307 -46.13 25.89 17.44
N LEU F 308 -44.97 25.82 16.75
CA LEU F 308 -44.05 26.95 16.77
C LEU F 308 -44.59 28.13 15.98
N ASP F 309 -45.21 27.87 14.82
CA ASP F 309 -45.78 28.94 14.03
C ASP F 309 -47.01 29.55 14.71
N ASN F 310 -47.72 28.76 15.52
CA ASN F 310 -48.79 29.33 16.31
C ASN F 310 -48.27 30.12 17.50
N TRP F 311 -47.15 29.69 18.08
CA TRP F 311 -46.65 30.34 19.29
C TRP F 311 -45.95 31.66 18.98
N VAL F 312 -45.20 31.72 17.88
CA VAL F 312 -44.36 32.87 17.63
C VAL F 312 -45.05 33.89 16.72
N LEU F 313 -45.63 33.44 15.61
CA LEU F 313 -46.21 34.37 14.65
C LEU F 313 -47.54 34.92 15.16
N ARG F 314 -48.51 34.04 15.38
CA ARG F 314 -49.86 34.43 15.78
C ARG F 314 -49.99 34.62 17.28
N ASP F 315 -48.92 34.33 18.05
CA ASP F 315 -48.80 34.56 19.49
C ASP F 315 -49.84 33.81 20.30
N GLU F 316 -50.43 32.75 19.77
CA GLU F 316 -51.32 31.90 20.55
C GLU F 316 -50.49 30.79 21.20
N ALA F 317 -50.44 30.82 22.52
CA ALA F 317 -49.64 29.82 23.22
C ALA F 317 -50.40 28.49 23.25
N PRO F 318 -49.72 27.38 23.02
CA PRO F 318 -50.38 26.07 23.10
C PRO F 318 -50.53 25.59 24.53
N ALA F 319 -50.94 24.34 24.70
CA ALA F 319 -50.93 23.72 26.03
C ALA F 319 -49.51 23.64 26.57
N VAL F 320 -49.40 23.64 27.90
CA VAL F 320 -48.11 23.77 28.56
C VAL F 320 -47.22 22.57 28.30
N GLU F 321 -47.81 21.39 28.10
CA GLU F 321 -47.03 20.23 27.73
C GLU F 321 -46.56 20.31 26.27
N GLN F 322 -47.36 20.92 25.40
CA GLN F 322 -46.92 21.09 24.03
C GLN F 322 -45.81 22.12 23.91
N GLN F 323 -45.81 23.15 24.77
CA GLN F 323 -44.69 24.07 24.71
C GLN F 323 -43.46 23.51 25.43
N HIS F 324 -43.66 22.60 26.39
CA HIS F 324 -42.56 21.76 26.86
C HIS F 324 -41.93 20.98 25.72
N TYR F 325 -42.77 20.41 24.85
CA TYR F 325 -42.28 19.64 23.72
C TYR F 325 -41.51 20.50 22.71
N VAL F 326 -42.02 21.69 22.41
CA VAL F 326 -41.31 22.50 21.42
C VAL F 326 -40.04 23.12 22.00
N ILE F 327 -39.98 23.37 23.31
CA ILE F 327 -38.73 23.84 23.88
C ILE F 327 -37.72 22.69 23.96
N ALA F 328 -38.20 21.45 24.14
CA ALA F 328 -37.32 20.30 24.03
C ALA F 328 -36.79 20.12 22.61
N ASN F 329 -37.59 20.49 21.61
CA ASN F 329 -37.09 20.49 20.23
C ASN F 329 -36.04 21.56 20.01
N LEU F 330 -36.21 22.73 20.62
CA LEU F 330 -35.18 23.77 20.52
C LEU F 330 -33.91 23.39 21.26
N ILE F 331 -34.04 22.57 22.31
CA ILE F 331 -32.86 22.02 22.99
C ILE F 331 -32.18 20.99 22.10
N ARG F 332 -32.96 20.23 21.33
CA ARG F 332 -32.39 19.27 20.39
C ARG F 332 -31.64 19.98 19.27
N GLY F 333 -32.20 21.05 18.73
CA GLY F 333 -31.55 21.79 17.67
C GLY F 333 -31.84 21.19 16.30
N GLY F 334 -31.68 22.03 15.28
CA GLY F 334 -31.94 21.55 13.94
C GLY F 334 -31.95 22.67 12.93
N VAL F 335 -32.50 22.36 11.76
CA VAL F 335 -32.64 23.29 10.66
C VAL F 335 -34.12 23.50 10.39
N PHE F 336 -34.60 24.72 10.63
CA PHE F 336 -35.99 25.07 10.41
C PHE F 336 -36.05 26.29 9.50
N GLY F 337 -37.23 26.56 8.97
CA GLY F 337 -37.33 27.76 8.13
C GLY F 337 -38.02 27.46 6.81
N GLU F 338 -39.02 28.28 6.50
CA GLU F 338 -39.75 28.14 5.26
C GLU F 338 -38.93 28.69 4.10
N ALA F 339 -39.40 28.39 2.89
CA ALA F 339 -38.72 28.85 1.69
C ALA F 339 -38.97 30.33 1.45
N LEU G 6 -9.99 65.18 -8.03
CA LEU G 6 -10.31 65.04 -6.62
C LEU G 6 -11.28 63.90 -6.38
N SER G 7 -11.96 63.47 -7.45
CA SER G 7 -13.01 62.47 -7.35
C SER G 7 -12.42 61.08 -7.07
N THR G 8 -13.31 60.13 -6.79
CA THR G 8 -12.90 58.78 -6.44
C THR G 8 -12.31 58.07 -7.66
N ALA G 9 -11.17 57.43 -7.46
CA ALA G 9 -10.52 56.67 -8.51
C ALA G 9 -11.36 55.46 -8.88
N SER G 10 -11.25 55.06 -10.15
CA SER G 10 -12.12 54.00 -10.66
C SER G 10 -11.63 52.62 -10.26
N VAL G 11 -10.36 52.49 -9.88
CA VAL G 11 -9.80 51.25 -9.36
C VAL G 11 -9.07 51.58 -8.07
N LEU G 12 -9.46 50.94 -6.97
CA LEU G 12 -8.81 51.19 -5.69
C LEU G 12 -8.72 49.85 -4.96
N ALA G 13 -7.52 49.29 -4.86
CA ALA G 13 -7.33 48.00 -4.23
C ALA G 13 -6.50 48.16 -2.97
N PHE G 14 -6.96 47.56 -1.88
CA PHE G 14 -6.26 47.63 -0.61
C PHE G 14 -5.89 46.23 -0.14
N GLU G 15 -4.63 46.05 0.20
CA GLU G 15 -4.04 44.77 0.55
C GLU G 15 -4.30 44.46 2.03
N ARG G 16 -4.50 43.18 2.32
CA ARG G 16 -4.76 42.69 3.66
C ARG G 16 -3.62 42.95 4.62
N LYS G 17 -3.81 43.88 5.54
CA LYS G 17 -3.03 43.87 6.76
C LYS G 17 -3.71 42.92 7.74
N LEU G 18 -2.96 42.52 8.77
CA LEU G 18 -3.37 41.50 9.74
C LEU G 18 -3.71 40.19 9.05
N ASP G 19 -2.66 39.58 8.49
CA ASP G 19 -2.80 38.36 7.70
C ASP G 19 -2.64 37.13 8.58
N PRO G 20 -3.69 36.35 8.83
CA PRO G 20 -3.52 35.11 9.61
C PRO G 20 -3.21 33.91 8.74
N SER G 21 -3.13 32.74 9.36
CA SER G 21 -2.92 31.49 8.66
C SER G 21 -4.05 30.53 8.99
N ASP G 22 -4.11 29.42 8.24
CA ASP G 22 -5.07 28.35 8.52
C ASP G 22 -4.70 27.70 9.85
N ALA G 23 -5.56 27.88 10.84
CA ALA G 23 -5.24 27.50 12.22
C ALA G 23 -5.43 26.00 12.40
N LEU G 24 -4.34 25.29 12.70
CA LEU G 24 -4.40 23.85 12.85
C LEU G 24 -4.82 23.47 14.27
N MET G 25 -5.40 22.28 14.40
CA MET G 25 -5.97 21.80 15.66
C MET G 25 -5.34 20.48 16.05
N SER G 26 -4.84 20.42 17.29
CA SER G 26 -4.34 19.20 17.90
C SER G 26 -5.09 18.98 19.21
N ALA G 27 -4.91 17.81 19.81
CA ALA G 27 -5.65 17.48 21.02
C ALA G 27 -4.73 16.83 22.04
N GLY G 28 -4.93 17.19 23.29
CA GLY G 28 -4.14 16.64 24.36
C GLY G 28 -4.87 16.77 25.67
N ALA G 29 -4.09 16.75 26.76
CA ALA G 29 -4.64 16.82 28.09
C ALA G 29 -4.30 18.16 28.72
N TRP G 30 -5.20 18.67 29.55
CA TRP G 30 -4.93 19.85 30.35
C TRP G 30 -3.86 19.53 31.40
N ALA G 31 -3.16 20.58 31.84
CA ALA G 31 -1.96 20.61 32.69
C ALA G 31 -0.73 20.03 32.01
N GLN G 32 -0.84 19.52 30.78
CA GLN G 32 0.29 19.28 29.90
C GLN G 32 0.37 20.34 28.81
N ARG G 33 -0.07 21.56 29.12
CA ARG G 33 -0.11 22.64 28.15
C ARG G 33 1.28 23.16 27.81
N ASP G 34 2.25 23.00 28.71
CA ASP G 34 3.57 23.55 28.46
C ASP G 34 4.36 22.71 27.47
N ALA G 35 4.33 21.38 27.63
CA ALA G 35 4.96 20.50 26.64
C ALA G 35 3.94 20.04 25.60
N SER G 36 3.20 20.98 25.04
CA SER G 36 2.19 20.67 24.02
C SER G 36 2.71 20.97 22.62
N GLN G 37 3.84 20.35 22.28
CA GLN G 37 4.45 20.54 20.97
C GLN G 37 4.21 19.37 20.03
N GLU G 38 4.39 18.14 20.51
CA GLU G 38 4.15 16.94 19.71
C GLU G 38 2.79 16.33 20.02
N TRP G 39 1.78 17.17 20.27
CA TRP G 39 0.44 16.69 20.51
C TRP G 39 -0.14 16.09 19.22
N PRO G 40 -0.85 14.97 19.31
CA PRO G 40 -1.43 14.38 18.10
C PRO G 40 -2.56 15.22 17.55
N ALA G 41 -2.59 15.33 16.22
CA ALA G 41 -3.55 16.21 15.57
C ALA G 41 -4.94 15.58 15.54
N VAL G 42 -5.95 16.43 15.48
CA VAL G 42 -7.32 15.99 15.35
C VAL G 42 -7.59 15.68 13.88
N THR G 43 -8.05 14.46 13.61
CA THR G 43 -8.37 14.07 12.25
C THR G 43 -9.88 14.16 12.02
N VAL G 44 -10.26 14.30 10.76
CA VAL G 44 -11.66 14.40 10.38
C VAL G 44 -12.14 13.01 10.01
N ARG G 45 -13.18 12.53 10.69
CA ARG G 45 -13.73 11.22 10.45
C ARG G 45 -15.06 11.35 9.71
N GLU G 46 -15.16 10.70 8.56
CA GLU G 46 -16.39 10.69 7.78
C GLU G 46 -17.28 9.56 8.27
N LYS G 47 -18.44 9.90 8.80
CA LYS G 47 -19.37 8.90 9.32
C LYS G 47 -20.69 8.99 8.58
N SER G 48 -21.48 7.93 8.71
CA SER G 48 -22.82 7.89 8.13
C SER G 48 -23.82 7.75 9.27
N VAL G 49 -24.83 8.62 9.26
CA VAL G 49 -25.82 8.67 10.32
C VAL G 49 -27.18 8.29 9.74
N ARG G 50 -27.97 7.63 10.57
CA ARG G 50 -29.38 7.39 10.31
C ARG G 50 -30.17 8.40 11.13
N GLY G 51 -31.12 9.06 10.51
CA GLY G 51 -31.86 10.11 11.17
C GLY G 51 -33.35 9.96 10.95
N THR G 52 -34.01 11.11 10.82
CA THR G 52 -35.43 11.19 10.48
C THR G 52 -35.60 12.33 9.49
N ILE G 53 -36.84 12.52 9.05
CA ILE G 53 -37.18 13.73 8.29
C ILE G 53 -37.50 14.82 9.31
N SER G 54 -36.60 15.79 9.42
CA SER G 54 -36.79 16.92 10.32
C SER G 54 -37.20 18.19 9.61
N ASN G 55 -37.03 18.25 8.29
CA ASN G 55 -37.44 19.42 7.52
C ASN G 55 -38.96 19.46 7.39
N ARG G 56 -39.47 20.65 7.17
CA ARG G 56 -40.90 20.81 6.94
C ARG G 56 -41.25 20.39 5.52
N LEU G 57 -42.45 19.84 5.36
CA LEU G 57 -42.81 19.15 4.12
C LEU G 57 -43.12 20.14 3.01
N LYS G 58 -42.85 19.71 1.79
CA LYS G 58 -43.10 20.51 0.60
C LYS G 58 -44.49 20.19 0.05
N THR G 59 -44.89 20.94 -0.98
CA THR G 59 -46.23 20.78 -1.56
C THR G 59 -46.38 19.49 -2.38
N LYS G 60 -45.27 18.90 -2.84
CA LYS G 60 -45.36 17.62 -3.54
C LYS G 60 -45.42 16.45 -2.57
N ASP G 61 -44.75 16.56 -1.43
CA ASP G 61 -44.80 15.56 -0.38
C ASP G 61 -45.97 15.76 0.58
N ARG G 62 -46.88 16.68 0.27
CA ARG G 62 -48.09 16.88 1.04
C ARG G 62 -49.19 15.89 0.68
N ASP G 63 -48.92 14.94 -0.20
CA ASP G 63 -49.90 13.93 -0.56
C ASP G 63 -50.12 12.97 0.61
N PRO G 64 -51.34 12.44 0.76
CA PRO G 64 -51.58 11.46 1.82
C PRO G 64 -50.85 10.14 1.64
N ALA G 65 -50.44 9.81 0.42
CA ALA G 65 -49.69 8.57 0.21
C ALA G 65 -48.21 8.73 0.50
N LYS G 66 -47.64 9.90 0.20
CA LYS G 66 -46.21 10.12 0.41
C LYS G 66 -45.92 11.08 1.57
N LEU G 67 -46.76 11.03 2.60
CA LEU G 67 -46.33 11.41 3.95
C LEU G 67 -45.77 10.21 4.70
N ASP G 68 -45.55 9.09 4.00
CA ASP G 68 -44.83 7.94 4.52
C ASP G 68 -43.36 8.29 4.78
N ALA G 69 -42.83 9.27 4.06
CA ALA G 69 -41.47 9.75 4.30
C ALA G 69 -41.31 10.31 5.71
N SER G 70 -42.37 10.92 6.24
CA SER G 70 -42.34 11.29 7.65
C SER G 70 -42.44 10.06 8.54
N ILE G 71 -43.06 8.98 8.07
CA ILE G 71 -43.35 7.84 8.94
C ILE G 71 -42.16 6.89 8.98
N GLN G 72 -41.83 6.24 7.86
CA GLN G 72 -40.65 5.36 7.84
C GLN G 72 -39.68 5.87 6.77
N SER G 73 -38.69 6.63 7.22
CA SER G 73 -37.56 7.02 6.38
C SER G 73 -36.40 7.41 7.29
N PRO G 74 -35.44 6.51 7.50
CA PRO G 74 -34.28 6.83 8.34
C PRO G 74 -33.34 7.91 7.82
N ASN G 75 -33.52 8.40 6.58
CA ASN G 75 -32.97 9.64 6.05
C ASN G 75 -31.46 9.65 5.78
N LEU G 76 -30.74 8.63 6.25
CA LEU G 76 -29.45 8.11 5.73
C LEU G 76 -28.47 9.16 5.22
N GLN G 77 -28.00 10.02 6.12
CA GLN G 77 -27.08 11.06 5.71
C GLN G 77 -25.63 10.66 5.96
N THR G 78 -24.72 11.42 5.38
CA THR G 78 -23.28 11.15 5.46
C THR G 78 -22.57 12.44 5.84
N VAL G 79 -22.10 12.53 7.08
CA VAL G 79 -21.50 13.77 7.56
C VAL G 79 -20.05 13.55 7.95
N ASP G 80 -19.37 14.62 8.33
CA ASP G 80 -18.04 14.55 8.90
C ASP G 80 -18.09 14.96 10.36
N VAL G 81 -17.08 14.54 11.11
CA VAL G 81 -17.02 14.84 12.54
C VAL G 81 -15.56 14.97 12.93
N ALA G 82 -15.30 15.71 14.01
CA ALA G 82 -13.98 15.84 14.59
C ALA G 82 -14.11 15.71 16.10
N ASN G 83 -13.54 14.65 16.65
CA ASN G 83 -13.63 14.36 18.07
C ASN G 83 -12.25 14.38 18.69
N LEU G 84 -12.21 14.71 19.97
CA LEU G 84 -10.98 14.51 20.73
C LEU G 84 -10.80 13.03 21.03
N PRO G 85 -9.59 12.61 21.37
CA PRO G 85 -9.41 11.27 21.93
C PRO G 85 -10.10 11.15 23.29
N SER G 86 -10.40 9.91 23.66
CA SER G 86 -11.16 9.64 24.87
C SER G 86 -10.38 9.89 26.15
N ASP G 87 -9.06 10.03 26.06
CA ASP G 87 -8.21 10.35 27.20
C ASP G 87 -7.53 11.71 26.98
N ALA G 88 -8.24 12.61 26.31
CA ALA G 88 -7.70 13.93 25.98
C ALA G 88 -8.83 14.94 26.03
N ASP G 89 -8.74 15.90 26.93
CA ASP G 89 -9.83 16.83 27.17
C ASP G 89 -9.48 18.27 26.82
N THR G 90 -8.48 18.49 25.96
CA THR G 90 -8.05 19.84 25.63
C THR G 90 -7.82 19.95 24.13
N LEU G 91 -8.46 20.93 23.52
CA LEU G 91 -8.25 21.28 22.11
C LEU G 91 -7.24 22.41 22.05
N LYS G 92 -6.18 22.22 21.27
CA LYS G 92 -5.19 23.25 21.02
C LYS G 92 -5.31 23.72 19.58
N VAL G 93 -5.47 25.03 19.41
CA VAL G 93 -5.57 25.66 18.09
C VAL G 93 -4.39 26.59 17.93
N ARG G 94 -3.63 26.43 16.84
CA ARG G 94 -2.40 27.17 16.66
C ARG G 94 -2.37 27.81 15.27
N PHE G 95 -1.96 29.08 15.23
CA PHE G 95 -1.74 29.76 13.96
C PHE G 95 -0.69 30.85 14.15
N THR G 96 -0.35 31.52 13.05
CA THR G 96 0.56 32.64 13.03
C THR G 96 -0.11 33.83 12.37
N LEU G 97 0.35 35.03 12.74
CA LEU G 97 -0.29 36.27 12.30
C LEU G 97 0.78 37.31 12.03
N ARG G 98 0.89 37.73 10.78
CA ARG G 98 1.70 38.88 10.41
C ARG G 98 0.84 40.13 10.47
N VAL G 99 1.37 41.21 11.00
CA VAL G 99 0.74 42.51 10.82
C VAL G 99 1.75 43.43 10.15
N LEU G 100 1.37 43.99 9.00
CA LEU G 100 2.33 44.56 8.07
C LEU G 100 2.50 46.07 8.27
N GLY G 101 1.44 46.83 8.10
CA GLY G 101 1.52 48.27 8.25
C GLY G 101 1.51 49.00 6.92
N GLY G 102 1.38 50.33 7.02
CA GLY G 102 1.18 51.14 5.83
C GLY G 102 -0.21 50.94 5.29
N ALA G 103 -1.21 51.33 6.08
CA ALA G 103 -2.59 50.94 5.82
C ALA G 103 -3.20 51.71 4.66
N GLY G 104 -3.01 53.02 4.63
CA GLY G 104 -3.71 53.85 3.67
C GLY G 104 -3.16 53.88 2.26
N THR G 105 -2.09 53.13 1.97
CA THR G 105 -1.50 53.14 0.64
C THR G 105 -2.15 52.06 -0.21
N PRO G 106 -2.88 52.40 -1.26
CA PRO G 106 -3.49 51.38 -2.10
C PRO G 106 -2.46 50.74 -3.03
N SER G 107 -2.66 49.46 -3.31
CA SER G 107 -1.79 48.74 -4.23
C SER G 107 -2.20 48.92 -5.67
N ALA G 108 -3.28 49.66 -5.93
CA ALA G 108 -3.74 49.94 -7.29
C ALA G 108 -4.57 51.21 -7.25
N CYS G 109 -4.27 52.15 -8.14
CA CYS G 109 -5.01 53.40 -8.21
C CYS G 109 -5.01 53.90 -9.65
N ASN G 110 -5.93 54.81 -9.93
CA ASN G 110 -5.96 55.49 -11.22
C ASN G 110 -5.69 56.97 -11.10
N ASP G 111 -6.43 57.67 -10.24
CA ASP G 111 -6.22 59.10 -10.03
C ASP G 111 -5.11 59.29 -9.00
N ALA G 112 -3.99 59.84 -9.44
CA ALA G 112 -2.90 60.13 -8.52
C ALA G 112 -3.24 61.28 -7.58
N ALA G 113 -4.12 62.19 -8.00
CA ALA G 113 -4.57 63.25 -7.11
C ALA G 113 -5.45 62.69 -6.00
N TYR G 114 -6.32 61.75 -6.33
CA TYR G 114 -7.11 61.06 -5.31
C TYR G 114 -6.23 60.22 -4.41
N ARG G 115 -5.17 59.62 -4.97
CA ARG G 115 -4.22 58.86 -4.17
C ARG G 115 -3.48 59.75 -3.18
N ASP G 116 -3.07 60.94 -3.63
CA ASP G 116 -2.39 61.87 -2.73
C ASP G 116 -3.33 62.42 -1.67
N LYS G 117 -4.59 62.67 -2.03
CA LYS G 117 -5.57 63.15 -1.05
C LYS G 117 -5.90 62.08 -0.03
N LEU G 118 -5.98 60.82 -0.47
CA LEU G 118 -6.25 59.71 0.45
C LEU G 118 -5.08 59.47 1.38
N LEU G 119 -3.85 59.57 0.85
CA LEU G 119 -2.67 59.46 1.70
C LEU G 119 -2.57 60.62 2.67
N GLN G 120 -3.02 61.81 2.27
CA GLN G 120 -3.04 62.96 3.17
C GLN G 120 -4.05 62.77 4.29
N THR G 121 -5.23 62.20 3.98
CA THR G 121 -6.23 61.99 5.03
C THR G 121 -5.80 60.88 6.00
N VAL G 122 -5.22 59.80 5.48
CA VAL G 122 -4.72 58.75 6.36
C VAL G 122 -3.53 59.24 7.18
N ALA G 123 -2.69 60.11 6.61
CA ALA G 123 -1.55 60.64 7.34
C ALA G 123 -1.98 61.60 8.44
N THR G 124 -2.96 62.48 8.16
CA THR G 124 -3.43 63.36 9.21
C THR G 124 -4.26 62.61 10.24
N TYR G 125 -4.81 61.44 9.89
CA TYR G 125 -5.39 60.57 10.91
C TYR G 125 -4.31 60.01 11.82
N VAL G 126 -3.28 59.38 11.25
CA VAL G 126 -2.32 58.62 12.05
C VAL G 126 -1.42 59.55 12.85
N ASN G 127 -1.21 60.79 12.39
CA ASN G 127 -0.54 61.77 13.24
C ASN G 127 -1.53 62.56 14.10
N ASP G 128 -2.83 62.47 13.81
CA ASP G 128 -3.82 62.98 14.75
C ASP G 128 -4.03 62.00 15.89
N GLN G 129 -4.50 60.80 15.56
CA GLN G 129 -4.65 59.70 16.52
C GLN G 129 -4.11 58.44 15.88
N GLY G 130 -3.09 57.85 16.50
CA GLY G 130 -2.46 56.67 15.94
C GLY G 130 -3.32 55.44 16.04
N PHE G 131 -2.71 54.30 15.76
CA PHE G 131 -3.42 53.02 15.83
C PHE G 131 -3.56 52.52 17.27
N ALA G 132 -4.15 53.33 18.15
CA ALA G 132 -4.23 52.94 19.55
C ALA G 132 -5.51 52.17 19.84
N GLU G 133 -6.66 52.74 19.48
CA GLU G 133 -7.93 52.07 19.71
C GLU G 133 -8.08 50.85 18.81
N LEU G 134 -7.60 50.94 17.57
CA LEU G 134 -7.71 49.83 16.63
C LEU G 134 -6.85 48.65 17.07
N ALA G 135 -5.59 48.90 17.42
CA ALA G 135 -4.74 47.80 17.88
C ALA G 135 -5.15 47.32 19.26
N ARG G 136 -5.76 48.19 20.07
CA ARG G 136 -6.29 47.75 21.36
C ARG G 136 -7.43 46.76 21.18
N ARG G 137 -8.33 47.05 20.25
CA ARG G 137 -9.43 46.14 19.99
C ARG G 137 -8.98 44.87 19.26
N TYR G 138 -7.95 44.98 18.41
CA TYR G 138 -7.37 43.80 17.78
C TYR G 138 -6.70 42.89 18.81
N ALA G 139 -5.95 43.47 19.75
CA ALA G 139 -5.33 42.69 20.80
C ALA G 139 -6.35 42.12 21.76
N HIS G 140 -7.48 42.80 21.95
CA HIS G 140 -8.53 42.23 22.78
C HIS G 140 -9.22 41.06 22.09
N ASN G 141 -9.44 41.15 20.78
CA ASN G 141 -10.01 40.02 20.06
C ASN G 141 -9.03 38.87 19.90
N LEU G 142 -7.73 39.15 19.98
CA LEU G 142 -6.76 38.07 20.08
C LEU G 142 -6.67 37.53 21.50
N ALA G 143 -7.05 38.33 22.49
CA ALA G 143 -6.95 37.91 23.88
C ALA G 143 -8.00 36.87 24.22
N ASN G 144 -9.28 37.21 24.09
CA ASN G 144 -10.32 36.20 24.24
C ASN G 144 -10.41 35.40 22.94
N ALA G 145 -10.60 34.10 23.06
CA ALA G 145 -10.48 33.22 21.90
C ALA G 145 -11.75 33.29 21.06
N ARG G 146 -11.94 34.44 20.41
CA ARG G 146 -13.07 34.57 19.51
C ARG G 146 -12.85 33.80 18.22
N PHE G 147 -11.60 33.45 17.90
CA PHE G 147 -11.34 32.60 16.76
C PHE G 147 -11.74 31.16 17.02
N LEU G 148 -11.82 30.76 18.28
CA LEU G 148 -12.52 29.54 18.67
C LEU G 148 -14.00 29.86 18.56
N TRP G 149 -14.63 29.48 17.45
CA TRP G 149 -15.98 29.98 17.19
C TRP G 149 -17.04 29.20 17.96
N ARG G 150 -17.21 27.93 17.65
CA ARG G 150 -18.07 27.07 18.44
C ARG G 150 -17.28 26.26 19.46
N ASN G 151 -15.97 26.38 19.44
CA ASN G 151 -15.10 25.71 20.40
C ASN G 151 -14.94 26.51 21.68
N ARG G 152 -15.72 27.57 21.86
CA ARG G 152 -15.66 28.43 23.03
C ARG G 152 -16.95 28.45 23.83
N VAL G 153 -18.07 28.06 23.22
CA VAL G 153 -19.37 28.25 23.84
C VAL G 153 -19.63 27.30 25.01
N GLY G 154 -18.88 26.21 25.12
CA GLY G 154 -19.10 25.28 26.21
C GLY G 154 -17.81 24.85 26.88
N ALA G 155 -16.73 25.55 26.58
CA ALA G 155 -15.43 25.20 27.15
C ALA G 155 -15.38 25.65 28.61
N GLU G 156 -14.69 24.87 29.43
CA GLU G 156 -14.63 25.17 30.86
C GLU G 156 -13.61 26.25 31.16
N ALA G 157 -12.44 26.18 30.54
CA ALA G 157 -11.41 27.18 30.72
C ALA G 157 -10.62 27.30 29.43
N VAL G 158 -10.44 28.53 28.96
CA VAL G 158 -9.74 28.80 27.71
C VAL G 158 -8.54 29.67 28.03
N GLU G 159 -7.36 29.26 27.56
CA GLU G 159 -6.12 29.97 27.83
C GLU G 159 -5.37 30.16 26.52
N VAL G 160 -4.98 31.40 26.22
CA VAL G 160 -4.23 31.68 25.01
C VAL G 160 -2.81 32.09 25.37
N ARG G 161 -1.89 31.76 24.47
CA ARG G 161 -0.48 32.09 24.58
C ARG G 161 -0.06 32.75 23.28
N ILE G 162 0.49 33.94 23.38
CA ILE G 162 0.90 34.71 22.21
C ILE G 162 2.40 34.95 22.30
N ASN G 163 3.14 34.45 21.32
CA ASN G 163 4.60 34.52 21.31
C ASN G 163 5.05 35.42 20.16
N HIS G 164 5.79 36.47 20.49
CA HIS G 164 6.35 37.35 19.48
C HIS G 164 7.59 36.68 18.92
N ILE G 165 7.43 35.95 17.82
CA ILE G 165 8.55 35.27 17.19
C ILE G 165 9.43 36.31 16.50
N ARG G 166 10.63 36.51 17.02
CA ARG G 166 11.52 37.51 16.44
C ARG G 166 12.27 36.94 15.24
N GLN G 167 13.15 35.97 15.47
CA GLN G 167 13.90 35.33 14.39
C GLN G 167 13.53 33.86 14.24
N GLY G 168 13.69 33.07 15.30
CA GLY G 168 13.25 31.69 15.29
C GLY G 168 12.80 31.30 16.68
N GLU G 169 12.78 32.30 17.57
CA GLU G 169 12.47 32.09 18.97
C GLU G 169 11.56 33.21 19.43
N VAL G 170 11.04 33.08 20.65
CA VAL G 170 10.18 34.11 21.18
C VAL G 170 11.00 35.32 21.60
N ALA G 171 10.36 36.49 21.58
CA ALA G 171 10.96 37.70 22.13
C ALA G 171 10.18 38.26 23.30
N ARG G 172 8.88 37.97 23.36
CA ARG G 172 8.03 38.37 24.47
C ARG G 172 6.78 37.49 24.41
N ALA G 173 6.42 36.89 25.54
CA ALA G 173 5.30 35.95 25.58
C ALA G 173 4.21 36.47 26.49
N TRP G 174 2.99 36.53 25.98
CA TRP G 174 1.80 36.84 26.76
C TRP G 174 0.99 35.59 26.99
N ARG G 175 0.30 35.55 28.12
CA ARG G 175 -0.49 34.39 28.52
C ARG G 175 -1.79 34.92 29.13
N PHE G 176 -2.90 34.74 28.44
CA PHE G 176 -4.17 35.33 28.84
C PHE G 176 -5.18 34.25 29.17
N ASP G 177 -5.90 34.45 30.27
CA ASP G 177 -7.12 33.69 30.54
C ASP G 177 -8.22 34.28 29.68
N ALA G 178 -8.62 33.54 28.64
CA ALA G 178 -9.53 34.10 27.64
C ALA G 178 -10.96 34.23 28.11
N LEU G 179 -11.35 33.51 29.17
CA LEU G 179 -12.72 33.62 29.65
C LEU G 179 -12.92 34.81 30.58
N ALA G 180 -11.86 35.27 31.23
CA ALA G 180 -11.98 36.44 32.09
C ALA G 180 -12.18 37.71 31.28
N ILE G 181 -11.57 37.77 30.10
CA ILE G 181 -11.76 38.89 29.20
C ILE G 181 -13.01 38.64 28.38
N GLY G 182 -13.99 39.53 28.49
CA GLY G 182 -15.28 39.31 27.88
C GLY G 182 -15.27 39.48 26.38
N LEU G 183 -16.38 39.08 25.78
CA LEU G 183 -16.56 39.16 24.33
C LEU G 183 -17.36 40.38 23.90
N ARG G 184 -17.62 41.32 24.81
CA ARG G 184 -18.48 42.45 24.48
C ARG G 184 -17.96 43.81 24.92
N ASP G 185 -16.92 43.88 25.75
CA ASP G 185 -16.39 45.16 26.20
C ASP G 185 -14.87 45.10 26.26
N PHE G 186 -14.23 46.19 25.84
CA PHE G 186 -12.77 46.24 25.74
C PHE G 186 -12.24 46.94 26.98
N LYS G 187 -11.83 46.14 27.96
CA LYS G 187 -11.32 46.66 29.23
C LYS G 187 -9.82 46.96 29.09
N ALA G 188 -9.15 47.18 30.23
CA ALA G 188 -7.75 47.53 30.23
C ALA G 188 -6.95 46.54 31.08
N ASP G 189 -5.72 46.28 30.63
CA ASP G 189 -4.78 45.40 31.32
C ASP G 189 -3.38 45.76 30.86
N ALA G 190 -2.40 45.53 31.74
CA ALA G 190 -1.03 45.96 31.45
C ALA G 190 -0.42 45.11 30.33
N GLU G 191 -0.58 43.79 30.40
CA GLU G 191 -0.11 42.92 29.32
C GLU G 191 -0.91 43.15 28.04
N LEU G 192 -2.20 43.46 28.17
CA LEU G 192 -2.99 43.80 27.00
C LEU G 192 -2.56 45.12 26.39
N ASP G 193 -2.17 46.11 27.22
CA ASP G 193 -1.66 47.35 26.65
C ASP G 193 -0.28 47.16 26.02
N ALA G 194 0.52 46.24 26.54
CA ALA G 194 1.82 45.95 25.90
C ALA G 194 1.62 45.27 24.55
N LEU G 195 0.71 44.30 24.48
CA LEU G 195 0.40 43.65 23.21
C LEU G 195 -0.25 44.61 22.23
N ALA G 196 -1.08 45.53 22.74
CA ALA G 196 -1.71 46.52 21.87
C ALA G 196 -0.68 47.51 21.33
N GLU G 197 0.30 47.89 22.16
CA GLU G 197 1.36 48.78 21.69
C GLU G 197 2.25 48.08 20.67
N LEU G 198 2.48 46.77 20.82
CA LEU G 198 3.28 46.04 19.84
C LEU G 198 2.53 45.87 18.53
N ILE G 199 1.21 45.62 18.59
CA ILE G 199 0.42 45.51 17.37
C ILE G 199 0.31 46.88 16.68
N ALA G 200 0.25 47.96 17.47
CA ALA G 200 0.25 49.30 16.90
C ALA G 200 1.59 49.65 16.27
N SER G 201 2.70 49.19 16.85
CA SER G 201 4.01 49.41 16.25
C SER G 201 4.19 48.59 14.98
N GLY G 202 3.55 47.42 14.92
CA GLY G 202 3.54 46.68 13.67
C GLY G 202 2.62 47.28 12.63
N LEU G 203 1.58 47.98 13.07
CA LEU G 203 0.60 48.57 12.17
C LEU G 203 1.07 49.88 11.56
N SER G 204 2.11 50.50 12.11
CA SER G 204 2.61 51.76 11.62
C SER G 204 3.88 51.60 10.79
N GLY G 205 4.28 50.36 10.49
CA GLY G 205 5.48 50.12 9.73
C GLY G 205 6.77 50.34 10.48
N SER G 206 6.72 50.47 11.80
CA SER G 206 7.89 50.70 12.61
C SER G 206 8.55 49.41 13.09
N GLY G 207 8.13 48.27 12.56
CA GLY G 207 8.73 47.00 12.96
C GLY G 207 8.05 45.87 12.22
N HIS G 208 8.72 44.73 12.24
CA HIS G 208 8.20 43.49 11.67
C HIS G 208 7.60 42.67 12.81
N VAL G 209 6.30 42.42 12.73
CA VAL G 209 5.59 41.72 13.79
C VAL G 209 4.92 40.48 13.21
N LEU G 210 5.42 39.31 13.61
CA LEU G 210 4.81 38.01 13.37
C LEU G 210 4.60 37.34 14.70
N LEU G 211 3.34 37.08 15.05
CA LEU G 211 2.99 36.46 16.31
C LEU G 211 2.58 35.01 16.08
N GLU G 212 2.84 34.17 17.07
CA GLU G 212 2.36 32.80 17.10
C GLU G 212 1.30 32.69 18.20
N VAL G 213 0.07 32.37 17.81
CA VAL G 213 -1.06 32.33 18.72
C VAL G 213 -1.46 30.87 18.93
N VAL G 214 -1.42 30.43 20.18
CA VAL G 214 -1.89 29.11 20.59
C VAL G 214 -3.05 29.32 21.55
N ALA G 215 -4.06 28.46 21.49
CA ALA G 215 -5.22 28.57 22.35
C ALA G 215 -5.67 27.19 22.77
N PHE G 216 -5.73 26.95 24.08
CA PHE G 216 -6.19 25.69 24.65
C PHE G 216 -7.57 25.89 25.24
N ALA G 217 -8.44 24.90 25.05
CA ALA G 217 -9.79 24.94 25.59
C ALA G 217 -10.18 23.56 26.09
N ARG G 218 -10.67 23.49 27.32
CA ARG G 218 -11.17 22.23 27.88
C ARG G 218 -12.58 21.99 27.38
N ILE G 219 -12.71 21.26 26.27
CA ILE G 219 -14.03 20.90 25.79
C ILE G 219 -14.58 19.74 26.62
N GLY G 220 -13.81 18.68 26.76
CA GLY G 220 -14.22 17.52 27.51
C GLY G 220 -13.52 16.28 27.00
N ASP G 221 -13.58 15.22 27.80
CA ASP G 221 -12.94 13.95 27.48
C ASP G 221 -13.66 13.30 26.30
N GLY G 222 -13.02 13.32 25.13
CA GLY G 222 -13.60 12.69 23.97
C GLY G 222 -14.79 13.41 23.39
N GLN G 223 -14.91 14.72 23.61
CA GLN G 223 -16.05 15.49 23.14
C GLN G 223 -15.87 15.83 21.66
N GLU G 224 -16.74 16.70 21.14
CA GLU G 224 -16.70 17.07 19.73
C GLU G 224 -16.21 18.49 19.60
N VAL G 225 -15.13 18.66 18.84
CA VAL G 225 -14.66 19.98 18.46
C VAL G 225 -15.14 20.27 17.04
N PHE G 226 -15.17 21.55 16.69
CA PHE G 226 -15.78 22.01 15.44
C PHE G 226 -14.78 22.79 14.62
N PRO G 227 -14.19 22.19 13.60
CA PRO G 227 -13.35 22.94 12.66
C PRO G 227 -14.23 23.65 11.64
N SER G 228 -13.58 24.29 10.67
CA SER G 228 -14.31 24.95 9.60
C SER G 228 -14.96 23.93 8.67
N GLN G 229 -16.18 24.23 8.26
CA GLN G 229 -16.87 23.42 7.28
C GLN G 229 -16.64 24.00 5.89
N GLU G 230 -16.28 23.13 4.95
CA GLU G 230 -15.96 23.59 3.61
C GLU G 230 -17.23 23.97 2.87
N LEU G 231 -17.15 25.07 2.14
CA LEU G 231 -18.20 25.45 1.22
C LEU G 231 -17.98 24.69 -0.08
N ILE G 232 -19.02 24.02 -0.56
CA ILE G 232 -18.97 23.26 -1.80
C ILE G 232 -19.92 23.95 -2.76
N LEU G 233 -19.37 24.64 -3.76
CA LEU G 233 -20.19 25.43 -4.67
C LEU G 233 -20.69 24.54 -5.79
N ASP G 234 -21.58 23.60 -5.44
CA ASP G 234 -22.21 22.72 -6.41
C ASP G 234 -23.69 22.64 -6.08
N LYS G 235 -24.52 22.95 -7.07
CA LYS G 235 -25.96 23.02 -6.85
C LYS G 235 -26.60 21.65 -7.09
N GLY G 236 -27.91 21.65 -7.27
CA GLY G 236 -28.81 20.55 -6.98
C GLY G 236 -28.50 19.14 -7.44
N ASP G 237 -28.20 18.28 -6.46
CA ASP G 237 -28.00 16.85 -6.63
C ASP G 237 -28.12 16.23 -5.25
N LYS G 238 -28.43 14.93 -5.23
CA LYS G 238 -28.61 14.22 -3.97
C LYS G 238 -28.27 12.75 -4.17
N LYS G 239 -28.44 11.98 -3.09
CA LYS G 239 -28.09 10.55 -3.00
C LYS G 239 -26.64 10.31 -3.39
N GLY G 240 -25.74 10.87 -2.58
CA GLY G 240 -24.32 10.82 -2.86
C GLY G 240 -23.63 12.10 -2.44
N GLN G 241 -24.43 13.10 -2.08
CA GLN G 241 -23.91 14.35 -1.56
C GLN G 241 -23.77 14.27 -0.05
N LYS G 242 -22.63 14.74 0.47
CA LYS G 242 -22.40 14.69 1.90
C LYS G 242 -23.14 15.79 2.64
N SER G 243 -23.09 17.01 2.10
CA SER G 243 -23.64 18.26 2.66
C SER G 243 -23.00 18.65 3.99
N LYS G 244 -21.88 18.04 4.37
CA LYS G 244 -21.08 18.48 5.50
C LYS G 244 -19.67 17.96 5.27
N THR G 245 -18.75 18.85 4.91
CA THR G 245 -17.37 18.48 4.66
C THR G 245 -16.48 19.39 5.51
N LEU G 246 -15.83 18.83 6.50
CA LEU G 246 -14.97 19.61 7.38
C LEU G 246 -13.61 19.83 6.72
N TYR G 247 -13.01 20.96 7.05
CA TYR G 247 -11.76 21.38 6.43
C TYR G 247 -10.57 20.84 7.22
N SER G 248 -9.55 20.37 6.50
CA SER G 248 -8.37 19.81 7.13
C SER G 248 -7.18 19.96 6.19
N VAL G 249 -6.02 20.22 6.77
CA VAL G 249 -4.77 20.29 6.02
C VAL G 249 -3.86 19.16 6.46
N ARG G 250 -3.53 18.27 5.52
CA ARG G 250 -2.64 17.11 5.71
C ARG G 250 -3.12 16.21 6.84
N ASP G 251 -4.41 15.82 6.75
CA ASP G 251 -5.08 14.93 7.71
C ASP G 251 -5.06 15.48 9.13
N ALA G 252 -5.14 16.79 9.26
CA ALA G 252 -5.23 17.48 10.54
C ALA G 252 -6.32 18.54 10.42
N ALA G 253 -7.34 18.44 11.28
CA ALA G 253 -8.49 19.33 11.20
C ALA G 253 -8.08 20.77 11.49
N ALA G 254 -8.65 21.71 10.76
CA ALA G 254 -8.18 23.08 10.82
C ALA G 254 -9.34 24.04 10.67
N ILE G 255 -9.11 25.27 11.10
CA ILE G 255 -10.03 26.38 10.89
C ILE G 255 -9.49 27.23 9.75
N HIS G 256 -10.39 27.75 8.92
CA HIS G 256 -10.01 28.58 7.77
C HIS G 256 -9.32 29.86 8.24
N SER G 257 -8.46 30.40 7.38
CA SER G 257 -7.76 31.63 7.71
C SER G 257 -8.71 32.82 7.68
N GLN G 258 -9.68 32.81 6.76
CA GLN G 258 -10.66 33.88 6.73
C GLN G 258 -11.63 33.82 7.90
N LYS G 259 -11.77 32.65 8.53
CA LYS G 259 -12.57 32.55 9.76
C LYS G 259 -11.89 33.26 10.92
N ILE G 260 -10.59 33.05 11.08
CA ILE G 260 -9.81 33.76 12.09
C ILE G 260 -9.77 35.26 11.77
N GLY G 261 -9.66 35.59 10.49
CA GLY G 261 -9.67 36.98 10.08
C GLY G 261 -11.00 37.67 10.32
N ASN G 262 -12.10 36.92 10.23
CA ASN G 262 -13.39 37.46 10.64
C ASN G 262 -13.45 37.65 12.14
N ALA G 263 -12.89 36.71 12.89
CA ALA G 263 -13.11 36.72 14.33
C ALA G 263 -12.29 37.79 15.03
N LEU G 264 -11.06 38.04 14.59
CA LEU G 264 -10.28 39.11 15.21
C LEU G 264 -10.50 40.45 14.53
N ARG G 265 -11.57 40.58 13.74
CA ARG G 265 -11.96 41.84 13.13
C ARG G 265 -13.20 42.44 13.78
N THR G 266 -13.84 41.74 14.72
CA THR G 266 -15.07 42.20 15.35
C THR G 266 -14.74 43.31 16.35
N ILE G 267 -14.55 44.51 15.83
CA ILE G 267 -14.18 45.67 16.62
C ILE G 267 -15.20 46.80 16.50
N ASP G 268 -16.27 46.60 15.75
CA ASP G 268 -17.21 47.68 15.42
C ASP G 268 -18.31 47.74 16.45
N THR G 269 -18.13 48.59 17.46
CA THR G 269 -19.18 48.93 18.41
C THR G 269 -19.84 50.26 18.08
N TRP G 270 -19.70 50.72 16.84
CA TRP G 270 -20.26 52.00 16.41
C TRP G 270 -21.09 51.73 15.17
N TYR G 271 -22.40 51.65 15.34
CA TYR G 271 -23.32 51.52 14.24
C TYR G 271 -24.63 52.12 14.70
N PRO G 272 -25.38 52.79 13.81
CA PRO G 272 -26.51 53.64 14.28
C PRO G 272 -27.69 52.86 14.84
N ASP G 273 -27.71 51.55 14.74
CA ASP G 273 -28.75 50.74 15.35
C ASP G 273 -28.47 50.57 16.84
N GLU G 274 -29.17 49.65 17.49
CA GLU G 274 -29.04 49.43 18.92
C GLU G 274 -27.70 48.77 19.20
N ASP G 275 -26.76 49.55 19.76
CA ASP G 275 -25.48 49.02 20.19
C ASP G 275 -25.51 48.80 21.71
N GLY G 276 -26.15 47.71 22.09
CA GLY G 276 -26.04 47.18 23.44
C GLY G 276 -25.72 45.71 23.35
N LEU G 277 -25.60 45.22 22.11
CA LEU G 277 -25.38 43.81 21.87
C LEU G 277 -23.90 43.45 21.95
N GLY G 278 -23.07 44.13 21.17
CA GLY G 278 -21.65 43.89 21.17
C GLY G 278 -21.00 44.27 19.85
N PRO G 279 -19.69 44.04 19.74
CA PRO G 279 -18.99 44.38 18.51
C PRO G 279 -19.32 43.42 17.39
N ILE G 280 -19.49 43.98 16.19
CA ILE G 280 -19.64 43.21 14.98
C ILE G 280 -18.37 43.40 14.15
N ALA G 281 -18.25 42.62 13.08
CA ALA G 281 -17.09 42.75 12.20
C ALA G 281 -17.18 44.02 11.39
N VAL G 282 -16.04 44.44 10.83
CA VAL G 282 -15.97 45.65 10.03
C VAL G 282 -16.06 45.28 8.55
N GLU G 283 -17.20 45.56 7.95
CA GLU G 283 -17.40 45.50 6.51
C GLU G 283 -18.02 46.80 6.05
N PRO G 284 -17.82 47.19 4.80
CA PRO G 284 -18.68 48.22 4.23
C PRO G 284 -20.09 47.68 4.12
N TYR G 285 -21.06 48.52 4.50
CA TYR G 285 -22.45 48.12 4.76
C TYR G 285 -22.46 46.97 5.76
N GLY G 286 -22.06 47.30 6.99
CA GLY G 286 -21.61 46.35 7.99
C GLY G 286 -22.57 45.22 8.32
N SER G 287 -22.22 44.02 7.83
CA SER G 287 -23.16 42.94 7.68
C SER G 287 -22.81 41.79 8.60
N VAL G 288 -23.83 41.21 9.23
CA VAL G 288 -23.75 39.88 9.82
C VAL G 288 -24.79 39.02 9.11
N THR G 289 -24.35 38.28 8.10
CA THR G 289 -25.26 37.54 7.25
C THR G 289 -25.83 36.32 7.96
N SER G 290 -25.19 35.85 9.02
CA SER G 290 -25.80 34.82 9.85
C SER G 290 -26.99 35.37 10.62
N GLN G 291 -26.92 36.61 11.10
CA GLN G 291 -28.05 37.22 11.77
C GLN G 291 -29.08 37.78 10.80
N GLY G 292 -28.75 37.87 9.51
CA GLY G 292 -29.68 38.33 8.50
C GLY G 292 -29.86 39.82 8.41
N LYS G 293 -29.24 40.59 9.29
CA LYS G 293 -29.37 42.04 9.30
C LYS G 293 -28.03 42.66 8.90
N ALA G 294 -28.10 43.71 8.09
CA ALA G 294 -26.92 44.47 7.68
C ALA G 294 -27.02 45.85 8.32
N TYR G 295 -26.23 46.06 9.36
CA TYR G 295 -26.11 47.39 9.96
C TYR G 295 -25.34 48.31 9.03
N ARG G 296 -25.41 49.60 9.33
CA ARG G 296 -24.86 50.69 8.50
C ARG G 296 -25.38 50.61 7.07
N GLN G 297 -26.71 50.61 6.95
CA GLN G 297 -27.37 50.61 5.67
C GLN G 297 -27.11 51.94 4.96
N PRO G 298 -27.16 51.96 3.62
CA PRO G 298 -26.97 53.23 2.90
C PRO G 298 -28.11 54.22 3.07
N LYS G 299 -29.25 53.80 3.61
CA LYS G 299 -30.30 54.76 3.93
C LYS G 299 -29.89 55.65 5.11
N GLN G 300 -29.01 55.16 5.98
CA GLN G 300 -28.28 56.02 6.90
C GLN G 300 -26.99 56.47 6.24
N LYS G 301 -26.46 57.58 6.73
CA LYS G 301 -25.19 58.09 6.22
C LYS G 301 -24.01 57.61 7.06
N LEU G 302 -23.93 56.30 7.27
CA LEU G 302 -22.91 55.75 8.14
C LEU G 302 -22.31 54.46 7.61
N ASP G 303 -22.35 54.25 6.30
CA ASP G 303 -21.62 53.14 5.72
C ASP G 303 -20.19 53.57 5.44
N PHE G 304 -19.38 52.66 4.91
CA PHE G 304 -17.97 52.97 4.68
C PHE G 304 -17.79 53.91 3.51
N TYR G 305 -18.58 53.76 2.46
CA TYR G 305 -18.34 54.49 1.22
C TYR G 305 -18.72 55.97 1.34
N THR G 306 -19.86 56.27 1.96
CA THR G 306 -20.25 57.67 2.09
C THR G 306 -19.36 58.41 3.09
N LEU G 307 -18.96 57.73 4.17
CA LEU G 307 -18.04 58.34 5.12
C LEU G 307 -16.66 58.55 4.49
N LEU G 308 -16.22 57.61 3.66
CA LEU G 308 -14.92 57.75 3.00
C LEU G 308 -14.94 58.87 1.97
N ASP G 309 -15.98 58.93 1.14
CA ASP G 309 -16.06 59.99 0.14
C ASP G 309 -16.45 61.34 0.74
N ASN G 310 -16.91 61.37 1.98
CA ASN G 310 -17.02 62.66 2.66
C ASN G 310 -15.70 63.07 3.29
N TRP G 311 -14.92 62.10 3.75
CA TRP G 311 -13.63 62.41 4.37
C TRP G 311 -12.57 62.81 3.36
N VAL G 312 -12.59 62.22 2.17
CA VAL G 312 -11.52 62.43 1.19
C VAL G 312 -11.92 63.48 0.15
N LEU G 313 -13.08 63.32 -0.47
CA LEU G 313 -13.48 64.26 -1.53
C LEU G 313 -13.92 65.60 -0.95
N ARG G 314 -15.01 65.59 -0.18
CA ARG G 314 -15.62 66.84 0.27
C ARG G 314 -14.98 67.40 1.53
N ASP G 315 -13.94 66.74 2.07
CA ASP G 315 -13.21 67.16 3.27
C ASP G 315 -14.12 67.30 4.50
N GLU G 316 -15.18 66.51 4.57
CA GLU G 316 -16.07 66.48 5.72
C GLU G 316 -15.61 65.34 6.62
N ALA G 317 -14.84 65.67 7.64
CA ALA G 317 -14.33 64.64 8.54
C ALA G 317 -15.45 64.13 9.44
N PRO G 318 -15.67 62.82 9.51
CA PRO G 318 -16.68 62.28 10.43
C PRO G 318 -16.24 62.31 11.88
N ALA G 319 -17.03 61.71 12.75
CA ALA G 319 -16.63 61.56 14.14
C ALA G 319 -15.44 60.59 14.25
N VAL G 320 -14.81 60.60 15.43
CA VAL G 320 -13.59 59.82 15.63
C VAL G 320 -13.87 58.32 15.60
N GLU G 321 -15.06 57.91 16.03
CA GLU G 321 -15.44 56.51 15.96
C GLU G 321 -15.63 56.06 14.53
N GLN G 322 -16.25 56.91 13.70
CA GLN G 322 -16.38 56.59 12.29
C GLN G 322 -15.05 56.65 11.58
N GLN G 323 -14.11 57.47 12.07
CA GLN G 323 -12.76 57.46 11.55
C GLN G 323 -12.06 56.13 11.86
N HIS G 324 -12.27 55.60 13.07
CA HIS G 324 -11.76 54.28 13.42
C HIS G 324 -12.36 53.20 12.54
N TYR G 325 -13.65 53.32 12.23
CA TYR G 325 -14.32 52.35 11.36
C TYR G 325 -13.77 52.40 9.93
N VAL G 326 -13.53 53.60 9.42
CA VAL G 326 -12.99 53.76 8.07
C VAL G 326 -11.57 53.22 7.98
N ILE G 327 -10.74 53.51 8.97
CA ILE G 327 -9.37 53.00 8.95
C ILE G 327 -9.33 51.50 9.21
N ALA G 328 -10.32 50.97 9.94
CA ALA G 328 -10.42 49.52 10.11
C ALA G 328 -10.79 48.83 8.80
N ASN G 329 -11.65 49.46 8.01
CA ASN G 329 -11.93 48.94 6.67
C ASN G 329 -10.71 49.03 5.77
N LEU G 330 -9.90 50.07 5.91
CA LEU G 330 -8.69 50.17 5.11
C LEU G 330 -7.66 49.11 5.53
N ILE G 331 -7.62 48.78 6.81
CA ILE G 331 -6.75 47.71 7.30
C ILE G 331 -7.25 46.36 6.80
N ARG G 332 -8.57 46.20 6.67
CA ARG G 332 -9.16 44.98 6.14
C ARG G 332 -8.76 44.76 4.68
N GLY G 333 -9.00 45.75 3.83
CA GLY G 333 -8.66 45.67 2.43
C GLY G 333 -9.90 45.47 1.56
N GLY G 334 -9.67 45.43 0.26
CA GLY G 334 -10.72 45.13 -0.67
C GLY G 334 -10.74 46.04 -1.87
N VAL G 335 -11.85 45.98 -2.61
CA VAL G 335 -12.05 46.74 -3.83
C VAL G 335 -12.99 47.89 -3.54
N PHE G 336 -12.48 49.12 -3.66
CA PHE G 336 -13.28 50.32 -3.58
C PHE G 336 -13.03 51.16 -4.82
N GLY G 337 -14.05 51.88 -5.25
CA GLY G 337 -13.94 52.69 -6.45
C GLY G 337 -15.21 52.76 -7.27
N GLU G 338 -15.22 53.66 -8.25
CA GLU G 338 -16.38 53.85 -9.12
C GLU G 338 -16.61 52.64 -10.01
N LEU H 6 18.31 61.60 -41.89
CA LEU H 6 17.18 62.54 -41.88
C LEU H 6 15.95 61.94 -41.22
N SER H 7 15.17 61.18 -41.98
CA SER H 7 13.93 60.61 -41.46
C SER H 7 14.24 59.38 -40.61
N THR H 8 13.40 59.16 -39.61
CA THR H 8 13.59 58.03 -38.71
C THR H 8 13.13 56.73 -39.36
N ALA H 9 13.51 55.62 -38.73
CA ALA H 9 13.12 54.30 -39.24
C ALA H 9 11.64 54.07 -39.03
N SER H 10 10.96 53.59 -40.08
CA SER H 10 9.53 53.39 -40.00
C SER H 10 9.17 52.16 -39.19
N VAL H 11 10.05 51.15 -39.17
CA VAL H 11 9.90 49.97 -38.33
C VAL H 11 11.18 49.87 -37.51
N LEU H 12 11.05 49.93 -36.18
CA LEU H 12 12.22 49.91 -35.31
C LEU H 12 11.94 48.96 -34.16
N ALA H 13 12.56 47.79 -34.17
CA ALA H 13 12.31 46.80 -33.14
C ALA H 13 13.57 46.58 -32.31
N PHE H 14 13.35 46.17 -31.06
CA PHE H 14 14.45 45.83 -30.16
C PHE H 14 14.02 44.65 -29.30
N GLU H 15 14.81 43.58 -29.35
CA GLU H 15 14.49 42.38 -28.58
C GLU H 15 14.82 42.59 -27.10
N ARG H 16 14.16 41.79 -26.27
CA ARG H 16 14.37 41.84 -24.82
C ARG H 16 15.73 41.26 -24.49
N LYS H 17 16.68 42.12 -24.19
CA LYS H 17 17.83 41.68 -23.43
C LYS H 17 17.45 41.66 -21.96
N LEU H 18 18.28 40.98 -21.16
CA LEU H 18 17.99 40.65 -19.76
C LEU H 18 16.65 39.90 -19.66
N ASP H 19 16.65 38.72 -20.26
CA ASP H 19 15.46 37.87 -20.33
C ASP H 19 15.44 36.92 -19.14
N PRO H 20 14.50 37.05 -18.20
CA PRO H 20 14.43 36.09 -17.09
C PRO H 20 13.50 34.92 -17.38
N SER H 21 13.47 33.95 -16.48
CA SER H 21 12.56 32.81 -16.57
C SER H 21 11.60 32.83 -15.40
N ASP H 22 10.65 31.90 -15.42
CA ASP H 22 9.59 31.87 -14.43
C ASP H 22 10.12 31.40 -13.08
N ALA H 23 9.63 32.04 -12.02
CA ALA H 23 10.26 31.99 -10.71
C ALA H 23 9.52 31.01 -9.81
N LEU H 24 9.93 29.74 -9.85
CA LEU H 24 9.28 28.68 -9.10
C LEU H 24 9.49 28.86 -7.61
N MET H 25 8.48 28.47 -6.82
CA MET H 25 8.47 28.71 -5.39
C MET H 25 8.46 27.39 -4.63
N SER H 26 9.50 27.17 -3.83
CA SER H 26 9.57 26.04 -2.92
C SER H 26 9.47 26.55 -1.48
N ALA H 27 9.31 25.61 -0.55
CA ALA H 27 9.09 25.96 0.84
C ALA H 27 10.02 25.15 1.73
N GLY H 28 10.62 25.80 2.72
CA GLY H 28 11.49 25.07 3.62
C GLY H 28 11.87 25.96 4.79
N ALA H 29 12.51 25.33 5.77
CA ALA H 29 12.91 26.03 6.97
C ALA H 29 14.15 26.88 6.71
N TRP H 30 14.24 28.00 7.43
CA TRP H 30 15.43 28.82 7.40
C TRP H 30 16.59 28.08 8.07
N ALA H 31 17.80 28.40 7.63
CA ALA H 31 19.10 27.76 7.90
C ALA H 31 19.21 26.37 7.27
N GLN H 32 18.15 25.86 6.63
CA GLN H 32 18.24 24.73 5.72
C GLN H 32 18.37 25.19 4.28
N ARG H 33 18.89 26.40 4.07
CA ARG H 33 19.09 26.92 2.73
C ARG H 33 20.26 26.26 2.01
N ASP H 34 21.11 25.54 2.74
CA ASP H 34 22.22 24.84 2.11
C ASP H 34 21.71 23.68 1.27
N ALA H 35 20.88 22.82 1.85
CA ALA H 35 20.28 21.71 1.11
C ALA H 35 18.96 22.11 0.48
N SER H 36 18.95 23.22 -0.24
CA SER H 36 17.72 23.75 -0.83
C SER H 36 17.50 23.26 -2.25
N GLN H 37 17.59 21.94 -2.44
CA GLN H 37 17.24 21.31 -3.70
C GLN H 37 16.24 20.19 -3.55
N GLU H 38 16.14 19.57 -2.38
CA GLU H 38 15.10 18.62 -2.03
C GLU H 38 13.84 19.31 -1.51
N TRP H 39 13.79 20.64 -1.58
CA TRP H 39 12.66 21.37 -1.02
C TRP H 39 11.42 21.17 -1.87
N PRO H 40 10.28 20.87 -1.27
CA PRO H 40 9.05 20.72 -2.06
C PRO H 40 8.47 22.07 -2.41
N ALA H 41 7.77 22.10 -3.54
CA ALA H 41 7.17 23.33 -4.04
C ALA H 41 5.79 23.54 -3.45
N VAL H 42 5.38 24.80 -3.37
CA VAL H 42 4.05 25.16 -2.88
C VAL H 42 3.05 25.05 -4.03
N THR H 43 2.00 24.28 -3.81
CA THR H 43 0.98 24.05 -4.82
C THR H 43 -0.20 24.98 -4.59
N VAL H 44 -0.72 25.53 -5.69
CA VAL H 44 -1.90 26.38 -5.60
C VAL H 44 -3.12 25.50 -5.30
N ARG H 45 -3.97 25.97 -4.40
CA ARG H 45 -5.20 25.29 -4.04
C ARG H 45 -6.40 26.16 -4.39
N GLU H 46 -7.52 25.51 -4.62
CA GLU H 46 -8.80 26.18 -4.81
C GLU H 46 -9.61 26.05 -3.54
N LYS H 47 -10.01 27.20 -2.98
CA LYS H 47 -10.83 27.17 -1.78
C LYS H 47 -12.04 28.07 -1.99
N SER H 48 -13.20 27.60 -1.54
CA SER H 48 -14.42 28.38 -1.63
C SER H 48 -14.61 29.18 -0.34
N VAL H 49 -14.88 30.46 -0.49
CA VAL H 49 -15.00 31.38 0.62
C VAL H 49 -16.41 31.95 0.65
N ARG H 50 -16.84 32.36 1.84
CA ARG H 50 -18.11 33.02 2.04
C ARG H 50 -17.86 34.40 2.62
N GLY H 51 -18.28 35.43 1.91
CA GLY H 51 -18.13 36.79 2.38
C GLY H 51 -19.41 37.57 2.21
N THR H 52 -19.32 38.89 2.26
CA THR H 52 -20.47 39.77 2.15
C THR H 52 -20.45 40.49 0.81
N ILE H 53 -21.46 41.33 0.60
CA ILE H 53 -21.50 42.24 -0.54
C ILE H 53 -20.82 43.52 -0.04
N SER H 54 -19.51 43.57 -0.20
CA SER H 54 -18.73 44.71 0.28
C SER H 54 -18.41 45.71 -0.82
N ASN H 55 -18.80 45.43 -2.06
CA ASN H 55 -18.65 46.41 -3.12
C ASN H 55 -19.77 47.44 -3.04
N ARG H 56 -19.49 48.63 -3.56
CA ARG H 56 -20.51 49.68 -3.53
C ARG H 56 -21.53 49.45 -4.63
N LEU H 57 -22.78 49.79 -4.32
CA LEU H 57 -23.90 49.44 -5.17
C LEU H 57 -24.18 50.53 -6.20
N LYS H 58 -24.85 50.12 -7.26
CA LYS H 58 -25.31 51.03 -8.31
C LYS H 58 -26.83 51.16 -8.15
N THR H 59 -27.27 52.31 -7.62
CA THR H 59 -28.69 52.53 -7.37
C THR H 59 -29.34 53.24 -8.58
N LYS H 60 -29.11 52.64 -9.74
CA LYS H 60 -29.66 53.09 -11.01
C LYS H 60 -30.45 51.93 -11.61
N ASP H 61 -31.67 52.22 -12.06
CA ASP H 61 -32.73 51.26 -12.45
C ASP H 61 -32.80 50.04 -11.52
N ARG H 62 -32.85 50.31 -10.23
CA ARG H 62 -33.03 49.29 -9.20
C ARG H 62 -34.19 49.70 -8.29
N ASP H 63 -34.34 48.95 -7.21
CA ASP H 63 -35.24 49.24 -6.10
C ASP H 63 -34.50 49.02 -4.78
N PRO H 64 -34.83 49.75 -3.73
CA PRO H 64 -34.06 49.63 -2.47
C PRO H 64 -34.22 48.29 -1.77
N ALA H 65 -35.35 47.61 -1.97
CA ALA H 65 -35.62 46.36 -1.25
C ALA H 65 -34.69 45.24 -1.71
N LYS H 66 -34.48 45.09 -3.01
CA LYS H 66 -33.60 44.02 -3.46
C LYS H 66 -32.13 44.32 -3.16
N LEU H 67 -31.73 45.60 -3.16
CA LEU H 67 -30.33 45.87 -2.85
C LEU H 67 -30.02 45.72 -1.37
N ASP H 68 -30.91 46.16 -0.47
CA ASP H 68 -30.57 45.95 0.93
C ASP H 68 -30.85 44.51 1.37
N ALA H 69 -31.72 43.79 0.65
CA ALA H 69 -31.79 42.35 0.86
C ALA H 69 -30.56 41.64 0.32
N SER H 70 -29.90 42.21 -0.70
CA SER H 70 -28.67 41.62 -1.19
C SER H 70 -27.51 41.87 -0.23
N ILE H 71 -27.42 43.08 0.33
CA ILE H 71 -26.37 43.33 1.32
C ILE H 71 -26.67 42.73 2.67
N GLN H 72 -27.90 42.24 2.89
CA GLN H 72 -28.17 41.43 4.06
C GLN H 72 -27.83 39.96 3.85
N SER H 73 -27.72 39.51 2.62
CA SER H 73 -27.49 38.14 2.22
C SER H 73 -26.02 37.88 1.93
N PRO H 74 -25.52 36.66 2.14
CA PRO H 74 -24.10 36.38 1.90
C PRO H 74 -23.70 36.32 0.42
N ASN H 75 -22.43 35.99 0.19
CA ASN H 75 -21.82 36.10 -1.13
C ASN H 75 -20.76 35.00 -1.23
N LEU H 76 -20.98 34.03 -2.10
CA LEU H 76 -20.15 32.83 -2.15
C LEU H 76 -19.20 32.92 -3.34
N GLN H 77 -17.90 32.81 -3.08
CA GLN H 77 -16.90 32.83 -4.14
C GLN H 77 -15.99 31.63 -4.00
N THR H 78 -15.11 31.45 -4.98
CA THR H 78 -14.13 30.36 -4.95
C THR H 78 -12.82 30.85 -5.57
N VAL H 79 -11.82 31.06 -4.72
CA VAL H 79 -10.58 31.67 -5.20
C VAL H 79 -9.44 30.66 -5.14
N ASP H 80 -8.28 31.09 -5.62
CA ASP H 80 -7.05 30.30 -5.55
C ASP H 80 -6.14 30.91 -4.51
N VAL H 81 -5.41 30.07 -3.79
CA VAL H 81 -4.53 30.53 -2.72
C VAL H 81 -3.32 29.62 -2.67
N ALA H 82 -2.18 30.18 -2.27
CA ALA H 82 -0.94 29.44 -2.13
C ALA H 82 -0.38 29.71 -0.74
N ASN H 83 -0.31 28.68 0.08
CA ASN H 83 0.17 28.80 1.44
C ASN H 83 1.51 28.08 1.59
N LEU H 84 2.32 28.58 2.52
CA LEU H 84 3.43 27.80 3.02
C LEU H 84 2.88 26.71 3.94
N PRO H 85 3.60 25.60 4.09
CA PRO H 85 3.22 24.62 5.12
C PRO H 85 3.50 25.16 6.51
N SER H 86 2.98 24.43 7.51
CA SER H 86 3.21 24.78 8.90
C SER H 86 4.57 24.33 9.41
N ASP H 87 5.39 23.71 8.56
CA ASP H 87 6.74 23.29 8.90
C ASP H 87 7.78 23.98 8.02
N ALA H 88 7.46 25.17 7.53
CA ALA H 88 8.33 25.86 6.59
C ALA H 88 8.04 27.36 6.70
N ASP H 89 8.97 28.09 7.31
CA ASP H 89 8.86 29.54 7.42
C ASP H 89 9.74 30.28 6.42
N THR H 90 10.13 29.62 5.34
CA THR H 90 11.01 30.23 4.35
C THR H 90 10.50 29.89 2.94
N LEU H 91 10.24 30.93 2.16
CA LEU H 91 9.91 30.79 0.76
C LEU H 91 11.19 30.88 -0.08
N LYS H 92 11.32 29.98 -1.04
CA LYS H 92 12.50 29.89 -1.90
C LYS H 92 12.05 30.15 -3.32
N VAL H 93 12.28 31.36 -3.81
CA VAL H 93 11.89 31.76 -5.14
C VAL H 93 13.10 31.68 -6.05
N ARG H 94 13.04 30.83 -7.06
CA ARG H 94 14.20 30.57 -7.90
C ARG H 94 13.85 30.78 -9.36
N PHE H 95 14.76 31.40 -10.10
CA PHE H 95 14.61 31.55 -11.53
C PHE H 95 15.99 31.68 -12.17
N THR H 96 16.01 31.59 -13.49
CA THR H 96 17.22 31.77 -14.27
C THR H 96 17.12 33.08 -15.05
N LEU H 97 18.25 33.61 -15.44
CA LEU H 97 18.30 34.90 -16.12
C LEU H 97 19.37 34.86 -17.19
N ARG H 98 18.98 35.15 -18.43
CA ARG H 98 19.90 35.21 -19.56
C ARG H 98 20.16 36.67 -19.91
N VAL H 99 21.42 37.08 -19.78
CA VAL H 99 21.88 38.36 -20.29
C VAL H 99 22.42 38.11 -21.69
N LEU H 100 21.72 38.60 -22.70
CA LEU H 100 21.92 38.11 -24.06
C LEU H 100 23.17 38.70 -24.71
N GLY H 101 23.19 40.01 -24.88
CA GLY H 101 24.34 40.60 -25.54
C GLY H 101 23.95 41.22 -26.87
N GLY H 102 24.72 42.22 -27.29
CA GLY H 102 24.36 43.01 -28.46
C GLY H 102 23.25 43.96 -28.11
N ALA H 103 23.53 44.94 -27.25
CA ALA H 103 22.49 45.76 -26.65
C ALA H 103 21.86 46.71 -27.66
N GLY H 104 22.64 47.61 -28.22
CA GLY H 104 22.09 48.63 -29.07
C GLY H 104 21.76 48.24 -30.49
N THR H 105 21.88 46.97 -30.85
CA THR H 105 21.59 46.54 -32.22
C THR H 105 20.09 46.45 -32.43
N PRO H 106 19.52 47.18 -33.39
CA PRO H 106 18.08 47.03 -33.67
C PRO H 106 17.81 45.72 -34.40
N SER H 107 16.82 44.99 -33.92
CA SER H 107 16.44 43.73 -34.56
C SER H 107 15.63 43.93 -35.83
N ALA H 108 15.17 45.16 -36.10
CA ALA H 108 14.50 45.48 -37.35
C ALA H 108 14.64 46.99 -37.57
N CYS H 109 15.04 47.38 -38.78
CA CYS H 109 15.22 48.79 -39.09
C CYS H 109 15.12 48.99 -40.60
N ASN H 110 14.31 49.95 -41.02
CA ASN H 110 14.12 50.21 -42.44
C ASN H 110 15.33 50.90 -43.05
N ASP H 111 15.61 52.13 -42.59
CA ASP H 111 16.60 52.97 -43.24
C ASP H 111 18.00 52.53 -42.85
N ALA H 112 18.87 52.38 -43.86
CA ALA H 112 20.25 52.02 -43.58
C ALA H 112 21.01 53.18 -42.96
N ALA H 113 20.65 54.41 -43.34
CA ALA H 113 21.30 55.58 -42.76
C ALA H 113 20.90 55.75 -41.29
N TYR H 114 19.63 55.47 -40.97
CA TYR H 114 19.20 55.51 -39.58
C TYR H 114 19.86 54.40 -38.78
N ARG H 115 20.05 53.23 -39.38
CA ARG H 115 20.73 52.14 -38.70
C ARG H 115 22.18 52.47 -38.42
N ASP H 116 22.86 53.12 -39.38
CA ASP H 116 24.25 53.51 -39.18
C ASP H 116 24.38 54.61 -38.13
N LYS H 117 23.47 55.60 -38.14
CA LYS H 117 23.55 56.66 -37.15
C LYS H 117 23.19 56.16 -35.75
N LEU H 118 22.25 55.20 -35.66
CA LEU H 118 21.91 54.63 -34.37
C LEU H 118 23.05 53.78 -33.82
N LEU H 119 23.72 53.01 -34.70
CA LEU H 119 24.86 52.21 -34.27
C LEU H 119 26.03 53.07 -33.85
N GLN H 120 26.25 54.19 -34.55
CA GLN H 120 27.31 55.11 -34.15
C GLN H 120 26.97 55.81 -32.85
N THR H 121 25.68 56.08 -32.59
CA THR H 121 25.28 56.74 -31.34
C THR H 121 25.47 55.82 -30.15
N VAL H 122 25.00 54.57 -30.26
CA VAL H 122 25.19 53.63 -29.16
C VAL H 122 26.66 53.24 -29.02
N ALA H 123 27.42 53.29 -30.12
CA ALA H 123 28.86 53.03 -30.04
C ALA H 123 29.59 54.13 -29.29
N THR H 124 29.27 55.39 -29.57
CA THR H 124 29.86 56.49 -28.82
C THR H 124 29.43 56.48 -27.36
N TYR H 125 28.20 56.05 -27.07
CA TYR H 125 27.76 55.93 -25.69
C TYR H 125 28.54 54.85 -24.95
N VAL H 126 28.67 53.66 -25.53
CA VAL H 126 29.39 52.59 -24.85
C VAL H 126 30.90 52.84 -24.85
N ASN H 127 31.39 53.71 -25.73
CA ASN H 127 32.78 54.12 -25.68
C ASN H 127 33.05 55.07 -24.52
N ASP H 128 32.21 56.11 -24.36
CA ASP H 128 32.53 57.10 -23.33
C ASP H 128 31.99 56.68 -21.96
N GLN H 129 30.87 55.94 -21.91
CA GLN H 129 30.28 55.52 -20.64
C GLN H 129 29.66 54.14 -20.89
N GLY H 130 30.40 53.09 -20.59
CA GLY H 130 29.89 51.74 -20.81
C GLY H 130 28.78 51.33 -19.87
N PHE H 131 28.41 50.05 -19.88
CA PHE H 131 27.31 49.56 -19.05
C PHE H 131 27.75 49.40 -17.59
N ALA H 132 28.11 50.52 -16.96
CA ALA H 132 28.49 50.49 -15.56
C ALA H 132 27.31 50.82 -14.68
N GLU H 133 26.73 52.02 -14.84
CA GLU H 133 25.62 52.45 -14.01
C GLU H 133 24.36 51.64 -14.27
N LEU H 134 24.12 51.28 -15.54
CA LEU H 134 22.95 50.48 -15.88
C LEU H 134 23.03 49.08 -15.29
N ALA H 135 24.19 48.43 -15.44
CA ALA H 135 24.37 47.12 -14.84
C ALA H 135 24.45 47.19 -13.33
N ARG H 136 24.90 48.31 -12.76
CA ARG H 136 24.87 48.46 -11.31
C ARG H 136 23.44 48.54 -10.79
N ARG H 137 22.57 49.21 -11.54
CA ARG H 137 21.17 49.29 -11.13
C ARG H 137 20.46 47.95 -11.33
N TYR H 138 20.78 47.24 -12.41
CA TYR H 138 20.25 45.88 -12.61
C TYR H 138 20.76 44.91 -11.54
N ALA H 139 22.01 45.06 -11.12
CA ALA H 139 22.57 44.20 -10.09
C ALA H 139 22.01 44.55 -8.72
N HIS H 140 21.63 45.81 -8.49
CA HIS H 140 20.89 46.15 -7.29
C HIS H 140 19.53 45.49 -7.28
N ASN H 141 18.81 45.59 -8.40
CA ASN H 141 17.47 45.02 -8.47
C ASN H 141 17.47 43.50 -8.56
N LEU H 142 18.62 42.87 -8.80
CA LEU H 142 18.76 41.45 -8.52
C LEU H 142 19.18 41.20 -7.08
N ALA H 143 19.92 42.13 -6.48
CA ALA H 143 20.48 41.96 -5.15
C ALA H 143 19.47 42.26 -4.05
N ASN H 144 18.69 43.33 -4.17
CA ASN H 144 17.52 43.45 -3.32
C ASN H 144 16.38 42.67 -3.95
N ALA H 145 15.63 41.94 -3.13
CA ALA H 145 14.64 40.99 -3.64
C ALA H 145 13.38 41.71 -4.10
N ARG H 146 13.53 42.45 -5.20
CA ARG H 146 12.40 43.22 -5.73
C ARG H 146 11.45 42.34 -6.53
N PHE H 147 11.91 41.17 -6.96
CA PHE H 147 11.06 40.25 -7.69
C PHE H 147 10.08 39.52 -6.77
N LEU H 148 10.29 39.61 -5.46
CA LEU H 148 9.25 39.30 -4.48
C LEU H 148 8.39 40.55 -4.36
N TRP H 149 7.26 40.58 -5.06
CA TRP H 149 6.46 41.80 -5.07
C TRP H 149 5.67 41.97 -3.78
N ARG H 150 4.74 41.05 -3.51
CA ARG H 150 4.05 41.03 -2.23
C ARG H 150 4.76 40.15 -1.21
N ASN H 151 5.72 39.33 -1.64
CA ASN H 151 6.41 38.41 -0.76
C ASN H 151 7.55 39.06 0.01
N ARG H 152 7.77 40.37 -0.17
CA ARG H 152 8.86 41.08 0.47
C ARG H 152 8.40 41.98 1.60
N VAL H 153 7.13 42.38 1.63
CA VAL H 153 6.69 43.44 2.54
C VAL H 153 6.58 42.97 3.98
N GLY H 154 6.50 41.66 4.23
CA GLY H 154 6.36 41.18 5.59
C GLY H 154 7.49 40.28 6.01
N ALA H 155 8.58 40.28 5.25
CA ALA H 155 9.67 39.36 5.50
C ALA H 155 10.58 39.92 6.59
N GLU H 156 10.99 39.05 7.51
CA GLU H 156 11.94 39.45 8.54
C GLU H 156 13.34 39.59 7.97
N ALA H 157 13.77 38.60 7.20
CA ALA H 157 15.07 38.62 6.55
C ALA H 157 14.95 37.95 5.19
N VAL H 158 15.65 38.49 4.21
CA VAL H 158 15.68 37.94 2.86
C VAL H 158 17.13 37.83 2.41
N GLU H 159 17.42 36.79 1.65
CA GLU H 159 18.78 36.53 1.18
C GLU H 159 18.75 36.09 -0.27
N VAL H 160 19.60 36.68 -1.09
CA VAL H 160 19.66 36.39 -2.52
C VAL H 160 20.98 35.69 -2.83
N ARG H 161 20.89 34.50 -3.40
CA ARG H 161 22.05 33.73 -3.84
C ARG H 161 22.06 33.69 -5.36
N ILE H 162 23.15 34.14 -5.95
CA ILE H 162 23.26 34.25 -7.40
C ILE H 162 24.46 33.42 -7.84
N ASN H 163 24.28 32.58 -8.85
CA ASN H 163 25.35 31.70 -9.31
C ASN H 163 25.49 31.81 -10.83
N HIS H 164 26.70 32.07 -11.29
CA HIS H 164 26.99 32.16 -12.71
C HIS H 164 27.30 30.78 -13.25
N ILE H 165 26.55 30.34 -14.26
CA ILE H 165 26.73 29.02 -14.84
C ILE H 165 27.56 29.18 -16.10
N ARG H 166 28.83 28.74 -16.04
CA ARG H 166 29.76 29.05 -17.11
C ARG H 166 29.59 28.12 -18.31
N GLN H 167 29.83 26.83 -18.13
CA GLN H 167 29.68 25.85 -19.19
C GLN H 167 28.53 24.89 -18.92
N GLY H 168 28.61 24.16 -17.81
CA GLY H 168 27.48 23.37 -17.35
C GLY H 168 27.46 23.35 -15.84
N GLU H 169 28.35 24.14 -15.23
CA GLU H 169 28.58 24.13 -13.81
C GLU H 169 28.90 25.55 -13.35
N VAL H 170 28.94 25.74 -12.04
CA VAL H 170 29.01 27.08 -11.47
C VAL H 170 30.42 27.64 -11.63
N ALA H 171 30.50 28.97 -11.79
CA ALA H 171 31.78 29.67 -11.88
C ALA H 171 31.97 30.74 -10.82
N ARG H 172 30.89 31.35 -10.36
CA ARG H 172 30.96 32.43 -9.39
C ARG H 172 29.71 32.41 -8.53
N ALA H 173 29.90 32.56 -7.22
CA ALA H 173 28.82 32.54 -6.25
C ALA H 173 28.75 33.86 -5.49
N TRP H 174 27.56 34.44 -5.43
CA TRP H 174 27.29 35.66 -4.69
C TRP H 174 26.19 35.41 -3.67
N ARG H 175 26.31 36.03 -2.49
CA ARG H 175 25.35 35.88 -1.41
C ARG H 175 25.10 37.24 -0.79
N PHE H 176 23.90 37.78 -1.01
CA PHE H 176 23.54 39.14 -0.63
C PHE H 176 22.43 39.14 0.42
N ASP H 177 22.50 40.11 1.31
CA ASP H 177 21.39 40.43 2.19
C ASP H 177 20.52 41.49 1.51
N ALA H 178 19.29 41.13 1.19
CA ALA H 178 18.46 41.97 0.33
C ALA H 178 17.74 43.08 1.08
N LEU H 179 17.85 43.14 2.40
CA LEU H 179 17.23 44.22 3.16
C LEU H 179 18.19 45.35 3.50
N ALA H 180 19.50 45.09 3.53
CA ALA H 180 20.45 46.19 3.68
C ALA H 180 20.50 47.03 2.42
N ILE H 181 20.52 46.37 1.26
CA ILE H 181 20.37 47.05 -0.02
C ILE H 181 18.90 47.45 -0.16
N GLY H 182 18.62 48.74 -0.04
CA GLY H 182 17.25 49.20 -0.09
C GLY H 182 16.65 49.17 -1.48
N LEU H 183 15.36 49.46 -1.55
CA LEU H 183 14.66 49.50 -2.82
C LEU H 183 14.69 50.87 -3.49
N ARG H 184 15.18 51.89 -2.79
CA ARG H 184 15.15 53.25 -3.32
C ARG H 184 16.52 53.87 -3.52
N ASP H 185 17.58 53.30 -2.98
CA ASP H 185 18.93 53.84 -3.12
C ASP H 185 19.83 52.85 -3.84
N PHE H 186 20.84 53.37 -4.52
CA PHE H 186 21.73 52.59 -5.36
C PHE H 186 23.17 52.91 -4.95
N LYS H 187 23.69 52.16 -3.99
CA LYS H 187 24.99 52.42 -3.40
C LYS H 187 26.09 51.80 -4.26
N ALA H 188 27.31 51.77 -3.74
CA ALA H 188 28.45 51.21 -4.47
C ALA H 188 29.20 50.29 -3.52
N ASP H 189 29.16 48.99 -3.81
CA ASP H 189 29.91 48.00 -3.04
C ASP H 189 30.86 47.24 -3.95
N ALA H 190 31.54 46.23 -3.42
CA ALA H 190 32.52 45.49 -4.20
C ALA H 190 31.87 44.35 -4.98
N GLU H 191 31.12 43.50 -4.29
CA GLU H 191 30.48 42.35 -4.93
C GLU H 191 29.39 42.77 -5.90
N LEU H 192 28.71 43.89 -5.60
CA LEU H 192 27.73 44.43 -6.53
C LEU H 192 28.42 44.94 -7.79
N ASP H 193 29.60 45.54 -7.65
CA ASP H 193 30.35 45.98 -8.82
C ASP H 193 30.88 44.80 -9.62
N ALA H 194 31.22 43.69 -8.95
CA ALA H 194 31.65 42.49 -9.67
C ALA H 194 30.50 41.89 -10.45
N LEU H 195 29.31 41.83 -9.85
CA LEU H 195 28.14 41.35 -10.57
C LEU H 195 27.76 42.29 -11.71
N ALA H 196 27.93 43.59 -11.51
CA ALA H 196 27.64 44.56 -12.57
C ALA H 196 28.65 44.46 -13.71
N GLU H 197 29.92 44.16 -13.40
CA GLU H 197 30.91 43.98 -14.45
C GLU H 197 30.65 42.70 -15.23
N LEU H 198 30.18 41.66 -14.55
CA LEU H 198 29.79 40.43 -15.24
C LEU H 198 28.57 40.66 -16.13
N ILE H 199 27.60 41.44 -15.65
CA ILE H 199 26.42 41.76 -16.45
C ILE H 199 26.78 42.63 -17.65
N ALA H 200 27.74 43.55 -17.48
CA ALA H 200 28.20 44.38 -18.58
C ALA H 200 28.97 43.57 -19.61
N SER H 201 29.78 42.62 -19.17
CA SER H 201 30.47 41.72 -20.09
C SER H 201 29.48 40.84 -20.84
N GLY H 202 28.40 40.43 -20.19
CA GLY H 202 27.34 39.74 -20.90
C GLY H 202 26.49 40.64 -21.76
N LEU H 203 26.56 41.95 -21.57
CA LEU H 203 25.76 42.90 -22.32
C LEU H 203 26.55 43.61 -23.41
N SER H 204 27.86 43.48 -23.43
CA SER H 204 28.71 44.14 -24.42
C SER H 204 28.83 43.35 -25.71
N GLY H 205 27.97 42.34 -25.92
CA GLY H 205 28.05 41.49 -27.09
C GLY H 205 29.02 40.34 -26.97
N SER H 206 29.83 40.29 -25.92
CA SER H 206 30.86 39.26 -25.80
C SER H 206 30.28 37.91 -25.44
N GLY H 207 29.47 37.85 -24.38
CA GLY H 207 28.93 36.60 -23.93
C GLY H 207 27.43 36.68 -23.76
N HIS H 208 26.83 35.51 -23.49
CA HIS H 208 25.40 35.38 -23.23
C HIS H 208 25.29 34.70 -21.87
N VAL H 209 25.37 35.51 -20.82
CA VAL H 209 25.61 35.01 -19.47
C VAL H 209 24.33 34.42 -18.90
N LEU H 210 24.43 33.20 -18.38
CA LEU H 210 23.32 32.56 -17.67
C LEU H 210 23.61 32.62 -16.17
N LEU H 211 22.69 33.23 -15.43
CA LEU H 211 22.74 33.31 -13.98
C LEU H 211 21.55 32.55 -13.41
N GLU H 212 21.70 32.01 -12.20
CA GLU H 212 20.56 31.56 -11.42
C GLU H 212 20.43 32.47 -10.21
N VAL H 213 19.21 32.90 -9.94
CA VAL H 213 18.90 33.71 -8.77
C VAL H 213 17.94 32.90 -7.91
N VAL H 214 18.26 32.80 -6.62
CA VAL H 214 17.38 32.12 -5.67
C VAL H 214 17.29 32.98 -4.40
N ALA H 215 16.07 33.35 -4.03
CA ALA H 215 15.82 34.25 -2.93
C ALA H 215 15.06 33.53 -1.82
N PHE H 216 15.62 33.57 -0.63
CA PHE H 216 14.98 33.03 0.56
C PHE H 216 14.33 34.16 1.32
N ALA H 217 13.08 33.94 1.72
CA ALA H 217 12.28 34.96 2.39
C ALA H 217 11.68 34.37 3.65
N ARG H 218 11.92 35.02 4.78
CA ARG H 218 11.41 34.57 6.08
C ARG H 218 10.05 35.21 6.30
N ILE H 219 9.00 34.50 5.88
CA ILE H 219 7.65 35.04 5.96
C ILE H 219 7.01 34.60 7.28
N GLY H 220 6.87 33.31 7.47
CA GLY H 220 6.25 32.77 8.67
C GLY H 220 5.70 31.39 8.42
N ASP H 221 5.45 30.67 9.51
CA ASP H 221 4.90 29.32 9.43
C ASP H 221 3.46 29.37 8.97
N GLY H 222 3.18 28.69 7.85
CA GLY H 222 1.83 28.59 7.36
C GLY H 222 1.26 29.83 6.70
N GLN H 223 2.09 30.85 6.47
CA GLN H 223 1.60 32.10 5.90
C GLN H 223 1.29 31.93 4.41
N GLU H 224 0.74 32.99 3.82
CA GLU H 224 0.28 32.94 2.44
C GLU H 224 1.27 33.66 1.54
N VAL H 225 1.67 32.99 0.46
CA VAL H 225 2.54 33.56 -0.54
C VAL H 225 1.71 33.92 -1.76
N PHE H 226 2.28 34.74 -2.63
CA PHE H 226 1.56 35.23 -3.82
C PHE H 226 2.31 34.90 -5.09
N PRO H 227 1.94 33.84 -5.80
CA PRO H 227 2.28 33.74 -7.21
C PRO H 227 1.49 34.78 -8.01
N SER H 228 2.01 35.08 -9.20
CA SER H 228 1.41 36.11 -10.02
C SER H 228 0.05 35.68 -10.55
N GLN H 229 -0.92 36.59 -10.46
CA GLN H 229 -2.29 36.29 -10.84
C GLN H 229 -2.46 36.35 -12.35
N GLU H 230 -3.21 35.39 -12.89
CA GLU H 230 -3.43 35.30 -14.33
C GLU H 230 -4.55 36.23 -14.76
N LEU H 231 -4.42 36.77 -15.96
CA LEU H 231 -5.35 37.77 -16.48
C LEU H 231 -6.39 37.08 -17.35
N ILE H 232 -7.62 37.00 -16.85
CA ILE H 232 -8.78 36.59 -17.64
C ILE H 232 -9.71 37.79 -17.71
N LEU H 233 -10.10 38.16 -18.93
CA LEU H 233 -10.71 39.47 -19.18
C LEU H 233 -12.14 39.59 -18.64
N ASP H 234 -12.81 38.48 -18.35
CA ASP H 234 -14.12 38.41 -17.68
C ASP H 234 -15.21 39.13 -18.48
N LYS H 235 -15.34 38.75 -19.76
CA LYS H 235 -16.43 39.24 -20.62
C LYS H 235 -17.05 38.01 -21.28
N GLY H 236 -18.03 37.41 -20.61
CA GLY H 236 -18.67 36.23 -21.14
C GLY H 236 -19.51 35.53 -20.09
N ASP H 237 -19.77 34.24 -20.35
CA ASP H 237 -20.71 33.44 -19.55
C ASP H 237 -19.98 32.86 -18.34
N LYS H 238 -20.09 33.58 -17.22
CA LYS H 238 -19.64 33.12 -15.89
C LYS H 238 -18.15 32.77 -15.85
N LYS H 239 -17.34 33.48 -16.63
CA LYS H 239 -15.89 33.31 -16.59
C LYS H 239 -15.23 34.21 -15.56
N GLY H 240 -15.99 34.82 -14.67
CA GLY H 240 -15.47 35.68 -13.63
C GLY H 240 -16.11 35.38 -12.29
N GLN H 241 -16.67 34.17 -12.16
CA GLN H 241 -17.27 33.76 -10.89
C GLN H 241 -16.20 33.46 -9.84
N LYS H 242 -14.97 33.16 -10.27
CA LYS H 242 -13.96 32.70 -9.32
C LYS H 242 -13.05 33.82 -8.84
N SER H 243 -12.82 34.85 -9.66
CA SER H 243 -12.21 36.13 -9.33
C SER H 243 -10.73 36.08 -8.95
N LYS H 244 -10.11 34.89 -8.87
CA LYS H 244 -8.69 34.80 -8.59
C LYS H 244 -8.17 33.47 -9.11
N THR H 245 -7.24 33.52 -10.06
CA THR H 245 -6.57 32.33 -10.57
C THR H 245 -5.07 32.59 -10.53
N LEU H 246 -4.31 31.66 -9.98
CA LEU H 246 -2.88 31.83 -9.84
C LEU H 246 -2.14 31.07 -10.93
N TYR H 247 -0.89 31.48 -11.17
CA TYR H 247 -0.05 30.90 -12.20
C TYR H 247 0.65 29.66 -11.66
N SER H 248 0.60 28.57 -12.42
CA SER H 248 1.18 27.31 -12.00
C SER H 248 1.87 26.66 -13.18
N VAL H 249 3.16 26.36 -13.03
CA VAL H 249 3.92 25.63 -14.02
C VAL H 249 4.60 24.45 -13.35
N ARG H 250 4.45 23.26 -13.96
CA ARG H 250 4.92 21.98 -13.42
C ARG H 250 4.40 21.74 -12.01
N ASP H 251 3.09 21.97 -11.85
CA ASP H 251 2.35 21.78 -10.59
C ASP H 251 2.90 22.62 -9.45
N ALA H 252 3.50 23.77 -9.76
CA ALA H 252 4.15 24.61 -8.78
C ALA H 252 3.82 26.06 -9.04
N ALA H 253 3.58 26.81 -7.97
CA ALA H 253 3.28 28.23 -8.09
C ALA H 253 4.53 29.01 -8.49
N ALA H 254 4.36 29.96 -9.40
CA ALA H 254 5.47 30.76 -9.86
C ALA H 254 5.00 32.13 -10.28
N ILE H 255 5.94 33.01 -10.55
CA ILE H 255 5.70 34.35 -11.03
C ILE H 255 5.98 34.36 -12.52
N HIS H 256 5.26 35.21 -13.26
CA HIS H 256 5.41 35.32 -14.70
C HIS H 256 6.81 35.84 -15.06
N SER H 257 7.18 35.67 -16.33
CA SER H 257 8.47 36.19 -16.78
C SER H 257 8.45 37.70 -16.86
N GLN H 258 7.33 38.28 -17.29
CA GLN H 258 7.24 39.72 -17.45
C GLN H 258 7.22 40.44 -16.11
N LYS H 259 6.72 39.77 -15.06
CA LYS H 259 6.72 40.39 -13.74
C LYS H 259 8.13 40.45 -13.15
N ILE H 260 8.92 39.40 -13.34
CA ILE H 260 10.32 39.42 -12.90
C ILE H 260 11.12 40.42 -13.73
N GLY H 261 10.81 40.52 -15.02
CA GLY H 261 11.50 41.50 -15.86
C GLY H 261 11.19 42.93 -15.46
N ASN H 262 9.92 43.22 -15.17
CA ASN H 262 9.53 44.52 -14.67
C ASN H 262 10.09 44.78 -13.28
N ALA H 263 10.36 43.73 -12.52
CA ALA H 263 10.88 43.88 -11.17
C ALA H 263 12.37 44.18 -11.16
N LEU H 264 13.14 43.56 -12.04
CA LEU H 264 14.55 43.92 -12.12
C LEU H 264 14.79 45.06 -13.11
N ARG H 265 13.74 45.56 -13.75
CA ARG H 265 13.85 46.68 -14.68
C ARG H 265 13.65 48.03 -14.03
N THR H 266 13.01 48.09 -12.86
CA THR H 266 12.62 49.36 -12.25
C THR H 266 13.85 50.07 -11.68
N ILE H 267 14.58 50.72 -12.57
CA ILE H 267 15.85 51.37 -12.23
C ILE H 267 15.82 52.87 -12.44
N ASP H 268 14.77 53.41 -13.04
CA ASP H 268 14.74 54.79 -13.52
C ASP H 268 14.44 55.73 -12.35
N THR H 269 15.48 56.41 -11.86
CA THR H 269 15.33 57.48 -10.88
C THR H 269 15.50 58.85 -11.52
N TRP H 270 15.20 58.97 -12.80
CA TRP H 270 15.31 60.24 -13.52
C TRP H 270 14.01 60.46 -14.29
N TYR H 271 13.02 61.03 -13.63
CA TYR H 271 11.79 61.49 -14.25
C TYR H 271 11.47 62.86 -13.67
N PRO H 272 10.75 63.71 -14.41
CA PRO H 272 10.59 65.10 -13.95
C PRO H 272 9.56 65.32 -12.87
N ASP H 273 9.13 64.27 -12.16
CA ASP H 273 8.15 64.41 -11.09
C ASP H 273 8.69 63.75 -9.82
N GLU H 274 9.53 64.50 -9.08
CA GLU H 274 9.96 64.18 -7.72
C GLU H 274 10.67 62.81 -7.66
N ASP H 275 11.86 62.79 -8.26
CA ASP H 275 12.64 61.56 -8.39
C ASP H 275 13.12 60.98 -7.06
N GLY H 276 12.99 61.70 -5.95
CA GLY H 276 13.26 61.14 -4.63
C GLY H 276 12.21 60.17 -4.12
N LEU H 277 11.11 60.01 -4.86
CA LEU H 277 10.10 58.99 -4.52
C LEU H 277 10.68 57.60 -4.62
N GLY H 278 11.09 57.19 -5.82
CA GLY H 278 11.69 55.90 -6.02
C GLY H 278 11.86 55.54 -7.48
N PRO H 279 12.63 54.50 -7.77
CA PRO H 279 12.81 54.06 -9.15
C PRO H 279 11.53 53.43 -9.71
N ILE H 280 11.19 53.80 -10.94
CA ILE H 280 10.04 53.23 -11.62
C ILE H 280 10.54 52.40 -12.79
N ALA H 281 9.62 51.64 -13.39
CA ALA H 281 9.96 50.76 -14.49
C ALA H 281 10.26 51.57 -15.74
N VAL H 282 11.15 51.03 -16.56
CA VAL H 282 11.64 51.72 -17.74
C VAL H 282 10.69 51.42 -18.89
N GLU H 283 9.88 52.41 -19.27
CA GLU H 283 8.90 52.31 -20.34
C GLU H 283 8.98 53.57 -21.19
N PRO H 284 8.61 53.48 -22.48
CA PRO H 284 8.38 54.72 -23.24
C PRO H 284 7.11 55.39 -22.74
N TYR H 285 7.18 56.72 -22.56
CA TYR H 285 6.21 57.49 -21.79
C TYR H 285 6.03 56.86 -20.41
N GLY H 286 7.08 56.99 -19.60
CA GLY H 286 7.33 56.14 -18.44
C GLY H 286 6.21 55.97 -17.45
N SER H 287 5.62 54.79 -17.47
CA SER H 287 4.34 54.52 -16.84
C SER H 287 4.53 53.65 -15.60
N VAL H 288 3.70 53.93 -14.59
CA VAL H 288 3.51 53.03 -13.47
C VAL H 288 2.04 52.67 -13.42
N THR H 289 1.74 51.38 -13.40
CA THR H 289 0.36 50.93 -13.29
C THR H 289 -0.17 51.00 -11.87
N SER H 290 0.69 51.29 -10.88
CA SER H 290 0.25 51.38 -9.50
C SER H 290 -0.41 52.72 -9.22
N GLN H 291 0.29 53.83 -9.50
CA GLN H 291 -0.28 55.15 -9.29
C GLN H 291 -1.27 55.56 -10.36
N GLY H 292 -1.33 54.83 -11.47
CA GLY H 292 -2.24 55.21 -12.54
C GLY H 292 -1.84 56.46 -13.28
N LYS H 293 -0.56 56.79 -13.28
CA LYS H 293 -0.01 57.95 -13.97
C LYS H 293 1.00 57.46 -15.01
N ALA H 294 1.30 58.30 -15.99
CA ALA H 294 2.33 57.99 -16.98
C ALA H 294 3.28 59.19 -17.03
N TYR H 295 4.39 59.08 -16.31
CA TYR H 295 5.39 60.12 -16.30
C TYR H 295 6.10 60.20 -17.65
N ARG H 296 6.84 61.30 -17.83
CA ARG H 296 7.48 61.67 -19.10
C ARG H 296 6.47 61.69 -20.25
N GLN H 297 5.47 62.54 -20.11
CA GLN H 297 4.58 62.76 -21.22
C GLN H 297 5.30 63.60 -22.28
N PRO H 298 4.94 63.45 -23.56
CA PRO H 298 5.61 64.23 -24.61
C PRO H 298 5.29 65.73 -24.63
N LYS H 299 4.47 66.23 -23.71
CA LYS H 299 4.40 67.68 -23.54
C LYS H 299 5.70 68.22 -22.95
N GLN H 300 6.23 67.52 -21.96
CA GLN H 300 7.62 67.74 -21.57
C GLN H 300 8.54 67.00 -22.53
N LYS H 301 9.77 67.45 -22.62
CA LYS H 301 10.73 66.87 -23.55
C LYS H 301 11.59 65.83 -22.86
N LEU H 302 10.93 64.81 -22.28
CA LEU H 302 11.64 63.77 -21.55
C LEU H 302 11.11 62.37 -21.79
N ASP H 303 10.28 62.15 -22.81
CA ASP H 303 9.87 60.80 -23.13
C ASP H 303 10.98 60.11 -23.92
N PHE H 304 10.80 58.80 -24.15
CA PHE H 304 11.83 58.03 -24.84
C PHE H 304 11.89 58.39 -26.32
N TYR H 305 10.74 58.69 -26.93
CA TYR H 305 10.70 58.90 -28.38
C TYR H 305 11.40 60.18 -28.77
N THR H 306 11.07 61.29 -28.09
CA THR H 306 11.67 62.58 -28.41
C THR H 306 13.15 62.61 -28.07
N LEU H 307 13.55 61.97 -26.96
CA LEU H 307 14.97 61.87 -26.64
C LEU H 307 15.71 61.03 -27.66
N LEU H 308 15.06 59.99 -28.19
CA LEU H 308 15.69 59.14 -29.20
C LEU H 308 15.91 59.89 -30.50
N ASP H 309 14.85 60.44 -31.10
CA ASP H 309 15.10 61.16 -32.35
C ASP H 309 15.59 62.58 -32.14
N ASN H 310 15.91 62.99 -30.92
CA ASN H 310 16.77 64.15 -30.74
C ASN H 310 18.23 63.75 -30.62
N TRP H 311 18.50 62.54 -30.14
CA TRP H 311 19.87 62.06 -30.05
C TRP H 311 20.41 61.67 -31.43
N VAL H 312 19.75 60.72 -32.08
CA VAL H 312 20.32 60.12 -33.29
C VAL H 312 19.91 60.82 -34.57
N LEU H 313 19.08 61.86 -34.51
CA LEU H 313 18.67 62.54 -35.73
C LEU H 313 19.10 64.00 -35.75
N ARG H 314 18.81 64.77 -34.71
CA ARG H 314 19.23 66.16 -34.65
C ARG H 314 20.57 66.35 -33.95
N ASP H 315 21.29 65.25 -33.67
CA ASP H 315 22.66 65.19 -33.20
C ASP H 315 22.89 65.85 -31.84
N GLU H 316 21.83 66.22 -31.13
CA GLU H 316 21.96 66.83 -29.80
C GLU H 316 21.81 65.76 -28.75
N ALA H 317 22.87 65.54 -27.98
CA ALA H 317 22.81 64.54 -26.93
C ALA H 317 21.97 65.04 -25.76
N PRO H 318 21.22 64.16 -25.11
CA PRO H 318 20.52 64.56 -23.89
C PRO H 318 21.45 64.73 -22.70
N ALA H 319 20.88 64.92 -21.51
CA ALA H 319 21.68 64.90 -20.31
C ALA H 319 22.23 63.51 -20.05
N VAL H 320 23.25 63.44 -19.18
CA VAL H 320 23.96 62.18 -18.93
C VAL H 320 23.06 61.16 -18.23
N GLU H 321 22.00 61.60 -17.56
CA GLU H 321 21.07 60.69 -16.91
C GLU H 321 19.96 60.20 -17.83
N GLN H 322 19.60 60.97 -18.85
CA GLN H 322 18.50 60.59 -19.72
C GLN H 322 18.93 59.66 -20.84
N GLN H 323 20.19 59.72 -21.27
CA GLN H 323 20.66 58.75 -22.25
C GLN H 323 20.80 57.37 -21.62
N HIS H 324 21.02 57.31 -20.31
CA HIS H 324 20.91 56.04 -19.58
C HIS H 324 19.51 55.47 -19.71
N TYR H 325 18.48 56.32 -19.60
CA TYR H 325 17.11 55.86 -19.75
C TYR H 325 16.82 55.43 -21.18
N VAL H 326 17.40 56.11 -22.16
CA VAL H 326 17.21 55.75 -23.57
C VAL H 326 17.83 54.38 -23.86
N ILE H 327 19.05 54.15 -23.37
CA ILE H 327 19.68 52.85 -23.54
C ILE H 327 18.98 51.78 -22.70
N ALA H 328 18.35 52.17 -21.59
CA ALA H 328 17.56 51.22 -20.82
C ALA H 328 16.29 50.81 -21.57
N ASN H 329 15.69 51.72 -22.35
CA ASN H 329 14.63 51.28 -23.27
C ASN H 329 15.16 50.40 -24.38
N LEU H 330 16.40 50.64 -24.83
CA LEU H 330 16.97 49.81 -25.88
C LEU H 330 17.21 48.38 -25.39
N ILE H 331 17.65 48.24 -24.14
CA ILE H 331 17.76 46.92 -23.52
C ILE H 331 16.38 46.34 -23.24
N ARG H 332 15.43 47.21 -22.87
CA ARG H 332 14.07 46.79 -22.53
C ARG H 332 13.36 46.22 -23.74
N GLY H 333 13.65 46.73 -24.93
CA GLY H 333 13.05 46.22 -26.14
C GLY H 333 11.68 46.78 -26.41
N GLY H 334 11.31 46.88 -27.68
CA GLY H 334 10.01 47.42 -28.02
C GLY H 334 9.85 47.54 -29.51
N VAL H 335 8.66 47.98 -29.90
CA VAL H 335 8.31 48.23 -31.29
C VAL H 335 7.98 49.72 -31.44
N PHE H 336 8.80 50.42 -32.23
CA PHE H 336 8.64 51.85 -32.46
C PHE H 336 8.68 52.13 -33.95
N GLY H 337 8.59 53.40 -34.33
CA GLY H 337 8.67 53.79 -35.72
C GLY H 337 7.38 54.41 -36.22
N GLU H 338 7.49 55.16 -37.31
CA GLU H 338 6.36 55.88 -37.89
C GLU H 338 5.97 55.31 -39.24
N PHE I 1 80.45 -41.80 11.65
CA PHE I 1 81.56 -41.57 12.61
C PHE I 1 81.12 -40.69 13.78
N THR I 2 80.05 -39.91 13.57
CA THR I 2 79.47 -39.14 14.66
C THR I 2 78.54 -40.02 15.50
N MET I 3 77.46 -40.50 14.89
CA MET I 3 76.60 -41.53 15.49
C MET I 3 76.05 -42.32 14.30
N ASP I 4 76.66 -43.46 14.00
CA ASP I 4 76.57 -44.05 12.67
C ASP I 4 75.43 -45.06 12.54
N HIS I 5 74.23 -44.68 12.95
CA HIS I 5 73.04 -45.52 12.76
C HIS I 5 71.82 -44.63 12.65
N TYR I 6 70.86 -45.07 11.86
CA TYR I 6 69.68 -44.26 11.55
C TYR I 6 68.50 -45.17 11.26
N LEU I 7 67.30 -44.65 11.55
CA LEU I 7 66.04 -45.37 11.35
C LEU I 7 65.13 -44.49 10.50
N ASP I 8 65.07 -44.76 9.19
CA ASP I 8 64.21 -43.98 8.30
C ASP I 8 62.75 -44.34 8.50
N ILE I 9 62.20 -44.00 9.66
CA ILE I 9 60.79 -44.24 9.97
C ILE I 9 59.95 -43.44 8.98
N ARG I 10 58.79 -43.99 8.62
CA ARG I 10 57.80 -43.29 7.81
C ARG I 10 56.43 -43.52 8.41
N LEU I 11 55.92 -42.51 9.10
CA LEU I 11 54.54 -42.54 9.57
C LEU I 11 53.60 -42.70 8.39
N ARG I 12 52.90 -43.82 8.32
CA ARG I 12 51.99 -44.04 7.24
C ARG I 12 50.82 -43.06 7.31
N PRO I 13 50.11 -42.86 6.21
CA PRO I 13 48.84 -42.14 6.29
C PRO I 13 47.81 -42.90 7.11
N ASP I 14 46.82 -42.16 7.57
CA ASP I 14 45.78 -42.70 8.42
C ASP I 14 44.63 -41.69 8.43
N PRO I 15 43.36 -42.10 8.31
CA PRO I 15 42.29 -41.10 8.34
C PRO I 15 42.11 -40.37 9.67
N GLU I 16 42.93 -40.65 10.69
CA GLU I 16 43.10 -39.73 11.82
C GLU I 16 44.57 -39.29 11.75
N PHE I 17 44.78 -38.03 11.37
CA PHE I 17 46.13 -37.47 11.23
C PHE I 17 46.15 -36.06 11.80
N PRO I 18 46.11 -35.94 13.12
CA PRO I 18 46.66 -34.76 13.77
C PRO I 18 48.16 -34.89 13.91
N PRO I 19 48.96 -34.20 13.07
CA PRO I 19 50.40 -34.44 13.13
C PRO I 19 51.03 -33.98 14.42
N ALA I 20 50.57 -32.85 14.96
CA ALA I 20 51.01 -32.43 16.29
C ALA I 20 50.78 -33.54 17.30
N GLN I 21 49.64 -34.22 17.23
CA GLN I 21 49.33 -35.24 18.21
C GLN I 21 50.00 -36.57 17.90
N LEU I 22 50.15 -36.95 16.63
CA LEU I 22 50.90 -38.17 16.32
C LEU I 22 52.35 -38.03 16.76
N MET I 23 53.00 -36.95 16.35
CA MET I 23 54.36 -36.71 16.82
C MET I 23 54.39 -36.45 18.31
N SER I 24 53.28 -35.98 18.89
CA SER I 24 53.21 -35.82 20.33
C SER I 24 53.31 -37.16 21.03
N VAL I 25 52.45 -38.11 20.64
CA VAL I 25 52.48 -39.43 21.26
C VAL I 25 53.80 -40.12 20.97
N LEU I 26 54.36 -39.89 19.77
CA LEU I 26 55.60 -40.58 19.44
C LEU I 26 56.76 -40.03 20.26
N PHE I 27 56.92 -38.70 20.29
CA PHE I 27 58.00 -38.12 21.06
C PHE I 27 57.79 -38.33 22.56
N GLY I 28 56.54 -38.46 23.01
CA GLY I 28 56.30 -38.70 24.41
C GLY I 28 56.63 -40.11 24.80
N LYS I 29 56.25 -41.07 23.96
CA LYS I 29 56.65 -42.45 24.18
C LYS I 29 58.16 -42.59 24.10
N LEU I 30 58.80 -41.80 23.24
CA LEU I 30 60.26 -41.80 23.18
C LEU I 30 60.86 -41.24 24.46
N HIS I 31 60.24 -40.18 25.00
CA HIS I 31 60.68 -39.63 26.27
C HIS I 31 60.58 -40.67 27.38
N GLN I 32 59.43 -41.33 27.47
CA GLN I 32 59.26 -42.44 28.42
C GLN I 32 60.32 -43.50 28.21
N ALA I 33 60.58 -43.85 26.95
CA ALA I 33 61.50 -44.92 26.63
C ALA I 33 62.91 -44.60 27.12
N LEU I 34 63.37 -43.38 26.84
CA LEU I 34 64.76 -43.04 27.14
C LEU I 34 64.96 -42.62 28.59
N VAL I 35 63.92 -42.15 29.29
CA VAL I 35 64.06 -41.96 30.72
C VAL I 35 64.00 -43.31 31.44
N ALA I 36 63.32 -44.30 30.86
CA ALA I 36 63.39 -45.64 31.41
C ALA I 36 64.76 -46.27 31.15
N GLN I 37 65.30 -46.06 29.95
CA GLN I 37 66.66 -46.51 29.66
C GLN I 37 67.67 -45.71 30.47
N GLY I 38 67.65 -44.39 30.31
CA GLY I 38 68.53 -43.53 31.07
C GLY I 38 69.86 -43.34 30.40
N GLY I 39 70.26 -42.08 30.18
CA GLY I 39 71.53 -41.75 29.58
C GLY I 39 71.43 -40.60 28.60
N ASP I 40 72.41 -39.70 28.65
CA ASP I 40 72.49 -38.59 27.70
C ASP I 40 73.34 -38.97 26.49
N ARG I 41 73.02 -40.13 25.90
CA ARG I 41 73.73 -40.68 24.74
C ARG I 41 72.66 -41.16 23.78
N ILE I 42 72.15 -40.26 22.95
CA ILE I 42 71.13 -40.58 21.96
C ILE I 42 71.00 -39.40 21.02
N GLY I 43 70.50 -39.66 19.81
CA GLY I 43 70.23 -38.61 18.85
C GLY I 43 68.83 -38.70 18.29
N VAL I 44 68.29 -37.54 17.96
CA VAL I 44 67.02 -37.44 17.24
C VAL I 44 67.13 -36.27 16.26
N SER I 45 66.57 -36.45 15.08
CA SER I 45 66.60 -35.43 14.04
C SER I 45 65.29 -35.49 13.28
N PHE I 46 65.19 -34.67 12.25
CA PHE I 46 64.01 -34.60 11.40
C PHE I 46 64.51 -34.19 10.03
N PRO I 47 64.70 -35.14 9.10
CA PRO I 47 65.32 -34.80 7.81
C PRO I 47 64.49 -33.84 6.97
N ASP I 48 64.99 -33.49 5.79
CA ASP I 48 64.38 -32.44 4.97
C ASP I 48 63.04 -32.94 4.44
N LEU I 49 62.06 -32.97 5.33
CA LEU I 49 60.68 -33.32 5.01
C LEU I 49 59.74 -32.15 5.22
N ASP I 50 60.14 -31.16 6.01
CA ASP I 50 59.44 -29.87 6.08
C ASP I 50 59.60 -29.14 4.76
N GLU I 51 58.56 -29.15 3.94
CA GLU I 51 58.65 -28.56 2.61
C GLU I 51 58.69 -27.05 2.71
N SER I 52 57.62 -26.44 3.21
CA SER I 52 57.77 -25.15 3.85
C SER I 52 58.44 -25.37 5.20
N ARG I 53 58.87 -24.27 5.82
CA ARG I 53 59.38 -24.33 7.18
C ARG I 53 58.27 -24.11 8.21
N SER I 54 57.02 -24.34 7.83
CA SER I 54 55.90 -24.36 8.76
C SER I 54 55.60 -25.78 9.22
N ARG I 55 55.29 -26.67 8.27
CA ARG I 55 55.03 -28.06 8.60
C ARG I 55 56.31 -28.72 9.12
N LEU I 56 56.14 -29.93 9.65
CA LEU I 56 57.24 -30.77 10.09
C LEU I 56 57.04 -32.15 9.47
N GLY I 57 58.15 -32.87 9.34
CA GLY I 57 58.15 -34.05 8.50
C GLY I 57 57.26 -35.16 9.02
N GLU I 58 56.95 -36.09 8.11
CA GLU I 58 56.27 -37.33 8.43
C GLU I 58 57.25 -38.47 8.61
N ARG I 59 58.43 -38.17 9.14
CA ARG I 59 59.50 -39.14 9.26
C ARG I 59 60.30 -38.81 10.52
N LEU I 60 61.38 -39.55 10.72
CA LEU I 60 62.18 -39.45 11.94
C LEU I 60 63.45 -40.25 11.71
N ARG I 61 64.46 -39.97 12.52
CA ARG I 61 65.69 -40.76 12.49
C ARG I 61 66.37 -40.65 13.83
N ILE I 62 66.56 -41.78 14.50
CA ILE I 62 67.18 -41.86 15.80
C ILE I 62 68.63 -42.31 15.62
N HIS I 63 69.54 -41.68 16.35
CA HIS I 63 70.98 -41.86 16.18
C HIS I 63 71.61 -42.27 17.50
N ALA I 64 71.62 -43.58 17.74
CA ALA I 64 72.34 -44.20 18.85
C ALA I 64 73.17 -45.33 18.28
N SER I 65 74.38 -45.50 18.81
CA SER I 65 75.38 -46.29 18.09
C SER I 65 75.00 -47.76 17.93
N ALA I 66 75.10 -48.56 18.99
CA ALA I 66 74.68 -49.96 18.94
C ALA I 66 73.78 -50.36 20.09
N ASP I 67 74.24 -50.14 21.31
CA ASP I 67 73.63 -50.78 22.47
C ASP I 67 72.43 -50.00 22.96
N ASP I 68 72.59 -48.69 23.14
CA ASP I 68 71.45 -47.85 23.47
C ASP I 68 70.36 -47.99 22.44
N LEU I 69 70.73 -48.08 21.17
CA LEU I 69 69.75 -48.27 20.10
C LEU I 69 69.00 -49.59 20.29
N ARG I 70 69.74 -50.71 20.25
CA ARG I 70 69.10 -52.02 20.30
C ARG I 70 68.32 -52.26 21.58
N ALA I 71 68.65 -51.55 22.67
CA ALA I 71 67.94 -51.74 23.93
C ALA I 71 66.78 -50.78 24.10
N LEU I 72 66.84 -49.59 23.51
CA LEU I 72 65.83 -48.56 23.66
C LEU I 72 64.66 -48.88 22.73
N LEU I 73 63.74 -47.93 22.57
CA LEU I 73 62.56 -48.10 21.74
C LEU I 73 62.95 -48.50 20.33
N ALA I 74 62.66 -49.76 20.01
CA ALA I 74 63.06 -50.41 18.77
C ALA I 74 62.14 -51.61 18.60
N ARG I 75 62.54 -52.55 17.76
CA ARG I 75 61.84 -53.84 17.72
C ARG I 75 61.71 -54.47 19.10
N PRO I 76 62.72 -54.45 19.98
CA PRO I 76 62.50 -54.74 21.39
C PRO I 76 62.10 -53.46 22.13
N TRP I 77 61.80 -53.62 23.43
CA TRP I 77 61.48 -52.49 24.30
C TRP I 77 60.27 -51.73 23.75
N LEU I 78 59.11 -52.37 23.92
CA LEU I 78 57.87 -52.12 23.18
C LEU I 78 57.60 -50.64 22.90
N GLU I 79 57.19 -50.38 21.66
CA GLU I 79 56.56 -49.12 21.31
C GLU I 79 55.12 -49.07 21.77
N GLY I 80 54.41 -50.19 21.63
CA GLY I 80 52.99 -50.23 21.90
C GLY I 80 52.11 -49.96 20.70
N LEU I 81 52.69 -49.72 19.52
CA LEU I 81 51.92 -49.48 18.31
C LEU I 81 52.10 -50.61 17.31
N ARG I 82 53.31 -50.78 16.77
CA ARG I 82 53.66 -51.87 15.84
C ARG I 82 52.74 -52.05 14.63
N ASP I 83 51.82 -51.12 14.39
CA ASP I 83 50.85 -51.21 13.30
C ASP I 83 50.75 -49.93 12.51
N HIS I 84 50.82 -48.78 13.17
CA HIS I 84 50.67 -47.49 12.54
C HIS I 84 51.96 -47.01 11.90
N LEU I 85 53.06 -47.77 12.02
CA LEU I 85 54.35 -47.42 11.45
C LEU I 85 54.87 -48.47 10.48
N GLN I 86 54.85 -49.75 10.88
CA GLN I 86 55.39 -50.86 10.09
C GLN I 86 56.80 -50.55 9.59
N PHE I 87 57.59 -49.95 10.47
CA PHE I 87 58.87 -49.38 10.10
C PHE I 87 59.89 -50.49 9.85
N GLY I 88 61.15 -50.10 9.63
CA GLY I 88 62.18 -51.00 9.16
C GLY I 88 63.22 -51.42 10.18
N GLU I 89 64.47 -51.05 9.93
CA GLU I 89 65.62 -51.57 10.65
C GLU I 89 66.83 -50.70 10.28
N PRO I 90 67.79 -50.43 11.20
CA PRO I 90 68.83 -49.45 10.89
C PRO I 90 70.04 -50.04 10.19
N ALA I 91 71.03 -49.18 9.89
CA ALA I 91 72.30 -49.62 9.31
C ALA I 91 73.26 -48.42 9.33
N VAL I 92 74.48 -48.68 8.85
CA VAL I 92 75.56 -47.70 8.88
C VAL I 92 75.23 -46.51 7.97
N VAL I 93 75.79 -45.35 8.34
CA VAL I 93 75.49 -44.08 7.67
C VAL I 93 76.48 -43.80 6.54
N PRO I 94 76.12 -42.96 5.55
CA PRO I 94 77.12 -42.51 4.56
C PRO I 94 77.90 -41.30 5.06
N HIS I 95 78.69 -40.65 4.18
CA HIS I 95 79.54 -39.54 4.55
C HIS I 95 79.07 -38.20 3.97
N PRO I 96 78.03 -37.57 4.56
CA PRO I 96 77.69 -36.20 4.19
C PRO I 96 78.42 -35.17 5.04
N THR I 97 78.14 -33.87 4.84
CA THR I 97 78.65 -32.82 5.72
C THR I 97 77.77 -31.57 5.61
N PRO I 98 76.55 -31.61 6.15
CA PRO I 98 75.75 -30.39 6.34
C PRO I 98 75.91 -29.67 7.67
N TYR I 99 76.97 -29.95 8.43
CA TYR I 99 77.31 -29.27 9.70
C TYR I 99 76.46 -29.71 10.89
N ARG I 100 75.40 -30.51 10.65
CA ARG I 100 74.89 -31.44 11.66
C ARG I 100 74.39 -30.72 12.92
N GLN I 101 73.23 -30.08 12.83
CA GLN I 101 72.69 -29.43 14.02
C GLN I 101 71.16 -29.37 14.00
N VAL I 102 70.59 -29.43 15.21
CA VAL I 102 69.17 -29.24 15.46
C VAL I 102 69.05 -28.54 16.81
N SER I 103 67.91 -27.91 17.06
CA SER I 103 67.78 -27.02 18.21
C SER I 103 66.37 -27.03 18.77
N ARG I 104 66.26 -26.73 20.07
CA ARG I 104 65.00 -26.50 20.76
C ARG I 104 64.92 -25.05 21.19
N VAL I 105 63.71 -24.48 21.12
CA VAL I 105 63.47 -23.10 21.52
C VAL I 105 62.05 -23.01 22.08
N GLN I 106 61.85 -22.03 22.97
CA GLN I 106 60.52 -21.69 23.45
C GLN I 106 60.42 -20.19 23.65
N ALA I 107 59.23 -19.65 23.38
CA ALA I 107 58.97 -18.22 23.35
C ALA I 107 57.91 -17.86 24.39
N LYS I 108 57.48 -16.61 24.35
CA LYS I 108 56.54 -16.04 25.32
C LYS I 108 55.34 -15.47 24.57
N SER I 109 54.17 -16.06 24.80
CA SER I 109 52.94 -15.61 24.17
C SER I 109 51.79 -15.57 25.18
N ASN I 110 52.10 -15.30 26.43
CA ASN I 110 51.09 -15.34 27.48
C ASN I 110 51.61 -14.56 28.69
N PRO I 111 51.63 -13.22 28.60
CA PRO I 111 52.29 -12.43 29.66
C PRO I 111 51.62 -12.53 31.03
N GLU I 112 50.45 -13.16 31.12
CA GLU I 112 49.87 -13.46 32.42
C GLU I 112 50.88 -14.16 33.32
N ARG I 113 51.63 -15.11 32.78
CA ARG I 113 52.61 -15.81 33.58
C ARG I 113 53.69 -14.87 34.09
N LEU I 114 54.15 -13.95 33.24
CA LEU I 114 55.24 -13.06 33.64
C LEU I 114 54.76 -12.06 34.68
N ARG I 115 53.57 -11.51 34.49
CA ARG I 115 53.02 -10.59 35.47
C ARG I 115 52.77 -11.28 36.81
N ARG I 116 52.31 -12.53 36.76
CA ARG I 116 52.10 -13.27 37.99
C ARG I 116 53.43 -13.58 38.67
N ARG I 117 54.48 -13.84 37.90
CA ARG I 117 55.79 -14.05 38.50
C ARG I 117 56.30 -12.77 39.12
N LEU I 118 56.00 -11.61 38.53
CA LEU I 118 56.38 -10.35 39.15
C LEU I 118 55.64 -10.16 40.46
N MET I 119 54.31 -10.33 40.44
CA MET I 119 53.51 -10.26 41.66
C MET I 119 54.02 -11.19 42.75
N ARG I 120 54.57 -12.35 42.37
CA ARG I 120 55.06 -13.30 43.35
C ARG I 120 56.50 -13.02 43.79
N ARG I 121 57.30 -12.37 42.96
CA ARG I 121 58.74 -12.36 43.20
C ARG I 121 59.13 -11.38 44.29
N HIS I 122 58.57 -10.17 44.26
CA HIS I 122 58.80 -9.20 45.33
C HIS I 122 57.54 -8.40 45.64
N ASP I 123 56.37 -9.01 45.46
CA ASP I 123 55.08 -8.38 45.79
C ASP I 123 54.89 -7.07 45.01
N LEU I 124 54.78 -7.21 43.70
CA LEU I 124 54.60 -6.06 42.83
C LEU I 124 53.16 -5.57 42.88
N SER I 125 52.99 -4.28 42.60
CA SER I 125 51.69 -3.65 42.61
C SER I 125 50.97 -3.85 41.27
N GLU I 126 49.65 -3.71 41.30
CA GLU I 126 48.85 -4.06 40.14
C GLU I 126 49.13 -3.14 38.97
N GLU I 127 49.36 -1.85 39.24
CA GLU I 127 49.55 -0.91 38.15
C GLU I 127 50.87 -1.18 37.43
N GLU I 128 51.94 -1.42 38.18
CA GLU I 128 53.22 -1.72 37.56
C GLU I 128 53.24 -3.14 37.02
N ALA I 129 52.60 -4.08 37.72
CA ALA I 129 52.37 -5.42 37.17
C ALA I 129 51.55 -5.38 35.89
N ARG I 130 50.85 -4.28 35.64
CA ARG I 130 50.10 -4.09 34.42
C ARG I 130 50.92 -3.35 33.35
N LYS I 131 51.90 -2.53 33.76
CA LYS I 131 52.69 -1.79 32.78
C LYS I 131 54.16 -1.60 33.16
N ARG I 132 54.75 -2.47 33.99
CA ARG I 132 56.18 -2.34 34.23
C ARG I 132 56.97 -2.70 32.98
N ILE I 133 56.89 -3.97 32.59
CA ILE I 133 57.30 -4.38 31.24
C ILE I 133 56.69 -5.75 30.92
N PRO I 134 55.38 -5.84 30.71
CA PRO I 134 54.83 -6.99 29.99
C PRO I 134 55.23 -6.99 28.52
N ASP I 135 54.71 -7.93 27.75
CA ASP I 135 54.78 -7.91 26.30
C ASP I 135 53.37 -7.95 25.71
N THR I 136 52.44 -7.27 26.37
CA THR I 136 51.07 -7.18 25.88
C THR I 136 51.00 -6.54 24.49
N VAL I 137 51.97 -5.70 24.15
CA VAL I 137 51.95 -4.98 22.89
C VAL I 137 52.06 -5.94 21.71
N ALA I 138 52.83 -7.03 21.87
CA ALA I 138 53.07 -7.97 20.78
C ALA I 138 53.28 -9.36 21.34
N ARG I 139 52.73 -10.35 20.65
CA ARG I 139 52.74 -11.74 21.10
C ARG I 139 53.72 -12.53 20.24
N ALA I 140 54.87 -12.87 20.83
CA ALA I 140 55.87 -13.65 20.12
C ALA I 140 55.30 -15.02 19.74
N LEU I 141 56.03 -15.74 18.92
CA LEU I 141 55.51 -16.96 18.31
C LEU I 141 56.62 -17.70 17.57
N ASP I 142 56.35 -18.97 17.28
CA ASP I 142 57.31 -19.85 16.62
C ASP I 142 56.53 -20.83 15.73
N LEU I 143 57.13 -21.20 14.59
CA LEU I 143 56.40 -21.90 13.54
C LEU I 143 56.26 -23.41 13.73
N PRO I 144 57.35 -24.18 13.88
CA PRO I 144 57.21 -25.64 13.84
C PRO I 144 56.63 -26.18 15.13
N PHE I 145 55.44 -26.77 15.06
CA PHE I 145 54.62 -27.06 16.24
C PHE I 145 54.53 -28.56 16.49
N VAL I 146 54.70 -28.93 17.76
CA VAL I 146 54.34 -30.24 18.26
C VAL I 146 53.75 -30.06 19.66
N THR I 147 52.76 -30.90 19.99
CA THR I 147 51.94 -30.65 21.17
C THR I 147 52.62 -31.09 22.46
N LEU I 148 52.83 -32.39 22.62
CA LEU I 148 53.58 -32.96 23.75
C LEU I 148 52.98 -32.54 25.09
N ARG I 149 51.78 -33.09 25.34
CA ARG I 149 51.17 -33.01 26.66
C ARG I 149 52.15 -33.42 27.74
N SER I 150 51.97 -32.87 28.94
CA SER I 150 52.94 -32.95 30.01
C SER I 150 53.27 -34.39 30.38
N GLN I 151 54.56 -34.64 30.64
CA GLN I 151 54.98 -35.97 31.07
C GLN I 151 54.27 -36.37 32.36
N SER I 152 54.08 -35.42 33.27
CA SER I 152 53.25 -35.57 34.45
C SER I 152 53.21 -34.24 35.20
N THR I 153 52.16 -34.00 35.95
CA THR I 153 52.02 -32.78 36.75
C THR I 153 52.09 -31.54 35.86
N GLY I 154 51.09 -31.43 34.99
CA GLY I 154 51.06 -30.32 34.06
C GLY I 154 49.96 -30.52 33.03
N GLN I 155 50.06 -29.76 31.95
CA GLN I 155 49.04 -29.79 30.91
C GLN I 155 49.71 -29.53 29.57
N HIS I 156 48.91 -29.19 28.57
CA HIS I 156 49.33 -29.22 27.17
C HIS I 156 50.40 -28.17 26.90
N PHE I 157 51.64 -28.61 26.75
CA PHE I 157 52.69 -27.78 26.20
C PHE I 157 52.44 -27.59 24.70
N ARG I 158 53.32 -26.79 24.09
CA ARG I 158 53.35 -26.58 22.65
C ARG I 158 54.82 -26.33 22.33
N LEU I 159 55.53 -27.41 21.99
CA LEU I 159 56.97 -27.35 21.87
C LEU I 159 57.37 -26.98 20.45
N PHE I 160 58.52 -26.31 20.34
CA PHE I 160 59.00 -25.77 19.07
C PHE I 160 60.43 -26.23 18.83
N ILE I 161 60.69 -26.65 17.60
CA ILE I 161 61.96 -27.23 17.20
C ILE I 161 62.43 -26.48 15.96
N ARG I 162 63.62 -25.90 16.04
CA ARG I 162 64.24 -25.18 14.94
C ARG I 162 65.48 -25.95 14.49
N HIS I 163 65.51 -26.35 13.22
CA HIS I 163 66.71 -26.93 12.67
C HIS I 163 67.83 -25.91 12.65
N GLY I 164 68.95 -26.27 13.26
CA GLY I 164 70.05 -25.35 13.42
C GLY I 164 70.73 -25.01 12.11
N PRO I 165 71.98 -24.55 12.17
CA PRO I 165 72.71 -24.34 10.92
C PRO I 165 72.97 -25.65 10.20
N LEU I 166 72.28 -25.86 9.09
CA LEU I 166 72.44 -27.06 8.27
C LEU I 166 73.27 -26.75 7.04
N GLN I 167 74.28 -25.90 7.22
CA GLN I 167 75.10 -25.42 6.11
C GLN I 167 76.15 -26.45 5.74
N VAL I 168 76.45 -26.55 4.45
CA VAL I 168 77.49 -27.47 4.01
C VAL I 168 78.81 -26.73 4.17
N THR I 169 79.32 -26.71 5.41
CA THR I 169 80.47 -25.89 5.78
C THR I 169 81.59 -26.70 6.40
N ALA I 170 81.30 -27.54 7.37
CA ALA I 170 82.32 -28.23 8.17
C ALA I 170 81.62 -29.29 9.02
N GLU I 171 82.37 -29.89 9.94
CA GLU I 171 81.82 -30.83 10.91
C GLU I 171 82.75 -30.88 12.10
N GLU I 172 82.20 -31.30 13.24
CA GLU I 172 82.94 -31.35 14.49
C GLU I 172 82.40 -32.46 15.37
N GLY I 173 83.26 -32.99 16.23
CA GLY I 173 82.86 -33.98 17.20
C GLY I 173 82.51 -33.35 18.53
N GLY I 174 81.22 -33.13 18.76
CA GLY I 174 80.75 -32.47 19.96
C GLY I 174 80.08 -33.42 20.94
N PHE I 175 79.27 -32.87 21.83
CA PHE I 175 78.55 -33.66 22.81
C PHE I 175 77.53 -34.56 22.14
N THR I 176 76.87 -35.41 22.94
CA THR I 176 75.92 -36.38 22.45
C THR I 176 74.51 -35.80 22.34
N CYS I 177 74.01 -35.19 23.41
CA CYS I 177 72.67 -34.61 23.37
C CYS I 177 72.56 -33.45 24.35
N TYR I 178 71.80 -32.45 23.94
CA TYR I 178 71.41 -31.33 24.79
C TYR I 178 69.97 -31.55 25.24
N GLY I 179 69.45 -30.58 25.99
CA GLY I 179 68.08 -30.70 26.48
C GLY I 179 67.93 -31.93 27.33
N LEU I 180 67.02 -32.81 26.92
CA LEU I 180 66.87 -34.11 27.54
C LEU I 180 66.78 -35.24 26.53
N SER I 181 66.11 -35.01 25.39
CA SER I 181 65.68 -36.06 24.48
C SER I 181 66.04 -35.73 23.04
N LYS I 182 67.22 -35.14 22.82
CA LYS I 182 67.49 -34.51 21.54
C LYS I 182 69.01 -34.40 21.35
N GLY I 183 69.54 -35.15 20.38
CA GLY I 183 70.97 -35.17 20.17
C GLY I 183 71.53 -33.82 19.75
N GLY I 184 72.85 -33.71 19.85
CA GLY I 184 73.55 -32.50 19.48
C GLY I 184 73.93 -32.54 18.01
N PHE I 185 75.23 -32.61 17.72
CA PHE I 185 75.66 -32.78 16.34
C PHE I 185 75.17 -34.11 15.82
N VAL I 186 74.24 -34.06 14.86
CA VAL I 186 73.55 -35.24 14.34
C VAL I 186 73.70 -35.26 12.82
N PRO I 187 73.98 -36.39 12.18
CA PRO I 187 74.06 -36.40 10.71
C PRO I 187 72.70 -36.15 10.08
N TRP I 188 72.72 -35.36 9.01
CA TRP I 188 71.53 -34.91 8.32
C TRP I 188 71.67 -35.21 6.84
N PHE I 189 70.52 -35.37 6.18
CA PHE I 189 70.46 -35.70 4.76
C PHE I 189 69.69 -34.64 4.00
#